data_8DFT
#
_entry.id   8DFT
#
_cell.length_a   1.00
_cell.length_b   1.00
_cell.length_c   1.00
_cell.angle_alpha   90.00
_cell.angle_beta   90.00
_cell.angle_gamma   90.00
#
_symmetry.space_group_name_H-M   'P 1'
#
loop_
_entity.id
_entity.type
_entity.pdbx_description
1 polymer 'Pilin protein'
2 non-polymer [(2~{S},7~{S},11~{S},15~{S},19~{R},22~{R},26~{S},30~{R},34~{R},38~{S},43~{S},47~{S},51~{S},55~{R},58~{R},62~{S},66~{R},70~{R})-38-(hydroxymethyl)-7,11,15,19,22,26,30,34,43,47,51,55,58,62,66,70-hexadecamethyl-1,4,37,40-tetraoxacyclodoheptacont-2-yl]methanol
#
_entity_poly.entity_id   1
_entity_poly.type   'polypeptide(L)'
_entity_poly.pdbx_seq_one_letter_code
;TSVEFWQNIASGVGKWLRAIFAIAFWSSLILLTFYAIMTQVAPSKVFRLGALVDLIESVKTVLLGIFVFTASVTGIIAGV
AAIANAFGASFAVSPIDVVNALIFQPIVDMVK
;
_entity_poly.pdbx_strand_id   A,B,C,D,E,F,G,H,I,J,K,L,M,N,O,P,Q,R,S,T
#
loop_
_chem_comp.id
_chem_comp.type
_chem_comp.name
_chem_comp.formula
TT0 non-polymer [(2~{S},7~{S},11~{S},15~{S},19~{R},22~{R},26~{S},30~{R},34~{R},38~{S},43~{S},47~{S},51~{S},55~{R},58~{R},62~{S},66~{R},70~{R})-38-(hydroxymethyl)-7,11,15,19,22,26,30,34,43,47,51,55,58,62,66,70-hexadecamethyl-1,4,37,40-tetraoxacyclodoheptacont-2-yl]methanol 'C86 H172 O6'
#
# COMPACT_ATOMS: atom_id res chain seq x y z
N THR A 1 -27.29 -56.43 -6.40
CA THR A 1 -27.69 -57.77 -6.00
C THR A 1 -29.14 -57.79 -5.53
N SER A 2 -29.50 -56.81 -4.71
CA SER A 2 -30.86 -56.73 -4.16
C SER A 2 -31.23 -55.26 -3.97
N VAL A 3 -32.53 -55.00 -3.99
CA VAL A 3 -33.03 -53.63 -4.09
C VAL A 3 -32.73 -52.83 -2.82
N GLU A 4 -33.07 -53.40 -1.66
CA GLU A 4 -32.91 -52.66 -0.41
C GLU A 4 -31.44 -52.39 -0.10
N PHE A 5 -30.53 -53.19 -0.65
CA PHE A 5 -29.11 -52.87 -0.54
C PHE A 5 -28.79 -51.52 -1.15
N TRP A 6 -29.21 -51.31 -2.41
CA TRP A 6 -29.00 -50.04 -3.07
C TRP A 6 -29.78 -48.92 -2.37
N GLN A 7 -30.99 -49.23 -1.89
CA GLN A 7 -31.76 -48.23 -1.16
C GLN A 7 -30.99 -47.75 0.08
N ASN A 8 -30.45 -48.68 0.86
CA ASN A 8 -29.71 -48.34 2.06
C ASN A 8 -28.45 -47.54 1.73
N ILE A 9 -27.70 -47.96 0.70
CA ILE A 9 -26.47 -47.25 0.38
C ILE A 9 -26.78 -45.82 -0.08
N ALA A 10 -27.84 -45.65 -0.90
CA ALA A 10 -28.22 -44.33 -1.36
C ALA A 10 -28.68 -43.45 -0.20
N SER A 11 -29.48 -44.00 0.71
CA SER A 11 -29.94 -43.21 1.85
C SER A 11 -28.77 -42.79 2.73
N GLY A 12 -27.83 -43.71 2.97
CA GLY A 12 -26.68 -43.37 3.80
C GLY A 12 -25.82 -42.28 3.20
N VAL A 13 -25.51 -42.41 1.90
CA VAL A 13 -24.69 -41.39 1.27
C VAL A 13 -25.43 -40.07 1.21
N GLY A 14 -26.76 -40.10 1.03
CA GLY A 14 -27.52 -38.85 1.02
C GLY A 14 -27.47 -38.13 2.35
N LYS A 15 -27.67 -38.87 3.45
CA LYS A 15 -27.62 -38.24 4.76
C LYS A 15 -26.22 -37.72 5.06
N TRP A 16 -25.19 -38.49 4.69
CA TRP A 16 -23.82 -38.03 4.90
C TRP A 16 -23.55 -36.74 4.13
N LEU A 17 -24.00 -36.68 2.87
CA LEU A 17 -23.76 -35.49 2.05
C LEU A 17 -24.50 -34.27 2.60
N ARG A 18 -25.75 -34.43 3.04
CA ARG A 18 -26.46 -33.26 3.57
C ARG A 18 -25.84 -32.80 4.89
N ALA A 19 -25.38 -33.74 5.73
CA ALA A 19 -24.72 -33.35 6.97
C ALA A 19 -23.44 -32.58 6.68
N ILE A 20 -22.62 -33.07 5.75
CA ILE A 20 -21.37 -32.36 5.46
C ILE A 20 -21.67 -31.04 4.74
N PHE A 21 -22.79 -30.94 4.03
CA PHE A 21 -23.17 -29.66 3.45
C PHE A 21 -23.52 -28.62 4.52
N ALA A 22 -24.24 -29.05 5.56
CA ALA A 22 -24.49 -28.14 6.68
C ALA A 22 -23.19 -27.74 7.36
N ILE A 23 -22.28 -28.70 7.53
CA ILE A 23 -20.96 -28.40 8.08
C ILE A 23 -20.25 -27.37 7.20
N ALA A 24 -20.40 -27.50 5.88
CA ALA A 24 -19.78 -26.56 4.95
C ALA A 24 -20.34 -25.15 5.12
N PHE A 25 -21.66 -25.04 5.26
CA PHE A 25 -22.27 -23.72 5.46
C PHE A 25 -21.75 -23.07 6.73
N TRP A 26 -21.70 -23.85 7.82
CA TRP A 26 -21.21 -23.27 9.07
C TRP A 26 -19.71 -23.00 9.02
N SER A 27 -18.97 -23.73 8.18
CA SER A 27 -17.57 -23.41 7.96
C SER A 27 -17.42 -22.11 7.18
N SER A 28 -18.33 -21.83 6.26
CA SER A 28 -18.35 -20.52 5.62
C SER A 28 -18.58 -19.43 6.67
N LEU A 29 -19.48 -19.70 7.62
CA LEU A 29 -19.69 -18.74 8.71
C LEU A 29 -18.41 -18.53 9.53
N ILE A 30 -17.71 -19.62 9.87
CA ILE A 30 -16.49 -19.46 10.66
C ILE A 30 -15.41 -18.73 9.86
N LEU A 31 -15.39 -18.91 8.54
CA LEU A 31 -14.45 -18.16 7.71
C LEU A 31 -14.79 -16.68 7.71
N LEU A 32 -16.09 -16.35 7.70
CA LEU A 32 -16.53 -14.98 7.93
C LEU A 32 -15.96 -14.46 9.24
N THR A 33 -16.03 -15.28 10.30
CA THR A 33 -15.50 -14.87 11.60
C THR A 33 -13.98 -14.65 11.54
N PHE A 34 -13.27 -15.50 10.79
CA PHE A 34 -11.83 -15.35 10.66
C PHE A 34 -11.47 -14.06 9.96
N TYR A 35 -12.19 -13.71 8.88
CA TYR A 35 -11.96 -12.42 8.26
C TYR A 35 -12.32 -11.27 9.21
N ALA A 36 -13.32 -11.48 10.07
CA ALA A 36 -13.66 -10.45 11.06
C ALA A 36 -12.49 -10.20 12.00
N ILE A 37 -11.90 -11.27 12.53
CA ILE A 37 -10.76 -11.07 13.44
C ILE A 37 -9.57 -10.50 12.68
N MET A 38 -9.42 -10.87 11.39
CA MET A 38 -8.34 -10.30 10.59
C MET A 38 -8.48 -8.78 10.46
N THR A 39 -9.66 -8.31 10.06
CA THR A 39 -9.87 -6.88 9.95
C THR A 39 -9.88 -6.19 11.30
N GLN A 40 -10.12 -6.93 12.39
CA GLN A 40 -10.03 -6.36 13.72
C GLN A 40 -8.58 -6.19 14.17
N VAL A 41 -7.69 -7.08 13.76
CA VAL A 41 -6.33 -7.10 14.28
C VAL A 41 -5.29 -6.57 13.29
N ALA A 42 -5.59 -6.57 12.00
CA ALA A 42 -4.59 -6.20 11.00
C ALA A 42 -4.05 -4.81 11.30
N PRO A 43 -2.73 -4.64 11.39
CA PRO A 43 -2.17 -3.37 11.86
C PRO A 43 -2.44 -2.21 10.91
N SER A 44 -2.04 -2.35 9.65
CA SER A 44 -2.20 -1.27 8.70
C SER A 44 -3.66 -1.14 8.27
N LYS A 45 -4.04 0.07 7.88
CA LYS A 45 -5.40 0.31 7.42
C LYS A 45 -5.70 -0.49 6.16
N VAL A 46 -4.74 -0.58 5.25
CA VAL A 46 -4.97 -1.22 3.96
C VAL A 46 -5.33 -2.69 4.15
N PHE A 47 -4.69 -3.36 5.10
CA PHE A 47 -4.99 -4.77 5.32
C PHE A 47 -6.38 -4.96 5.91
N ARG A 48 -6.79 -4.09 6.83
CA ARG A 48 -8.15 -4.14 7.35
C ARG A 48 -9.17 -3.89 6.25
N LEU A 49 -8.87 -2.93 5.37
CA LEU A 49 -9.74 -2.65 4.23
C LEU A 49 -9.88 -3.86 3.32
N GLY A 50 -8.75 -4.51 3.00
CA GLY A 50 -8.80 -5.71 2.17
C GLY A 50 -9.56 -6.85 2.84
N ALA A 51 -9.42 -6.96 4.16
CA ALA A 51 -10.16 -7.98 4.90
C ALA A 51 -11.66 -7.69 4.85
N LEU A 52 -12.05 -6.42 4.94
CA LEU A 52 -13.46 -6.08 4.78
C LEU A 52 -13.96 -6.45 3.38
N VAL A 53 -13.16 -6.15 2.36
CA VAL A 53 -13.57 -6.44 0.99
C VAL A 53 -13.74 -7.95 0.78
N ASP A 54 -12.78 -8.75 1.24
CA ASP A 54 -12.91 -10.18 1.04
C ASP A 54 -13.95 -10.80 1.96
N LEU A 55 -14.26 -10.16 3.09
CA LEU A 55 -15.41 -10.56 3.90
C LEU A 55 -16.70 -10.40 3.11
N ILE A 56 -16.86 -9.25 2.45
CA ILE A 56 -18.03 -9.04 1.60
C ILE A 56 -18.03 -10.03 0.44
N GLU A 57 -16.85 -10.32 -0.10
CA GLU A 57 -16.74 -11.32 -1.16
C GLU A 57 -17.24 -12.68 -0.69
N SER A 58 -16.84 -13.09 0.52
CA SER A 58 -17.24 -14.39 1.05
C SER A 58 -18.75 -14.45 1.28
N VAL A 59 -19.32 -13.39 1.86
CA VAL A 59 -20.76 -13.42 2.12
C VAL A 59 -21.54 -13.44 0.81
N LYS A 60 -21.10 -12.67 -0.18
CA LYS A 60 -21.78 -12.65 -1.46
C LYS A 60 -21.68 -14.00 -2.17
N THR A 61 -20.52 -14.66 -2.10
CA THR A 61 -20.38 -15.93 -2.79
C THR A 61 -21.14 -17.05 -2.10
N VAL A 62 -21.20 -17.04 -0.76
CA VAL A 62 -22.00 -18.04 -0.07
C VAL A 62 -23.49 -17.84 -0.37
N LEU A 63 -23.95 -16.58 -0.40
CA LEU A 63 -25.34 -16.33 -0.71
C LEU A 63 -25.68 -16.74 -2.14
N LEU A 64 -24.79 -16.43 -3.08
CA LEU A 64 -25.01 -16.81 -4.48
C LEU A 64 -25.03 -18.34 -4.63
N GLY A 65 -24.13 -19.04 -3.94
CA GLY A 65 -24.11 -20.49 -4.02
C GLY A 65 -25.39 -21.11 -3.48
N ILE A 66 -25.85 -20.62 -2.32
CA ILE A 66 -27.11 -21.12 -1.77
C ILE A 66 -28.26 -20.85 -2.74
N PHE A 67 -28.28 -19.65 -3.33
CA PHE A 67 -29.33 -19.32 -4.28
C PHE A 67 -29.33 -20.26 -5.48
N VAL A 68 -28.14 -20.53 -6.04
CA VAL A 68 -28.06 -21.41 -7.20
C VAL A 68 -28.50 -22.82 -6.83
N PHE A 69 -28.11 -23.30 -5.65
CA PHE A 69 -28.49 -24.65 -5.24
C PHE A 69 -30.01 -24.78 -5.11
N THR A 70 -30.63 -23.86 -4.35
CA THR A 70 -32.07 -23.98 -4.14
C THR A 70 -32.83 -23.75 -5.45
N ALA A 71 -32.36 -22.82 -6.28
CA ALA A 71 -33.02 -22.58 -7.56
C ALA A 71 -32.91 -23.78 -8.48
N SER A 72 -31.76 -24.45 -8.49
CA SER A 72 -31.59 -25.64 -9.32
C SER A 72 -32.48 -26.78 -8.85
N VAL A 73 -32.59 -26.98 -7.53
CA VAL A 73 -33.45 -28.05 -7.01
C VAL A 73 -34.90 -27.77 -7.37
N THR A 74 -35.36 -26.54 -7.13
CA THR A 74 -36.72 -26.19 -7.49
C THR A 74 -36.94 -26.32 -9.00
N GLY A 75 -35.94 -25.94 -9.79
CA GLY A 75 -36.08 -26.01 -11.23
C GLY A 75 -36.21 -27.43 -11.73
N ILE A 76 -35.36 -28.34 -11.24
CA ILE A 76 -35.45 -29.73 -11.69
C ILE A 76 -36.78 -30.35 -11.27
N ILE A 77 -37.19 -30.13 -10.02
CA ILE A 77 -38.44 -30.75 -9.56
C ILE A 77 -39.63 -30.19 -10.31
N ALA A 78 -39.68 -28.87 -10.53
CA ALA A 78 -40.79 -28.27 -11.26
C ALA A 78 -40.76 -28.64 -12.73
N GLY A 79 -39.57 -28.80 -13.31
CA GLY A 79 -39.48 -29.23 -14.69
C GLY A 79 -40.00 -30.63 -14.90
N VAL A 80 -39.68 -31.55 -13.99
CA VAL A 80 -40.23 -32.89 -14.09
C VAL A 80 -41.74 -32.86 -13.88
N ALA A 81 -42.20 -32.05 -12.92
CA ALA A 81 -43.64 -31.94 -12.69
C ALA A 81 -44.37 -31.42 -13.91
N ALA A 82 -43.81 -30.42 -14.58
CA ALA A 82 -44.44 -29.85 -15.77
C ALA A 82 -44.33 -30.79 -16.96
N ILE A 83 -43.23 -31.54 -17.07
CA ILE A 83 -43.08 -32.48 -18.16
C ILE A 83 -43.99 -33.68 -17.96
N ALA A 84 -44.48 -33.91 -16.75
CA ALA A 84 -45.56 -34.87 -16.57
C ALA A 84 -46.81 -34.45 -17.34
N ASN A 85 -47.00 -33.14 -17.54
CA ASN A 85 -48.09 -32.63 -18.35
C ASN A 85 -47.75 -32.81 -19.83
N ALA A 86 -48.70 -32.44 -20.68
CA ALA A 86 -48.62 -32.58 -22.14
C ALA A 86 -48.63 -34.05 -22.54
N PHE A 87 -48.64 -34.94 -21.54
CA PHE A 87 -48.77 -36.37 -21.74
C PHE A 87 -49.89 -36.98 -20.92
N GLY A 88 -50.45 -36.24 -19.96
CA GLY A 88 -51.49 -36.75 -19.09
C GLY A 88 -50.99 -37.41 -17.83
N ALA A 89 -49.68 -37.60 -17.68
CA ALA A 89 -49.13 -38.29 -16.51
C ALA A 89 -49.26 -37.41 -15.27
N SER A 90 -49.45 -38.07 -14.13
CA SER A 90 -49.58 -37.40 -12.85
C SER A 90 -48.27 -37.54 -12.07
N PHE A 91 -47.78 -36.41 -11.55
CA PHE A 91 -46.54 -36.36 -10.78
C PHE A 91 -46.85 -35.63 -9.48
N ALA A 92 -47.33 -36.37 -8.49
CA ALA A 92 -47.67 -35.81 -7.18
C ALA A 92 -46.49 -36.09 -6.24
N VAL A 93 -45.51 -35.19 -6.24
CA VAL A 93 -44.30 -35.36 -5.45
C VAL A 93 -44.13 -34.26 -4.41
N SER A 94 -45.01 -33.25 -4.38
CA SER A 94 -44.93 -32.15 -3.44
C SER A 94 -43.55 -31.52 -3.46
N PRO A 95 -43.23 -30.72 -4.49
CA PRO A 95 -41.87 -30.18 -4.62
C PRO A 95 -41.41 -29.38 -3.42
N ILE A 96 -42.33 -28.75 -2.70
CA ILE A 96 -41.93 -27.93 -1.56
C ILE A 96 -41.29 -28.80 -0.48
N ASP A 97 -41.84 -30.00 -0.25
CA ASP A 97 -41.30 -30.88 0.78
C ASP A 97 -39.85 -31.28 0.45
N VAL A 98 -39.60 -31.66 -0.80
CA VAL A 98 -38.25 -32.11 -1.16
C VAL A 98 -37.28 -30.93 -1.17
N VAL A 99 -37.70 -29.76 -1.66
CA VAL A 99 -36.80 -28.61 -1.66
C VAL A 99 -36.52 -28.15 -0.24
N ASN A 100 -37.45 -28.37 0.70
CA ASN A 100 -37.17 -28.05 2.09
C ASN A 100 -36.21 -29.05 2.70
N ALA A 101 -36.48 -30.36 2.51
CA ALA A 101 -35.70 -31.40 3.17
C ALA A 101 -34.27 -31.46 2.65
N LEU A 102 -34.07 -31.24 1.35
CA LEU A 102 -32.74 -31.31 0.77
C LEU A 102 -31.91 -30.07 1.08
N ILE A 103 -32.54 -28.93 1.32
CA ILE A 103 -31.82 -27.68 1.43
C ILE A 103 -31.72 -27.21 2.87
N PHE A 104 -32.86 -26.94 3.51
CA PHE A 104 -32.86 -26.19 4.75
C PHE A 104 -33.00 -27.06 6.00
N GLN A 105 -33.53 -28.28 5.87
CA GLN A 105 -33.66 -29.15 7.05
C GLN A 105 -32.33 -29.49 7.69
N PRO A 106 -31.29 -29.92 6.98
CA PRO A 106 -30.01 -30.18 7.65
C PRO A 106 -29.38 -28.94 8.26
N ILE A 107 -29.60 -27.78 7.67
CA ILE A 107 -28.93 -26.56 8.13
C ILE A 107 -29.50 -26.11 9.47
N VAL A 108 -30.82 -26.15 9.63
CA VAL A 108 -31.45 -25.48 10.76
C VAL A 108 -31.04 -26.13 12.08
N ASP A 109 -30.98 -27.45 12.13
CA ASP A 109 -30.78 -28.14 13.40
C ASP A 109 -29.32 -28.21 13.81
N MET A 110 -28.64 -27.07 13.81
CA MET A 110 -27.24 -26.99 14.20
C MET A 110 -27.03 -25.76 15.07
N VAL A 111 -26.19 -25.90 16.09
CA VAL A 111 -25.88 -24.82 17.01
C VAL A 111 -24.38 -24.63 17.06
N LYS A 112 -23.93 -23.42 16.81
CA LYS A 112 -22.50 -23.08 16.90
C LYS A 112 -22.25 -22.16 18.09
N THR B 1 11.08 -2.95 33.51
CA THR B 1 11.26 -4.38 33.71
C THR B 1 10.24 -4.92 34.71
N SER B 2 10.05 -4.21 35.81
CA SER B 2 9.14 -4.63 36.86
C SER B 2 8.52 -3.40 37.51
N VAL B 3 7.32 -3.60 38.08
CA VAL B 3 6.49 -2.47 38.49
C VAL B 3 7.11 -1.74 39.69
N GLU B 4 7.51 -2.49 40.72
CA GLU B 4 8.00 -1.85 41.93
C GLU B 4 9.32 -1.14 41.69
N PHE B 5 10.06 -1.52 40.65
CA PHE B 5 11.24 -0.75 40.25
C PHE B 5 10.87 0.68 39.89
N TRP B 6 9.90 0.83 38.99
CA TRP B 6 9.44 2.16 38.61
C TRP B 6 8.80 2.89 39.79
N GLN B 7 8.07 2.15 40.63
CA GLN B 7 7.48 2.76 41.83
C GLN B 7 8.57 3.35 42.72
N ASN B 8 9.63 2.60 42.98
CA ASN B 8 10.71 3.06 43.84
C ASN B 8 11.42 4.26 43.22
N ILE B 9 11.70 4.21 41.91
CA ILE B 9 12.41 5.33 41.30
C ILE B 9 11.57 6.59 41.35
N ALA B 10 10.25 6.47 41.08
CA ALA B 10 9.37 7.62 41.12
C ALA B 10 9.27 8.19 42.53
N SER B 11 9.14 7.32 43.54
CA SER B 11 9.06 7.80 44.92
C SER B 11 10.35 8.52 45.32
N GLY B 12 11.51 7.95 44.95
CA GLY B 12 12.77 8.57 45.31
C GLY B 12 12.93 9.94 44.67
N VAL B 13 12.65 10.04 43.37
CA VAL B 13 12.80 11.34 42.71
C VAL B 13 11.78 12.33 43.26
N GLY B 14 10.58 11.87 43.63
CA GLY B 14 9.60 12.78 44.21
C GLY B 14 10.06 13.35 45.54
N LYS B 15 10.57 12.50 46.42
CA LYS B 15 11.04 12.99 47.71
C LYS B 15 12.24 13.91 47.53
N TRP B 16 13.14 13.58 46.61
CA TRP B 16 14.29 14.46 46.35
C TRP B 16 13.82 15.82 45.86
N LEU B 17 12.86 15.84 44.94
CA LEU B 17 12.37 17.10 44.39
C LEU B 17 11.67 17.95 45.45
N ARG B 18 10.85 17.34 46.31
CA ARG B 18 10.18 18.14 47.33
C ARG B 18 11.18 18.67 48.36
N ALA B 19 12.20 17.87 48.71
CA ALA B 19 13.22 18.35 49.62
C ALA B 19 13.98 19.53 49.03
N ILE B 20 14.38 19.43 47.77
CA ILE B 20 15.12 20.54 47.18
C ILE B 20 14.20 21.74 46.96
N PHE B 21 12.89 21.52 46.81
CA PHE B 21 11.96 22.64 46.73
C PHE B 21 11.89 23.40 48.06
N ALA B 22 11.86 22.66 49.17
CA ALA B 22 11.91 23.33 50.48
C ALA B 22 13.23 24.08 50.65
N ILE B 23 14.34 23.47 50.22
CA ILE B 23 15.62 24.15 50.24
C ILE B 23 15.55 25.44 49.42
N ALA B 24 14.86 25.39 48.28
CA ALA B 24 14.73 26.55 47.42
C ALA B 24 13.95 27.68 48.11
N PHE B 25 12.87 27.32 48.79
CA PHE B 25 12.08 28.33 49.51
C PHE B 25 12.93 29.00 50.59
N TRP B 26 13.67 28.19 51.35
CA TRP B 26 14.50 28.79 52.40
C TRP B 26 15.68 29.55 51.82
N SER B 27 16.13 29.19 50.61
CA SER B 27 17.14 29.99 49.92
C SER B 27 16.57 31.33 49.47
N SER B 28 15.29 31.37 49.08
CA SER B 28 14.65 32.64 48.82
C SER B 28 14.63 33.49 50.09
N LEU B 29 14.38 32.86 51.24
CA LEU B 29 14.45 33.58 52.50
C LEU B 29 15.84 34.13 52.78
N ILE B 30 16.88 33.32 52.54
CA ILE B 30 18.23 33.81 52.79
C ILE B 30 18.60 34.93 51.81
N LEU B 31 18.07 34.88 50.60
CA LEU B 31 18.29 35.98 49.66
C LEU B 31 17.61 37.25 50.13
N LEU B 32 16.42 37.12 50.72
CA LEU B 32 15.79 38.23 51.42
C LEU B 32 16.73 38.80 52.47
N THR B 33 17.36 37.93 53.25
CA THR B 33 18.30 38.36 54.28
C THR B 33 19.50 39.09 53.66
N PHE B 34 19.98 38.59 52.53
CA PHE B 34 21.12 39.23 51.87
C PHE B 34 20.76 40.64 51.40
N TYR B 35 19.57 40.80 50.81
CA TYR B 35 19.14 42.15 50.46
C TYR B 35 18.96 43.02 51.71
N ALA B 36 18.56 42.42 52.83
CA ALA B 36 18.45 43.17 54.07
C ALA B 36 19.81 43.72 54.50
N ILE B 37 20.83 42.87 54.49
CA ILE B 37 22.16 43.37 54.89
C ILE B 37 22.68 44.36 53.86
N MET B 38 22.31 44.18 52.58
CA MET B 38 22.73 45.15 51.57
C MET B 38 22.14 46.54 51.86
N THR B 39 20.83 46.61 52.08
CA THR B 39 20.23 47.90 52.39
C THR B 39 20.65 48.42 53.76
N GLN B 40 21.13 47.55 54.64
CA GLN B 40 21.67 48.00 55.92
C GLN B 40 23.05 48.60 55.78
N VAL B 41 23.87 48.11 54.85
CA VAL B 41 25.27 48.50 54.77
C VAL B 41 25.55 49.44 53.59
N ALA B 42 24.72 49.45 52.56
CA ALA B 42 25.02 50.23 51.36
C ALA B 42 25.25 51.68 51.73
N PRO B 43 26.37 52.28 51.33
CA PRO B 43 26.72 53.62 51.82
C PRO B 43 25.76 54.70 51.34
N SER B 44 25.57 54.81 50.03
CA SER B 44 24.71 55.85 49.51
C SER B 44 23.25 55.52 49.74
N LYS B 45 22.43 56.56 49.82
CA LYS B 45 20.99 56.37 50.01
C LYS B 45 20.37 55.63 48.83
N VAL B 46 20.81 55.96 47.61
CA VAL B 46 20.20 55.39 46.41
C VAL B 46 20.36 53.88 46.39
N PHE B 47 21.52 53.38 46.83
CA PHE B 47 21.74 51.93 46.82
C PHE B 47 20.87 51.23 47.85
N ARG B 48 20.70 51.83 49.04
CA ARG B 48 19.79 51.28 50.03
C ARG B 48 18.37 51.27 49.51
N LEU B 49 17.96 52.35 48.83
CA LEU B 49 16.63 52.42 48.24
C LEU B 49 16.42 51.32 47.21
N GLY B 50 17.41 51.12 46.33
CA GLY B 50 17.30 50.06 45.33
C GLY B 50 17.27 48.68 45.97
N ALA B 51 18.03 48.49 47.06
CA ALA B 51 17.99 47.22 47.77
C ALA B 51 16.60 46.99 48.40
N LEU B 52 15.98 48.04 48.93
CA LEU B 52 14.62 47.89 49.42
C LEU B 52 13.66 47.51 48.31
N VAL B 53 13.80 48.14 47.14
CA VAL B 53 12.91 47.86 46.03
C VAL B 53 13.07 46.41 45.56
N ASP B 54 14.31 45.94 45.41
CA ASP B 54 14.49 44.57 44.95
C ASP B 54 14.18 43.56 46.05
N LEU B 55 14.26 43.95 47.32
CA LEU B 55 13.75 43.12 48.40
C LEU B 55 12.25 42.89 48.26
N ILE B 56 11.51 43.98 48.00
CA ILE B 56 10.07 43.86 47.77
C ILE B 56 9.81 43.03 46.51
N GLU B 57 10.64 43.21 45.48
CA GLU B 57 10.53 42.41 44.27
C GLU B 57 10.66 40.93 44.58
N SER B 58 11.66 40.57 45.39
CA SER B 58 11.90 39.17 45.73
C SER B 58 10.75 38.58 46.53
N VAL B 59 10.24 39.32 47.52
CA VAL B 59 9.14 38.79 48.31
C VAL B 59 7.88 38.62 47.46
N LYS B 60 7.62 39.59 46.58
CA LYS B 60 6.44 39.49 45.72
C LYS B 60 6.57 38.32 44.75
N THR B 61 7.77 38.08 44.20
CA THR B 61 7.91 37.01 43.23
C THR B 61 7.86 35.64 43.89
N VAL B 62 8.41 35.52 45.10
CA VAL B 62 8.30 34.24 45.81
C VAL B 62 6.85 33.96 46.18
N LEU B 63 6.12 34.98 46.62
CA LEU B 63 4.72 34.77 46.97
C LEU B 63 3.90 34.39 45.74
N LEU B 64 4.14 35.08 44.61
CA LEU B 64 3.43 34.76 43.38
C LEU B 64 3.74 33.34 42.90
N GLY B 65 5.01 32.92 42.99
CA GLY B 65 5.36 31.57 42.58
C GLY B 65 4.69 30.51 43.44
N ILE B 66 4.68 30.72 44.76
CA ILE B 66 4.00 29.78 45.64
C ILE B 66 2.51 29.73 45.31
N PHE B 67 1.91 30.89 45.05
CA PHE B 67 0.49 30.94 44.71
C PHE B 67 0.21 30.16 43.43
N VAL B 68 1.04 30.37 42.40
CA VAL B 68 0.81 29.68 41.13
C VAL B 68 0.97 28.17 41.32
N PHE B 69 1.97 27.75 42.09
CA PHE B 69 2.18 26.32 42.30
C PHE B 69 0.98 25.67 43.00
N THR B 70 0.56 26.25 44.13
CA THR B 70 -0.54 25.64 44.86
C THR B 70 -1.84 25.71 44.07
N ALA B 71 -2.07 26.81 43.35
CA ALA B 71 -3.27 26.93 42.53
C ALA B 71 -3.27 25.92 41.40
N SER B 72 -2.12 25.69 40.77
CA SER B 72 -2.04 24.70 39.70
C SER B 72 -2.28 23.29 40.21
N VAL B 73 -1.72 22.95 41.38
CA VAL B 73 -1.93 21.62 41.93
C VAL B 73 -3.41 21.41 42.26
N THR B 74 -4.02 22.39 42.94
CA THR B 74 -5.44 22.29 43.25
C THR B 74 -6.27 22.23 41.97
N GLY B 75 -5.88 23.00 40.95
CA GLY B 75 -6.63 23.01 39.72
C GLY B 75 -6.59 21.68 38.99
N ILE B 76 -5.41 21.07 38.89
CA ILE B 76 -5.33 19.78 38.20
C ILE B 76 -6.10 18.71 38.97
N ILE B 77 -5.94 18.67 40.29
CA ILE B 77 -6.63 17.63 41.06
C ILE B 77 -8.14 17.82 41.00
N ALA B 78 -8.63 19.06 41.12
CA ALA B 78 -10.06 19.30 41.07
C ALA B 78 -10.61 19.10 39.66
N GLY B 79 -9.81 19.40 38.63
CA GLY B 79 -10.25 19.16 37.27
C GLY B 79 -10.42 17.69 36.98
N VAL B 80 -9.48 16.86 37.44
CA VAL B 80 -9.65 15.42 37.26
C VAL B 80 -10.84 14.91 38.07
N ALA B 81 -11.02 15.43 39.29
CA ALA B 81 -12.16 15.02 40.10
C ALA B 81 -13.49 15.38 39.42
N ALA B 82 -13.57 16.58 38.82
CA ALA B 82 -14.79 16.99 38.16
C ALA B 82 -14.99 16.25 36.85
N ILE B 83 -13.91 15.94 36.13
CA ILE B 83 -14.01 15.20 34.90
C ILE B 83 -14.40 13.76 35.15
N ALA B 84 -14.19 13.26 36.38
CA ALA B 84 -14.79 11.98 36.75
C ALA B 84 -16.31 12.02 36.66
N ASN B 85 -16.90 13.20 36.86
CA ASN B 85 -18.33 13.38 36.69
C ASN B 85 -18.66 13.47 35.21
N ALA B 86 -19.97 13.57 34.91
CA ALA B 86 -20.52 13.59 33.56
C ALA B 86 -20.32 12.24 32.87
N PHE B 87 -19.64 11.33 33.55
CA PHE B 87 -19.46 9.96 33.10
C PHE B 87 -19.88 8.93 34.14
N GLY B 88 -20.12 9.34 35.38
CA GLY B 88 -20.47 8.44 36.45
C GLY B 88 -19.30 7.88 37.22
N ALA B 89 -18.08 8.13 36.79
CA ALA B 89 -16.90 7.57 37.45
C ALA B 89 -16.68 8.24 38.80
N SER B 90 -16.14 7.45 39.73
CA SER B 90 -15.85 7.92 41.08
C SER B 90 -14.35 8.17 41.22
N PHE B 91 -14.00 9.35 41.73
CA PHE B 91 -12.60 9.74 41.93
C PHE B 91 -12.47 10.20 43.38
N ALA B 92 -12.23 9.26 44.28
CA ALA B 92 -12.07 9.55 45.70
C ALA B 92 -10.57 9.60 46.00
N VAL B 93 -9.98 10.77 45.82
CA VAL B 93 -8.55 10.96 45.99
C VAL B 93 -8.21 11.94 47.10
N SER B 94 -9.22 12.60 47.71
CA SER B 94 -9.02 13.57 48.76
C SER B 94 -8.02 14.64 48.34
N PRO B 95 -8.43 15.58 47.48
CA PRO B 95 -7.48 16.56 46.94
C PRO B 95 -6.74 17.35 48.00
N ILE B 96 -7.37 17.57 49.16
CA ILE B 96 -6.73 18.36 50.20
C ILE B 96 -5.46 17.66 50.71
N ASP B 97 -5.51 16.34 50.86
CA ASP B 97 -4.35 15.61 51.34
C ASP B 97 -3.16 15.75 50.38
N VAL B 98 -3.41 15.60 49.08
CA VAL B 98 -2.31 15.66 48.12
C VAL B 98 -1.79 17.10 47.99
N VAL B 99 -2.69 18.09 48.00
CA VAL B 99 -2.21 19.47 47.89
C VAL B 99 -1.47 19.88 49.15
N ASN B 100 -1.78 19.27 50.31
CA ASN B 100 -0.99 19.54 51.51
C ASN B 100 0.37 18.86 51.43
N ALA B 101 0.39 17.57 51.07
CA ALA B 101 1.63 16.80 51.11
C ALA B 101 2.63 17.28 50.05
N LEU B 102 2.16 17.66 48.87
CA LEU B 102 3.05 18.10 47.81
C LEU B 102 3.58 19.51 48.03
N ILE B 103 2.84 20.35 48.77
CA ILE B 103 3.17 21.76 48.85
C ILE B 103 3.79 22.10 50.20
N PHE B 104 3.03 21.91 51.29
CA PHE B 104 3.40 22.49 52.57
C PHE B 104 4.08 21.53 53.53
N GLN B 105 3.89 20.22 53.34
CA GLN B 105 4.53 19.26 54.24
C GLN B 105 6.05 19.33 54.20
N PRO B 106 6.72 19.34 53.05
CA PRO B 106 8.18 19.47 53.08
C PRO B 106 8.67 20.78 53.66
N ILE B 107 7.90 21.86 53.48
CA ILE B 107 8.37 23.18 53.90
C ILE B 107 8.37 23.30 55.42
N VAL B 108 7.33 22.79 56.09
CA VAL B 108 7.12 23.10 57.50
C VAL B 108 8.24 22.52 58.35
N ASP B 109 8.67 21.30 58.06
CA ASP B 109 9.60 20.60 58.96
C ASP B 109 11.05 21.00 58.71
N MET B 110 11.32 22.29 58.71
CA MET B 110 12.67 22.81 58.51
C MET B 110 12.92 23.95 59.48
N VAL B 111 14.13 24.01 60.02
CA VAL B 111 14.52 25.04 60.97
C VAL B 111 15.79 25.72 60.45
N LYS B 112 15.73 27.04 60.31
CA LYS B 112 16.89 27.82 59.91
C LYS B 112 17.40 28.67 61.06
N THR C 1 -21.78 10.39 22.94
CA THR C 1 -22.84 9.42 23.15
C THR C 1 -24.19 9.99 22.73
N SER C 2 -24.46 11.22 23.14
CA SER C 2 -25.72 11.88 22.84
C SER C 2 -25.49 13.38 22.67
N VAL C 3 -26.39 14.01 21.90
CA VAL C 3 -26.14 15.36 21.43
C VAL C 3 -26.18 16.37 22.58
N GLU C 4 -27.23 16.31 23.40
CA GLU C 4 -27.39 17.30 24.45
C GLU C 4 -26.29 17.19 25.50
N PHE C 5 -25.65 16.02 25.62
CA PHE C 5 -24.47 15.91 26.48
C PHE C 5 -23.36 16.86 26.02
N TRP C 6 -23.02 16.79 24.73
CA TRP C 6 -22.00 17.68 24.20
C TRP C 6 -22.46 19.14 24.25
N GLN C 7 -23.76 19.37 24.01
CA GLN C 7 -24.28 20.74 24.11
C GLN C 7 -24.08 21.30 25.50
N ASN C 8 -24.41 20.52 26.54
CA ASN C 8 -24.26 20.97 27.91
C ASN C 8 -22.80 21.21 28.26
N ILE C 9 -21.92 20.29 27.86
CA ILE C 9 -20.51 20.46 28.21
C ILE C 9 -19.93 21.71 27.54
N ALA C 10 -20.30 21.93 26.27
CA ALA C 10 -19.82 23.11 25.56
C ALA C 10 -20.35 24.40 26.18
N SER C 11 -21.64 24.42 26.54
CA SER C 11 -22.20 25.61 27.16
C SER C 11 -21.53 25.89 28.51
N GLY C 12 -21.30 24.85 29.31
CA GLY C 12 -20.68 25.04 30.60
C GLY C 12 -19.26 25.59 30.48
N VAL C 13 -18.47 24.99 29.60
CA VAL C 13 -17.09 25.48 29.43
C VAL C 13 -17.08 26.88 28.86
N GLY C 14 -18.04 27.20 27.98
CA GLY C 14 -18.11 28.56 27.45
C GLY C 14 -18.40 29.60 28.51
N LYS C 15 -19.39 29.32 29.37
CA LYS C 15 -19.70 30.26 30.43
C LYS C 15 -18.54 30.39 31.42
N TRP C 16 -17.89 29.26 31.74
CA TRP C 16 -16.73 29.33 32.63
C TRP C 16 -15.62 30.18 32.04
N LEU C 17 -15.35 30.00 30.74
CA LEU C 17 -14.28 30.76 30.09
C LEU C 17 -14.60 32.25 30.03
N ARG C 18 -15.84 32.62 29.72
CA ARG C 18 -16.15 34.05 29.67
C ARG C 18 -16.11 34.67 31.06
N ALA C 19 -16.55 33.93 32.08
CA ALA C 19 -16.45 34.45 33.45
C ALA C 19 -15.00 34.67 33.85
N ILE C 20 -14.13 33.70 33.57
CA ILE C 20 -12.74 33.88 33.96
C ILE C 20 -12.07 34.94 33.10
N PHE C 21 -12.56 35.17 31.87
CA PHE C 21 -12.04 36.27 31.07
C PHE C 21 -12.39 37.62 31.69
N ALA C 22 -13.62 37.78 32.18
CA ALA C 22 -13.96 39.00 32.89
C ALA C 22 -13.11 39.17 34.14
N ILE C 23 -12.89 38.08 34.87
CA ILE C 23 -12.00 38.11 36.02
C ILE C 23 -10.60 38.56 35.60
N ALA C 24 -10.14 38.10 34.44
CA ALA C 24 -8.83 38.47 33.93
C ALA C 24 -8.75 39.97 33.63
N PHE C 25 -9.79 40.52 33.02
CA PHE C 25 -9.81 41.95 32.73
C PHE C 25 -9.74 42.76 34.02
N TRP C 26 -10.54 42.37 35.01
CA TRP C 26 -10.51 43.12 36.27
C TRP C 26 -9.22 42.89 37.04
N SER C 27 -8.55 41.75 36.81
CA SER C 27 -7.22 41.55 37.38
C SER C 27 -6.19 42.44 36.71
N SER C 28 -6.35 42.70 35.40
CA SER C 28 -5.51 43.70 34.76
C SER C 28 -5.73 45.07 35.40
N LEU C 29 -6.98 45.38 35.73
CA LEU C 29 -7.26 46.64 36.42
C LEU C 29 -6.58 46.68 37.79
N ILE C 30 -6.65 45.58 38.55
CA ILE C 30 -6.02 45.59 39.87
C ILE C 30 -4.49 45.68 39.74
N LEU C 31 -3.93 45.12 38.68
CA LEU C 31 -2.50 45.26 38.45
C LEU C 31 -2.14 46.70 38.13
N LEU C 32 -3.00 47.39 37.37
CA LEU C 32 -2.88 48.83 37.21
C LEU C 32 -2.84 49.53 38.57
N THR C 33 -3.74 49.14 39.47
CA THR C 33 -3.77 49.71 40.81
C THR C 33 -2.47 49.43 41.58
N PHE C 34 -1.93 48.22 41.42
CA PHE C 34 -0.69 47.88 42.10
C PHE C 34 0.47 48.73 41.60
N TYR C 35 0.56 48.93 40.29
CA TYR C 35 1.57 49.86 39.78
C TYR C 35 1.33 51.28 40.27
N ALA C 36 0.07 51.66 40.46
CA ALA C 36 -0.23 52.98 41.00
C ALA C 36 0.32 53.13 42.41
N ILE C 37 0.08 52.14 43.27
CA ILE C 37 0.62 52.26 44.63
C ILE C 37 2.14 52.17 44.60
N MET C 38 2.71 51.41 43.65
CA MET C 38 4.16 51.36 43.54
C MET C 38 4.75 52.72 43.23
N THR C 39 4.22 53.39 42.20
CA THR C 39 4.71 54.72 41.87
C THR C 39 4.36 55.75 42.93
N GLN C 40 3.34 55.48 43.76
CA GLN C 40 3.03 56.37 44.86
C GLN C 40 4.00 56.21 46.01
N VAL C 41 4.51 55.01 46.25
CA VAL C 41 5.31 54.73 47.44
C VAL C 41 6.81 54.60 47.14
N ALA C 42 7.19 54.30 45.90
CA ALA C 42 8.59 54.03 45.60
C ALA C 42 9.45 55.21 46.03
N PRO C 43 10.50 54.99 46.82
CA PRO C 43 11.24 56.11 47.41
C PRO C 43 11.97 56.96 46.38
N SER C 44 12.81 56.32 45.58
CA SER C 44 13.59 57.07 44.59
C SER C 44 12.71 57.51 43.43
N LYS C 45 13.13 58.60 42.79
CA LYS C 45 12.38 59.10 41.63
C LYS C 45 12.42 58.09 40.48
N VAL C 46 13.57 57.44 40.28
CA VAL C 46 13.72 56.55 39.14
C VAL C 46 12.74 55.39 39.22
N PHE C 47 12.49 54.87 40.42
CA PHE C 47 11.57 53.75 40.56
C PHE C 47 10.13 54.18 40.30
N ARG C 48 9.75 55.37 40.76
CA ARG C 48 8.43 55.90 40.43
C ARG C 48 8.27 56.10 38.94
N LEU C 49 9.32 56.62 38.29
CA LEU C 49 9.30 56.80 36.84
C LEU C 49 9.12 55.48 36.11
N GLY C 50 9.87 54.45 36.53
CA GLY C 50 9.72 53.14 35.91
C GLY C 50 8.35 52.55 36.16
N ALA C 51 7.78 52.78 37.34
CA ALA C 51 6.43 52.31 37.61
C ALA C 51 5.41 53.02 36.72
N LEU C 52 5.59 54.31 36.47
CA LEU C 52 4.72 55.00 35.52
C LEU C 52 4.84 54.40 34.13
N VAL C 53 6.07 54.12 33.70
CA VAL C 53 6.29 53.58 32.36
C VAL C 53 5.62 52.20 32.23
N ASP C 54 5.81 51.33 33.21
CA ASP C 54 5.20 50.00 33.10
C ASP C 54 3.70 50.04 33.34
N LEU C 55 3.19 51.05 34.05
CA LEU C 55 1.76 51.28 34.11
C LEU C 55 1.19 51.59 32.72
N ILE C 56 1.86 52.48 31.99
CA ILE C 56 1.45 52.78 30.62
C ILE C 56 1.58 51.53 29.75
N GLU C 57 2.64 50.75 29.98
CA GLU C 57 2.81 49.50 29.25
C GLU C 57 1.62 48.57 29.47
N SER C 58 1.20 48.42 30.74
CA SER C 58 0.08 47.53 31.06
C SER C 58 -1.22 48.01 30.42
N VAL C 59 -1.50 49.32 30.50
CA VAL C 59 -2.75 49.81 29.92
C VAL C 59 -2.74 49.63 28.40
N LYS C 60 -1.59 49.90 27.77
CA LYS C 60 -1.52 49.75 26.32
C LYS C 60 -1.66 48.29 25.91
N THR C 61 -1.08 47.36 26.67
CA THR C 61 -1.17 45.96 26.28
C THR C 61 -2.56 45.39 26.52
N VAL C 62 -3.24 45.82 27.59
CA VAL C 62 -4.61 45.36 27.81
C VAL C 62 -5.53 45.91 26.72
N LEU C 63 -5.34 47.18 26.33
CA LEU C 63 -6.18 47.75 25.28
C LEU C 63 -5.93 47.04 23.95
N LEU C 64 -4.66 46.77 23.63
CA LEU C 64 -4.34 46.07 22.40
C LEU C 64 -4.90 44.66 22.38
N GLY C 65 -4.83 43.95 23.51
CA GLY C 65 -5.40 42.61 23.57
C GLY C 65 -6.90 42.60 23.38
N ILE C 66 -7.60 43.54 24.03
CA ILE C 66 -9.05 43.64 23.84
C ILE C 66 -9.36 43.95 22.38
N PHE C 67 -8.60 44.85 21.77
CA PHE C 67 -8.81 45.19 20.37
C PHE C 67 -8.65 43.98 19.47
N VAL C 68 -7.57 43.22 19.69
CA VAL C 68 -7.32 42.04 18.84
C VAL C 68 -8.44 41.02 19.02
N PHE C 69 -8.89 40.81 20.26
CA PHE C 69 -9.95 39.83 20.50
C PHE C 69 -11.23 40.22 19.78
N THR C 70 -11.69 41.46 19.99
CA THR C 70 -12.95 41.86 19.38
C THR C 70 -12.83 41.91 17.85
N ALA C 71 -11.68 42.36 17.33
CA ALA C 71 -11.49 42.39 15.89
C ALA C 71 -11.47 41.00 15.31
N SER C 72 -10.85 40.03 15.99
CA SER C 72 -10.83 38.67 15.49
C SER C 72 -12.22 38.05 15.49
N VAL C 73 -13.01 38.30 16.53
CA VAL C 73 -14.37 37.75 16.59
C VAL C 73 -15.21 38.33 15.46
N THR C 74 -15.16 39.66 15.30
CA THR C 74 -15.89 40.29 14.21
C THR C 74 -15.41 39.79 12.86
N GLY C 75 -14.10 39.60 12.71
CA GLY C 75 -13.55 39.14 11.46
C GLY C 75 -14.01 37.74 11.09
N ILE C 76 -13.97 36.81 12.04
CA ILE C 76 -14.41 35.45 11.74
C ILE C 76 -15.90 35.42 11.40
N ILE C 77 -16.71 36.12 12.19
CA ILE C 77 -18.15 36.07 11.95
C ILE C 77 -18.49 36.73 10.60
N ALA C 78 -17.87 37.86 10.29
CA ALA C 78 -18.13 38.53 9.02
C ALA C 78 -17.56 37.75 7.85
N GLY C 79 -16.43 37.06 8.04
CA GLY C 79 -15.89 36.24 6.97
C GLY C 79 -16.79 35.08 6.64
N VAL C 80 -17.34 34.41 7.65
CA VAL C 80 -18.29 33.33 7.38
C VAL C 80 -19.55 33.88 6.72
N ALA C 81 -20.03 35.05 7.18
CA ALA C 81 -21.20 35.65 6.58
C ALA C 81 -20.97 35.99 5.11
N ALA C 82 -19.79 36.52 4.78
CA ALA C 82 -19.48 36.87 3.39
C ALA C 82 -19.23 35.63 2.55
N ILE C 83 -18.64 34.59 3.13
CA ILE C 83 -18.40 33.37 2.40
C ILE C 83 -19.70 32.62 2.15
N ALA C 84 -20.75 32.93 2.91
CA ALA C 84 -22.08 32.44 2.55
C ALA C 84 -22.50 32.97 1.18
N ASN C 85 -22.00 34.15 0.81
CA ASN C 85 -22.24 34.70 -0.52
C ASN C 85 -21.35 34.00 -1.54
N ALA C 86 -21.54 34.37 -2.82
CA ALA C 86 -20.85 33.79 -3.96
C ALA C 86 -21.28 32.34 -4.18
N PHE C 87 -22.12 31.84 -3.27
CA PHE C 87 -22.74 30.52 -3.38
C PHE C 87 -24.24 30.56 -3.27
N GLY C 88 -24.83 31.68 -2.85
CA GLY C 88 -26.26 31.80 -2.66
C GLY C 88 -26.74 31.43 -1.28
N ALA C 89 -25.88 30.90 -0.42
CA ALA C 89 -26.30 30.46 0.90
C ALA C 89 -26.62 31.66 1.79
N SER C 90 -27.58 31.46 2.69
CA SER C 90 -28.01 32.49 3.62
C SER C 90 -27.42 32.21 5.00
N PHE C 91 -26.81 33.23 5.60
CA PHE C 91 -26.20 33.12 6.93
C PHE C 91 -26.74 34.26 7.77
N ALA C 92 -27.90 34.04 8.39
CA ALA C 92 -28.55 35.03 9.24
C ALA C 92 -28.21 34.70 10.69
N VAL C 93 -27.07 35.21 11.16
CA VAL C 93 -26.57 34.93 12.50
C VAL C 93 -26.48 36.18 13.37
N SER C 94 -26.74 37.37 12.80
CA SER C 94 -26.68 38.63 13.53
C SER C 94 -25.32 38.77 14.23
N PRO C 95 -24.26 39.08 13.48
CA PRO C 95 -22.91 39.11 14.08
C PRO C 95 -22.79 40.05 15.26
N ILE C 96 -23.58 41.13 15.29
CA ILE C 96 -23.48 42.08 16.40
C ILE C 96 -23.86 41.42 17.71
N ASP C 97 -24.89 40.57 17.70
CA ASP C 97 -25.32 39.91 18.94
C ASP C 97 -24.22 39.02 19.49
N VAL C 98 -23.58 38.22 18.64
CA VAL C 98 -22.56 37.30 19.11
C VAL C 98 -21.31 38.05 19.55
N VAL C 99 -20.92 39.10 18.81
CA VAL C 99 -19.74 39.86 19.21
C VAL C 99 -20.00 40.62 20.49
N ASN C 100 -21.25 40.98 20.78
CA ASN C 100 -21.57 41.61 22.06
C ASN C 100 -21.53 40.58 23.18
N ALA C 101 -22.20 39.43 22.99
CA ALA C 101 -22.34 38.45 24.05
C ALA C 101 -21.01 37.80 24.42
N LEU C 102 -20.15 37.54 23.43
CA LEU C 102 -18.88 36.90 23.71
C LEU C 102 -17.86 37.86 24.32
N ILE C 103 -17.99 39.16 24.07
CA ILE C 103 -16.95 40.10 24.45
C ILE C 103 -17.36 40.92 25.66
N PHE C 104 -18.44 41.71 25.53
CA PHE C 104 -18.71 42.76 26.49
C PHE C 104 -19.77 42.39 27.53
N GLN C 105 -20.64 41.41 27.23
CA GLN C 105 -21.66 41.02 28.20
C GLN C 105 -21.07 40.49 29.51
N PRO C 106 -20.11 39.57 29.52
CA PRO C 106 -19.55 39.14 30.81
C PRO C 106 -18.83 40.25 31.56
N ILE C 107 -18.24 41.20 30.84
CA ILE C 107 -17.43 42.23 31.50
C ILE C 107 -18.31 43.21 32.26
N VAL C 108 -19.43 43.63 31.66
CA VAL C 108 -20.18 44.76 32.19
C VAL C 108 -20.75 44.44 33.57
N ASP C 109 -21.28 43.24 33.76
CA ASP C 109 -22.03 42.94 34.97
C ASP C 109 -21.11 42.55 36.13
N MET C 110 -20.11 43.37 36.41
CA MET C 110 -19.17 43.14 37.50
C MET C 110 -18.91 44.44 38.23
N VAL C 111 -18.81 44.36 39.55
CA VAL C 111 -18.56 45.52 40.40
C VAL C 111 -17.33 45.24 41.25
N LYS C 112 -16.34 46.12 41.18
CA LYS C 112 -15.15 46.02 42.03
C LYS C 112 -15.12 47.13 43.06
N THR D 1 -16.76 25.64 -10.40
CA THR D 1 -17.92 25.46 -11.25
C THR D 1 -17.72 26.11 -12.61
N SER D 2 -17.19 27.34 -12.60
CA SER D 2 -16.98 28.08 -13.82
C SER D 2 -15.75 28.97 -13.66
N VAL D 3 -15.12 29.29 -14.79
CA VAL D 3 -13.78 29.89 -14.78
C VAL D 3 -13.83 31.31 -14.21
N GLU D 4 -14.75 32.14 -14.71
CA GLU D 4 -14.78 33.54 -14.31
C GLU D 4 -15.16 33.68 -12.84
N PHE D 5 -15.83 32.68 -12.26
CA PHE D 5 -16.05 32.68 -10.82
C PHE D 5 -14.74 32.69 -10.05
N TRP D 6 -13.85 31.74 -10.38
CA TRP D 6 -12.54 31.69 -9.73
C TRP D 6 -11.72 32.94 -10.07
N GLN D 7 -11.83 33.43 -11.30
CA GLN D 7 -11.13 34.67 -11.67
C GLN D 7 -11.55 35.82 -10.78
N ASN D 8 -12.86 35.99 -10.59
CA ASN D 8 -13.38 37.08 -9.77
C ASN D 8 -12.95 36.93 -8.31
N ILE D 9 -13.02 35.71 -7.77
CA ILE D 9 -12.66 35.53 -6.36
C ILE D 9 -11.17 35.81 -6.16
N ALA D 10 -10.33 35.35 -7.10
CA ALA D 10 -8.90 35.59 -6.98
C ALA D 10 -8.58 37.08 -7.10
N SER D 11 -9.21 37.78 -8.04
CA SER D 11 -8.98 39.21 -8.18
C SER D 11 -9.41 39.97 -6.93
N GLY D 12 -10.57 39.61 -6.37
CA GLY D 12 -11.04 40.29 -5.18
C GLY D 12 -10.12 40.10 -4.00
N VAL D 13 -9.70 38.85 -3.76
CA VAL D 13 -8.80 38.60 -2.63
C VAL D 13 -7.46 39.27 -2.87
N GLY D 14 -6.99 39.32 -4.12
CA GLY D 14 -5.74 40.00 -4.40
C GLY D 14 -5.79 41.48 -4.08
N LYS D 15 -6.86 42.15 -4.54
CA LYS D 15 -6.97 43.58 -4.25
C LYS D 15 -7.13 43.83 -2.75
N TRP D 16 -7.89 42.98 -2.06
CA TRP D 16 -8.03 43.14 -0.61
C TRP D 16 -6.69 42.99 0.09
N LEU D 17 -5.89 41.99 -0.32
CA LEU D 17 -4.60 41.75 0.31
C LEU D 17 -3.63 42.91 0.05
N ARG D 18 -3.59 43.44 -1.18
CA ARG D 18 -2.67 44.54 -1.42
C ARG D 18 -3.10 45.80 -0.67
N ALA D 19 -4.41 46.04 -0.57
CA ALA D 19 -4.89 47.19 0.19
C ALA D 19 -4.51 47.06 1.66
N ILE D 20 -4.71 45.88 2.25
CA ILE D 20 -4.37 45.73 3.66
C ILE D 20 -2.86 45.73 3.86
N PHE D 21 -2.09 45.35 2.82
CA PHE D 21 -0.64 45.47 2.91
C PHE D 21 -0.20 46.93 2.97
N ALA D 22 -0.82 47.78 2.15
CA ALA D 22 -0.53 49.21 2.24
C ALA D 22 -0.92 49.77 3.60
N ILE D 23 -2.07 49.33 4.12
CA ILE D 23 -2.48 49.72 5.46
C ILE D 23 -1.43 49.28 6.48
N ALA D 24 -0.86 48.09 6.29
CA ALA D 24 0.16 47.58 7.20
C ALA D 24 1.42 48.45 7.17
N PHE D 25 1.84 48.85 5.97
CA PHE D 25 3.02 49.71 5.87
C PHE D 25 2.79 51.04 6.58
N TRP D 26 1.61 51.64 6.37
CA TRP D 26 1.35 52.91 7.04
C TRP D 26 1.13 52.73 8.54
N SER D 27 0.71 51.54 8.96
CA SER D 27 0.65 51.24 10.39
C SER D 27 2.04 51.11 10.98
N SER D 28 2.99 50.58 10.22
CA SER D 28 4.38 50.61 10.66
C SER D 28 4.85 52.05 10.83
N LEU D 29 4.45 52.93 9.91
CA LEU D 29 4.79 54.34 10.05
C LEU D 29 4.18 54.94 11.32
N ILE D 30 2.91 54.63 11.60
CA ILE D 30 2.29 55.19 12.81
C ILE D 30 2.93 54.62 14.06
N LEU D 31 3.41 53.38 14.01
CA LEU D 31 4.13 52.82 15.15
C LEU D 31 5.47 53.54 15.35
N LEU D 32 6.13 53.90 14.25
CA LEU D 32 7.28 54.78 14.33
C LEU D 32 6.92 56.07 15.05
N THR D 33 5.78 56.66 14.70
CA THR D 33 5.31 57.88 15.36
C THR D 33 5.07 57.66 16.84
N PHE D 34 4.50 56.51 17.20
CA PHE D 34 4.24 56.21 18.61
C PHE D 34 5.54 56.11 19.39
N TYR D 35 6.55 55.43 18.83
CA TYR D 35 7.85 55.43 19.50
C TYR D 35 8.45 56.83 19.57
N ALA D 36 8.18 57.67 18.57
CA ALA D 36 8.65 59.04 18.63
C ALA D 36 8.05 59.79 19.81
N ILE D 37 6.73 59.69 20.00
CA ILE D 37 6.13 60.37 21.14
C ILE D 37 6.59 59.74 22.44
N MET D 38 6.86 58.43 22.44
CA MET D 38 7.37 57.80 23.65
C MET D 38 8.73 58.37 24.05
N THR D 39 9.67 58.43 23.10
CA THR D 39 10.97 59.01 23.42
C THR D 39 10.89 60.51 23.65
N GLN D 40 9.83 61.17 23.18
CA GLN D 40 9.65 62.58 23.47
C GLN D 40 9.13 62.80 24.89
N VAL D 41 8.32 61.89 25.42
CA VAL D 41 7.63 62.11 26.68
C VAL D 41 8.24 61.29 27.83
N ALA D 42 8.94 60.21 27.55
CA ALA D 42 9.41 59.32 28.60
C ALA D 42 10.25 60.11 29.60
N PRO D 43 9.94 60.04 30.90
CA PRO D 43 10.60 60.93 31.86
C PRO D 43 12.09 60.65 32.02
N SER D 44 12.44 59.41 32.33
CA SER D 44 13.84 59.08 32.55
C SER D 44 14.59 59.01 31.23
N LYS D 45 15.89 59.27 31.30
CA LYS D 45 16.73 59.21 30.11
C LYS D 45 16.76 57.80 29.54
N VAL D 46 16.83 56.78 30.41
CA VAL D 46 16.99 55.40 29.96
C VAL D 46 15.79 54.99 29.10
N PHE D 47 14.59 55.42 29.47
CA PHE D 47 13.41 55.04 28.70
C PHE D 47 13.40 55.71 27.33
N ARG D 48 13.81 56.97 27.26
CA ARG D 48 13.93 57.65 25.97
C ARG D 48 14.98 56.96 25.10
N LEU D 49 16.10 56.56 25.71
CA LEU D 49 17.14 55.84 24.98
C LEU D 49 16.62 54.52 24.43
N GLY D 50 15.89 53.76 25.25
CA GLY D 50 15.32 52.51 24.77
C GLY D 50 14.29 52.72 23.67
N ALA D 51 13.52 53.81 23.78
CA ALA D 51 12.56 54.13 22.72
C ALA D 51 13.28 54.47 21.42
N LEU D 52 14.40 55.19 21.50
CA LEU D 52 15.19 55.44 20.29
C LEU D 52 15.70 54.13 19.69
N VAL D 53 16.18 53.22 20.55
CA VAL D 53 16.73 51.96 20.05
C VAL D 53 15.64 51.14 19.36
N ASP D 54 14.46 51.03 19.98
CA ASP D 54 13.41 50.24 19.36
C ASP D 54 12.78 50.95 18.17
N LEU D 55 12.86 52.28 18.11
CA LEU D 55 12.51 53.01 16.90
C LEU D 55 13.41 52.61 15.73
N ILE D 56 14.72 52.57 15.99
CA ILE D 56 15.66 52.12 14.97
C ILE D 56 15.39 50.66 14.61
N GLU D 57 15.05 49.85 15.60
CA GLU D 57 14.70 48.46 15.36
C GLU D 57 13.51 48.36 14.41
N SER D 58 12.47 49.16 14.65
CA SER D 58 11.28 49.12 13.82
C SER D 58 11.58 49.55 12.39
N VAL D 59 12.34 50.64 12.23
CA VAL D 59 12.64 51.10 10.87
C VAL D 59 13.48 50.07 10.13
N LYS D 60 14.46 49.47 10.81
CA LYS D 60 15.29 48.47 10.17
C LYS D 60 14.49 47.23 9.78
N THR D 61 13.54 46.80 10.64
CA THR D 61 12.79 45.60 10.33
C THR D 61 11.77 45.85 9.21
N VAL D 62 11.17 47.04 9.17
CA VAL D 62 10.25 47.34 8.07
C VAL D 62 11.02 47.42 6.75
N LEU D 63 12.21 48.03 6.76
CA LEU D 63 12.99 48.11 5.54
C LEU D 63 13.43 46.73 5.07
N LEU D 64 13.88 45.88 6.00
CA LEU D 64 14.28 44.53 5.66
C LEU D 64 13.11 43.72 5.11
N GLY D 65 11.92 43.85 5.71
CA GLY D 65 10.76 43.13 5.20
C GLY D 65 10.38 43.56 3.80
N ILE D 66 10.38 44.87 3.55
CA ILE D 66 10.09 45.36 2.20
C ILE D 66 11.13 44.83 1.20
N PHE D 67 12.40 44.82 1.61
CA PHE D 67 13.46 44.33 0.74
C PHE D 67 13.24 42.86 0.40
N VAL D 68 12.93 42.05 1.41
CA VAL D 68 12.73 40.62 1.18
C VAL D 68 11.53 40.39 0.26
N PHE D 69 10.45 41.14 0.48
CA PHE D 69 9.25 40.97 -0.36
C PHE D 69 9.55 41.29 -1.82
N THR D 70 10.13 42.47 -2.07
CA THR D 70 10.39 42.86 -3.46
C THR D 70 11.42 41.94 -4.10
N ALA D 71 12.45 41.53 -3.35
CA ALA D 71 13.45 40.63 -3.89
C ALA D 71 12.86 39.28 -4.21
N SER D 72 11.96 38.77 -3.36
CA SER D 72 11.34 37.48 -3.64
C SER D 72 10.44 37.54 -4.86
N VAL D 73 9.68 38.63 -5.03
CA VAL D 73 8.82 38.76 -6.20
C VAL D 73 9.66 38.82 -7.47
N THR D 74 10.70 39.66 -7.47
CA THR D 74 11.58 39.73 -8.62
C THR D 74 12.25 38.39 -8.88
N GLY D 75 12.65 37.69 -7.82
CA GLY D 75 13.30 36.41 -7.98
C GLY D 75 12.42 35.36 -8.60
N ILE D 76 11.18 35.25 -8.13
CA ILE D 76 10.27 34.25 -8.71
C ILE D 76 9.96 34.57 -10.16
N ILE D 77 9.68 35.84 -10.46
CA ILE D 77 9.33 36.19 -11.84
C ILE D 77 10.52 35.98 -12.77
N ALA D 78 11.72 36.38 -12.34
CA ALA D 78 12.90 36.20 -13.18
C ALA D 78 13.29 34.74 -13.29
N GLY D 79 13.07 33.95 -12.24
CA GLY D 79 13.36 32.53 -12.32
C GLY D 79 12.46 31.81 -13.30
N VAL D 80 11.16 32.15 -13.31
CA VAL D 80 10.28 31.55 -14.30
C VAL D 80 10.65 32.02 -15.70
N ALA D 81 11.02 33.31 -15.85
CA ALA D 81 11.42 33.81 -17.15
C ALA D 81 12.67 33.08 -17.66
N ALA D 82 13.64 32.84 -16.78
CA ALA D 82 14.86 32.16 -17.19
C ALA D 82 14.62 30.68 -17.42
N ILE D 83 13.72 30.06 -16.65
CA ILE D 83 13.42 28.66 -16.85
C ILE D 83 12.62 28.45 -18.12
N ALA D 84 11.99 29.51 -18.66
CA ALA D 84 11.45 29.42 -20.00
C ALA D 84 12.54 29.15 -21.03
N ASN D 85 13.77 29.59 -20.75
CA ASN D 85 14.91 29.28 -21.59
C ASN D 85 15.37 27.85 -21.34
N ALA D 86 16.38 27.42 -22.12
CA ALA D 86 16.93 26.07 -22.10
C ALA D 86 15.91 25.06 -22.63
N PHE D 87 14.71 25.55 -22.94
CA PHE D 87 13.66 24.76 -23.56
C PHE D 87 13.11 25.40 -24.82
N GLY D 88 13.43 26.67 -25.08
CA GLY D 88 12.91 27.39 -26.23
C GLY D 88 11.62 28.13 -25.98
N ALA D 89 10.99 27.94 -24.82
CA ALA D 89 9.71 28.57 -24.54
C ALA D 89 9.87 30.07 -24.34
N SER D 90 8.85 30.81 -24.75
CA SER D 90 8.82 32.26 -24.63
C SER D 90 7.95 32.66 -23.44
N PHE D 91 8.48 33.53 -22.58
CA PHE D 91 7.77 34.01 -21.40
C PHE D 91 7.84 35.53 -21.42
N ALA D 92 6.90 36.16 -22.13
CA ALA D 92 6.85 37.62 -22.24
C ALA D 92 5.80 38.12 -21.23
N VAL D 93 6.25 38.35 -20.00
CA VAL D 93 5.36 38.76 -18.92
C VAL D 93 5.72 40.14 -18.37
N SER D 94 6.81 40.75 -18.83
CA SER D 94 7.24 42.06 -18.37
C SER D 94 7.36 42.09 -16.86
N PRO D 95 8.41 41.48 -16.29
CA PRO D 95 8.49 41.37 -14.82
C PRO D 95 8.44 42.69 -14.10
N ILE D 96 8.90 43.78 -14.73
CA ILE D 96 8.90 45.08 -14.08
C ILE D 96 7.48 45.53 -13.77
N ASP D 97 6.56 45.29 -14.71
CA ASP D 97 5.16 45.71 -14.49
C ASP D 97 4.55 45.00 -13.29
N VAL D 98 4.76 43.68 -13.19
CA VAL D 98 4.15 42.93 -12.09
C VAL D 98 4.83 43.28 -10.76
N VAL D 99 6.15 43.44 -10.76
CA VAL D 99 6.82 43.80 -9.50
C VAL D 99 6.45 45.20 -9.07
N ASN D 100 6.11 46.08 -10.01
CA ASN D 100 5.63 47.41 -9.64
C ASN D 100 4.20 47.33 -9.08
N ALA D 101 3.31 46.63 -9.80
CA ALA D 101 1.90 46.62 -9.43
C ALA D 101 1.66 45.88 -8.11
N LEU D 102 2.39 44.80 -7.85
CA LEU D 102 2.20 44.03 -6.63
C LEU D 102 2.81 44.71 -5.41
N ILE D 103 3.84 45.54 -5.61
CA ILE D 103 4.60 46.07 -4.49
C ILE D 103 4.26 47.52 -4.22
N PHE D 104 4.54 48.40 -5.19
CA PHE D 104 4.56 49.83 -4.93
C PHE D 104 3.29 50.56 -5.35
N GLN D 105 2.51 50.00 -6.28
CA GLN D 105 1.28 50.67 -6.70
C GLN D 105 0.28 50.86 -5.57
N PRO D 106 -0.05 49.86 -4.75
CA PRO D 106 -0.98 50.11 -3.64
C PRO D 106 -0.44 51.09 -2.61
N ILE D 107 0.87 51.13 -2.42
CA ILE D 107 1.45 51.95 -1.35
C ILE D 107 1.35 53.44 -1.72
N VAL D 108 1.65 53.79 -2.97
CA VAL D 108 1.85 55.19 -3.32
C VAL D 108 0.56 55.99 -3.16
N ASP D 109 -0.57 55.43 -3.56
CA ASP D 109 -1.80 56.21 -3.62
C ASP D 109 -2.50 56.28 -2.27
N MET D 110 -1.77 56.68 -1.23
CA MET D 110 -2.32 56.81 0.12
C MET D 110 -1.79 58.09 0.75
N VAL D 111 -2.64 58.78 1.49
CA VAL D 111 -2.28 60.02 2.16
C VAL D 111 -2.62 59.88 3.64
N LYS D 112 -1.63 60.11 4.49
CA LYS D 112 -1.84 60.10 5.94
C LYS D 112 -1.71 61.51 6.51
N THR E 1 16.71 14.91 -21.98
CA THR E 1 16.73 14.70 -23.43
C THR E 1 18.12 14.28 -23.89
N SER E 2 19.14 14.98 -23.41
CA SER E 2 20.52 14.71 -23.79
C SER E 2 21.44 14.99 -22.61
N VAL E 3 22.59 14.32 -22.61
CA VAL E 3 23.45 14.28 -21.43
C VAL E 3 24.06 15.65 -21.14
N GLU E 4 24.65 16.27 -22.16
CA GLU E 4 25.35 17.53 -21.94
C GLU E 4 24.40 18.64 -21.53
N PHE E 5 23.11 18.51 -21.87
CA PHE E 5 22.11 19.46 -21.36
C PHE E 5 22.07 19.44 -19.84
N TRP E 6 21.92 18.24 -19.26
CA TRP E 6 21.91 18.11 -17.80
C TRP E 6 23.27 18.51 -17.21
N GLN E 7 24.35 18.17 -17.90
CA GLN E 7 25.67 18.58 -17.42
C GLN E 7 25.78 20.09 -17.32
N ASN E 8 25.35 20.80 -18.36
CA ASN E 8 25.40 22.25 -18.36
C ASN E 8 24.53 22.86 -17.28
N ILE E 9 23.30 22.33 -17.12
CA ILE E 9 22.40 22.91 -16.12
C ILE E 9 22.97 22.68 -14.71
N ALA E 10 23.53 21.49 -14.46
CA ALA E 10 24.11 21.21 -13.15
C ALA E 10 25.32 22.09 -12.89
N SER E 11 26.19 22.27 -13.88
CA SER E 11 27.36 23.12 -13.69
C SER E 11 26.94 24.57 -13.43
N GLY E 12 25.96 25.07 -14.17
CA GLY E 12 25.51 26.44 -13.97
C GLY E 12 24.94 26.66 -12.59
N VAL E 13 24.06 25.76 -12.15
CA VAL E 13 23.47 25.93 -10.83
C VAL E 13 24.53 25.77 -9.75
N GLY E 14 25.52 24.89 -9.95
CA GLY E 14 26.59 24.75 -8.98
C GLY E 14 27.40 26.03 -8.82
N LYS E 15 27.80 26.63 -9.96
CA LYS E 15 28.57 27.86 -9.86
C LYS E 15 27.75 28.98 -9.25
N TRP E 16 26.46 29.07 -9.60
CA TRP E 16 25.61 30.09 -9.01
C TRP E 16 25.51 29.90 -7.49
N LEU E 17 25.33 28.66 -7.05
CA LEU E 17 25.20 28.40 -5.61
C LEU E 17 26.50 28.72 -4.86
N ARG E 18 27.65 28.35 -5.41
CA ARG E 18 28.89 28.66 -4.69
C ARG E 18 29.14 30.17 -4.66
N ALA E 19 28.81 30.88 -5.75
CA ALA E 19 28.96 32.33 -5.74
C ALA E 19 28.07 32.97 -4.69
N ILE E 20 26.80 32.55 -4.62
CA ILE E 20 25.91 33.16 -3.63
C ILE E 20 26.30 32.72 -2.22
N PHE E 21 26.95 31.55 -2.07
CA PHE E 21 27.46 31.17 -0.76
C PHE E 21 28.59 32.08 -0.30
N ALA E 22 29.50 32.43 -1.22
CA ALA E 22 30.53 33.41 -0.88
C ALA E 22 29.92 34.76 -0.54
N ILE E 23 28.91 35.17 -1.30
CA ILE E 23 28.19 36.40 -0.98
C ILE E 23 27.58 36.31 0.43
N ALA E 24 27.07 35.13 0.79
CA ALA E 24 26.48 34.93 2.11
C ALA E 24 27.52 35.08 3.22
N PHE E 25 28.71 34.51 3.01
CA PHE E 25 29.77 34.63 4.01
C PHE E 25 30.16 36.09 4.20
N TRP E 26 30.31 36.82 3.10
CA TRP E 26 30.69 38.23 3.25
C TRP E 26 29.54 39.07 3.79
N SER E 27 28.30 38.63 3.59
CA SER E 27 27.16 39.28 4.24
C SER E 27 27.17 39.03 5.74
N SER E 28 27.59 37.85 6.17
CA SER E 28 27.80 37.63 7.59
C SER E 28 28.86 38.59 8.13
N LEU E 29 29.92 38.82 7.35
CA LEU E 29 30.92 39.80 7.76
C LEU E 29 30.33 41.20 7.87
N ILE E 30 29.51 41.60 6.91
CA ILE E 30 28.93 42.94 6.98
C ILE E 30 27.95 43.05 8.14
N LEU E 31 27.27 41.96 8.49
CA LEU E 31 26.41 41.97 9.66
C LEU E 31 27.22 42.12 10.94
N LEU E 32 28.40 41.48 10.99
CA LEU E 32 29.35 41.74 12.05
C LEU E 32 29.67 43.23 12.14
N THR E 33 29.91 43.86 10.99
CA THR E 33 30.20 45.29 10.95
C THR E 33 29.01 46.11 11.46
N PHE E 34 27.80 45.70 11.11
CA PHE E 34 26.61 46.42 11.58
C PHE E 34 26.47 46.34 13.09
N TYR E 35 26.70 45.15 13.66
CA TYR E 35 26.70 45.07 15.12
C TYR E 35 27.84 45.90 15.73
N ALA E 36 28.96 46.01 15.03
CA ALA E 36 30.05 46.85 15.50
C ALA E 36 29.62 48.31 15.59
N ILE E 37 28.98 48.82 14.54
CA ILE E 37 28.54 50.22 14.59
C ILE E 37 27.42 50.37 15.62
N MET E 38 26.59 49.33 15.81
CA MET E 38 25.56 49.41 16.84
C MET E 38 26.16 49.57 18.22
N THR E 39 27.12 48.71 18.58
CA THR E 39 27.75 48.83 19.88
C THR E 39 28.62 50.08 19.98
N GLN E 40 29.03 50.65 18.86
CA GLN E 40 29.77 51.91 18.88
C GLN E 40 28.86 53.09 19.13
N VAL E 41 27.61 53.05 18.66
CA VAL E 41 26.73 54.21 18.70
C VAL E 41 25.63 54.09 19.76
N ALA E 42 25.29 52.88 20.19
CA ALA E 42 24.16 52.71 21.10
C ALA E 42 24.35 53.56 22.34
N PRO E 43 23.38 54.39 22.71
CA PRO E 43 23.60 55.37 23.79
C PRO E 43 23.81 54.71 25.15
N SER E 44 22.87 53.88 25.58
CA SER E 44 22.97 53.26 26.89
C SER E 44 24.01 52.16 26.89
N LYS E 45 24.58 51.91 28.07
CA LYS E 45 25.58 50.85 28.20
C LYS E 45 24.97 49.48 27.90
N VAL E 46 23.73 49.25 28.36
CA VAL E 46 23.11 47.94 28.22
C VAL E 46 22.96 47.56 26.76
N PHE E 47 22.62 48.54 25.90
CA PHE E 47 22.45 48.23 24.48
C PHE E 47 23.78 47.91 23.82
N ARG E 48 24.85 48.62 24.18
CA ARG E 48 26.17 48.29 23.67
C ARG E 48 26.60 46.90 24.14
N LEU E 49 26.31 46.57 25.39
CA LEU E 49 26.62 45.24 25.91
C LEU E 49 25.88 44.15 25.14
N GLY E 50 24.59 44.37 24.90
CA GLY E 50 23.82 43.39 24.12
C GLY E 50 24.32 43.27 22.69
N ALA E 51 24.75 44.39 22.11
CA ALA E 51 25.33 44.34 20.76
C ALA E 51 26.63 43.55 20.76
N LEU E 52 27.46 43.70 21.80
CA LEU E 52 28.65 42.88 21.89
C LEU E 52 28.30 41.40 22.00
N VAL E 53 27.29 41.07 22.82
CA VAL E 53 26.91 39.68 23.00
C VAL E 53 26.41 39.08 21.69
N ASP E 54 25.55 39.79 20.97
CA ASP E 54 25.04 39.24 19.72
C ASP E 54 26.08 39.27 18.61
N LEU E 55 27.07 40.16 18.70
CA LEU E 55 28.23 40.10 17.81
C LEU E 55 28.99 38.79 18.01
N ILE E 56 29.24 38.43 19.27
CA ILE E 56 29.89 37.16 19.56
C ILE E 56 29.02 35.99 19.11
N GLU E 57 27.70 36.14 19.28
CA GLU E 57 26.77 35.11 18.80
C GLU E 57 26.90 34.91 17.30
N SER E 58 26.96 36.01 16.54
CA SER E 58 27.06 35.93 15.09
C SER E 58 28.37 35.28 14.66
N VAL E 59 29.49 35.67 15.28
CA VAL E 59 30.77 35.10 14.88
C VAL E 59 30.81 33.60 15.21
N LYS E 60 30.28 33.23 16.39
CA LYS E 60 30.27 31.82 16.76
C LYS E 60 29.39 31.00 15.83
N THR E 61 28.22 31.55 15.42
CA THR E 61 27.33 30.78 14.57
C THR E 61 27.87 30.66 13.15
N VAL E 62 28.52 31.71 12.64
CA VAL E 62 29.13 31.59 11.32
C VAL E 62 30.27 30.60 11.33
N LEU E 63 31.09 30.61 12.39
CA LEU E 63 32.19 29.65 12.47
C LEU E 63 31.67 28.23 12.57
N LEU E 64 30.63 28.01 13.39
CA LEU E 64 30.05 26.69 13.52
C LEU E 64 29.44 26.20 12.21
N GLY E 65 28.76 27.09 11.48
CA GLY E 65 28.18 26.70 10.20
C GLY E 65 29.25 26.30 9.19
N ILE E 66 30.33 27.10 9.11
CA ILE E 66 31.43 26.75 8.21
C ILE E 66 32.03 25.40 8.60
N PHE E 67 32.20 25.17 9.91
CA PHE E 67 32.76 23.92 10.37
C PHE E 67 31.88 22.74 9.97
N VAL E 68 30.56 22.88 10.18
CA VAL E 68 29.65 21.79 9.84
C VAL E 68 29.67 21.52 8.33
N PHE E 69 29.70 22.58 7.52
CA PHE E 69 29.71 22.39 6.08
C PHE E 69 30.96 21.64 5.62
N THR E 70 32.14 22.13 6.04
CA THR E 70 33.37 21.49 5.58
C THR E 70 33.48 20.07 6.14
N ALA E 71 33.07 19.85 7.39
CA ALA E 71 33.12 18.52 7.97
C ALA E 71 32.19 17.57 7.25
N SER E 72 30.99 18.04 6.87
CA SER E 72 30.05 17.18 6.15
C SER E 72 30.58 16.83 4.76
N VAL E 73 31.18 17.79 4.07
CA VAL E 73 31.73 17.50 2.74
C VAL E 73 32.86 16.47 2.84
N THR E 74 33.79 16.70 3.78
CA THR E 74 34.87 15.74 3.98
C THR E 74 34.32 14.39 4.39
N GLY E 75 33.29 14.37 5.24
CA GLY E 75 32.73 13.11 5.69
C GLY E 75 32.09 12.31 4.57
N ILE E 76 31.29 12.97 3.72
CA ILE E 76 30.66 12.24 2.62
C ILE E 76 31.72 11.72 1.65
N ILE E 77 32.69 12.55 1.29
CA ILE E 77 33.69 12.11 0.32
C ILE E 77 34.53 10.97 0.89
N ALA E 78 34.95 11.08 2.15
CA ALA E 78 35.75 10.01 2.76
C ALA E 78 34.93 8.76 3.00
N GLY E 79 33.63 8.91 3.29
CA GLY E 79 32.79 7.73 3.47
C GLY E 79 32.62 6.97 2.17
N VAL E 80 32.42 7.67 1.06
CA VAL E 80 32.34 6.98 -0.22
C VAL E 80 33.69 6.34 -0.57
N ALA E 81 34.79 7.05 -0.29
CA ALA E 81 36.11 6.47 -0.56
C ALA E 81 36.34 5.20 0.25
N ALA E 82 35.94 5.21 1.52
CA ALA E 82 36.13 4.03 2.36
C ALA E 82 35.17 2.91 1.99
N ILE E 83 33.95 3.25 1.56
CA ILE E 83 32.99 2.24 1.15
C ILE E 83 33.39 1.63 -0.18
N ALA E 84 34.25 2.30 -0.94
CA ALA E 84 34.87 1.64 -2.09
C ALA E 84 35.69 0.43 -1.65
N ASN E 85 36.23 0.47 -0.43
CA ASN E 85 36.94 -0.67 0.14
C ASN E 85 35.94 -1.72 0.61
N ALA E 86 36.46 -2.85 1.09
CA ALA E 86 35.70 -4.01 1.54
C ALA E 86 34.99 -4.67 0.35
N PHE E 87 35.12 -4.07 -0.83
CA PHE E 87 34.62 -4.63 -2.07
C PHE E 87 35.68 -4.71 -3.16
N GLY E 88 36.84 -4.08 -2.96
CA GLY E 88 37.89 -4.06 -3.95
C GLY E 88 37.81 -2.91 -4.94
N ALA E 89 36.74 -2.13 -4.91
CA ALA E 89 36.57 -1.05 -5.87
C ALA E 89 37.55 0.09 -5.58
N SER E 90 37.98 0.76 -6.65
CA SER E 90 38.90 1.88 -6.56
C SER E 90 38.14 3.18 -6.72
N PHE E 91 38.37 4.13 -5.81
CA PHE E 91 37.72 5.44 -5.83
C PHE E 91 38.82 6.49 -5.73
N ALA E 92 39.40 6.86 -6.86
CA ALA E 92 40.46 7.86 -6.93
C ALA E 92 39.83 9.19 -7.31
N VAL E 93 39.35 9.93 -6.31
CA VAL E 93 38.65 11.19 -6.54
C VAL E 93 39.38 12.37 -5.91
N SER E 94 40.47 12.15 -5.17
CA SER E 94 41.24 13.20 -4.53
C SER E 94 40.33 14.07 -3.68
N PRO E 95 39.89 13.59 -2.51
CA PRO E 95 38.92 14.35 -1.71
C PRO E 95 39.37 15.75 -1.35
N ILE E 96 40.67 15.98 -1.24
CA ILE E 96 41.16 17.31 -0.87
C ILE E 96 40.81 18.32 -1.94
N ASP E 97 40.92 17.94 -3.22
CA ASP E 97 40.62 18.87 -4.30
C ASP E 97 39.15 19.30 -4.26
N VAL E 98 38.24 18.34 -4.07
CA VAL E 98 36.82 18.68 -4.08
C VAL E 98 36.44 19.48 -2.84
N VAL E 99 37.00 19.11 -1.67
CA VAL E 99 36.67 19.87 -0.46
C VAL E 99 37.26 21.27 -0.53
N ASN E 100 38.36 21.46 -1.26
CA ASN E 100 38.87 22.81 -1.45
C ASN E 100 37.99 23.60 -2.41
N ALA E 101 37.66 23.00 -3.57
CA ALA E 101 36.93 23.73 -4.61
C ALA E 101 35.51 24.07 -4.19
N LEU E 102 34.85 23.18 -3.47
CA LEU E 102 33.47 23.43 -3.06
C LEU E 102 33.37 24.41 -1.89
N ILE E 103 34.42 24.52 -1.08
CA ILE E 103 34.33 25.28 0.16
C ILE E 103 35.06 26.61 0.04
N PHE E 104 36.38 26.56 -0.16
CA PHE E 104 37.21 27.74 0.02
C PHE E 104 37.57 28.47 -1.26
N GLN E 105 37.50 27.80 -2.41
CA GLN E 105 37.83 28.48 -3.67
C GLN E 105 36.91 29.65 -3.97
N PRO E 106 35.58 29.54 -3.89
CA PRO E 106 34.74 30.72 -4.14
C PRO E 106 34.95 31.84 -3.14
N ILE E 107 35.28 31.50 -1.89
CA ILE E 107 35.38 32.52 -0.85
C ILE E 107 36.61 33.40 -1.06
N VAL E 108 37.76 32.79 -1.41
CA VAL E 108 39.02 33.52 -1.36
C VAL E 108 39.04 34.66 -2.37
N ASP E 109 38.53 34.43 -3.58
CA ASP E 109 38.70 35.41 -4.65
C ASP E 109 37.66 36.52 -4.59
N MET E 110 37.52 37.14 -3.42
CA MET E 110 36.58 38.24 -3.23
C MET E 110 37.24 39.34 -2.41
N VAL E 111 36.96 40.59 -2.77
CA VAL E 111 37.52 41.74 -2.09
C VAL E 111 36.37 42.65 -1.66
N LYS E 112 36.32 42.96 -0.37
CA LYS E 112 35.33 43.89 0.16
C LYS E 112 35.99 45.19 0.60
N THR F 1 27.78 -11.86 1.02
CA THR F 1 28.55 -12.88 0.33
C THR F 1 29.03 -13.96 1.29
N SER F 2 29.54 -13.54 2.45
CA SER F 2 30.06 -14.47 3.44
C SER F 2 29.81 -13.90 4.84
N VAL F 3 29.73 -14.81 5.82
CA VAL F 3 29.23 -14.44 7.14
C VAL F 3 30.21 -13.51 7.86
N GLU F 4 31.49 -13.88 7.89
CA GLU F 4 32.46 -13.11 8.65
C GLU F 4 32.66 -11.73 8.06
N PHE F 5 32.35 -11.54 6.77
CA PHE F 5 32.35 -10.20 6.19
C PHE F 5 31.35 -9.29 6.90
N TRP F 6 30.11 -9.75 7.02
CA TRP F 6 29.09 -8.98 7.72
C TRP F 6 29.44 -8.83 9.20
N GLN F 7 30.01 -9.89 9.80
CA GLN F 7 30.43 -9.79 11.20
C GLN F 7 31.45 -8.68 11.39
N ASN F 8 32.46 -8.63 10.52
CA ASN F 8 33.50 -7.62 10.62
C ASN F 8 32.94 -6.21 10.40
N ILE F 9 32.06 -6.05 9.40
CA ILE F 9 31.52 -4.72 9.14
C ILE F 9 30.67 -4.25 10.32
N ALA F 10 29.86 -5.15 10.89
CA ALA F 10 29.03 -4.79 12.03
C ALA F 10 29.87 -4.44 13.25
N SER F 11 30.93 -5.22 13.51
CA SER F 11 31.79 -4.93 14.65
C SER F 11 32.49 -3.58 14.46
N GLY F 12 32.98 -3.31 13.26
CA GLY F 12 33.66 -2.05 13.02
C GLY F 12 32.74 -0.85 13.20
N VAL F 13 31.55 -0.91 12.62
CA VAL F 13 30.62 0.21 12.77
C VAL F 13 30.18 0.35 14.22
N GLY F 14 30.04 -0.76 14.95
CA GLY F 14 29.68 -0.67 16.35
C GLY F 14 30.74 0.03 17.19
N LYS F 15 32.00 -0.35 16.99
CA LYS F 15 33.07 0.30 17.75
C LYS F 15 33.19 1.78 17.37
N TRP F 16 33.04 2.09 16.08
CA TRP F 16 33.08 3.50 15.66
C TRP F 16 31.97 4.30 16.31
N LEU F 17 30.75 3.73 16.35
CA LEU F 17 29.62 4.44 16.93
C LEU F 17 29.79 4.65 18.44
N ARG F 18 30.28 3.64 19.15
CA ARG F 18 30.45 3.83 20.60
C ARG F 18 31.56 4.85 20.88
N ALA F 19 32.63 4.83 20.08
CA ALA F 19 33.69 5.82 20.26
C ALA F 19 33.17 7.23 20.03
N ILE F 20 32.41 7.43 18.95
CA ILE F 20 31.91 8.77 18.69
C ILE F 20 30.84 9.16 19.71
N PHE F 21 30.16 8.18 20.30
CA PHE F 21 29.21 8.49 21.38
C PHE F 21 29.95 9.01 22.62
N ALA F 22 31.08 8.38 22.96
CA ALA F 22 31.88 8.90 24.07
C ALA F 22 32.40 10.30 23.75
N ILE F 23 32.83 10.52 22.51
CA ILE F 23 33.24 11.85 22.07
C ILE F 23 32.09 12.83 22.25
N ALA F 24 30.87 12.40 21.93
CA ALA F 24 29.69 13.26 22.07
C ALA F 24 29.44 13.64 23.53
N PHE F 25 29.57 12.67 24.43
CA PHE F 25 29.38 12.97 25.85
C PHE F 25 30.40 13.99 26.33
N TRP F 26 31.66 13.80 25.95
CA TRP F 26 32.68 14.75 26.40
C TRP F 26 32.53 16.10 25.70
N SER F 27 31.93 16.12 24.50
CA SER F 27 31.61 17.38 23.86
C SER F 27 30.48 18.10 24.59
N SER F 28 29.52 17.35 25.14
CA SER F 28 28.53 17.96 26.00
C SER F 28 29.21 18.59 27.23
N LEU F 29 30.22 17.90 27.77
CA LEU F 29 30.98 18.47 28.88
C LEU F 29 31.68 19.77 28.46
N ILE F 30 32.31 19.78 27.29
CA ILE F 30 33.01 20.99 26.87
C ILE F 30 32.02 22.12 26.59
N LEU F 31 30.80 21.79 26.14
CA LEU F 31 29.78 22.81 25.96
C LEU F 31 29.34 23.39 27.31
N LEU F 32 29.26 22.53 28.33
CA LEU F 32 29.08 23.00 29.69
C LEU F 32 30.17 24.00 30.06
N THR F 33 31.42 23.67 29.73
CA THR F 33 32.54 24.57 30.00
C THR F 33 32.39 25.90 29.25
N PHE F 34 31.91 25.84 28.01
CA PHE F 34 31.73 27.06 27.23
C PHE F 34 30.67 27.96 27.85
N TYR F 35 29.56 27.37 28.29
CA TYR F 35 28.57 28.18 29.01
C TYR F 35 29.14 28.71 30.32
N ALA F 36 30.04 27.97 30.96
CA ALA F 36 30.69 28.46 32.17
C ALA F 36 31.50 29.72 31.88
N ILE F 37 32.32 29.69 30.83
CA ILE F 37 33.11 30.88 30.52
C ILE F 37 32.19 32.01 30.05
N MET F 38 31.07 31.68 29.40
CA MET F 38 30.12 32.72 29.00
C MET F 38 29.55 33.44 30.22
N THR F 39 29.05 32.69 31.19
CA THR F 39 28.52 33.32 32.40
C THR F 39 29.61 33.95 33.24
N GLN F 40 30.87 33.55 33.06
CA GLN F 40 31.98 34.19 33.75
C GLN F 40 32.33 35.52 33.13
N VAL F 41 32.18 35.67 31.80
CA VAL F 41 32.67 36.84 31.10
C VAL F 41 31.56 37.78 30.66
N ALA F 42 30.32 37.31 30.54
CA ALA F 42 29.25 38.13 30.00
C ALA F 42 29.12 39.41 30.81
N PRO F 43 29.14 40.58 30.18
CA PRO F 43 29.20 41.84 30.93
C PRO F 43 27.96 42.10 31.76
N SER F 44 26.79 42.10 31.13
CA SER F 44 25.57 42.41 31.83
C SER F 44 25.14 41.23 32.71
N LYS F 45 24.41 41.54 33.77
CA LYS F 45 23.92 40.51 34.67
C LYS F 45 22.95 39.57 33.96
N VAL F 46 22.09 40.12 33.10
CA VAL F 46 21.06 39.33 32.45
C VAL F 46 21.67 38.25 31.58
N PHE F 47 22.78 38.56 30.89
CA PHE F 47 23.41 37.55 30.04
C PHE F 47 24.05 36.44 30.86
N ARG F 48 24.67 36.79 31.98
CA ARG F 48 25.20 35.76 32.88
C ARG F 48 24.09 34.88 33.43
N LEU F 49 22.96 35.50 33.79
CA LEU F 49 21.81 34.75 34.27
C LEU F 49 21.30 33.78 33.21
N GLY F 50 21.17 34.26 31.97
CA GLY F 50 20.73 33.38 30.89
C GLY F 50 21.72 32.25 30.62
N ALA F 51 23.01 32.55 30.74
CA ALA F 51 24.02 31.51 30.58
C ALA F 51 23.90 30.46 31.69
N LEU F 52 23.63 30.89 32.91
CA LEU F 52 23.40 29.92 33.98
C LEU F 52 22.18 29.05 33.68
N VAL F 53 21.10 29.67 33.19
CA VAL F 53 19.89 28.91 32.91
C VAL F 53 20.14 27.89 31.80
N ASP F 54 20.80 28.29 30.72
CA ASP F 54 21.03 27.34 29.64
C ASP F 54 22.11 26.32 30.01
N LEU F 55 23.00 26.65 30.94
CA LEU F 55 23.91 25.65 31.51
C LEU F 55 23.13 24.55 32.22
N ILE F 56 22.16 24.96 33.05
CA ILE F 56 21.30 23.99 33.72
C ILE F 56 20.49 23.20 32.69
N GLU F 57 20.04 23.88 31.64
CA GLU F 57 19.32 23.21 30.56
C GLU F 57 20.18 22.11 29.93
N SER F 58 21.44 22.43 29.64
CA SER F 58 22.34 21.47 29.01
C SER F 58 22.60 20.28 29.91
N VAL F 59 22.86 20.52 31.20
CA VAL F 59 23.13 19.40 32.10
C VAL F 59 21.89 18.52 32.26
N LYS F 60 20.71 19.14 32.36
CA LYS F 60 19.50 18.35 32.49
C LYS F 60 19.22 17.54 31.23
N THR F 61 19.47 18.10 30.05
CA THR F 61 19.18 17.37 28.83
C THR F 61 20.17 16.24 28.59
N VAL F 62 21.45 16.46 28.93
CA VAL F 62 22.42 15.37 28.81
C VAL F 62 22.09 14.24 29.77
N LEU F 63 21.69 14.58 31.01
CA LEU F 63 21.35 13.55 31.97
C LEU F 63 20.11 12.77 31.53
N LEU F 64 19.10 13.49 31.01
CA LEU F 64 17.89 12.83 30.53
C LEU F 64 18.19 11.92 29.34
N GLY F 65 19.04 12.38 28.41
CA GLY F 65 19.39 11.54 27.28
C GLY F 65 20.12 10.27 27.69
N ILE F 66 21.08 10.40 28.61
CA ILE F 66 21.78 9.21 29.11
C ILE F 66 20.79 8.26 29.78
N PHE F 67 19.86 8.81 30.56
CA PHE F 67 18.87 7.98 31.24
C PHE F 67 18.02 7.23 30.23
N VAL F 68 17.54 7.92 29.20
CA VAL F 68 16.69 7.27 28.21
C VAL F 68 17.46 6.18 27.48
N PHE F 69 18.72 6.45 27.14
CA PHE F 69 19.52 5.45 26.42
C PHE F 69 19.70 4.19 27.27
N THR F 70 20.18 4.35 28.51
CA THR F 70 20.42 3.17 29.33
C THR F 70 19.13 2.44 29.66
N ALA F 71 18.05 3.18 29.91
CA ALA F 71 16.76 2.55 30.20
C ALA F 71 16.25 1.79 28.99
N SER F 72 16.41 2.34 27.79
CA SER F 72 15.96 1.63 26.59
C SER F 72 16.76 0.36 26.36
N VAL F 73 18.08 0.41 26.56
CA VAL F 73 18.90 -0.78 26.37
C VAL F 73 18.50 -1.86 27.37
N THR F 74 18.37 -1.49 28.65
CA THR F 74 17.94 -2.45 29.66
C THR F 74 16.55 -2.97 29.34
N GLY F 75 15.66 -2.11 28.86
CA GLY F 75 14.31 -2.54 28.55
C GLY F 75 14.25 -3.53 27.42
N ILE F 76 14.98 -3.28 26.33
CA ILE F 76 14.95 -4.23 25.22
C ILE F 76 15.56 -5.57 25.63
N ILE F 77 16.70 -5.54 26.33
CA ILE F 77 17.34 -6.79 26.70
C ILE F 77 16.47 -7.58 27.68
N ALA F 78 15.87 -6.90 28.67
CA ALA F 78 15.02 -7.60 29.63
C ALA F 78 13.72 -8.05 28.99
N GLY F 79 13.19 -7.30 28.02
CA GLY F 79 12.00 -7.73 27.33
C GLY F 79 12.22 -8.99 26.52
N VAL F 80 13.36 -9.07 25.82
CA VAL F 80 13.66 -10.30 25.10
C VAL F 80 13.88 -11.46 26.07
N ALA F 81 14.57 -11.19 27.20
CA ALA F 81 14.78 -12.24 28.19
C ALA F 81 13.46 -12.75 28.75
N ALA F 82 12.52 -11.85 29.03
CA ALA F 82 11.23 -12.26 29.57
C ALA F 82 10.37 -12.94 28.51
N ILE F 83 10.47 -12.50 27.25
CA ILE F 83 9.71 -13.12 26.18
C ILE F 83 10.25 -14.49 25.86
N ALA F 84 11.50 -14.79 26.26
CA ALA F 84 11.97 -16.17 26.20
C ALA F 84 11.12 -17.07 27.09
N ASN F 85 10.55 -16.51 28.17
CA ASN F 85 9.64 -17.25 29.02
C ASN F 85 8.28 -17.35 28.35
N ALA F 86 7.36 -18.08 29.01
CA ALA F 86 6.01 -18.36 28.52
C ALA F 86 6.06 -19.28 27.30
N PHE F 87 7.28 -19.60 26.86
CA PHE F 87 7.51 -20.56 25.79
C PHE F 87 8.50 -21.64 26.17
N GLY F 88 9.19 -21.50 27.30
CA GLY F 88 10.20 -22.45 27.72
C GLY F 88 11.59 -22.19 27.21
N ALA F 89 11.77 -21.22 26.31
CA ALA F 89 13.07 -20.95 25.73
C ALA F 89 14.01 -20.33 26.76
N SER F 90 15.29 -20.64 26.62
CA SER F 90 16.32 -20.11 27.51
C SER F 90 17.09 -19.01 26.81
N PHE F 91 17.24 -17.87 27.49
CA PHE F 91 17.94 -16.71 26.96
C PHE F 91 18.98 -16.29 28.01
N ALA F 92 20.16 -16.91 27.95
CA ALA F 92 21.25 -16.61 28.88
C ALA F 92 22.20 -15.66 28.17
N VAL F 93 21.92 -14.37 28.28
CA VAL F 93 22.71 -13.34 27.61
C VAL F 93 23.39 -12.39 28.59
N SER F 94 23.11 -12.51 29.89
CA SER F 94 23.69 -11.65 30.91
C SER F 94 23.47 -10.18 30.56
N PRO F 95 22.25 -9.68 30.75
CA PRO F 95 21.94 -8.30 30.32
C PRO F 95 22.84 -7.25 30.93
N ILE F 96 23.36 -7.49 32.13
CA ILE F 96 24.21 -6.50 32.79
C ILE F 96 25.49 -6.28 31.98
N ASP F 97 26.06 -7.35 31.44
CA ASP F 97 27.30 -7.22 30.67
C ASP F 97 27.08 -6.35 29.43
N VAL F 98 25.99 -6.60 28.70
CA VAL F 98 25.75 -5.84 27.47
C VAL F 98 25.40 -4.40 27.78
N VAL F 99 24.58 -4.16 28.82
CA VAL F 99 24.24 -2.79 29.16
C VAL F 99 25.44 -2.04 29.69
N ASN F 100 26.42 -2.73 30.29
CA ASN F 100 27.65 -2.07 30.69
C ASN F 100 28.51 -1.75 29.47
N ALA F 101 28.72 -2.75 28.59
CA ALA F 101 29.64 -2.58 27.48
C ALA F 101 29.15 -1.57 26.45
N LEU F 102 27.85 -1.53 26.20
CA LEU F 102 27.29 -0.61 25.22
C LEU F 102 27.21 0.82 25.74
N ILE F 103 27.12 1.00 27.06
CA ILE F 103 26.83 2.32 27.61
C ILE F 103 28.08 2.93 28.23
N PHE F 104 28.62 2.29 29.28
CA PHE F 104 29.59 2.94 30.14
C PHE F 104 31.04 2.58 29.83
N GLN F 105 31.28 1.44 29.18
CA GLN F 105 32.66 1.06 28.87
C GLN F 105 33.36 2.05 27.95
N PRO F 106 32.79 2.50 26.84
CA PRO F 106 33.49 3.51 26.02
C PRO F 106 33.70 4.83 26.74
N ILE F 107 32.79 5.20 27.64
CA ILE F 107 32.86 6.52 28.27
C ILE F 107 34.03 6.57 29.26
N VAL F 108 34.20 5.52 30.06
CA VAL F 108 35.10 5.61 31.21
C VAL F 108 36.55 5.81 30.76
N ASP F 109 36.98 5.12 29.72
CA ASP F 109 38.39 5.13 29.36
C ASP F 109 38.78 6.34 28.53
N MET F 110 38.44 7.53 29.00
CA MET F 110 38.76 8.77 28.32
C MET F 110 39.23 9.80 29.33
N VAL F 111 40.24 10.59 28.95
CA VAL F 111 40.80 11.62 29.81
C VAL F 111 40.77 12.94 29.06
N LYS F 112 40.15 13.94 29.67
CA LYS F 112 40.13 15.29 29.09
C LYS F 112 40.98 16.24 29.92
N THR G 1 -1.78 -21.40 21.14
CA THR G 1 -1.79 -22.82 21.43
C THR G 1 -3.00 -23.20 22.28
N SER G 2 -3.27 -22.40 23.31
CA SER G 2 -4.37 -22.66 24.22
C SER G 2 -4.94 -21.34 24.71
N VAL G 3 -6.22 -21.38 25.10
CA VAL G 3 -6.97 -20.14 25.33
C VAL G 3 -6.45 -19.40 26.56
N GLU G 4 -6.31 -20.12 27.68
CA GLU G 4 -5.92 -19.46 28.92
C GLU G 4 -4.52 -18.90 28.85
N PHE G 5 -3.68 -19.42 27.95
CA PHE G 5 -2.37 -18.81 27.71
C PHE G 5 -2.53 -17.37 27.22
N TRP G 6 -3.34 -17.18 26.18
CA TRP G 6 -3.59 -15.83 25.68
C TRP G 6 -4.30 -14.98 26.71
N GLN G 7 -5.23 -15.58 27.46
CA GLN G 7 -5.91 -14.84 28.53
C GLN G 7 -4.92 -14.30 29.54
N ASN G 8 -3.99 -15.15 29.99
CA ASN G 8 -3.00 -14.73 30.98
C ASN G 8 -2.08 -13.65 30.43
N ILE G 9 -1.62 -13.82 29.18
CA ILE G 9 -0.71 -12.82 28.62
C ILE G 9 -1.41 -11.47 28.48
N ALA G 10 -2.68 -11.49 28.03
CA ALA G 10 -3.42 -10.24 27.88
C ALA G 10 -3.66 -9.58 29.23
N SER G 11 -4.03 -10.37 30.25
CA SER G 11 -4.26 -9.79 31.57
C SER G 11 -2.97 -9.19 32.14
N GLY G 12 -1.85 -9.89 31.97
CA GLY G 12 -0.59 -9.38 32.49
C GLY G 12 -0.18 -8.08 31.82
N VAL G 13 -0.26 -8.03 30.48
CA VAL G 13 0.12 -6.80 29.79
C VAL G 13 -0.85 -5.68 30.13
N GLY G 14 -2.13 -5.99 30.33
CA GLY G 14 -3.08 -4.95 30.72
C GLY G 14 -2.77 -4.34 32.07
N LYS G 15 -2.49 -5.20 33.06
CA LYS G 15 -2.15 -4.67 34.38
C LYS G 15 -0.85 -3.88 34.35
N TRP G 16 0.14 -4.37 33.59
CA TRP G 16 1.40 -3.63 33.47
C TRP G 16 1.16 -2.26 32.85
N LEU G 17 0.34 -2.20 31.79
CA LEU G 17 0.09 -0.93 31.12
C LEU G 17 -0.66 0.05 32.01
N ARG G 18 -1.66 -0.42 32.76
CA ARG G 18 -2.38 0.52 33.62
C ARG G 18 -1.49 1.00 34.77
N ALA G 19 -0.63 0.13 35.30
CA ALA G 19 0.30 0.55 36.35
C ALA G 19 1.25 1.61 35.82
N ILE G 20 1.83 1.39 34.63
CA ILE G 20 2.76 2.38 34.12
C ILE G 20 2.03 3.65 33.70
N PHE G 21 0.74 3.56 33.36
CA PHE G 21 -0.04 4.76 33.10
C PHE G 21 -0.22 5.60 34.36
N ALA G 22 -0.51 4.95 35.49
CA ALA G 22 -0.57 5.69 36.75
C ALA G 22 0.78 6.31 37.09
N ILE G 23 1.86 5.57 36.86
CA ILE G 23 3.20 6.12 37.04
C ILE G 23 3.39 7.34 36.16
N ALA G 24 2.88 7.29 34.93
CA ALA G 24 2.99 8.41 34.01
C ALA G 24 2.26 9.65 34.51
N PHE G 25 1.04 9.44 35.04
CA PHE G 25 0.29 10.57 35.59
C PHE G 25 1.03 11.22 36.74
N TRP G 26 1.57 10.39 37.65
CA TRP G 26 2.29 10.98 38.78
C TRP G 26 3.63 11.57 38.35
N SER G 27 4.19 11.09 37.24
CA SER G 27 5.38 11.74 36.68
C SER G 27 5.03 13.09 36.08
N SER G 28 3.85 13.23 35.50
CA SER G 28 3.38 14.55 35.09
C SER G 28 3.28 15.48 36.30
N LEU G 29 2.79 14.95 37.42
CA LEU G 29 2.74 15.74 38.65
C LEU G 29 4.14 16.16 39.10
N ILE G 30 5.11 15.24 39.06
CA ILE G 30 6.45 15.60 39.50
C ILE G 30 7.09 16.61 38.54
N LEU G 31 6.73 16.55 37.25
CA LEU G 31 7.21 17.55 36.30
C LEU G 31 6.61 18.91 36.61
N LEU G 32 5.34 18.94 37.01
CA LEU G 32 4.74 20.15 37.55
C LEU G 32 5.56 20.69 38.71
N THR G 33 5.98 19.80 39.63
CA THR G 33 6.80 20.20 40.75
C THR G 33 8.15 20.76 40.30
N PHE G 34 8.74 20.15 39.28
CA PHE G 34 10.02 20.64 38.77
C PHE G 34 9.89 22.03 38.18
N TYR G 35 8.83 22.28 37.41
CA TYR G 35 8.60 23.65 36.94
C TYR G 35 8.35 24.60 38.10
N ALA G 36 7.72 24.12 39.17
CA ALA G 36 7.51 24.95 40.35
C ALA G 36 8.84 25.38 40.95
N ILE G 37 9.76 24.45 41.14
CA ILE G 37 11.05 24.83 41.71
C ILE G 37 11.83 25.69 40.72
N MET G 38 11.64 25.47 39.41
CA MET G 38 12.30 26.33 38.43
C MET G 38 11.84 27.78 38.56
N THR G 39 10.52 28.00 38.58
CA THR G 39 10.02 29.36 38.73
C THR G 39 10.30 29.92 40.12
N GLN G 40 10.55 29.06 41.11
CA GLN G 40 10.92 29.54 42.43
C GLN G 40 12.38 29.99 42.47
N VAL G 41 13.25 29.36 41.70
CA VAL G 41 14.69 29.60 41.82
C VAL G 41 15.25 30.42 40.66
N ALA G 42 14.58 30.46 39.51
CA ALA G 42 15.14 31.12 38.34
C ALA G 42 15.47 32.57 38.66
N PRO G 43 16.70 33.02 38.41
CA PRO G 43 17.12 34.35 38.88
C PRO G 43 16.36 35.48 38.22
N SER G 44 16.38 35.53 36.89
CA SER G 44 15.72 36.62 36.18
C SER G 44 14.21 36.45 36.21
N LYS G 45 13.50 37.58 36.11
CA LYS G 45 12.05 37.54 36.09
C LYS G 45 11.53 36.80 34.86
N VAL G 46 12.18 37.00 33.71
CA VAL G 46 11.69 36.42 32.46
C VAL G 46 11.69 34.90 32.54
N PHE G 47 12.70 34.32 33.17
CA PHE G 47 12.77 32.86 33.26
C PHE G 47 11.68 32.32 34.19
N ARG G 48 11.42 33.00 35.30
CA ARG G 48 10.31 32.61 36.17
C ARG G 48 8.98 32.71 35.44
N LEU G 49 8.80 33.78 34.66
CA LEU G 49 7.59 33.95 33.86
C LEU G 49 7.41 32.81 32.87
N GLY G 50 8.49 32.46 32.16
CA GLY G 50 8.41 31.35 31.22
C GLY G 50 8.14 30.02 31.91
N ALA G 51 8.69 29.84 33.10
CA ALA G 51 8.42 28.62 33.87
C ALA G 51 6.95 28.57 34.28
N LEU G 52 6.37 29.71 34.66
CA LEU G 52 4.94 29.73 34.95
C LEU G 52 4.12 29.38 33.71
N VAL G 53 4.50 29.93 32.55
CA VAL G 53 3.75 29.65 31.34
C VAL G 53 3.82 28.17 30.97
N ASP G 54 5.01 27.57 31.03
CA ASP G 54 5.10 26.17 30.67
C ASP G 54 4.53 25.26 31.75
N LEU G 55 4.46 25.72 33.00
CA LEU G 55 3.71 25.01 34.04
C LEU G 55 2.23 24.94 33.67
N ILE G 56 1.67 26.07 33.25
CA ILE G 56 0.27 26.08 32.81
C ILE G 56 0.10 25.21 31.57
N GLU G 57 1.09 25.23 30.68
CA GLU G 57 1.07 24.37 29.50
C GLU G 57 1.00 22.90 29.90
N SER G 58 1.82 22.50 30.87
CA SER G 58 1.86 21.11 31.30
C SER G 58 0.54 20.69 31.94
N VAL G 59 -0.03 21.55 32.80
CA VAL G 59 -1.29 21.17 33.45
C VAL G 59 -2.41 21.08 32.42
N LYS G 60 -2.43 22.02 31.46
CA LYS G 60 -3.48 21.98 30.45
C LYS G 60 -3.34 20.74 29.56
N THR G 61 -2.10 20.36 29.21
CA THR G 61 -1.94 19.21 28.33
C THR G 61 -2.24 17.90 29.04
N VAL G 62 -1.88 17.79 30.33
CA VAL G 62 -2.24 16.58 31.07
C VAL G 62 -3.75 16.48 31.23
N LEU G 63 -4.43 17.60 31.51
CA LEU G 63 -5.87 17.55 31.65
C LEU G 63 -6.55 17.19 30.32
N LEU G 64 -6.07 17.76 29.22
CA LEU G 64 -6.61 17.44 27.91
C LEU G 64 -6.39 15.98 27.55
N GLY G 65 -5.20 15.44 27.84
CA GLY G 65 -4.94 14.04 27.57
C GLY G 65 -5.85 13.11 28.35
N ILE G 66 -6.02 13.40 29.65
CA ILE G 66 -6.93 12.58 30.46
C ILE G 66 -8.35 12.66 29.91
N PHE G 67 -8.78 13.87 29.51
CA PHE G 67 -10.11 14.04 28.95
C PHE G 67 -10.29 13.20 27.69
N VAL G 68 -9.32 13.26 26.78
CA VAL G 68 -9.41 12.51 25.53
C VAL G 68 -9.45 11.02 25.81
N PHE G 69 -8.63 10.55 26.74
CA PHE G 69 -8.60 9.12 27.05
C PHE G 69 -9.96 8.65 27.58
N THR G 70 -10.48 9.33 28.62
CA THR G 70 -11.74 8.89 29.20
C THR G 70 -12.89 9.03 28.21
N ALA G 71 -12.89 10.10 27.42
CA ALA G 71 -13.94 10.29 26.42
C ALA G 71 -13.89 9.22 25.36
N SER G 72 -12.68 8.83 24.92
CA SER G 72 -12.55 7.77 23.92
C SER G 72 -13.02 6.43 24.45
N VAL G 73 -12.68 6.11 25.70
CA VAL G 73 -13.12 4.84 26.29
C VAL G 73 -14.64 4.81 26.40
N THR G 74 -15.23 5.89 26.92
CA THR G 74 -16.68 5.95 27.02
C THR G 74 -17.31 5.90 25.64
N GLY G 75 -16.71 6.56 24.65
CA GLY G 75 -17.26 6.56 23.32
C GLY G 75 -17.26 5.19 22.67
N ILE G 76 -16.15 4.45 22.78
CA ILE G 76 -16.11 3.13 22.18
C ILE G 76 -17.10 2.19 22.87
N ILE G 77 -17.14 2.22 24.20
CA ILE G 77 -18.03 1.30 24.90
C ILE G 77 -19.50 1.64 24.60
N ALA G 78 -19.86 2.93 24.59
CA ALA G 78 -21.23 3.31 24.30
C ALA G 78 -21.59 3.08 22.84
N GLY G 79 -20.62 3.23 21.93
CA GLY G 79 -20.88 2.95 20.53
C GLY G 79 -21.16 1.49 20.28
N VAL G 80 -20.41 0.60 20.93
CA VAL G 80 -20.70 -0.82 20.79
C VAL G 80 -22.05 -1.15 21.43
N ALA G 81 -22.34 -0.54 22.59
CA ALA G 81 -23.63 -0.78 23.23
C ALA G 81 -24.78 -0.33 22.34
N ALA G 82 -24.65 0.82 21.69
CA ALA G 82 -25.71 1.32 20.82
C ALA G 82 -25.80 0.52 19.52
N ILE G 83 -24.66 0.05 19.01
CA ILE G 83 -24.68 -0.76 17.80
C ILE G 83 -25.24 -2.13 18.07
N ALA G 84 -25.28 -2.56 19.33
CA ALA G 84 -26.04 -3.75 19.67
C ALA G 84 -27.53 -3.56 19.34
N ASN G 85 -28.01 -2.32 19.41
CA ASN G 85 -29.37 -2.00 19.00
C ASN G 85 -29.47 -1.98 17.48
N ALA G 86 -30.71 -1.77 16.99
CA ALA G 86 -31.04 -1.77 15.57
C ALA G 86 -30.89 -3.17 14.98
N PHE G 87 -30.42 -4.11 15.81
CA PHE G 87 -30.33 -5.52 15.45
C PHE G 87 -31.01 -6.43 16.47
N GLY G 88 -31.38 -5.92 17.64
CA GLY G 88 -31.99 -6.71 18.69
C GLY G 88 -31.01 -7.33 19.65
N ALA G 89 -29.71 -7.24 19.38
CA ALA G 89 -28.72 -7.87 20.25
C ALA G 89 -28.61 -7.15 21.59
N SER G 90 -28.32 -7.92 22.63
CA SER G 90 -28.18 -7.39 23.98
C SER G 90 -26.70 -7.30 24.33
N PHE G 91 -26.30 -6.13 24.84
CA PHE G 91 -24.91 -5.87 25.22
C PHE G 91 -24.93 -5.32 26.66
N ALA G 92 -24.94 -6.23 27.63
CA ALA G 92 -24.96 -5.87 29.04
C ALA G 92 -23.53 -5.95 29.56
N VAL G 93 -22.78 -4.86 29.41
CA VAL G 93 -21.38 -4.81 29.80
C VAL G 93 -21.11 -3.79 30.90
N SER G 94 -22.11 -3.01 31.30
CA SER G 94 -21.97 -1.99 32.34
C SER G 94 -20.81 -1.06 32.01
N PRO G 95 -20.98 -0.14 31.06
CA PRO G 95 -19.85 0.70 30.63
C PRO G 95 -19.21 1.49 31.75
N ILE G 96 -19.97 1.84 32.79
CA ILE G 96 -19.40 2.63 33.88
C ILE G 96 -18.31 1.84 34.60
N ASP G 97 -18.52 0.54 34.80
CA ASP G 97 -17.52 -0.27 35.49
C ASP G 97 -16.21 -0.31 34.73
N VAL G 98 -16.28 -0.52 33.41
CA VAL G 98 -15.05 -0.63 32.63
C VAL G 98 -14.36 0.73 32.50
N VAL G 99 -15.14 1.81 32.33
CA VAL G 99 -14.51 3.12 32.24
C VAL G 99 -13.91 3.53 33.57
N ASN G 100 -14.45 3.04 34.68
CA ASN G 100 -13.82 3.30 35.98
C ASN G 100 -12.54 2.49 36.14
N ALA G 101 -12.61 1.18 35.86
CA ALA G 101 -11.48 0.29 36.11
C ALA G 101 -10.29 0.59 35.21
N LEU G 102 -10.54 0.94 33.95
CA LEU G 102 -9.46 1.22 33.02
C LEU G 102 -8.83 2.59 33.25
N ILE G 103 -9.57 3.54 33.82
CA ILE G 103 -9.10 4.91 33.89
C ILE G 103 -8.66 5.27 35.30
N PHE G 104 -9.58 5.23 36.27
CA PHE G 104 -9.34 5.86 37.55
C PHE G 104 -8.92 4.89 38.65
N GLN G 105 -9.22 3.60 38.50
CA GLN G 105 -8.82 2.63 39.53
C GLN G 105 -7.32 2.54 39.73
N PRO G 106 -6.48 2.41 38.69
CA PRO G 106 -5.03 2.39 38.93
C PRO G 106 -4.50 3.69 39.51
N ILE G 107 -5.11 4.82 39.18
CA ILE G 107 -4.57 6.12 39.60
C ILE G 107 -4.78 6.33 41.10
N VAL G 108 -5.95 5.98 41.61
CA VAL G 108 -6.32 6.39 42.96
C VAL G 108 -5.42 5.75 44.00
N ASP G 109 -5.09 4.48 43.84
CA ASP G 109 -4.40 3.76 44.90
C ASP G 109 -2.88 3.98 44.87
N MET G 110 -2.47 5.24 44.84
CA MET G 110 -1.06 5.61 44.82
C MET G 110 -0.83 6.78 45.76
N VAL G 111 0.29 6.75 46.48
CA VAL G 111 0.65 7.80 47.42
C VAL G 111 2.04 8.31 47.07
N LYS G 112 2.15 9.61 46.86
CA LYS G 112 3.44 10.24 46.60
C LYS G 112 3.86 11.11 47.78
N THR H 1 -31.07 -5.51 5.05
CA THR H 1 -32.25 -6.35 5.15
C THR H 1 -33.46 -5.67 4.50
N SER H 2 -33.65 -4.39 4.79
CA SER H 2 -34.77 -3.63 4.28
C SER H 2 -34.35 -2.18 4.07
N VAL H 3 -35.06 -1.51 3.15
CA VAL H 3 -34.59 -0.22 2.65
C VAL H 3 -34.69 0.86 3.73
N GLU H 4 -35.85 0.95 4.39
CA GLU H 4 -36.05 2.02 5.36
C GLU H 4 -35.14 1.87 6.56
N PHE H 5 -34.65 0.65 6.84
CA PHE H 5 -33.64 0.48 7.87
C PHE H 5 -32.38 1.27 7.54
N TRP H 6 -31.85 1.09 6.33
CA TRP H 6 -30.68 1.84 5.91
C TRP H 6 -30.99 3.34 5.82
N GLN H 7 -32.19 3.68 5.37
CA GLN H 7 -32.58 5.09 5.32
C GLN H 7 -32.51 5.72 6.71
N ASN H 8 -33.08 5.05 7.71
CA ASN H 8 -33.09 5.57 9.07
C ASN H 8 -31.67 5.68 9.63
N ILE H 9 -30.84 4.65 9.41
CA ILE H 9 -29.49 4.70 9.96
C ILE H 9 -28.70 5.84 9.32
N ALA H 10 -28.84 6.02 8.00
CA ALA H 10 -28.13 7.10 7.32
C ALA H 10 -28.61 8.46 7.80
N SER H 11 -29.92 8.64 7.95
CA SER H 11 -30.44 9.91 8.43
C SER H 11 -29.95 10.22 9.85
N GLY H 12 -29.95 9.21 10.72
CA GLY H 12 -29.50 9.42 12.08
C GLY H 12 -28.04 9.81 12.15
N VAL H 13 -27.18 9.08 11.42
CA VAL H 13 -25.77 9.41 11.45
C VAL H 13 -25.52 10.77 10.82
N GLY H 14 -26.29 11.13 9.79
CA GLY H 14 -26.14 12.46 9.19
C GLY H 14 -26.46 13.58 10.15
N LYS H 15 -27.60 13.45 10.85
CA LYS H 15 -27.95 14.50 11.81
C LYS H 15 -26.94 14.57 12.95
N TRP H 16 -26.47 13.41 13.42
CA TRP H 16 -25.46 13.41 14.48
C TRP H 16 -24.19 14.11 14.01
N LEU H 17 -23.74 13.82 12.79
CA LEU H 17 -22.52 14.42 12.28
C LEU H 17 -22.66 15.92 12.10
N ARG H 18 -23.80 16.39 11.58
CA ARG H 18 -23.94 17.84 11.41
C ARG H 18 -24.02 18.55 12.77
N ALA H 19 -24.69 17.93 13.74
CA ALA H 19 -24.74 18.51 15.08
C ALA H 19 -23.35 18.61 15.69
N ILE H 20 -22.56 17.54 15.60
CA ILE H 20 -21.22 17.60 16.18
C ILE H 20 -20.32 18.53 15.38
N PHE H 21 -20.60 18.73 14.09
CA PHE H 21 -19.86 19.72 13.32
C PHE H 21 -20.14 21.14 13.81
N ALA H 22 -21.40 21.45 14.10
CA ALA H 22 -21.71 22.74 14.69
C ALA H 22 -21.04 22.91 16.05
N ILE H 23 -21.05 21.84 16.86
CA ILE H 23 -20.33 21.85 18.13
C ILE H 23 -18.85 22.14 17.91
N ALA H 24 -18.29 21.56 16.85
CA ALA H 24 -16.88 21.77 16.53
C ALA H 24 -16.59 23.23 16.18
N PHE H 25 -17.47 23.84 15.38
CA PHE H 25 -17.28 25.24 15.03
C PHE H 25 -17.32 26.12 16.27
N TRP H 26 -18.28 25.88 17.15
CA TRP H 26 -18.37 26.71 18.36
C TRP H 26 -17.22 26.39 19.33
N SER H 27 -16.66 25.18 19.26
CA SER H 27 -15.46 24.87 20.03
C SER H 27 -14.25 25.62 19.47
N SER H 28 -14.18 25.80 18.16
CA SER H 28 -13.15 26.67 17.60
C SER H 28 -13.32 28.10 18.14
N LEU H 29 -14.57 28.55 18.25
CA LEU H 29 -14.81 29.87 18.84
C LEU H 29 -14.33 29.94 20.29
N ILE H 30 -14.63 28.90 21.08
CA ILE H 30 -14.20 28.93 22.48
C ILE H 30 -12.67 28.85 22.58
N LEU H 31 -12.02 28.17 21.64
CA LEU H 31 -10.57 28.15 21.63
C LEU H 31 -10.01 29.53 21.30
N LEU H 32 -10.67 30.25 20.39
CA LEU H 32 -10.36 31.66 20.17
C LEU H 32 -10.45 32.43 21.48
N THR H 33 -11.51 32.19 22.26
CA THR H 33 -11.68 32.85 23.55
C THR H 33 -10.54 32.49 24.52
N PHE H 34 -10.12 31.23 24.50
CA PHE H 34 -9.04 30.80 25.38
C PHE H 34 -7.73 31.50 25.03
N TYR H 35 -7.43 31.61 23.73
CA TYR H 35 -6.26 32.39 23.35
C TYR H 35 -6.42 33.86 23.72
N ALA H 36 -7.64 34.38 23.69
CA ALA H 36 -7.87 35.75 24.12
C ALA H 36 -7.51 35.93 25.59
N ILE H 37 -7.98 35.04 26.46
CA ILE H 37 -7.64 35.18 27.87
C ILE H 37 -6.15 34.93 28.08
N MET H 38 -5.54 34.07 27.26
CA MET H 38 -4.09 33.85 27.38
C MET H 38 -3.32 35.14 27.10
N THR H 39 -3.62 35.79 25.97
CA THR H 39 -2.94 37.04 25.65
C THR H 39 -3.34 38.16 26.60
N GLN H 40 -4.48 38.04 27.27
CA GLN H 40 -4.86 39.03 28.26
C GLN H 40 -4.09 38.85 29.56
N VAL H 41 -3.74 37.62 29.93
CA VAL H 41 -3.17 37.34 31.24
C VAL H 41 -1.67 37.03 31.18
N ALA H 42 -1.14 36.62 30.03
CA ALA H 42 0.24 36.19 29.97
C ALA H 42 1.17 37.30 30.46
N PRO H 43 2.05 37.03 31.41
CA PRO H 43 2.81 38.11 32.05
C PRO H 43 3.77 38.80 31.11
N SER H 44 4.66 38.04 30.47
CA SER H 44 5.64 38.64 29.59
C SER H 44 5.00 39.08 28.28
N LYS H 45 5.61 40.09 27.65
CA LYS H 45 5.12 40.59 26.37
C LYS H 45 5.21 39.51 25.30
N VAL H 46 6.29 38.74 25.29
CA VAL H 46 6.52 37.76 24.24
C VAL H 46 5.41 36.71 24.23
N PHE H 47 4.94 36.30 25.41
CA PHE H 47 3.89 35.29 25.45
C PHE H 47 2.56 35.85 24.95
N ARG H 48 2.25 37.09 25.29
CA ARG H 48 1.05 37.73 24.75
C ARG H 48 1.14 37.86 23.23
N LEU H 49 2.32 38.22 22.73
CA LEU H 49 2.53 38.31 21.29
C LEU H 49 2.32 36.97 20.60
N GLY H 50 2.88 35.90 21.18
CA GLY H 50 2.67 34.58 20.61
C GLY H 50 1.22 34.13 20.67
N ALA H 51 0.53 34.51 21.74
CA ALA H 51 -0.90 34.20 21.83
C ALA H 51 -1.69 34.94 20.76
N LEU H 52 -1.33 36.19 20.48
CA LEU H 52 -1.98 36.90 19.38
C LEU H 52 -1.72 36.21 18.05
N VAL H 53 -0.47 35.78 17.82
CA VAL H 53 -0.13 35.13 16.56
C VAL H 53 -0.91 33.83 16.39
N ASP H 54 -0.97 32.99 17.44
CA ASP H 54 -1.69 31.74 17.29
C ASP H 54 -3.20 31.95 17.29
N LEU H 55 -3.69 33.04 17.87
CA LEU H 55 -5.09 33.42 17.71
C LEU H 55 -5.41 33.70 16.24
N ILE H 56 -4.54 34.47 15.58
CA ILE H 56 -4.71 34.72 14.15
C ILE H 56 -4.59 33.41 13.36
N GLU H 57 -3.69 32.54 13.79
CA GLU H 57 -3.54 31.24 13.15
C GLU H 57 -4.84 30.45 13.24
N SER H 58 -5.46 30.43 14.42
CA SER H 58 -6.69 29.68 14.62
C SER H 58 -7.83 30.24 13.77
N VAL H 59 -7.97 31.57 13.73
CA VAL H 59 -9.06 32.15 12.95
C VAL H 59 -8.86 31.88 11.46
N LYS H 60 -7.60 31.99 11.00
CA LYS H 60 -7.33 31.73 9.59
C LYS H 60 -7.58 30.28 9.23
N THR H 61 -7.22 29.34 10.11
CA THR H 61 -7.40 27.93 9.79
C THR H 61 -8.87 27.53 9.84
N VAL H 62 -9.64 28.09 10.78
CA VAL H 62 -11.07 27.79 10.80
C VAL H 62 -11.76 28.36 9.56
N LEU H 63 -11.37 29.57 9.15
CA LEU H 63 -11.98 30.15 7.95
C LEU H 63 -11.62 29.34 6.71
N LEU H 64 -10.36 28.93 6.59
CA LEU H 64 -9.93 28.12 5.46
C LEU H 64 -10.65 26.77 5.43
N GLY H 65 -10.81 26.13 6.59
CA GLY H 65 -11.53 24.87 6.63
C GLY H 65 -12.97 25.00 6.20
N ILE H 66 -13.66 26.04 6.70
CA ILE H 66 -15.04 26.28 6.28
C ILE H 66 -15.11 26.52 4.78
N PHE H 67 -14.16 27.30 4.26
CA PHE H 67 -14.14 27.58 2.82
C PHE H 67 -13.97 26.29 2.02
N VAL H 68 -13.03 25.44 2.42
CA VAL H 68 -12.80 24.20 1.70
C VAL H 68 -14.02 23.30 1.74
N PHE H 69 -14.67 23.22 2.92
CA PHE H 69 -15.85 22.37 3.04
C PHE H 69 -16.97 22.84 2.11
N THR H 70 -17.32 24.13 2.19
CA THR H 70 -18.42 24.62 1.37
C THR H 70 -18.08 24.56 -0.11
N ALA H 71 -16.82 24.85 -0.47
CA ALA H 71 -16.42 24.78 -1.87
C ALA H 71 -16.46 23.35 -2.38
N SER H 72 -16.06 22.38 -1.57
CA SER H 72 -16.11 20.99 -1.99
C SER H 72 -17.55 20.51 -2.18
N VAL H 73 -18.45 20.90 -1.27
CA VAL H 73 -19.85 20.50 -1.41
C VAL H 73 -20.46 21.09 -2.67
N THR H 74 -20.23 22.39 -2.89
CA THR H 74 -20.74 23.03 -4.10
C THR H 74 -20.11 22.40 -5.34
N GLY H 75 -18.82 22.06 -5.27
CA GLY H 75 -18.15 21.46 -6.41
C GLY H 75 -18.70 20.10 -6.77
N ILE H 76 -18.91 19.24 -5.78
CA ILE H 76 -19.43 17.91 -6.09
C ILE H 76 -20.85 18.01 -6.63
N ILE H 77 -21.70 18.85 -6.01
CA ILE H 77 -23.08 18.93 -6.48
C ILE H 77 -23.14 19.52 -7.89
N ALA H 78 -22.36 20.57 -8.16
CA ALA H 78 -22.37 21.17 -9.48
C ALA H 78 -21.72 20.27 -10.52
N GLY H 79 -20.72 19.48 -10.12
CA GLY H 79 -20.11 18.55 -11.05
C GLY H 79 -21.07 17.46 -11.47
N VAL H 80 -21.84 16.92 -10.52
CA VAL H 80 -22.85 15.93 -10.88
C VAL H 80 -23.93 16.56 -11.75
N ALA H 81 -24.33 17.80 -11.42
CA ALA H 81 -25.34 18.48 -12.23
C ALA H 81 -24.86 18.69 -13.66
N ALA H 82 -23.59 19.08 -13.83
CA ALA H 82 -23.05 19.31 -15.16
C ALA H 82 -22.81 18.00 -15.90
N ILE H 83 -22.43 16.94 -15.18
CA ILE H 83 -22.22 15.65 -15.82
C ILE H 83 -23.54 15.03 -16.21
N ALA H 84 -24.66 15.49 -15.64
CA ALA H 84 -25.96 15.12 -16.19
C ALA H 84 -26.12 15.59 -17.62
N ASN H 85 -25.45 16.70 -17.97
CA ASN H 85 -25.43 17.18 -19.34
C ASN H 85 -24.49 16.34 -20.18
N ALA H 86 -24.44 16.63 -21.48
CA ALA H 86 -23.65 15.92 -22.48
C ALA H 86 -24.21 14.51 -22.69
N PHE H 87 -25.22 14.15 -21.91
CA PHE H 87 -25.95 12.90 -22.05
C PHE H 87 -27.45 13.09 -22.16
N GLY H 88 -27.96 14.30 -21.90
CA GLY H 88 -29.38 14.57 -21.93
C GLY H 88 -30.10 14.34 -20.62
N ALA H 89 -29.43 13.78 -19.62
CA ALA H 89 -30.08 13.48 -18.36
C ALA H 89 -30.40 14.75 -17.58
N SER H 90 -31.50 14.71 -16.84
CA SER H 90 -31.94 15.84 -16.02
C SER H 90 -31.61 15.58 -14.56
N PHE H 91 -30.98 16.57 -13.93
CA PHE H 91 -30.58 16.48 -12.52
C PHE H 91 -31.11 17.74 -11.82
N ALA H 92 -32.36 17.66 -11.38
CA ALA H 92 -33.01 18.78 -10.68
C ALA H 92 -32.93 18.50 -9.19
N VAL H 93 -31.82 18.93 -8.58
CA VAL H 93 -31.57 18.68 -7.17
C VAL H 93 -31.47 19.96 -6.35
N SER H 94 -31.50 21.14 -7.00
CA SER H 94 -31.41 22.42 -6.33
C SER H 94 -30.18 22.47 -5.45
N PRO H 95 -28.98 22.63 -6.04
CA PRO H 95 -27.74 22.56 -5.25
C PRO H 95 -27.69 23.55 -4.11
N ILE H 96 -28.36 24.71 -4.24
CA ILE H 96 -28.31 25.71 -3.19
C ILE H 96 -28.96 25.18 -1.91
N ASP H 97 -30.06 24.44 -2.04
CA ASP H 97 -30.73 23.91 -0.86
C ASP H 97 -29.83 22.95 -0.10
N VAL H 98 -29.17 22.04 -0.81
CA VAL H 98 -28.33 21.04 -0.14
C VAL H 98 -27.09 21.70 0.45
N VAL H 99 -26.47 22.65 -0.27
CA VAL H 99 -25.29 23.31 0.27
C VAL H 99 -25.65 24.17 1.46
N ASN H 100 -26.89 24.68 1.53
CA ASN H 100 -27.32 25.41 2.71
C ASN H 100 -27.55 24.46 3.88
N ALA H 101 -28.31 23.38 3.64
CA ALA H 101 -28.71 22.48 4.72
C ALA H 101 -27.53 21.73 5.31
N LEU H 102 -26.57 21.32 4.49
CA LEU H 102 -25.43 20.57 4.98
C LEU H 102 -24.40 21.46 5.69
N ILE H 103 -24.36 22.75 5.36
CA ILE H 103 -23.29 23.60 5.85
C ILE H 103 -23.78 24.54 6.94
N PHE H 104 -24.73 25.42 6.61
CA PHE H 104 -25.03 26.54 7.48
C PHE H 104 -26.27 26.35 8.35
N GLN H 105 -27.17 25.45 7.97
CA GLN H 105 -28.36 25.22 8.80
C GLN H 105 -28.04 24.73 10.20
N PRO H 106 -27.20 23.72 10.40
CA PRO H 106 -26.88 23.31 11.78
C PRO H 106 -26.17 24.40 12.58
N ILE H 107 -25.37 25.23 11.92
CA ILE H 107 -24.56 26.21 12.64
C ILE H 107 -25.43 27.32 13.20
N VAL H 108 -26.40 27.81 12.42
CA VAL H 108 -27.08 29.05 12.78
C VAL H 108 -27.89 28.88 14.07
N ASP H 109 -28.56 27.75 14.23
CA ASP H 109 -29.51 27.60 15.33
C ASP H 109 -28.82 27.20 16.63
N MET H 110 -27.79 27.94 17.02
CA MET H 110 -27.05 27.67 18.25
C MET H 110 -26.75 28.99 18.95
N VAL H 111 -26.86 28.98 20.28
CA VAL H 111 -26.60 30.16 21.09
C VAL H 111 -25.56 29.81 22.14
N LYS H 112 -24.49 30.58 22.18
CA LYS H 112 -23.45 30.41 23.19
C LYS H 112 -23.45 31.58 24.17
N THR I 1 -19.58 7.00 -27.83
CA THR I 1 -20.62 6.88 -28.84
C THR I 1 -20.15 7.42 -30.17
N SER I 2 -19.50 8.59 -30.14
CA SER I 2 -19.02 9.23 -31.36
C SER I 2 -17.74 9.99 -31.05
N VAL I 3 -16.92 10.18 -32.09
CA VAL I 3 -15.56 10.64 -31.89
C VAL I 3 -15.52 12.09 -31.41
N GLU I 4 -16.26 12.97 -32.09
CA GLU I 4 -16.19 14.39 -31.75
C GLU I 4 -16.76 14.66 -30.37
N PHE I 5 -17.62 13.78 -29.86
CA PHE I 5 -18.06 13.89 -28.46
C PHE I 5 -16.88 13.81 -27.51
N TRP I 6 -16.05 12.76 -27.66
CA TRP I 6 -14.87 12.63 -26.82
C TRP I 6 -13.88 13.75 -27.08
N GLN I 7 -13.76 14.18 -28.34
CA GLN I 7 -12.87 15.30 -28.65
C GLN I 7 -13.29 16.56 -27.89
N ASN I 8 -14.59 16.87 -27.91
CA ASN I 8 -15.09 18.05 -27.23
C ASN I 8 -14.91 17.95 -25.72
N ILE I 9 -15.20 16.78 -25.14
CA ILE I 9 -15.06 16.66 -23.69
C ILE I 9 -13.60 16.80 -23.27
N ALA I 10 -12.68 16.20 -24.05
CA ALA I 10 -11.26 16.31 -23.74
C ALA I 10 -10.77 17.74 -23.87
N SER I 11 -11.19 18.44 -24.93
CA SER I 11 -10.77 19.82 -25.10
C SER I 11 -11.29 20.70 -23.97
N GLY I 12 -12.56 20.50 -23.58
CA GLY I 12 -13.12 21.30 -22.50
C GLY I 12 -12.40 21.09 -21.19
N VAL I 13 -12.17 19.82 -20.82
CA VAL I 13 -11.48 19.56 -19.56
C VAL I 13 -10.04 20.06 -19.62
N GLY I 14 -9.40 19.99 -20.79
CA GLY I 14 -8.05 20.53 -20.90
C GLY I 14 -7.98 22.02 -20.68
N LYS I 15 -8.89 22.77 -21.32
CA LYS I 15 -8.89 24.21 -21.12
C LYS I 15 -9.23 24.58 -19.68
N TRP I 16 -10.18 23.85 -19.08
CA TRP I 16 -10.51 24.11 -17.67
C TRP I 16 -9.30 23.87 -16.78
N LEU I 17 -8.58 22.78 -17.01
CA LEU I 17 -7.43 22.45 -16.18
C LEU I 17 -6.31 23.48 -16.34
N ARG I 18 -6.03 23.92 -17.57
CA ARG I 18 -4.97 24.91 -17.72
C ARG I 18 -5.37 26.25 -17.11
N ALA I 19 -6.64 26.63 -17.21
CA ALA I 19 -7.10 27.86 -16.58
C ALA I 19 -6.95 27.79 -15.08
N ILE I 20 -7.37 26.68 -14.47
CA ILE I 20 -7.26 26.58 -13.01
C ILE I 20 -5.80 26.45 -12.60
N PHE I 21 -4.93 25.93 -13.47
CA PHE I 21 -3.51 25.91 -13.17
C PHE I 21 -2.92 27.31 -13.12
N ALA I 22 -3.32 28.17 -14.07
CA ALA I 22 -2.89 29.57 -14.01
C ALA I 22 -3.42 30.24 -12.75
N ILE I 23 -4.67 29.96 -12.39
CA ILE I 23 -5.24 30.47 -11.14
C ILE I 23 -4.39 29.99 -9.96
N ALA I 24 -3.94 28.75 -10.01
CA ALA I 24 -3.12 28.19 -8.93
C ALA I 24 -1.79 28.93 -8.81
N PHE I 25 -1.15 29.21 -9.94
CA PHE I 25 0.11 29.94 -9.91
C PHE I 25 -0.07 31.32 -9.30
N TRP I 26 -1.12 32.02 -9.72
CA TRP I 26 -1.34 33.36 -9.16
C TRP I 26 -1.80 33.30 -7.71
N SER I 27 -2.41 32.18 -7.29
CA SER I 27 -2.70 31.98 -5.87
C SER I 27 -1.43 31.75 -5.07
N SER I 28 -0.45 31.08 -5.66
CA SER I 28 0.86 30.99 -5.01
C SER I 28 1.46 32.38 -4.84
N LEU I 29 1.29 33.24 -5.86
CA LEU I 29 1.75 34.62 -5.73
C LEU I 29 1.03 35.36 -4.60
N ILE I 30 -0.30 35.19 -4.50
CA ILE I 30 -1.01 35.90 -3.43
C ILE I 30 -0.63 35.34 -2.07
N LEU I 31 -0.29 34.05 -1.98
CA LEU I 31 0.19 33.50 -0.72
C LEU I 31 1.55 34.08 -0.35
N LEU I 32 2.41 34.31 -1.36
CA LEU I 32 3.63 35.08 -1.15
C LEU I 32 3.31 36.44 -0.56
N THR I 33 2.29 37.11 -1.10
CA THR I 33 1.88 38.42 -0.59
C THR I 33 1.39 38.32 0.85
N PHE I 34 0.66 37.25 1.19
CA PHE I 34 0.17 37.07 2.55
C PHE I 34 1.32 36.89 3.53
N TYR I 35 2.31 36.09 3.15
CA TYR I 35 3.50 35.99 4.01
C TYR I 35 4.24 37.32 4.11
N ALA I 36 4.20 38.12 3.04
CA ALA I 36 4.81 39.44 3.09
C ALA I 36 4.13 40.32 4.14
N ILE I 37 2.80 40.36 4.14
CA ILE I 37 2.11 41.18 5.13
C ILE I 37 2.30 40.59 6.52
N MET I 38 2.41 39.26 6.63
CA MET I 38 2.69 38.65 7.93
C MET I 38 4.02 39.12 8.50
N THR I 39 5.09 39.02 7.70
CA THR I 39 6.39 39.48 8.18
C THR I 39 6.43 40.99 8.34
N GLN I 40 5.54 41.72 7.68
CA GLN I 40 5.47 43.16 7.87
C GLN I 40 4.78 43.52 9.18
N VAL I 41 3.80 42.74 9.61
CA VAL I 41 2.97 43.10 10.75
C VAL I 41 3.30 42.30 12.01
N ALA I 42 3.91 41.14 11.89
CA ALA I 42 4.12 40.28 13.05
C ALA I 42 4.89 41.03 14.13
N PRO I 43 4.38 41.08 15.36
CA PRO I 43 4.99 41.96 16.38
C PRO I 43 6.40 41.54 16.77
N SER I 44 6.57 40.30 17.19
CA SER I 44 7.88 39.84 17.63
C SER I 44 8.80 39.62 16.45
N LYS I 45 10.10 39.74 16.71
CA LYS I 45 11.09 39.52 15.66
C LYS I 45 11.06 38.08 15.17
N VAL I 46 10.88 37.12 16.09
CA VAL I 46 10.95 35.72 15.72
C VAL I 46 9.85 35.36 14.73
N PHE I 47 8.66 35.94 14.88
CA PHE I 47 7.57 35.62 13.96
C PHE I 47 7.83 36.20 12.58
N ARG I 48 8.38 37.42 12.51
CA ARG I 48 8.77 37.99 11.23
C ARG I 48 9.86 37.14 10.56
N LEU I 49 10.83 36.67 11.34
CA LEU I 49 11.87 35.81 10.83
C LEU I 49 11.29 34.52 10.25
N GLY I 50 10.38 33.89 11.00
CA GLY I 50 9.74 32.67 10.50
C GLY I 50 8.92 32.92 9.25
N ALA I 51 8.26 34.08 9.18
CA ALA I 51 7.52 34.43 7.97
C ALA I 51 8.45 34.61 6.79
N LEU I 52 9.61 35.22 7.00
CA LEU I 52 10.60 35.30 5.92
C LEU I 52 11.05 33.92 5.47
N VAL I 53 11.31 33.02 6.42
CA VAL I 53 11.77 31.68 6.08
C VAL I 53 10.70 30.94 5.27
N ASP I 54 9.45 30.98 5.71
CA ASP I 54 8.42 30.26 4.97
C ASP I 54 8.05 30.96 3.66
N LEU I 55 8.29 32.27 3.56
CA LEU I 55 8.20 32.95 2.27
C LEU I 55 9.20 32.39 1.28
N ILE I 56 10.45 32.23 1.73
CA ILE I 56 11.48 31.63 0.88
C ILE I 56 11.11 30.18 0.56
N GLU I 57 10.54 29.47 1.54
CA GLU I 57 10.07 28.11 1.30
C GLU I 57 9.04 28.07 0.19
N SER I 58 8.07 28.99 0.24
CA SER I 58 7.01 29.02 -0.77
C SER I 58 7.55 29.33 -2.16
N VAL I 59 8.46 30.32 -2.26
CA VAL I 59 8.99 30.66 -3.57
C VAL I 59 9.82 29.50 -4.13
N LYS I 60 10.61 28.86 -3.27
CA LYS I 60 11.42 27.73 -3.73
C LYS I 60 10.55 26.56 -4.18
N THR I 61 9.45 26.28 -3.45
CA THR I 61 8.62 25.15 -3.82
C THR I 61 7.82 25.42 -5.08
N VAL I 62 7.35 26.66 -5.27
CA VAL I 62 6.66 26.98 -6.52
C VAL I 62 7.60 26.90 -7.71
N LEU I 63 8.85 27.39 -7.54
CA LEU I 63 9.80 27.32 -8.64
C LEU I 63 10.14 25.87 -8.96
N LEU I 64 10.35 25.04 -7.93
CA LEU I 64 10.65 23.64 -8.15
C LEU I 64 9.50 22.91 -8.83
N GLY I 65 8.26 23.20 -8.43
CA GLY I 65 7.12 22.58 -9.06
C GLY I 65 6.99 22.95 -10.53
N ILE I 66 7.17 24.24 -10.84
CA ILE I 66 7.14 24.66 -12.24
C ILE I 66 8.24 23.97 -13.04
N PHE I 67 9.43 23.87 -12.44
CA PHE I 67 10.55 23.21 -13.13
C PHE I 67 10.21 21.75 -13.42
N VAL I 68 9.68 21.04 -12.43
CA VAL I 68 9.35 19.62 -12.62
C VAL I 68 8.28 19.46 -13.70
N PHE I 69 7.26 20.33 -13.68
CA PHE I 69 6.20 20.23 -14.68
C PHE I 69 6.74 20.42 -16.09
N THR I 70 7.48 21.52 -16.32
CA THR I 70 7.98 21.79 -17.67
C THR I 70 8.99 20.73 -18.10
N ALA I 71 9.84 20.27 -17.17
CA ALA I 71 10.81 19.24 -17.51
C ALA I 71 10.13 17.93 -17.86
N SER I 72 9.07 17.57 -17.13
CA SER I 72 8.34 16.34 -17.43
C SER I 72 7.66 16.42 -18.79
N VAL I 73 7.05 17.56 -19.11
CA VAL I 73 6.39 17.70 -20.41
C VAL I 73 7.41 17.59 -21.54
N THR I 74 8.51 18.32 -21.41
CA THR I 74 9.56 18.23 -22.42
C THR I 74 10.12 16.82 -22.51
N GLY I 75 10.27 16.15 -21.37
CA GLY I 75 10.81 14.80 -21.37
C GLY I 75 9.90 13.81 -22.07
N ILE I 76 8.60 13.85 -21.78
CA ILE I 76 7.69 12.92 -22.44
C ILE I 76 7.64 13.18 -23.94
N ILE I 77 7.54 14.45 -24.35
CA ILE I 77 7.43 14.74 -25.77
C ILE I 77 8.72 14.35 -26.50
N ALA I 78 9.88 14.66 -25.92
CA ALA I 78 11.14 14.30 -26.55
C ALA I 78 11.38 12.80 -26.54
N GLY I 79 10.92 12.11 -25.49
CA GLY I 79 11.06 10.67 -25.46
C GLY I 79 10.25 9.98 -26.53
N VAL I 80 9.01 10.45 -26.75
CA VAL I 80 8.22 9.89 -27.84
C VAL I 80 8.85 10.22 -29.18
N ALA I 81 9.36 11.45 -29.33
CA ALA I 81 10.01 11.82 -30.58
C ALA I 81 11.23 10.95 -30.86
N ALA I 82 12.03 10.66 -29.83
CA ALA I 82 13.22 9.84 -30.02
C ALA I 82 12.85 8.37 -30.21
N ILE I 83 11.79 7.90 -29.56
CA ILE I 83 11.36 6.52 -29.74
C ILE I 83 10.74 6.32 -31.11
N ALA I 84 10.32 7.40 -31.78
CA ALA I 84 9.97 7.29 -33.19
C ALA I 84 11.17 6.83 -34.02
N ASN I 85 12.38 7.17 -33.58
CA ASN I 85 13.59 6.70 -34.22
C ASN I 85 13.85 5.24 -33.83
N ALA I 86 14.91 4.67 -34.43
CA ALA I 86 15.30 3.27 -34.26
C ALA I 86 14.27 2.34 -34.89
N PHE I 87 13.18 2.93 -35.40
CA PHE I 87 12.15 2.21 -36.14
C PHE I 87 11.86 2.82 -37.50
N GLY I 88 12.36 4.03 -37.77
CA GLY I 88 12.10 4.72 -39.01
C GLY I 88 10.87 5.60 -39.00
N ALA I 89 10.06 5.55 -37.94
CA ALA I 89 8.83 6.32 -37.89
C ALA I 89 9.13 7.81 -37.75
N SER I 90 8.26 8.63 -38.33
CA SER I 90 8.38 10.08 -38.28
C SER I 90 7.39 10.64 -37.28
N PHE I 91 7.88 11.50 -36.38
CA PHE I 91 7.06 12.13 -35.35
C PHE I 91 7.30 13.63 -35.42
N ALA I 92 6.56 14.30 -36.30
CA ALA I 92 6.67 15.76 -36.48
C ALA I 92 5.56 16.41 -35.68
N VAL I 93 5.84 16.68 -34.40
CA VAL I 93 4.86 17.25 -33.49
C VAL I 93 5.28 18.61 -32.97
N SER I 94 6.48 19.09 -33.28
CA SER I 94 6.98 20.37 -32.83
C SER I 94 6.88 20.48 -31.31
N PRO I 95 7.76 19.80 -30.57
CA PRO I 95 7.62 19.77 -29.10
C PRO I 95 7.61 21.14 -28.45
N ILE I 96 8.27 22.13 -29.06
CA ILE I 96 8.32 23.47 -28.48
C ILE I 96 6.92 24.07 -28.42
N ASP I 97 6.12 23.87 -29.46
CA ASP I 97 4.77 24.44 -29.48
C ASP I 97 3.92 23.87 -28.35
N VAL I 98 3.96 22.56 -28.16
CA VAL I 98 3.13 21.94 -27.13
C VAL I 98 3.63 22.30 -25.74
N VAL I 99 4.95 22.33 -25.53
CA VAL I 99 5.46 22.69 -24.21
C VAL I 99 5.19 24.16 -23.92
N ASN I 100 5.08 25.01 -24.94
CA ASN I 100 4.69 26.40 -24.70
C ASN I 100 3.20 26.48 -24.37
N ALA I 101 2.37 25.85 -25.18
CA ALA I 101 0.92 26.00 -25.03
C ALA I 101 0.41 25.38 -23.73
N LEU I 102 0.98 24.24 -23.31
CA LEU I 102 0.51 23.58 -22.10
C LEU I 102 1.03 24.27 -20.84
N ILE I 103 2.15 24.98 -20.92
CA ILE I 103 2.79 25.49 -19.72
C ILE I 103 2.58 27.00 -19.58
N PHE I 104 3.10 27.77 -20.53
CA PHE I 104 3.23 29.21 -20.33
C PHE I 104 2.12 30.04 -20.98
N GLN I 105 1.43 29.50 -21.99
CA GLN I 105 0.35 30.26 -22.62
C GLN I 105 -0.77 30.62 -21.67
N PRO I 106 -1.33 29.71 -20.86
CA PRO I 106 -2.38 30.13 -19.92
C PRO I 106 -1.89 31.11 -18.88
N ILE I 107 -0.62 31.02 -18.47
CA ILE I 107 -0.12 31.86 -17.38
C ILE I 107 0.00 33.31 -17.82
N VAL I 108 0.51 33.55 -19.03
CA VAL I 108 0.92 34.90 -19.42
C VAL I 108 -0.28 35.84 -19.49
N ASP I 109 -1.40 35.37 -20.03
CA ASP I 109 -2.52 36.27 -20.31
C ASP I 109 -3.40 36.50 -19.09
N MET I 110 -2.79 36.88 -17.97
CA MET I 110 -3.50 37.16 -16.74
C MET I 110 -2.93 38.41 -16.09
N VAL I 111 -3.81 39.23 -15.52
CA VAL I 111 -3.42 40.47 -14.87
C VAL I 111 -3.98 40.46 -13.46
N LYS I 112 -3.11 40.64 -12.47
CA LYS I 112 -3.53 40.74 -11.07
C LYS I 112 -3.34 42.17 -10.56
N THR J 1 13.84 -7.78 -33.65
CA THR J 1 14.05 -8.08 -35.06
C THR J 1 15.44 -8.67 -35.28
N SER J 2 16.45 -8.06 -34.67
CA SER J 2 17.83 -8.49 -34.84
C SER J 2 18.59 -8.23 -33.54
N VAL J 3 19.65 -9.01 -33.34
CA VAL J 3 20.31 -9.06 -32.03
C VAL J 3 21.02 -7.74 -31.73
N GLU J 4 21.82 -7.24 -32.68
CA GLU J 4 22.62 -6.05 -32.41
C GLU J 4 21.73 -4.83 -32.21
N PHE J 5 20.51 -4.85 -32.72
CA PHE J 5 19.56 -3.77 -32.42
C PHE J 5 19.30 -3.70 -30.92
N TRP J 6 18.93 -4.83 -30.32
CA TRP J 6 18.70 -4.86 -28.88
C TRP J 6 19.98 -4.57 -28.11
N GLN J 7 21.11 -5.06 -28.60
CA GLN J 7 22.39 -4.76 -27.95
C GLN J 7 22.64 -3.26 -27.90
N ASN J 8 22.44 -2.57 -29.03
CA ASN J 8 22.66 -1.14 -29.09
C ASN J 8 21.70 -0.38 -28.19
N ILE J 9 20.42 -0.77 -28.20
CA ILE J 9 19.45 -0.05 -27.36
C ILE J 9 19.78 -0.23 -25.88
N ALA J 10 20.17 -1.46 -25.49
CA ALA J 10 20.51 -1.71 -24.09
C ALA J 10 21.76 -0.94 -23.69
N SER J 11 22.78 -0.92 -24.55
CA SER J 11 23.99 -0.18 -24.23
C SER J 11 23.71 1.32 -24.10
N GLY J 12 22.91 1.86 -25.01
CA GLY J 12 22.59 3.28 -24.94
C GLY J 12 21.84 3.65 -23.68
N VAL J 13 20.81 2.88 -23.34
CA VAL J 13 20.06 3.18 -22.12
C VAL J 13 20.93 2.98 -20.89
N GLY J 14 21.83 2.01 -20.90
CA GLY J 14 22.73 1.83 -19.77
C GLY J 14 23.65 3.01 -19.55
N LYS J 15 24.27 3.50 -20.63
CA LYS J 15 25.15 4.65 -20.49
C LYS J 15 24.37 5.89 -20.06
N TRP J 16 23.17 6.08 -20.62
CA TRP J 16 22.35 7.22 -20.21
C TRP J 16 22.01 7.14 -18.72
N LEU J 17 21.64 5.95 -18.24
CA LEU J 17 21.27 5.80 -16.84
C LEU J 17 22.46 6.03 -15.91
N ARG J 18 23.65 5.51 -16.26
CA ARG J 18 24.79 5.74 -15.38
C ARG J 18 25.20 7.21 -15.38
N ALA J 19 25.10 7.88 -16.53
CA ALA J 19 25.41 9.31 -16.57
C ALA J 19 24.46 10.10 -15.70
N ILE J 20 23.15 9.82 -15.81
CA ILE J 20 22.20 10.57 -14.99
C ILE J 20 22.33 10.19 -13.52
N PHE J 21 22.82 8.99 -13.22
CA PHE J 21 23.09 8.62 -11.83
C PHE J 21 24.23 9.45 -11.25
N ALA J 22 25.29 9.65 -12.04
CA ALA J 22 26.37 10.53 -11.59
C ALA J 22 25.87 11.95 -11.41
N ILE J 23 25.03 12.42 -12.33
CA ILE J 23 24.40 13.73 -12.18
C ILE J 23 23.60 13.79 -10.89
N ALA J 24 22.91 12.70 -10.55
CA ALA J 24 22.11 12.65 -9.33
C ALA J 24 22.99 12.76 -8.08
N PHE J 25 24.12 12.05 -8.08
CA PHE J 25 25.03 12.14 -6.94
C PHE J 25 25.54 13.56 -6.76
N TRP J 26 25.95 14.19 -7.86
CA TRP J 26 26.45 15.56 -7.73
C TRP J 26 25.33 16.55 -7.40
N SER J 27 24.09 16.22 -7.77
CA SER J 27 22.95 17.03 -7.33
C SER J 27 22.70 16.88 -5.84
N SER J 28 22.93 15.69 -5.29
CA SER J 28 22.91 15.53 -3.85
C SER J 28 23.97 16.42 -3.19
N LEU J 29 25.15 16.48 -3.81
CA LEU J 29 26.19 17.38 -3.31
C LEU J 29 25.74 18.85 -3.35
N ILE J 30 25.12 19.27 -4.45
CA ILE J 30 24.69 20.67 -4.53
C ILE J 30 23.57 20.94 -3.54
N LEU J 31 22.73 19.95 -3.24
CA LEU J 31 21.71 20.12 -2.22
C LEU J 31 22.34 20.27 -0.84
N LEU J 32 23.42 19.52 -0.59
CA LEU J 32 24.22 19.75 0.60
C LEU J 32 24.69 21.20 0.66
N THR J 33 25.17 21.73 -0.47
CA THR J 33 25.61 23.11 -0.53
C THR J 33 24.46 24.09 -0.25
N PHE J 34 23.27 23.77 -0.76
CA PHE J 34 22.12 24.64 -0.52
C PHE J 34 21.75 24.67 0.96
N TYR J 35 21.76 23.51 1.62
CA TYR J 35 21.54 23.51 3.07
C TYR J 35 22.66 24.26 3.79
N ALA J 36 23.88 24.22 3.27
CA ALA J 36 24.96 24.97 3.87
C ALA J 36 24.69 26.47 3.82
N ILE J 37 24.28 26.98 2.66
CA ILE J 37 23.98 28.41 2.58
C ILE J 37 22.75 28.75 3.41
N MET J 38 21.80 27.81 3.52
CA MET J 38 20.64 28.05 4.38
C MET J 38 21.04 28.24 5.83
N THR J 39 21.84 27.31 6.37
CA THR J 39 22.29 27.44 7.74
C THR J 39 23.26 28.60 7.91
N GLN J 40 23.90 29.06 6.83
CA GLN J 40 24.75 30.24 6.91
C GLN J 40 23.95 31.52 6.97
N VAL J 41 22.78 31.57 6.31
CA VAL J 41 22.04 32.81 6.16
C VAL J 41 20.79 32.88 7.04
N ALA J 42 20.26 31.74 7.49
CA ALA J 42 19.00 31.74 8.21
C ALA J 42 19.10 32.65 9.43
N PRO J 43 18.19 33.59 9.60
CA PRO J 43 18.35 34.61 10.65
C PRO J 43 18.28 34.02 12.06
N SER J 44 17.20 33.32 12.38
CA SER J 44 17.04 32.78 13.71
C SER J 44 17.95 31.58 13.93
N LYS J 45 18.31 31.34 15.19
CA LYS J 45 19.15 30.21 15.52
C LYS J 45 18.44 28.90 15.20
N VAL J 46 17.13 28.82 15.47
CA VAL J 46 16.40 27.57 15.31
C VAL J 46 16.43 27.12 13.85
N PHE J 47 16.33 28.06 12.91
CA PHE J 47 16.33 27.68 11.51
C PHE J 47 17.71 27.18 11.07
N ARG J 48 18.77 27.81 11.55
CA ARG J 48 20.12 27.32 11.27
C ARG J 48 20.32 25.92 11.85
N LEU J 49 19.81 25.70 13.07
CA LEU J 49 19.89 24.39 13.70
C LEU J 49 19.15 23.33 12.88
N GLY J 50 17.95 23.66 12.42
CA GLY J 50 17.20 22.72 11.59
C GLY J 50 17.89 22.46 10.26
N ALA J 51 18.53 23.48 9.69
CA ALA J 51 19.28 23.29 8.46
C ALA J 51 20.48 22.38 8.69
N LEU J 52 21.15 22.51 9.83
CA LEU J 52 22.22 21.57 10.15
C LEU J 52 21.70 20.15 10.27
N VAL J 53 20.55 19.98 10.94
CA VAL J 53 20.00 18.65 11.13
C VAL J 53 19.63 18.02 9.79
N ASP J 54 18.97 18.77 8.91
CA ASP J 54 18.60 18.19 7.63
C ASP J 54 19.78 18.05 6.69
N LEU J 55 20.83 18.83 6.89
CA LEU J 55 22.10 18.60 6.19
C LEU J 55 22.68 17.23 6.56
N ILE J 56 22.70 16.94 7.86
CA ILE J 56 23.16 15.62 8.32
C ILE J 56 22.23 14.53 7.78
N GLU J 57 20.93 14.81 7.74
CA GLU J 57 19.97 13.86 7.18
C GLU J 57 20.31 13.55 5.73
N SER J 58 20.59 14.59 4.94
CA SER J 58 20.90 14.40 3.53
C SER J 58 22.18 13.59 3.33
N VAL J 59 23.22 13.92 4.10
CA VAL J 59 24.48 13.18 3.93
C VAL J 59 24.30 11.72 4.33
N LYS J 60 23.57 11.48 5.42
CA LYS J 60 23.36 10.11 5.85
C LYS J 60 22.53 9.33 4.84
N THR J 61 21.51 9.96 4.24
CA THR J 61 20.67 9.23 3.30
C THR J 61 21.40 8.96 1.99
N VAL J 62 22.22 9.91 1.53
CA VAL J 62 23.01 9.65 0.31
C VAL J 62 24.02 8.54 0.56
N LEU J 63 24.67 8.54 1.72
CA LEU J 63 25.64 7.48 2.02
C LEU J 63 24.95 6.13 2.11
N LEU J 64 23.78 6.07 2.77
CA LEU J 64 23.04 4.83 2.88
C LEU J 64 22.59 4.32 1.51
N GLY J 65 22.12 5.22 0.65
CA GLY J 65 21.70 4.82 -0.68
C GLY J 65 22.85 4.26 -1.51
N ILE J 66 24.02 4.92 -1.46
CA ILE J 66 25.19 4.41 -2.16
C ILE J 66 25.57 3.04 -1.62
N PHE J 67 25.53 2.88 -0.30
CA PHE J 67 25.87 1.60 0.31
C PHE J 67 24.93 0.50 -0.16
N VAL J 68 23.63 0.78 -0.17
CA VAL J 68 22.66 -0.24 -0.59
C VAL J 68 22.86 -0.60 -2.05
N PHE J 69 23.12 0.40 -2.90
CA PHE J 69 23.33 0.12 -4.32
C PHE J 69 24.55 -0.78 -4.54
N THR J 70 25.70 -0.39 -3.98
CA THR J 70 26.91 -1.18 -4.20
C THR J 70 26.78 -2.56 -3.57
N ALA J 71 26.17 -2.65 -2.39
CA ALA J 71 25.98 -3.95 -1.75
C ALA J 71 25.06 -4.84 -2.55
N SER J 72 23.99 -4.28 -3.13
CA SER J 72 23.09 -5.08 -3.94
C SER J 72 23.77 -5.58 -5.21
N VAL J 73 24.57 -4.73 -5.86
CA VAL J 73 25.26 -5.16 -7.07
C VAL J 73 26.25 -6.28 -6.75
N THR J 74 27.05 -6.10 -5.69
CA THR J 74 27.98 -7.14 -5.29
C THR J 74 27.24 -8.40 -4.90
N GLY J 75 26.09 -8.26 -4.22
CA GLY J 75 25.34 -9.42 -3.79
C GLY J 75 24.79 -10.22 -4.96
N ILE J 76 24.20 -9.54 -5.95
CA ILE J 76 23.66 -10.28 -7.09
C ILE J 76 24.78 -10.96 -7.87
N ILE J 77 25.88 -10.26 -8.12
CA ILE J 77 26.96 -10.86 -8.91
C ILE J 77 27.58 -12.04 -8.16
N ALA J 78 27.81 -11.89 -6.86
CA ALA J 78 28.39 -12.99 -6.08
C ALA J 78 27.42 -14.14 -5.91
N GLY J 79 26.12 -13.85 -5.82
CA GLY J 79 25.13 -14.91 -5.73
C GLY J 79 25.07 -15.74 -6.99
N VAL J 80 25.12 -15.09 -8.16
CA VAL J 80 25.15 -15.84 -9.40
C VAL J 80 26.46 -16.64 -9.51
N ALA J 81 27.57 -16.03 -9.09
CA ALA J 81 28.85 -16.75 -9.14
C ALA J 81 28.82 -17.99 -8.24
N ALA J 82 28.24 -17.86 -7.05
CA ALA J 82 28.17 -19.00 -6.13
C ALA J 82 27.15 -20.04 -6.59
N ILE J 83 26.06 -19.59 -7.22
CA ILE J 83 25.07 -20.54 -7.72
C ILE J 83 25.59 -21.26 -8.94
N ALA J 84 26.63 -20.74 -9.60
CA ALA J 84 27.32 -21.53 -10.60
C ALA J 84 27.93 -22.79 -9.98
N ASN J 85 28.29 -22.72 -8.70
CA ASN J 85 28.77 -23.89 -7.98
C ASN J 85 27.60 -24.80 -7.61
N ALA J 86 27.94 -25.95 -7.01
CA ALA J 86 26.99 -26.99 -6.63
C ALA J 86 26.39 -27.66 -7.87
N PHE J 87 26.76 -27.15 -9.04
CA PHE J 87 26.39 -27.73 -10.32
C PHE J 87 27.59 -27.99 -11.22
N GLY J 88 28.76 -27.46 -10.89
CA GLY J 88 29.94 -27.60 -11.71
C GLY J 88 30.14 -26.52 -12.74
N ALA J 89 29.16 -25.63 -12.92
CA ALA J 89 29.26 -24.61 -13.94
C ALA J 89 30.30 -23.56 -13.56
N SER J 90 30.95 -23.01 -14.59
CA SER J 90 31.97 -21.99 -14.41
C SER J 90 31.40 -20.62 -14.76
N PHE J 91 31.59 -19.65 -13.86
CA PHE J 91 31.09 -18.28 -14.04
C PHE J 91 32.28 -17.34 -13.81
N ALA J 92 33.05 -17.11 -14.88
CA ALA J 92 34.21 -16.23 -14.82
C ALA J 92 33.79 -14.87 -15.37
N VAL J 93 33.26 -14.02 -14.49
CA VAL J 93 32.75 -12.71 -14.87
C VAL J 93 33.50 -11.57 -14.20
N SER J 94 34.43 -11.87 -13.30
CA SER J 94 35.21 -10.85 -12.59
C SER J 94 34.29 -9.83 -11.93
N PRO J 95 33.64 -10.20 -10.82
CA PRO J 95 32.64 -9.29 -10.21
C PRO J 95 33.18 -7.92 -9.87
N ILE J 96 34.48 -7.82 -9.56
CA ILE J 96 35.05 -6.53 -9.18
C ILE J 96 34.98 -5.55 -10.35
N ASP J 97 35.23 -6.03 -11.57
CA ASP J 97 35.18 -5.14 -12.73
C ASP J 97 33.79 -4.56 -12.94
N VAL J 98 32.76 -5.41 -12.84
CA VAL J 98 31.40 -4.93 -13.09
C VAL J 98 30.93 -4.02 -11.95
N VAL J 99 31.27 -4.37 -10.70
CA VAL J 99 30.85 -3.50 -9.60
C VAL J 99 31.60 -2.19 -9.63
N ASN J 100 32.80 -2.15 -10.20
CA ASN J 100 33.48 -0.87 -10.38
C ASN J 100 32.84 -0.06 -11.50
N ALA J 101 32.62 -0.69 -12.66
CA ALA J 101 32.15 0.03 -13.83
C ALA J 101 30.73 0.54 -13.66
N LEU J 102 29.86 -0.22 -13.00
CA LEU J 102 28.47 0.19 -12.82
C LEU J 102 28.32 1.24 -11.73
N ILE J 103 29.24 1.30 -10.77
CA ILE J 103 29.05 2.14 -9.59
C ILE J 103 29.94 3.38 -9.66
N PHE J 104 31.26 3.18 -9.67
CA PHE J 104 32.18 4.28 -9.40
C PHE J 104 32.80 4.89 -10.65
N GLN J 105 32.83 4.16 -11.77
CA GLN J 105 33.40 4.72 -13.00
C GLN J 105 32.68 5.95 -13.49
N PRO J 106 31.35 5.99 -13.61
CA PRO J 106 30.69 7.23 -14.04
C PRO J 106 30.87 8.38 -13.07
N ILE J 107 30.98 8.09 -11.77
CA ILE J 107 31.04 9.16 -10.78
C ILE J 107 32.37 9.89 -10.84
N VAL J 108 33.47 9.16 -10.98
CA VAL J 108 34.80 9.75 -10.78
C VAL J 108 35.09 10.81 -11.83
N ASP J 109 34.73 10.56 -13.08
CA ASP J 109 35.16 11.45 -14.16
C ASP J 109 34.26 12.66 -14.31
N MET J 110 34.02 13.37 -13.21
CA MET J 110 33.19 14.57 -13.22
C MET J 110 33.84 15.64 -12.37
N VAL J 111 33.76 16.89 -12.82
CA VAL J 111 34.33 18.02 -12.12
C VAL J 111 33.24 19.06 -11.91
N LYS J 112 33.04 19.46 -10.66
CA LYS J 112 32.09 20.51 -10.32
C LYS J 112 32.81 21.77 -9.86
N THR K 1 18.42 -34.01 -7.96
CA THR K 1 19.17 -35.14 -8.48
C THR K 1 19.37 -36.21 -7.40
N SER K 2 19.74 -35.77 -6.21
CA SER K 2 20.01 -36.68 -5.10
C SER K 2 19.63 -36.00 -3.79
N VAL K 3 19.31 -36.83 -2.79
CA VAL K 3 18.66 -36.33 -1.58
C VAL K 3 19.62 -35.46 -0.76
N GLU K 4 20.84 -35.96 -0.52
CA GLU K 4 21.77 -35.23 0.34
C GLU K 4 22.19 -33.92 -0.28
N PHE K 5 22.10 -33.80 -1.61
CA PHE K 5 22.34 -32.50 -2.25
C PHE K 5 21.35 -31.45 -1.74
N TRP K 6 20.05 -31.77 -1.80
CA TRP K 6 19.04 -30.85 -1.29
C TRP K 6 19.18 -30.65 0.22
N GLN K 7 19.54 -31.72 0.95
CA GLN K 7 19.76 -31.58 2.39
C GLN K 7 20.85 -30.57 2.68
N ASN K 8 21.99 -30.67 1.97
CA ASN K 8 23.10 -29.77 2.18
C ASN K 8 22.72 -28.33 1.82
N ILE K 9 22.04 -28.15 0.69
CA ILE K 9 21.69 -26.78 0.28
C ILE K 9 20.74 -26.15 1.29
N ALA K 10 19.75 -26.93 1.77
CA ALA K 10 18.81 -26.41 2.75
C ALA K 10 19.51 -26.08 4.06
N SER K 11 20.40 -26.95 4.53
CA SER K 11 21.12 -26.67 5.76
C SER K 11 21.98 -25.41 5.63
N GLY K 12 22.67 -25.26 4.50
CA GLY K 12 23.52 -24.10 4.31
C GLY K 12 22.72 -22.81 4.29
N VAL K 13 21.62 -22.79 3.54
CA VAL K 13 20.81 -21.57 3.49
C VAL K 13 20.18 -21.29 4.85
N GLY K 14 19.81 -22.34 5.60
CA GLY K 14 19.26 -22.11 6.93
C GLY K 14 20.26 -21.47 7.88
N LYS K 15 21.49 -21.99 7.90
CA LYS K 15 22.51 -21.41 8.77
C LYS K 15 22.83 -19.98 8.35
N TRP K 16 22.91 -19.73 7.04
CA TRP K 16 23.17 -18.37 6.56
C TRP K 16 22.06 -17.42 7.00
N LEU K 17 20.81 -17.86 6.87
CA LEU K 17 19.69 -17.00 7.24
C LEU K 17 19.66 -16.71 8.74
N ARG K 18 19.91 -17.72 9.58
CA ARG K 18 19.90 -17.45 11.01
C ARG K 18 21.06 -16.54 11.42
N ALA K 19 22.23 -16.72 10.80
CA ALA K 19 23.35 -15.83 11.09
C ALA K 19 23.03 -14.40 10.71
N ILE K 20 22.47 -14.19 9.51
CA ILE K 20 22.15 -12.82 9.11
C ILE K 20 21.00 -12.27 9.94
N PHE K 21 20.12 -13.13 10.47
CA PHE K 21 19.08 -12.65 11.38
C PHE K 21 19.67 -12.14 12.69
N ALA K 22 20.66 -12.85 13.23
CA ALA K 22 21.35 -12.35 14.42
C ALA K 22 22.07 -11.03 14.11
N ILE K 23 22.69 -10.94 12.94
CA ILE K 23 23.30 -9.68 12.51
C ILE K 23 22.26 -8.57 12.46
N ALA K 24 21.05 -8.91 11.99
CA ALA K 24 19.97 -7.93 11.90
C ALA K 24 19.55 -7.43 13.28
N PHE K 25 19.43 -8.34 14.24
CA PHE K 25 19.07 -7.94 15.60
C PHE K 25 20.12 -7.00 16.19
N TRP K 26 21.40 -7.34 16.01
CA TRP K 26 22.43 -6.47 16.56
C TRP K 26 22.54 -5.16 15.78
N SER K 27 22.13 -5.16 14.50
CA SER K 27 22.04 -3.91 13.76
C SER K 27 20.90 -3.04 14.28
N SER K 28 19.80 -3.65 14.70
CA SER K 28 18.76 -2.89 15.39
C SER K 28 19.33 -2.25 16.66
N LEU K 29 20.15 -3.01 17.38
CA LEU K 29 20.81 -2.44 18.57
C LEU K 29 21.70 -1.25 18.21
N ILE K 30 22.50 -1.38 17.14
CA ILE K 30 23.38 -0.27 16.78
C ILE K 30 22.56 0.93 16.29
N LEU K 31 21.40 0.69 15.68
CA LEU K 31 20.53 1.80 15.30
C LEU K 31 19.97 2.49 16.54
N LEU K 32 19.64 1.72 17.57
CA LEU K 32 19.32 2.30 18.87
C LEU K 32 20.45 3.20 19.35
N THR K 33 21.69 2.73 19.22
CA THR K 33 22.85 3.53 19.62
C THR K 33 22.96 4.81 18.79
N PHE K 34 22.66 4.72 17.50
CA PHE K 34 22.73 5.90 16.64
C PHE K 34 21.69 6.94 17.05
N TYR K 35 20.47 6.49 17.34
CA TYR K 35 19.48 7.44 17.88
C TYR K 35 19.91 8.00 19.22
N ALA K 36 20.63 7.21 20.02
CA ALA K 36 21.13 7.71 21.29
C ALA K 36 22.12 8.85 21.08
N ILE K 37 23.08 8.68 20.16
CA ILE K 37 24.01 9.76 19.91
C ILE K 37 23.31 10.95 19.26
N MET K 38 22.27 10.69 18.46
CA MET K 38 21.51 11.80 17.88
C MET K 38 20.85 12.65 18.96
N THR K 39 20.13 12.01 19.88
CA THR K 39 19.50 12.77 20.96
C THR K 39 20.52 13.34 21.92
N GLN K 40 21.75 12.80 21.96
CA GLN K 40 22.79 13.37 22.78
C GLN K 40 23.39 14.62 22.14
N VAL K 41 23.45 14.69 20.82
CA VAL K 41 24.17 15.76 20.14
C VAL K 41 23.22 16.79 19.49
N ALA K 42 21.99 16.43 19.21
CA ALA K 42 21.10 17.32 18.47
C ALA K 42 20.99 18.66 19.19
N PRO K 43 21.23 19.78 18.51
CA PRO K 43 21.33 21.06 19.21
C PRO K 43 20.00 21.51 19.82
N SER K 44 18.95 21.58 19.02
CA SER K 44 17.68 22.05 19.52
C SER K 44 17.00 20.99 20.37
N LYS K 45 16.17 21.44 21.30
CA LYS K 45 15.44 20.51 22.16
C LYS K 45 14.49 19.64 21.34
N VAL K 46 13.83 20.22 20.34
CA VAL K 46 12.81 19.50 19.58
C VAL K 46 13.43 18.30 18.87
N PHE K 47 14.65 18.45 18.35
CA PHE K 47 15.29 17.34 17.65
C PHE K 47 15.68 16.23 18.61
N ARG K 48 16.16 16.57 19.80
CA ARG K 48 16.45 15.56 20.81
C ARG K 48 15.17 14.83 21.23
N LEU K 49 14.07 15.59 21.38
CA LEU K 49 12.79 14.98 21.71
C LEU K 49 12.33 14.01 20.63
N GLY K 50 12.44 14.42 19.37
CA GLY K 50 12.07 13.52 18.28
C GLY K 50 12.96 12.29 18.22
N ALA K 51 14.25 12.46 18.52
CA ALA K 51 15.15 11.31 18.56
C ALA K 51 14.76 10.36 19.69
N LEU K 52 14.36 10.88 20.84
CA LEU K 52 13.86 10.01 21.90
C LEU K 52 12.62 9.25 21.46
N VAL K 53 11.69 9.94 20.79
CA VAL K 53 10.46 9.31 20.35
C VAL K 53 10.75 8.19 19.35
N ASP K 54 11.60 8.46 18.36
CA ASP K 54 11.89 7.41 17.38
C ASP K 54 12.78 6.32 17.95
N LEU K 55 13.56 6.61 18.99
CA LEU K 55 14.26 5.57 19.74
C LEU K 55 13.27 4.60 20.38
N ILE K 56 12.24 5.15 21.03
CA ILE K 56 11.19 4.32 21.61
C ILE K 56 10.46 3.55 20.51
N GLU K 57 10.24 4.21 19.37
CA GLU K 57 9.62 3.55 18.22
C GLU K 57 10.44 2.33 17.79
N SER K 58 11.75 2.50 17.68
CA SER K 58 12.62 1.41 17.24
C SER K 58 12.62 0.26 18.23
N VAL K 59 12.70 0.56 19.53
CA VAL K 59 12.73 -0.52 20.51
C VAL K 59 11.39 -1.27 20.52
N LYS K 60 10.29 -0.52 20.40
CA LYS K 60 8.97 -1.17 20.39
C LYS K 60 8.80 -2.03 19.15
N THR K 61 9.28 -1.57 17.98
CA THR K 61 9.09 -2.34 16.77
C THR K 61 9.99 -3.58 16.74
N VAL K 62 11.21 -3.48 17.27
CA VAL K 62 12.06 -4.66 17.34
C VAL K 62 11.47 -5.69 18.31
N LEU K 63 10.94 -5.23 19.45
CA LEU K 63 10.34 -6.16 20.39
C LEU K 63 9.11 -6.83 19.80
N LEU K 64 8.27 -6.06 19.11
CA LEU K 64 7.08 -6.61 18.48
C LEU K 64 7.46 -7.62 17.39
N GLY K 65 8.47 -7.32 16.58
CA GLY K 65 8.89 -8.26 15.55
C GLY K 65 9.40 -9.56 16.13
N ILE K 66 10.23 -9.47 17.18
CA ILE K 66 10.71 -10.69 17.84
C ILE K 66 9.54 -11.49 18.40
N PHE K 67 8.57 -10.80 19.01
CA PHE K 67 7.41 -11.48 19.56
C PHE K 67 6.63 -12.21 18.47
N VAL K 68 6.40 -11.53 17.35
CA VAL K 68 5.63 -12.17 16.27
C VAL K 68 6.38 -13.37 15.71
N PHE K 69 7.70 -13.25 15.56
CA PHE K 69 8.47 -14.37 15.02
C PHE K 69 8.40 -15.59 15.94
N THR K 70 8.69 -15.40 17.23
CA THR K 70 8.69 -16.53 18.14
C THR K 70 7.28 -17.11 18.30
N ALA K 71 6.26 -16.25 18.35
CA ALA K 71 4.89 -16.72 18.46
C ALA K 71 4.47 -17.51 17.23
N SER K 72 4.87 -17.06 16.04
CA SER K 72 4.53 -17.78 14.82
C SER K 72 5.22 -19.15 14.77
N VAL K 73 6.48 -19.21 15.18
CA VAL K 73 7.19 -20.50 15.18
C VAL K 73 6.53 -21.47 16.16
N THR K 74 6.26 -20.99 17.37
CA THR K 74 5.59 -21.85 18.35
C THR K 74 4.21 -22.24 17.85
N GLY K 75 3.49 -21.32 17.20
CA GLY K 75 2.16 -21.64 16.71
C GLY K 75 2.16 -22.69 15.63
N ILE K 76 3.07 -22.58 14.66
CA ILE K 76 3.11 -23.60 13.60
C ILE K 76 3.49 -24.95 14.16
N ILE K 77 4.51 -24.99 15.04
CA ILE K 77 4.94 -26.28 15.55
C ILE K 77 3.86 -26.92 16.43
N ALA K 78 3.20 -26.12 17.28
CA ALA K 78 2.15 -26.66 18.12
C ALA K 78 0.91 -27.02 17.32
N GLY K 79 0.63 -26.29 16.24
CA GLY K 79 -0.50 -26.64 15.40
C GLY K 79 -0.30 -27.96 14.69
N VAL K 80 0.91 -28.20 14.18
CA VAL K 80 1.18 -29.50 13.57
C VAL K 80 1.13 -30.60 14.62
N ALA K 81 1.67 -30.33 15.83
CA ALA K 81 1.62 -31.34 16.89
C ALA K 81 0.18 -31.67 17.26
N ALA K 82 -0.69 -30.67 17.35
CA ALA K 82 -2.08 -30.92 17.71
C ALA K 82 -2.85 -31.57 16.57
N ILE K 83 -2.52 -31.22 15.32
CA ILE K 83 -3.17 -31.83 14.18
C ILE K 83 -2.74 -33.26 14.01
N ALA K 84 -1.61 -33.66 14.60
CA ALA K 84 -1.29 -35.08 14.69
C ALA K 84 -2.35 -35.83 15.48
N ASN K 85 -3.00 -35.15 16.42
CA ASN K 85 -4.11 -35.74 17.17
C ASN K 85 -5.37 -35.74 16.30
N ALA K 86 -6.45 -36.33 16.85
CA ALA K 86 -7.72 -36.51 16.18
C ALA K 86 -7.61 -37.50 15.03
N PHE K 87 -6.37 -37.97 14.78
CA PHE K 87 -6.09 -39.01 13.80
C PHE K 87 -5.30 -40.17 14.39
N GLY K 88 -4.76 -40.02 15.60
CA GLY K 88 -3.95 -41.04 16.22
C GLY K 88 -2.47 -40.95 15.91
N ALA K 89 -2.06 -40.07 15.00
CA ALA K 89 -0.66 -39.98 14.62
C ALA K 89 0.17 -39.38 15.75
N SER K 90 1.42 -39.83 15.83
CA SER K 90 2.36 -39.36 16.83
C SER K 90 3.34 -38.38 16.20
N PHE K 91 3.52 -37.22 16.85
CA PHE K 91 4.41 -36.17 16.38
C PHE K 91 5.32 -35.79 17.54
N ALA K 92 6.42 -36.54 17.69
CA ALA K 92 7.38 -36.29 18.77
C ALA K 92 8.54 -35.49 18.17
N VAL K 93 8.39 -34.17 18.17
CA VAL K 93 9.37 -33.27 17.58
C VAL K 93 10.00 -32.34 18.60
N SER K 94 9.53 -32.35 19.85
CA SER K 94 10.04 -31.48 20.91
C SER K 94 10.03 -30.02 20.46
N PRO K 95 8.86 -29.38 20.43
CA PRO K 95 8.77 -28.03 19.89
C PRO K 95 9.68 -27.03 20.59
N ILE K 96 9.99 -27.24 21.87
CA ILE K 96 10.84 -26.30 22.59
C ILE K 96 12.24 -26.26 21.98
N ASP K 97 12.77 -27.42 21.58
CA ASP K 97 14.11 -27.46 21.00
C ASP K 97 14.17 -26.67 19.71
N VAL K 98 13.18 -26.84 18.83
CA VAL K 98 13.22 -26.15 17.54
C VAL K 98 12.97 -24.65 17.73
N VAL K 99 12.05 -24.28 18.63
CA VAL K 99 11.81 -22.85 18.84
C VAL K 99 13.00 -22.19 19.51
N ASN K 100 13.79 -22.94 20.28
CA ASN K 100 15.02 -22.38 20.83
C ASN K 100 16.08 -22.24 19.75
N ALA K 101 16.30 -23.30 18.96
CA ALA K 101 17.40 -23.31 17.99
C ALA K 101 17.17 -22.32 16.86
N LEU K 102 15.92 -22.16 16.40
CA LEU K 102 15.63 -21.25 15.30
C LEU K 102 15.63 -19.79 15.74
N ILE K 103 15.36 -19.52 17.02
CA ILE K 103 15.14 -18.15 17.46
C ILE K 103 16.34 -17.62 18.24
N PHE K 104 16.65 -18.24 19.38
CA PHE K 104 17.56 -17.64 20.34
C PHE K 104 18.98 -18.17 20.28
N GLN K 105 19.19 -19.37 19.74
CA GLN K 105 20.55 -19.91 19.65
C GLN K 105 21.48 -19.05 18.81
N PRO K 106 21.13 -18.61 17.59
CA PRO K 106 22.05 -17.74 16.85
C PRO K 106 22.30 -16.40 17.52
N ILE K 107 21.31 -15.88 18.25
CA ILE K 107 21.44 -14.54 18.83
C ILE K 107 22.44 -14.54 19.98
N VAL K 108 22.38 -15.55 20.85
CA VAL K 108 23.11 -15.49 22.11
C VAL K 108 24.62 -15.46 21.89
N ASP K 109 25.12 -16.25 20.95
CA ASP K 109 26.57 -16.42 20.83
C ASP K 109 27.20 -15.30 19.99
N MET K 110 26.92 -14.06 20.35
CA MET K 110 27.48 -12.90 19.66
C MET K 110 27.90 -11.86 20.69
N VAL K 111 29.04 -11.21 20.44
CA VAL K 111 29.57 -10.18 21.31
C VAL K 111 29.80 -8.92 20.50
N LYS K 112 29.22 -7.82 20.96
CA LYS K 112 29.42 -6.52 20.33
C LYS K 112 30.25 -5.60 21.23
N THR L 1 -14.64 -39.21 7.84
CA THR L 1 -14.85 -40.60 8.20
C THR L 1 -16.20 -40.80 8.87
N SER L 2 -16.53 -39.91 9.80
CA SER L 2 -17.77 -40.00 10.55
C SER L 2 -18.27 -38.60 10.89
N VAL L 3 -19.58 -38.48 11.08
CA VAL L 3 -20.22 -37.17 11.13
C VAL L 3 -19.81 -36.40 12.39
N GLU L 4 -19.90 -37.06 13.55
CA GLU L 4 -19.64 -36.37 14.81
C GLU L 4 -18.18 -35.96 14.92
N PHE L 5 -17.28 -36.62 14.19
CA PHE L 5 -15.90 -36.15 14.12
C PHE L 5 -15.82 -34.74 13.55
N TRP L 6 -16.44 -34.53 12.38
CA TRP L 6 -16.47 -33.21 11.78
C TRP L 6 -17.24 -32.22 12.66
N GLN L 7 -18.32 -32.68 13.29
CA GLN L 7 -19.06 -31.80 14.19
C GLN L 7 -18.18 -31.30 15.32
N ASN L 8 -17.42 -32.21 15.95
CA ASN L 8 -16.55 -31.84 17.05
C ASN L 8 -15.45 -30.89 16.60
N ILE L 9 -14.83 -31.18 15.44
CA ILE L 9 -13.74 -30.32 14.98
C ILE L 9 -14.26 -28.91 14.67
N ALA L 10 -15.44 -28.83 14.04
CA ALA L 10 -16.01 -27.54 13.72
C ALA L 10 -16.38 -26.76 14.98
N SER L 11 -16.98 -27.44 15.96
CA SER L 11 -17.33 -26.77 17.20
C SER L 11 -16.08 -26.26 17.93
N GLY L 12 -15.03 -27.08 17.97
CA GLY L 12 -13.81 -26.67 18.65
C GLY L 12 -13.17 -25.46 17.99
N VAL L 13 -13.05 -25.49 16.67
CA VAL L 13 -12.44 -24.35 15.98
C VAL L 13 -13.31 -23.12 16.11
N GLY L 14 -14.64 -23.29 16.13
CA GLY L 14 -15.51 -22.13 16.31
C GLY L 14 -15.34 -21.48 17.67
N LYS L 15 -15.31 -22.29 18.73
CA LYS L 15 -15.12 -21.71 20.06
C LYS L 15 -13.73 -21.06 20.18
N TRP L 16 -12.71 -21.70 19.61
CA TRP L 16 -11.37 -21.10 19.65
C TRP L 16 -11.36 -19.75 18.94
N LEU L 17 -12.00 -19.68 17.77
CA LEU L 17 -12.01 -18.44 17.00
C LEU L 17 -12.77 -17.33 17.72
N ARG L 18 -13.92 -17.65 18.33
CA ARG L 18 -14.65 -16.59 19.03
C ARG L 18 -13.90 -16.12 20.27
N ALA L 19 -13.23 -17.05 20.97
CA ALA L 19 -12.42 -16.65 22.12
C ALA L 19 -11.28 -15.73 21.70
N ILE L 20 -10.57 -16.08 20.63
CA ILE L 20 -9.46 -15.22 20.20
C ILE L 20 -9.99 -13.91 19.62
N PHE L 21 -11.22 -13.90 19.10
CA PHE L 21 -11.81 -12.64 18.66
C PHE L 21 -12.09 -11.71 19.83
N ALA L 22 -12.60 -12.26 20.94
CA ALA L 22 -12.77 -11.44 22.14
C ALA L 22 -11.42 -10.93 22.65
N ILE L 23 -10.40 -11.80 22.63
CA ILE L 23 -9.06 -11.37 22.98
C ILE L 23 -8.60 -10.23 22.08
N ALA L 24 -8.94 -10.31 20.79
CA ALA L 24 -8.56 -9.27 19.84
C ALA L 24 -9.23 -7.94 20.18
N PHE L 25 -10.51 -7.98 20.52
CA PHE L 25 -11.21 -6.75 20.89
C PHE L 25 -10.58 -6.11 22.12
N TRP L 26 -10.28 -6.93 23.13
CA TRP L 26 -9.67 -6.35 24.33
C TRP L 26 -8.23 -5.92 24.08
N SER L 27 -7.56 -6.52 23.09
CA SER L 27 -6.24 -6.04 22.69
C SER L 27 -6.35 -4.70 21.98
N SER L 28 -7.41 -4.47 21.22
CA SER L 28 -7.66 -3.15 20.68
C SER L 28 -7.84 -2.14 21.81
N LEU L 29 -8.55 -2.55 22.87
CA LEU L 29 -8.68 -1.68 24.04
C LEU L 29 -7.32 -1.37 24.68
N ILE L 30 -6.47 -2.39 24.84
CA ILE L 30 -5.18 -2.13 25.45
C ILE L 30 -4.31 -1.26 24.55
N LEU L 31 -4.47 -1.37 23.23
CA LEU L 31 -3.75 -0.48 22.32
C LEU L 31 -4.24 0.96 22.46
N LEU L 32 -5.54 1.14 22.66
CA LEU L 32 -6.08 2.44 23.05
C LEU L 32 -5.38 2.96 24.29
N THR L 33 -5.21 2.10 25.30
CA THR L 33 -4.52 2.49 26.52
C THR L 33 -3.06 2.88 26.25
N PHE L 34 -2.40 2.15 25.36
CA PHE L 34 -1.01 2.46 25.04
C PHE L 34 -0.90 3.82 24.37
N TYR L 35 -1.80 4.12 23.44
CA TYR L 35 -1.80 5.47 22.87
C TYR L 35 -2.12 6.52 23.92
N ALA L 36 -2.95 6.17 24.92
CA ALA L 36 -3.23 7.10 26.00
C ALA L 36 -1.97 7.43 26.78
N ILE L 37 -1.20 6.42 27.15
CA ILE L 37 0.04 6.69 27.89
C ILE L 37 1.04 7.42 26.99
N MET L 38 1.02 7.14 25.68
CA MET L 38 1.90 7.86 24.77
C MET L 38 1.59 9.35 24.76
N THR L 39 0.32 9.71 24.57
CA THR L 39 -0.04 11.12 24.58
C THR L 39 0.09 11.73 25.96
N GLN L 40 0.09 10.92 27.02
CA GLN L 40 0.32 11.44 28.36
C GLN L 40 1.80 11.75 28.61
N VAL L 41 2.70 10.98 28.00
CA VAL L 41 4.12 11.08 28.32
C VAL L 41 4.93 11.77 27.23
N ALA L 42 4.44 11.80 25.99
CA ALA L 42 5.24 12.32 24.88
C ALA L 42 5.67 13.75 25.19
N PRO L 43 6.96 14.05 25.10
CA PRO L 43 7.45 15.36 25.57
C PRO L 43 6.93 16.52 24.74
N SER L 44 7.15 16.48 23.43
CA SER L 44 6.73 17.58 22.58
C SER L 44 5.22 17.57 22.38
N LYS L 45 4.66 18.75 22.13
CA LYS L 45 3.23 18.87 21.89
C LYS L 45 2.83 18.10 20.63
N VAL L 46 3.64 18.16 19.59
CA VAL L 46 3.28 17.56 18.31
C VAL L 46 3.11 16.05 18.46
N PHE L 47 3.95 15.41 19.26
CA PHE L 47 3.84 13.96 19.44
C PHE L 47 2.58 13.59 20.20
N ARG L 48 2.23 14.37 21.23
CA ARG L 48 0.97 14.15 21.94
C ARG L 48 -0.22 14.34 21.01
N LEU L 49 -0.16 15.37 20.16
CA LEU L 49 -1.22 15.61 19.19
C LEU L 49 -1.37 14.43 18.23
N GLY L 50 -0.24 13.93 17.71
CA GLY L 50 -0.31 12.77 16.82
C GLY L 50 -0.82 11.53 17.53
N ALA L 51 -0.47 11.36 18.80
CA ALA L 51 -1.00 10.24 19.57
C ALA L 51 -2.49 10.36 19.75
N LEU L 52 -3.00 11.57 19.98
CA LEU L 52 -4.45 11.76 20.05
C LEU L 52 -5.11 11.41 18.73
N VAL L 53 -4.51 11.84 17.62
CA VAL L 53 -5.09 11.58 16.30
C VAL L 53 -5.14 10.07 16.03
N ASP L 54 -4.04 9.36 16.30
CA ASP L 54 -4.05 7.93 16.02
C ASP L 54 -4.88 7.16 17.05
N LEU L 55 -5.07 7.70 18.25
CA LEU L 55 -6.04 7.14 19.19
C LEU L 55 -7.45 7.19 18.61
N ILE L 56 -7.82 8.35 18.06
CA ILE L 56 -9.12 8.48 17.40
C ILE L 56 -9.20 7.54 16.19
N GLU L 57 -8.09 7.41 15.46
CA GLU L 57 -8.04 6.49 14.34
C GLU L 57 -8.33 5.06 14.79
N SER L 58 -7.71 4.64 15.89
CA SER L 58 -7.89 3.28 16.39
C SER L 58 -9.33 3.04 16.84
N VAL L 59 -9.91 4.00 17.57
CA VAL L 59 -11.29 3.80 18.04
C VAL L 59 -12.25 3.76 16.85
N LYS L 60 -12.04 4.62 15.86
CA LYS L 60 -12.91 4.63 14.69
C LYS L 60 -12.78 3.33 13.90
N THR L 61 -11.56 2.80 13.76
CA THR L 61 -11.40 1.60 12.97
C THR L 61 -11.93 0.36 13.69
N VAL L 62 -11.79 0.30 15.02
CA VAL L 62 -12.38 -0.81 15.75
C VAL L 62 -13.90 -0.76 15.69
N LEU L 63 -14.48 0.44 15.80
CA LEU L 63 -15.94 0.55 15.73
C LEU L 63 -16.44 0.17 14.34
N LEU L 64 -15.74 0.62 13.29
CA LEU L 64 -16.12 0.28 11.93
C LEU L 64 -16.01 -1.22 11.68
N GLY L 65 -14.95 -1.86 12.18
CA GLY L 65 -14.81 -3.30 12.01
C GLY L 65 -15.91 -4.08 12.69
N ILE L 66 -16.24 -3.69 13.93
CA ILE L 66 -17.34 -4.35 14.63
C ILE L 66 -18.65 -4.16 13.87
N PHE L 67 -18.88 -2.94 13.35
CA PHE L 67 -20.09 -2.68 12.59
C PHE L 67 -20.17 -3.57 11.35
N VAL L 68 -19.07 -3.68 10.61
CA VAL L 68 -19.07 -4.48 9.39
C VAL L 68 -19.31 -5.95 9.73
N PHE L 69 -18.69 -6.44 10.81
CA PHE L 69 -18.87 -7.84 11.18
C PHE L 69 -20.32 -8.14 11.52
N THR L 70 -20.91 -7.34 12.42
CA THR L 70 -22.28 -7.61 12.83
C THR L 70 -23.25 -7.42 11.67
N ALA L 71 -23.03 -6.40 10.83
CA ALA L 71 -23.89 -6.18 9.69
C ALA L 71 -23.80 -7.31 8.69
N SER L 72 -22.59 -7.85 8.47
CA SER L 72 -22.44 -8.97 7.54
C SER L 72 -23.13 -10.22 8.07
N VAL L 73 -23.01 -10.49 9.37
CA VAL L 73 -23.66 -11.67 9.94
C VAL L 73 -25.18 -11.55 9.82
N THR L 74 -25.72 -10.38 10.20
CA THR L 74 -27.15 -10.16 10.06
C THR L 74 -27.58 -10.24 8.61
N GLY L 75 -26.76 -9.71 7.70
CA GLY L 75 -27.11 -9.75 6.29
C GLY L 75 -27.16 -11.14 5.72
N ILE L 76 -26.17 -11.98 6.04
CA ILE L 76 -26.19 -13.34 5.51
C ILE L 76 -27.36 -14.12 6.08
N ILE L 77 -27.60 -14.00 7.40
CA ILE L 77 -28.69 -14.78 7.99
C ILE L 77 -30.04 -14.32 7.45
N ALA L 78 -30.24 -13.00 7.33
CA ALA L 78 -31.51 -12.50 6.81
C ALA L 78 -31.67 -12.79 5.33
N GLY L 79 -30.56 -12.79 4.57
CA GLY L 79 -30.66 -13.14 3.17
C GLY L 79 -31.06 -14.57 2.95
N VAL L 80 -30.50 -15.50 3.74
CA VAL L 80 -30.92 -16.89 3.63
C VAL L 80 -32.38 -17.04 4.07
N ALA L 81 -32.77 -16.32 5.14
CA ALA L 81 -34.16 -16.39 5.59
C ALA L 81 -35.12 -15.89 4.51
N ALA L 82 -34.76 -14.80 3.83
CA ALA L 82 -35.63 -14.25 2.79
C ALA L 82 -35.61 -15.12 1.54
N ILE L 83 -34.47 -15.73 1.23
CA ILE L 83 -34.38 -16.60 0.08
C ILE L 83 -35.13 -17.89 0.31
N ALA L 84 -35.40 -18.24 1.58
CA ALA L 84 -36.34 -19.32 1.85
C ALA L 84 -37.73 -19.00 1.30
N ASN L 85 -38.07 -17.72 1.22
CA ASN L 85 -39.32 -17.29 0.60
C ASN L 85 -39.19 -17.35 -0.92
N ALA L 86 -40.31 -17.06 -1.60
CA ALA L 86 -40.44 -17.11 -3.05
C ALA L 86 -40.36 -18.55 -3.55
N PHE L 87 -40.12 -19.49 -2.61
CA PHE L 87 -40.13 -20.91 -2.88
C PHE L 87 -41.04 -21.68 -1.95
N GLY L 88 -41.53 -21.06 -0.87
CA GLY L 88 -42.36 -21.72 0.11
C GLY L 88 -41.61 -22.38 1.25
N ALA L 89 -40.29 -22.43 1.18
CA ALA L 89 -39.51 -23.10 2.21
C ALA L 89 -39.52 -22.31 3.51
N SER L 90 -39.47 -23.04 4.62
CA SER L 90 -39.47 -22.45 5.95
C SER L 90 -38.06 -22.47 6.51
N PHE L 91 -37.60 -21.33 7.03
CA PHE L 91 -36.27 -21.19 7.61
C PHE L 91 -36.45 -20.55 8.99
N ALA L 92 -36.70 -21.39 9.99
CA ALA L 92 -36.88 -20.94 11.37
C ALA L 92 -35.56 -21.13 12.10
N VAL L 93 -34.69 -20.12 12.01
CA VAL L 93 -33.36 -20.20 12.61
C VAL L 93 -33.14 -19.14 13.68
N SER L 94 -34.10 -18.24 13.89
CA SER L 94 -34.00 -17.18 14.89
C SER L 94 -32.70 -16.39 14.70
N PRO L 95 -32.63 -15.52 13.69
CA PRO L 95 -31.37 -14.83 13.40
C PRO L 95 -30.82 -14.04 14.56
N ILE L 96 -31.67 -13.55 15.45
CA ILE L 96 -31.19 -12.75 16.58
C ILE L 96 -30.31 -13.60 17.50
N ASP L 97 -30.69 -14.86 17.73
CA ASP L 97 -29.90 -15.72 18.60
C ASP L 97 -28.50 -15.94 18.05
N VAL L 98 -28.40 -16.23 16.74
CA VAL L 98 -27.09 -16.51 16.16
C VAL L 98 -26.25 -15.24 16.09
N VAL L 99 -26.86 -14.09 15.74
CA VAL L 99 -26.09 -12.86 15.68
C VAL L 99 -25.65 -12.43 17.07
N ASN L 100 -26.40 -12.80 18.12
CA ASN L 100 -25.94 -12.52 19.48
C ASN L 100 -24.80 -13.45 19.86
N ALA L 101 -24.97 -14.75 19.64
CA ALA L 101 -23.99 -15.73 20.11
C ALA L 101 -22.65 -15.61 19.38
N LEU L 102 -22.68 -15.32 18.09
CA LEU L 102 -21.45 -15.21 17.32
C LEU L 102 -20.72 -13.90 17.58
N ILE L 103 -21.42 -12.85 17.98
CA ILE L 103 -20.81 -11.53 18.06
C ILE L 103 -20.55 -11.12 19.50
N PHE L 104 -21.60 -11.01 20.31
CA PHE L 104 -21.49 -10.33 21.59
C PHE L 104 -21.34 -11.27 22.79
N GLN L 105 -21.76 -12.53 22.66
CA GLN L 105 -21.62 -13.46 23.77
C GLN L 105 -20.18 -13.69 24.20
N PRO L 106 -19.23 -13.96 23.31
CA PRO L 106 -17.83 -14.11 23.77
C PRO L 106 -17.25 -12.85 24.36
N ILE L 107 -17.68 -11.68 23.88
CA ILE L 107 -17.07 -10.42 24.32
C ILE L 107 -17.47 -10.10 25.76
N VAL L 108 -18.74 -10.29 26.11
CA VAL L 108 -19.26 -9.76 27.36
C VAL L 108 -18.58 -10.42 28.56
N ASP L 109 -18.38 -11.73 28.51
CA ASP L 109 -17.93 -12.45 29.70
C ASP L 109 -16.42 -12.38 29.88
N MET L 110 -15.87 -11.17 29.86
CA MET L 110 -14.44 -10.96 30.04
C MET L 110 -14.22 -9.75 30.94
N VAL L 111 -13.23 -9.84 31.82
CA VAL L 111 -12.90 -8.79 32.76
C VAL L 111 -11.43 -8.44 32.60
N LYS L 112 -11.14 -7.17 32.35
CA LYS L 112 -9.76 -6.69 32.26
C LYS L 112 -9.43 -5.80 33.45
N THR M 1 -39.34 -21.49 -13.26
CA THR M 1 -40.60 -22.19 -13.31
C THR M 1 -41.62 -21.44 -14.17
N SER M 2 -41.70 -20.14 -13.96
CA SER M 2 -42.65 -19.30 -14.68
C SER M 2 -42.05 -17.91 -14.90
N VAL M 3 -42.53 -17.24 -15.94
CA VAL M 3 -41.87 -16.03 -16.43
C VAL M 3 -42.01 -14.89 -15.42
N GLU M 4 -43.23 -14.64 -14.95
CA GLU M 4 -43.45 -13.49 -14.08
C GLU M 4 -42.75 -13.65 -12.75
N PHE M 5 -42.45 -14.89 -12.35
CA PHE M 5 -41.61 -15.11 -11.17
C PHE M 5 -40.24 -14.46 -11.33
N TRP M 6 -39.56 -14.78 -12.44
CA TRP M 6 -38.26 -14.18 -12.71
C TRP M 6 -38.39 -12.67 -12.92
N GLN M 7 -39.48 -12.23 -13.56
CA GLN M 7 -39.69 -10.79 -13.74
C GLN M 7 -39.76 -10.09 -12.39
N ASN M 8 -40.54 -10.63 -11.46
CA ASN M 8 -40.69 -10.03 -10.14
C ASN M 8 -39.37 -10.03 -9.37
N ILE M 9 -38.63 -11.15 -9.41
CA ILE M 9 -37.38 -11.20 -8.66
C ILE M 9 -36.38 -10.19 -9.23
N ALA M 10 -36.31 -10.08 -10.56
CA ALA M 10 -35.39 -9.13 -11.18
C ALA M 10 -35.79 -7.69 -10.85
N SER M 11 -37.08 -7.37 -10.90
CA SER M 11 -37.52 -6.02 -10.58
C SER M 11 -37.20 -5.69 -9.12
N GLY M 12 -37.46 -6.63 -8.21
CA GLY M 12 -37.18 -6.38 -6.80
C GLY M 12 -35.71 -6.13 -6.53
N VAL M 13 -34.85 -6.99 -7.08
CA VAL M 13 -33.42 -6.80 -6.85
C VAL M 13 -32.94 -5.52 -7.51
N GLY M 14 -33.51 -5.15 -8.66
CA GLY M 14 -33.11 -3.89 -9.29
C GLY M 14 -33.45 -2.68 -8.45
N LYS M 15 -34.69 -2.65 -7.92
CA LYS M 15 -35.06 -1.52 -7.07
C LYS M 15 -34.23 -1.47 -5.80
N TRP M 16 -33.97 -2.64 -5.20
CA TRP M 16 -33.12 -2.68 -4.01
C TRP M 16 -31.72 -2.15 -4.30
N LEU M 17 -31.14 -2.55 -5.44
CA LEU M 17 -29.80 -2.12 -5.78
C LEU M 17 -29.74 -0.61 -6.06
N ARG M 18 -30.74 -0.06 -6.76
CA ARG M 18 -30.69 1.38 -7.01
C ARG M 18 -30.90 2.17 -5.73
N ALA M 19 -31.76 1.68 -4.83
CA ALA M 19 -31.94 2.36 -3.55
C ALA M 19 -30.65 2.35 -2.74
N ILE M 20 -29.99 1.20 -2.66
CA ILE M 20 -28.74 1.16 -1.88
C ILE M 20 -27.64 1.95 -2.58
N PHE M 21 -27.71 2.09 -3.90
CA PHE M 21 -26.75 2.95 -4.61
C PHE M 21 -26.94 4.42 -4.22
N ALA M 22 -28.20 4.87 -4.14
CA ALA M 22 -28.44 6.23 -3.67
C ALA M 22 -27.97 6.41 -2.24
N ILE M 23 -28.21 5.40 -1.39
CA ILE M 23 -27.69 5.42 -0.03
C ILE M 23 -26.17 5.54 -0.04
N ALA M 24 -25.52 4.85 -0.97
CA ALA M 24 -24.07 4.89 -1.07
C ALA M 24 -23.57 6.28 -1.45
N PHE M 25 -24.25 6.93 -2.40
CA PHE M 25 -23.86 8.28 -2.79
C PHE M 25 -23.98 9.24 -1.61
N TRP M 26 -25.09 9.15 -0.88
CA TRP M 26 -25.25 10.06 0.26
C TRP M 26 -24.31 9.69 1.41
N SER M 27 -23.89 8.42 1.49
CA SER M 27 -22.85 8.05 2.45
C SER M 27 -21.50 8.63 2.05
N SER M 28 -21.21 8.72 0.76
CA SER M 28 -20.03 9.45 0.31
C SER M 28 -20.11 10.91 0.75
N LEU M 29 -21.30 11.50 0.65
CA LEU M 29 -21.48 12.87 1.13
C LEU M 29 -21.22 12.98 2.63
N ILE M 30 -21.74 12.03 3.42
CA ILE M 30 -21.52 12.10 4.86
C ILE M 30 -20.05 11.88 5.21
N LEU M 31 -19.35 11.08 4.41
CA LEU M 31 -17.91 10.91 4.61
C LEU M 31 -17.16 12.20 4.30
N LEU M 32 -17.60 12.92 3.28
CA LEU M 32 -17.12 14.28 3.04
C LEU M 32 -17.31 15.14 4.28
N THR M 33 -18.50 15.06 4.90
CA THR M 33 -18.77 15.81 6.12
C THR M 33 -17.84 15.40 7.26
N PHE M 34 -17.56 14.10 7.37
CA PHE M 34 -16.67 13.63 8.43
C PHE M 34 -15.26 14.16 8.24
N TYR M 35 -14.76 14.16 7.01
CA TYR M 35 -13.46 14.79 6.76
C TYR M 35 -13.50 16.29 7.04
N ALA M 36 -14.66 16.93 6.80
CA ALA M 36 -14.79 18.34 7.12
C ALA M 36 -14.64 18.58 8.62
N ILE M 37 -15.32 17.79 9.44
CA ILE M 37 -15.18 17.98 10.88
C ILE M 37 -13.78 17.61 11.34
N MET M 38 -13.14 16.63 10.66
CA MET M 38 -11.77 16.28 11.00
C MET M 38 -10.83 17.46 10.78
N THR M 39 -10.87 18.06 9.59
CA THR M 39 -10.03 19.22 9.32
C THR M 39 -10.43 20.43 10.14
N GLN M 40 -11.67 20.47 10.64
CA GLN M 40 -12.08 21.55 11.52
C GLN M 40 -11.53 21.39 12.93
N VAL M 41 -11.38 20.15 13.39
CA VAL M 41 -11.03 19.89 14.79
C VAL M 41 -9.59 19.44 14.98
N ALA M 42 -8.95 18.90 13.94
CA ALA M 42 -7.62 18.33 14.10
C ALA M 42 -6.68 19.37 14.68
N PRO M 43 -5.97 19.07 15.77
CA PRO M 43 -5.19 20.11 16.47
C PRO M 43 -4.03 20.64 15.64
N SER M 44 -3.15 19.75 15.19
CA SER M 44 -1.99 20.19 14.44
C SER M 44 -2.38 20.61 13.03
N LYS M 45 -1.58 21.51 12.46
CA LYS M 45 -1.82 21.97 11.10
C LYS M 45 -1.70 20.83 10.10
N VAL M 46 -0.72 19.94 10.30
CA VAL M 46 -0.45 18.89 9.34
C VAL M 46 -1.65 17.96 9.20
N PHE M 47 -2.32 17.67 10.32
CA PHE M 47 -3.48 16.78 10.25
C PHE M 47 -4.65 17.43 9.53
N ARG M 48 -4.88 18.73 9.75
CA ARG M 48 -5.90 19.45 9.00
C ARG M 48 -5.57 19.47 7.51
N LEU M 49 -4.30 19.67 7.18
CA LEU M 49 -3.87 19.65 5.78
C LEU M 49 -4.13 18.29 5.14
N GLY M 50 -3.78 17.22 5.85
CA GLY M 50 -4.04 15.88 5.32
C GLY M 50 -5.52 15.60 5.18
N ALA M 51 -6.33 16.10 6.11
CA ALA M 51 -7.78 15.95 6.00
C ALA M 51 -8.31 16.70 4.78
N LEU M 52 -7.78 17.88 4.50
CA LEU M 52 -8.17 18.58 3.28
C LEU M 52 -7.80 17.79 2.04
N VAL M 53 -6.59 17.21 2.03
CA VAL M 53 -6.14 16.46 0.87
C VAL M 53 -7.03 15.23 0.65
N ASP M 54 -7.33 14.48 1.71
CA ASP M 54 -8.16 13.30 1.51
C ASP M 54 -9.62 13.65 1.28
N LEU M 55 -10.06 14.83 1.72
CA LEU M 55 -11.38 15.34 1.33
C LEU M 55 -11.44 15.55 -0.19
N ILE M 56 -10.41 16.19 -0.75
CA ILE M 56 -10.34 16.36 -2.20
C ILE M 56 -10.25 15.00 -2.89
N GLU M 57 -9.52 14.07 -2.28
CA GLU M 57 -9.43 12.72 -2.82
C GLU M 57 -10.80 12.07 -2.90
N SER M 58 -11.59 12.20 -1.83
CA SER M 58 -12.92 11.59 -1.79
C SER M 58 -13.85 12.21 -2.83
N VAL M 59 -13.83 13.54 -2.94
CA VAL M 59 -14.72 14.17 -3.91
C VAL M 59 -14.33 13.79 -5.34
N LYS M 60 -13.02 13.74 -5.62
CA LYS M 60 -12.57 13.37 -6.95
C LYS M 60 -12.93 11.93 -7.27
N THR M 61 -12.80 11.01 -6.30
CA THR M 61 -13.09 9.62 -6.58
C THR M 61 -14.58 9.36 -6.73
N VAL M 62 -15.42 10.06 -5.96
CA VAL M 62 -16.86 9.91 -6.14
C VAL M 62 -17.29 10.46 -7.49
N LEU M 63 -16.72 11.60 -7.90
CA LEU M 63 -17.08 12.16 -9.20
C LEU M 63 -16.63 11.25 -10.33
N LEU M 64 -15.42 10.70 -10.23
CA LEU M 64 -14.92 9.78 -11.24
C LEU M 64 -15.77 8.52 -11.32
N GLY M 65 -16.18 7.97 -10.17
CA GLY M 65 -17.02 6.78 -10.18
C GLY M 65 -18.36 7.04 -10.83
N ILE M 66 -18.99 8.17 -10.49
CA ILE M 66 -20.26 8.52 -11.13
C ILE M 66 -20.08 8.67 -12.63
N PHE M 67 -18.99 9.32 -13.04
CA PHE M 67 -18.73 9.50 -14.47
C PHE M 67 -18.59 8.15 -15.17
N VAL M 68 -17.81 7.25 -14.59
CA VAL M 68 -17.61 5.94 -15.22
C VAL M 68 -18.93 5.17 -15.30
N PHE M 69 -19.75 5.24 -14.25
CA PHE M 69 -21.02 4.52 -14.26
C PHE M 69 -21.93 5.04 -15.38
N THR M 70 -22.14 6.36 -15.41
CA THR M 70 -23.05 6.91 -16.42
C THR M 70 -22.51 6.72 -17.83
N ALA M 71 -21.19 6.86 -18.01
CA ALA M 71 -20.58 6.65 -19.32
C ALA M 71 -20.72 5.21 -19.76
N SER M 72 -20.54 4.26 -18.84
CA SER M 72 -20.69 2.85 -19.20
C SER M 72 -22.13 2.51 -19.58
N VAL M 73 -23.10 3.05 -18.85
CA VAL M 73 -24.50 2.78 -19.17
C VAL M 73 -24.84 3.35 -20.55
N THR M 74 -24.45 4.61 -20.79
CA THR M 74 -24.70 5.21 -22.09
C THR M 74 -23.97 4.44 -23.18
N GLY M 75 -22.75 3.99 -22.91
CA GLY M 75 -21.99 3.25 -23.91
C GLY M 75 -22.62 1.93 -24.28
N ILE M 76 -23.07 1.16 -23.29
CA ILE M 76 -23.70 -0.13 -23.60
C ILE M 76 -24.99 0.08 -24.37
N ILE M 77 -25.82 1.02 -23.93
CA ILE M 77 -27.11 1.22 -24.60
C ILE M 77 -26.90 1.73 -26.03
N ALA M 78 -25.97 2.67 -26.22
CA ALA M 78 -25.72 3.19 -27.56
C ALA M 78 -25.03 2.16 -28.44
N GLY M 79 -24.18 1.31 -27.86
CA GLY M 79 -23.56 0.25 -28.64
C GLY M 79 -24.56 -0.76 -29.14
N VAL M 80 -25.52 -1.15 -28.30
CA VAL M 80 -26.56 -2.05 -28.77
C VAL M 80 -27.43 -1.37 -29.82
N ALA M 81 -27.74 -0.09 -29.61
CA ALA M 81 -28.54 0.64 -30.60
C ALA M 81 -27.82 0.71 -31.95
N ALA M 82 -26.52 0.96 -31.94
CA ALA M 82 -25.76 1.04 -33.18
C ALA M 82 -25.57 -0.32 -33.82
N ILE M 83 -25.42 -1.37 -32.99
CA ILE M 83 -25.25 -2.71 -33.52
C ILE M 83 -26.56 -3.22 -34.09
N ALA M 84 -27.69 -2.62 -33.72
CA ALA M 84 -28.93 -2.89 -34.44
C ALA M 84 -28.82 -2.49 -35.90
N ASN M 85 -27.99 -1.48 -36.20
CA ASN M 85 -27.72 -1.09 -37.57
C ASN M 85 -26.76 -2.08 -38.22
N ALA M 86 -26.49 -1.87 -39.51
CA ALA M 86 -25.65 -2.73 -40.34
C ALA M 86 -26.31 -4.09 -40.56
N PHE M 87 -27.47 -4.28 -39.93
CA PHE M 87 -28.30 -5.47 -40.11
C PHE M 87 -29.74 -5.12 -40.47
N GLY M 88 -30.15 -3.86 -40.34
CA GLY M 88 -31.51 -3.45 -40.61
C GLY M 88 -32.44 -3.51 -39.42
N ALA M 89 -31.99 -4.08 -38.29
CA ALA M 89 -32.85 -4.23 -37.13
C ALA M 89 -33.13 -2.89 -36.47
N SER M 90 -34.33 -2.76 -35.91
CA SER M 90 -34.76 -1.56 -35.23
C SER M 90 -34.67 -1.75 -33.72
N PHE M 91 -34.04 -0.79 -33.04
CA PHE M 91 -33.86 -0.83 -31.59
C PHE M 91 -34.36 0.51 -31.05
N ALA M 92 -35.66 0.60 -30.79
CA ALA M 92 -36.27 1.81 -30.26
C ALA M 92 -36.44 1.63 -28.75
N VAL M 93 -35.39 1.98 -28.00
CA VAL M 93 -35.38 1.80 -26.56
C VAL M 93 -35.25 3.11 -25.80
N SER M 94 -35.08 4.24 -26.50
CA SER M 94 -34.94 5.55 -25.89
C SER M 94 -33.84 5.53 -24.83
N PRO M 95 -32.57 5.52 -25.25
CA PRO M 95 -31.48 5.38 -24.27
C PRO M 95 -31.48 6.44 -23.19
N ILE M 96 -31.99 7.64 -23.47
CA ILE M 96 -31.99 8.70 -22.47
C ILE M 96 -32.87 8.32 -21.29
N ASP M 97 -34.01 7.69 -21.54
CA ASP M 97 -34.91 7.31 -20.45
C ASP M 97 -34.24 6.30 -19.51
N VAL M 98 -33.58 5.29 -20.08
CA VAL M 98 -32.97 4.26 -19.24
C VAL M 98 -31.75 4.83 -18.50
N VAL M 99 -30.94 5.66 -19.17
CA VAL M 99 -29.79 6.23 -18.49
C VAL M 99 -30.23 7.20 -17.40
N ASN M 100 -31.39 7.84 -17.56
CA ASN M 100 -31.91 8.67 -16.48
C ASN M 100 -32.42 7.83 -15.33
N ALA M 101 -33.24 6.82 -15.62
CA ALA M 101 -33.90 6.04 -14.57
C ALA M 101 -32.90 5.21 -13.77
N LEU M 102 -31.89 4.65 -14.42
CA LEU M 102 -30.91 3.83 -13.72
C LEU M 102 -29.92 4.65 -12.91
N ILE M 103 -29.68 5.90 -13.29
CA ILE M 103 -28.60 6.67 -12.69
C ILE M 103 -29.15 7.72 -11.73
N PHE M 104 -29.94 8.67 -12.24
CA PHE M 104 -30.23 9.88 -11.49
C PHE M 104 -31.59 9.87 -10.80
N GLN M 105 -32.54 9.04 -11.27
CA GLN M 105 -33.86 8.99 -10.63
C GLN M 105 -33.79 8.55 -9.18
N PRO M 106 -33.11 7.47 -8.79
CA PRO M 106 -33.04 7.13 -7.36
C PRO M 106 -32.33 8.18 -6.52
N ILE M 107 -31.36 8.89 -7.09
CA ILE M 107 -30.57 9.83 -6.30
C ILE M 107 -31.38 11.06 -5.93
N VAL M 108 -32.16 11.59 -6.87
CA VAL M 108 -32.76 12.91 -6.68
C VAL M 108 -33.76 12.90 -5.53
N ASP M 109 -34.57 11.86 -5.42
CA ASP M 109 -35.67 11.88 -4.47
C ASP M 109 -35.23 11.49 -3.05
N MET M 110 -34.20 12.15 -2.56
CA MET M 110 -33.68 11.88 -1.21
C MET M 110 -33.35 13.21 -0.54
N VAL M 111 -33.64 13.30 0.76
CA VAL M 111 -33.38 14.50 1.54
C VAL M 111 -32.55 14.11 2.75
N LYS M 112 -31.41 14.77 2.92
CA LYS M 112 -30.55 14.56 4.08
C LYS M 112 -30.58 15.78 5.00
N THR N 1 -21.85 -12.34 -44.56
CA THR N 1 -22.74 -12.41 -45.72
C THR N 1 -22.01 -12.01 -46.99
N SER N 2 -21.26 -10.92 -46.92
CA SER N 2 -20.54 -10.40 -48.07
C SER N 2 -19.24 -9.75 -47.61
N VAL N 3 -18.26 -9.72 -48.53
CA VAL N 3 -16.89 -9.38 -48.15
C VAL N 3 -16.77 -7.92 -47.73
N GLU N 4 -17.30 -7.01 -48.55
CA GLU N 4 -17.14 -5.59 -48.28
C GLU N 4 -17.87 -5.17 -47.02
N PHE N 5 -18.87 -5.93 -46.60
CA PHE N 5 -19.50 -5.68 -45.30
C PHE N 5 -18.49 -5.82 -44.17
N TRP N 6 -17.78 -6.95 -44.14
CA TRP N 6 -16.74 -7.16 -43.12
C TRP N 6 -15.61 -6.15 -43.29
N GLN N 7 -15.25 -5.83 -44.53
CA GLN N 7 -14.22 -4.82 -44.75
C GLN N 7 -14.60 -3.49 -44.13
N ASN N 8 -15.84 -3.04 -44.36
CA ASN N 8 -16.31 -1.78 -43.82
C ASN N 8 -16.35 -1.79 -42.30
N ILE N 9 -16.86 -2.89 -41.71
CA ILE N 9 -16.95 -2.94 -40.26
C ILE N 9 -15.55 -2.92 -39.63
N ALA N 10 -14.61 -3.66 -40.22
CA ALA N 10 -13.24 -3.68 -39.70
C ALA N 10 -12.58 -2.31 -39.84
N SER N 11 -12.76 -1.65 -40.97
CA SER N 11 -12.18 -0.32 -41.15
C SER N 11 -12.76 0.68 -40.15
N GLY N 12 -14.08 0.63 -39.95
CA GLY N 12 -14.71 1.55 -39.01
C GLY N 12 -14.22 1.35 -37.59
N VAL N 13 -14.18 0.10 -37.14
CA VAL N 13 -13.72 -0.16 -35.78
C VAL N 13 -12.24 0.20 -35.64
N GLY N 14 -11.44 -0.01 -36.69
CA GLY N 14 -10.05 0.36 -36.63
C GLY N 14 -9.84 1.86 -36.46
N LYS N 15 -10.56 2.65 -37.27
CA LYS N 15 -10.44 4.10 -37.15
C LYS N 15 -10.94 4.59 -35.79
N TRP N 16 -12.05 4.00 -35.30
CA TRP N 16 -12.54 4.38 -33.98
C TRP N 16 -11.52 4.08 -32.90
N LEU N 17 -10.89 2.90 -32.97
CA LEU N 17 -9.92 2.52 -31.95
C LEU N 17 -8.68 3.42 -31.99
N ARG N 18 -8.18 3.75 -33.18
CA ARG N 18 -7.00 4.62 -33.22
C ARG N 18 -7.33 6.02 -32.74
N ALA N 19 -8.53 6.52 -33.06
CA ALA N 19 -8.93 7.84 -32.57
C ALA N 19 -9.02 7.84 -31.05
N ILE N 20 -9.65 6.82 -30.46
CA ILE N 20 -9.76 6.81 -29.00
C ILE N 20 -8.40 6.55 -28.37
N PHE N 21 -7.47 5.89 -29.07
CA PHE N 21 -6.12 5.74 -28.56
C PHE N 21 -5.40 7.09 -28.49
N ALA N 22 -5.55 7.92 -29.53
CA ALA N 22 -4.99 9.26 -29.46
C ALA N 22 -5.61 10.07 -28.33
N ILE N 23 -6.93 9.94 -28.16
CA ILE N 23 -7.61 10.58 -27.04
C ILE N 23 -7.02 10.10 -25.71
N ALA N 24 -6.70 8.81 -25.64
CA ALA N 24 -6.11 8.25 -24.42
C ALA N 24 -4.74 8.85 -24.13
N PHE N 25 -3.91 8.99 -25.17
CA PHE N 25 -2.59 9.59 -24.97
C PHE N 25 -2.71 11.02 -24.47
N TRP N 26 -3.61 11.80 -25.08
CA TRP N 26 -3.76 13.18 -24.62
C TRP N 26 -4.42 13.26 -23.25
N SER N 27 -5.21 12.24 -22.88
CA SER N 27 -5.73 12.17 -21.52
C SER N 27 -4.62 11.85 -20.52
N SER N 28 -3.65 11.05 -20.92
CA SER N 28 -2.47 10.88 -20.08
C SER N 28 -1.75 12.21 -19.88
N LEU N 29 -1.67 13.00 -20.95
CA LEU N 29 -1.08 14.34 -20.83
C LEU N 29 -1.88 15.21 -19.85
N ILE N 30 -3.21 15.19 -19.94
CA ILE N 30 -4.00 16.02 -19.04
C ILE N 30 -3.89 15.53 -17.60
N LEU N 31 -3.69 14.22 -17.41
CA LEU N 31 -3.47 13.70 -16.07
C LEU N 31 -2.13 14.17 -15.52
N LEU N 32 -1.11 14.24 -16.39
CA LEU N 32 0.14 14.89 -16.04
C LEU N 32 -0.11 16.32 -15.57
N THR N 33 -0.95 17.05 -16.30
CA THR N 33 -1.30 18.42 -15.91
C THR N 33 -2.00 18.47 -14.56
N PHE N 34 -2.88 17.50 -14.29
CA PHE N 34 -3.58 17.46 -13.02
C PHE N 34 -2.62 17.23 -11.87
N TYR N 35 -1.67 16.31 -12.04
CA TYR N 35 -0.64 16.14 -11.01
C TYR N 35 0.21 17.40 -10.86
N ALA N 36 0.42 18.13 -11.96
CA ALA N 36 1.16 19.38 -11.87
C ALA N 36 0.43 20.39 -10.99
N ILE N 37 -0.87 20.57 -11.21
CA ILE N 37 -1.61 21.50 -10.37
C ILE N 37 -1.69 20.99 -8.93
N MET N 38 -1.73 19.66 -8.75
CA MET N 38 -1.73 19.12 -7.40
C MET N 38 -0.45 19.49 -6.65
N THR N 39 0.70 19.23 -7.26
CA THR N 39 1.97 19.58 -6.62
C THR N 39 2.15 21.09 -6.53
N GLN N 40 1.46 21.86 -7.35
CA GLN N 40 1.52 23.31 -7.24
C GLN N 40 0.69 23.83 -6.08
N VAL N 41 -0.43 23.17 -5.76
CA VAL N 41 -1.37 23.69 -4.78
C VAL N 41 -1.32 22.94 -3.44
N ALA N 42 -0.82 21.72 -3.41
CA ALA N 42 -0.89 20.91 -2.19
C ALA N 42 -0.20 21.66 -1.05
N PRO N 43 -0.87 21.83 0.09
CA PRO N 43 -0.34 22.71 1.14
C PRO N 43 0.94 22.18 1.76
N SER N 44 0.91 20.95 2.26
CA SER N 44 2.09 20.39 2.92
C SER N 44 3.15 20.00 1.90
N LYS N 45 4.40 20.01 2.35
CA LYS N 45 5.50 19.63 1.47
C LYS N 45 5.38 18.16 1.06
N VAL N 46 4.97 17.29 1.98
CA VAL N 46 4.93 15.86 1.71
C VAL N 46 3.97 15.56 0.57
N PHE N 47 2.83 16.26 0.52
CA PHE N 47 1.87 16.00 -0.55
C PHE N 47 2.39 16.47 -1.91
N ARG N 48 3.08 17.61 -1.94
CA ARG N 48 3.71 18.05 -3.18
C ARG N 48 4.77 17.07 -3.64
N LEU N 49 5.56 16.55 -2.68
CA LEU N 49 6.57 15.55 -3.00
C LEU N 49 5.94 14.29 -3.58
N GLY N 50 4.86 13.81 -2.97
CA GLY N 50 4.18 12.63 -3.49
C GLY N 50 3.58 12.88 -4.87
N ALA N 51 3.08 14.09 -5.09
CA ALA N 51 2.55 14.44 -6.41
C ALA N 51 3.67 14.45 -7.45
N LEU N 52 4.85 14.95 -7.09
CA LEU N 52 5.98 14.86 -8.01
C LEU N 52 6.34 13.42 -8.32
N VAL N 53 6.35 12.56 -7.30
CA VAL N 53 6.71 11.16 -7.50
C VAL N 53 5.70 10.48 -8.43
N ASP N 54 4.41 10.68 -8.19
CA ASP N 54 3.43 10.02 -9.04
C ASP N 54 3.33 10.67 -10.41
N LEU N 55 3.72 11.93 -10.55
CA LEU N 55 3.89 12.54 -11.86
C LEU N 55 4.97 11.82 -12.66
N ILE N 56 6.12 11.56 -12.01
CA ILE N 56 7.18 10.81 -12.66
C ILE N 56 6.71 9.38 -12.98
N GLU N 57 5.92 8.80 -12.06
CA GLU N 57 5.36 7.48 -12.30
C GLU N 57 4.49 7.48 -13.56
N SER N 58 3.63 8.49 -13.70
CA SER N 58 2.74 8.56 -14.86
C SER N 58 3.52 8.73 -16.16
N VAL N 59 4.53 9.61 -16.17
CA VAL N 59 5.29 9.81 -17.40
C VAL N 59 6.06 8.54 -17.77
N LYS N 60 6.63 7.87 -16.77
CA LYS N 60 7.37 6.65 -17.05
C LYS N 60 6.45 5.55 -17.56
N THR N 61 5.24 5.43 -17.00
CA THR N 61 4.36 4.36 -17.43
C THR N 61 3.77 4.64 -18.82
N VAL N 62 3.48 5.91 -19.14
CA VAL N 62 3.01 6.21 -20.49
C VAL N 62 4.12 5.96 -21.51
N LEU N 63 5.36 6.33 -21.19
CA LEU N 63 6.46 6.09 -22.12
C LEU N 63 6.69 4.59 -22.32
N LEU N 64 6.64 3.82 -21.23
CA LEU N 64 6.82 2.37 -21.32
C LEU N 64 5.70 1.73 -22.14
N GLY N 65 4.45 2.17 -21.95
CA GLY N 65 3.35 1.62 -22.73
C GLY N 65 3.49 1.91 -24.21
N ILE N 66 3.85 3.16 -24.55
CA ILE N 66 4.07 3.49 -25.95
C ILE N 66 5.19 2.64 -26.54
N PHE N 67 6.28 2.46 -25.76
CA PHE N 67 7.39 1.65 -26.24
C PHE N 67 6.94 0.21 -26.51
N VAL N 68 6.20 -0.37 -25.57
CA VAL N 68 5.76 -1.76 -25.75
C VAL N 68 4.84 -1.88 -26.96
N PHE N 69 3.94 -0.91 -27.15
CA PHE N 69 3.02 -0.97 -28.29
C PHE N 69 3.79 -0.93 -29.61
N THR N 70 4.67 0.08 -29.77
CA THR N 70 5.37 0.21 -31.04
C THR N 70 6.32 -0.97 -31.26
N ALA N 71 6.97 -1.45 -30.20
CA ALA N 71 7.87 -2.60 -30.33
C ALA N 71 7.10 -3.85 -30.72
N SER N 72 5.91 -4.05 -30.15
CA SER N 72 5.11 -5.22 -30.50
C SER N 72 4.63 -5.17 -31.94
N VAL N 73 4.21 -3.98 -32.41
CA VAL N 73 3.77 -3.86 -33.80
C VAL N 73 4.93 -4.15 -34.75
N THR N 74 6.08 -3.53 -34.50
CA THR N 74 7.24 -3.79 -35.32
C THR N 74 7.65 -5.25 -35.26
N GLY N 75 7.56 -5.87 -34.07
CA GLY N 75 7.94 -7.26 -33.93
C GLY N 75 7.04 -8.19 -34.71
N ILE N 76 5.72 -8.00 -34.63
CA ILE N 76 4.82 -8.88 -35.37
C ILE N 76 5.02 -8.71 -36.88
N ILE N 77 5.12 -7.47 -37.35
CA ILE N 77 5.26 -7.26 -38.79
C ILE N 77 6.58 -7.82 -39.29
N ALA N 78 7.68 -7.60 -38.56
CA ALA N 78 8.97 -8.11 -38.98
C ALA N 78 9.04 -9.63 -38.85
N GLY N 79 8.36 -10.20 -37.86
CA GLY N 79 8.33 -11.65 -37.73
C GLY N 79 7.61 -12.30 -38.89
N VAL N 80 6.48 -11.74 -39.31
CA VAL N 80 5.80 -12.28 -40.47
C VAL N 80 6.65 -12.10 -41.73
N ALA N 81 7.31 -10.94 -41.85
CA ALA N 81 8.18 -10.72 -43.01
C ALA N 81 9.32 -11.73 -43.06
N ALA N 82 9.93 -12.03 -41.90
CA ALA N 82 11.03 -12.98 -41.86
C ALA N 82 10.54 -14.41 -42.04
N ILE N 83 9.34 -14.72 -41.55
CA ILE N 83 8.80 -16.05 -41.71
C ILE N 83 8.37 -16.29 -43.14
N ALA N 84 8.17 -15.22 -43.92
CA ALA N 84 8.02 -15.39 -45.36
C ALA N 84 9.28 -16.01 -45.98
N ASN N 85 10.43 -15.77 -45.37
CA ASN N 85 11.67 -16.40 -45.80
C ASN N 85 11.72 -17.85 -45.32
N ALA N 86 12.77 -18.56 -45.71
CA ALA N 86 12.98 -19.98 -45.41
C ALA N 86 11.95 -20.84 -46.15
N PHE N 87 11.02 -20.18 -46.84
CA PHE N 87 10.05 -20.84 -47.71
C PHE N 87 10.03 -20.29 -49.11
N GLY N 88 10.69 -19.15 -49.37
CA GLY N 88 10.69 -18.51 -50.67
C GLY N 88 9.57 -17.52 -50.88
N ALA N 89 8.62 -17.42 -49.96
CA ALA N 89 7.49 -16.52 -50.14
C ALA N 89 7.92 -15.07 -50.02
N SER N 90 7.24 -14.21 -50.77
CA SER N 90 7.50 -12.78 -50.77
C SER N 90 6.45 -12.05 -49.96
N PHE N 91 6.90 -11.20 -49.04
CA PHE N 91 6.01 -10.42 -48.18
C PHE N 91 6.43 -8.96 -48.29
N ALA N 92 5.89 -8.27 -49.30
CA ALA N 92 6.19 -6.86 -49.53
C ALA N 92 5.05 -6.04 -48.93
N VAL N 93 5.17 -5.72 -47.65
CA VAL N 93 4.14 -5.00 -46.92
C VAL N 93 4.61 -3.65 -46.41
N SER N 94 5.90 -3.33 -46.55
CA SER N 94 6.47 -2.07 -46.10
C SER N 94 6.15 -1.86 -44.62
N PRO N 95 6.83 -2.57 -43.71
CA PRO N 95 6.48 -2.49 -42.28
C PRO N 95 6.53 -1.08 -41.72
N ILE N 96 7.38 -0.21 -42.26
CA ILE N 96 7.48 1.14 -41.73
C ILE N 96 6.17 1.90 -41.93
N ASP N 97 5.51 1.71 -43.08
CA ASP N 97 4.25 2.41 -43.33
C ASP N 97 3.19 2.01 -42.31
N VAL N 98 3.06 0.70 -42.05
CA VAL N 98 2.01 0.25 -41.14
C VAL N 98 2.34 0.64 -39.70
N VAL N 99 3.61 0.55 -39.30
CA VAL N 99 3.96 0.94 -37.94
C VAL N 99 3.81 2.44 -37.75
N ASN N 100 3.95 3.23 -38.82
CA ASN N 100 3.69 4.67 -38.71
C ASN N 100 2.19 4.92 -38.61
N ALA N 101 1.41 4.32 -39.51
CA ALA N 101 -0.02 4.63 -39.58
C ALA N 101 -0.78 4.15 -38.35
N LEU N 102 -0.41 3.00 -37.81
CA LEU N 102 -1.12 2.46 -36.64
C LEU N 102 -0.72 3.17 -35.35
N ILE N 103 0.47 3.76 -35.29
CA ILE N 103 0.99 4.28 -34.03
C ILE N 103 0.93 5.80 -34.00
N PHE N 104 1.66 6.46 -34.90
CA PHE N 104 1.91 7.88 -34.75
C PHE N 104 1.02 8.78 -35.60
N GLN N 105 0.42 8.25 -36.68
CA GLN N 105 -0.46 9.07 -37.50
C GLN N 105 -1.66 9.60 -36.75
N PRO N 106 -2.43 8.81 -36.00
CA PRO N 106 -3.55 9.39 -35.25
C PRO N 106 -3.12 10.38 -34.18
N ILE N 107 -1.94 10.20 -33.60
CA ILE N 107 -1.52 11.05 -32.48
C ILE N 107 -1.18 12.45 -32.97
N VAL N 108 -0.47 12.56 -34.10
CA VAL N 108 0.13 13.83 -34.48
C VAL N 108 -0.94 14.87 -34.78
N ASP N 109 -2.00 14.49 -35.46
CA ASP N 109 -2.97 15.47 -35.95
C ASP N 109 -3.98 15.87 -34.89
N MET N 110 -3.50 16.27 -33.71
CA MET N 110 -4.36 16.69 -32.61
C MET N 110 -3.76 17.91 -31.94
N VAL N 111 -4.61 18.85 -31.56
CA VAL N 111 -4.19 20.08 -30.91
C VAL N 111 -4.95 20.22 -29.60
N LYS N 112 -4.22 20.38 -28.51
CA LYS N 112 -4.82 20.61 -27.20
C LYS N 112 -4.55 22.04 -26.73
N THR O 1 10.24 -30.76 -44.51
CA THR O 1 10.63 -31.18 -45.85
C THR O 1 11.96 -31.92 -45.84
N SER O 2 12.92 -31.36 -45.12
CA SER O 2 14.26 -31.94 -45.04
C SER O 2 14.85 -31.68 -43.66
N VAL O 3 15.78 -32.55 -43.26
CA VAL O 3 16.23 -32.59 -41.87
C VAL O 3 17.03 -31.33 -41.52
N GLU O 4 18.01 -30.98 -42.35
CA GLU O 4 18.88 -29.86 -42.03
C GLU O 4 18.12 -28.54 -42.03
N PHE O 5 16.98 -28.47 -42.72
CA PHE O 5 16.12 -27.29 -42.62
C PHE O 5 15.65 -27.09 -41.18
N TRP O 6 15.08 -28.14 -40.59
CA TRP O 6 14.63 -28.06 -39.19
C TRP O 6 15.81 -27.84 -38.26
N GLN O 7 16.95 -28.48 -38.55
CA GLN O 7 18.14 -28.27 -37.73
C GLN O 7 18.55 -26.81 -37.71
N ASN O 8 18.59 -26.17 -38.89
CA ASN O 8 18.98 -24.77 -38.99
C ASN O 8 17.98 -23.87 -38.27
N ILE O 9 16.68 -24.12 -38.46
CA ILE O 9 15.70 -23.25 -37.82
C ILE O 9 15.77 -23.37 -36.30
N ALA O 10 15.95 -24.60 -35.79
CA ALA O 10 16.07 -24.81 -34.35
C ALA O 10 17.32 -24.14 -33.80
N SER O 11 18.45 -24.28 -34.49
CA SER O 11 19.68 -23.65 -34.03
C SER O 11 19.55 -22.12 -34.01
N GLY O 12 18.94 -21.55 -35.06
CA GLY O 12 18.78 -20.11 -35.11
C GLY O 12 17.90 -19.59 -34.00
N VAL O 13 16.75 -20.24 -33.77
CA VAL O 13 15.87 -19.77 -32.71
C VAL O 13 16.52 -19.97 -31.35
N GLY O 14 17.30 -21.04 -31.18
CA GLY O 14 17.99 -21.24 -29.92
C GLY O 14 19.00 -20.15 -29.61
N LYS O 15 19.82 -19.80 -30.61
CA LYS O 15 20.80 -18.73 -30.39
C LYS O 15 20.11 -17.39 -30.15
N TRP O 16 19.02 -17.12 -30.88
CA TRP O 16 18.29 -15.88 -30.66
C TRP O 16 17.72 -15.82 -29.24
N LEU O 17 17.15 -16.94 -28.77
CA LEU O 17 16.58 -16.97 -27.43
C LEU O 17 17.64 -16.80 -26.35
N ARG O 18 18.79 -17.45 -26.49
CA ARG O 18 19.81 -17.28 -25.46
C ARG O 18 20.37 -15.86 -25.46
N ALA O 19 20.53 -15.26 -26.65
CA ALA O 19 21.00 -13.88 -26.71
C ALA O 19 20.01 -12.94 -26.03
N ILE O 20 18.72 -13.09 -26.33
CA ILE O 20 17.74 -12.20 -25.70
C ILE O 20 17.61 -12.49 -24.22
N PHE O 21 17.91 -13.72 -23.77
CA PHE O 21 17.93 -14.02 -22.35
C PHE O 21 19.07 -13.28 -21.64
N ALA O 22 20.25 -13.25 -22.26
CA ALA O 22 21.34 -12.45 -21.70
C ALA O 22 20.97 -10.97 -21.67
N ILE O 23 20.33 -10.48 -22.73
CA ILE O 23 19.84 -9.11 -22.74
C ILE O 23 18.86 -8.88 -21.58
N ALA O 24 18.02 -9.88 -21.31
CA ALA O 24 17.06 -9.77 -20.22
C ALA O 24 17.74 -9.66 -18.87
N PHE O 25 18.78 -10.48 -18.65
CA PHE O 25 19.51 -10.42 -17.39
C PHE O 25 20.15 -9.05 -17.20
N TRP O 26 20.78 -8.53 -18.25
CA TRP O 26 21.40 -7.21 -18.12
C TRP O 26 20.36 -6.10 -18.01
N SER O 27 19.16 -6.32 -18.55
CA SER O 27 18.07 -5.38 -18.33
C SER O 27 17.59 -5.41 -16.89
N SER O 28 17.61 -6.58 -16.26
CA SER O 28 17.34 -6.63 -14.82
C SER O 28 18.39 -5.82 -14.06
N LEU O 29 19.65 -5.91 -14.50
CA LEU O 29 20.69 -5.10 -13.88
C LEU O 29 20.42 -3.60 -14.06
N ILE O 30 20.02 -3.19 -15.27
CA ILE O 30 19.76 -1.77 -15.48
C ILE O 30 18.54 -1.31 -14.68
N LEU O 31 17.57 -2.20 -14.47
CA LEU O 31 16.43 -1.86 -13.62
C LEU O 31 16.87 -1.68 -12.17
N LEU O 32 17.80 -2.52 -11.72
CA LEU O 32 18.46 -2.30 -10.44
C LEU O 32 19.06 -0.91 -10.38
N THR O 33 19.75 -0.50 -11.44
CA THR O 33 20.35 0.83 -11.50
C THR O 33 19.28 1.93 -11.44
N PHE O 34 18.15 1.71 -12.12
CA PHE O 34 17.08 2.70 -12.10
C PHE O 34 16.51 2.86 -10.70
N TYR O 35 16.29 1.75 -9.99
CA TYR O 35 15.87 1.87 -8.60
C TYR O 35 16.93 2.55 -7.74
N ALA O 36 18.20 2.34 -8.07
CA ALA O 36 19.27 3.02 -7.35
C ALA O 36 19.17 4.53 -7.51
N ILE O 37 18.99 5.00 -8.75
CA ILE O 37 18.87 6.44 -8.94
C ILE O 37 17.58 6.96 -8.32
N MET O 38 16.52 6.14 -8.31
CA MET O 38 15.28 6.55 -7.66
C MET O 38 15.49 6.79 -6.17
N THR O 39 16.09 5.82 -5.47
CA THR O 39 16.35 5.99 -4.04
C THR O 39 17.40 7.05 -3.79
N GLN O 40 18.23 7.38 -4.78
CA GLN O 40 19.19 8.46 -4.63
C GLN O 40 18.54 9.83 -4.75
N VAL O 41 17.50 9.95 -5.58
CA VAL O 41 16.92 11.25 -5.90
C VAL O 41 15.57 11.49 -5.23
N ALA O 42 14.86 10.45 -4.82
CA ALA O 42 13.51 10.62 -4.30
C ALA O 42 13.54 11.58 -3.12
N PRO O 43 12.71 12.63 -3.13
CA PRO O 43 12.83 13.69 -2.12
C PRO O 43 12.49 13.21 -0.71
N SER O 44 11.31 12.64 -0.54
CA SER O 44 10.89 12.21 0.79
C SER O 44 11.62 10.93 1.19
N LYS O 45 11.76 10.75 2.50
CA LYS O 45 12.42 9.55 3.02
C LYS O 45 11.62 8.30 2.66
N VAL O 46 10.29 8.38 2.73
CA VAL O 46 9.46 7.20 2.52
C VAL O 46 9.65 6.65 1.11
N PHE O 47 9.80 7.54 0.12
CA PHE O 47 9.97 7.07 -1.26
C PHE O 47 11.33 6.41 -1.45
N ARG O 48 12.37 6.96 -0.84
CA ARG O 48 13.68 6.31 -0.89
C ARG O 48 13.63 4.95 -0.22
N LEU O 49 12.94 4.86 0.91
CA LEU O 49 12.78 3.58 1.61
C LEU O 49 12.06 2.56 0.74
N GLY O 50 10.97 2.97 0.09
CA GLY O 50 10.26 2.07 -0.81
C GLY O 50 11.10 1.65 -2.00
N ALA O 51 11.93 2.57 -2.51
CA ALA O 51 12.83 2.22 -3.60
C ALA O 51 13.86 1.21 -3.15
N LEU O 52 14.38 1.34 -1.92
CA LEU O 52 15.29 0.33 -1.40
C LEU O 52 14.60 -1.03 -1.30
N VAL O 53 13.35 -1.04 -0.80
CA VAL O 53 12.63 -2.29 -0.64
C VAL O 53 12.40 -2.97 -1.98
N ASP O 54 11.95 -2.21 -2.99
CA ASP O 54 11.71 -2.83 -4.28
C ASP O 54 13.00 -3.15 -5.02
N LEU O 55 14.10 -2.46 -4.71
CA LEU O 55 15.41 -2.87 -5.18
C LEU O 55 15.77 -4.26 -4.67
N ILE O 56 15.57 -4.47 -3.37
CA ILE O 56 15.82 -5.79 -2.79
C ILE O 56 14.87 -6.82 -3.40
N GLU O 57 13.62 -6.41 -3.65
CA GLU O 57 12.66 -7.29 -4.31
C GLU O 57 13.16 -7.73 -5.68
N SER O 58 13.68 -6.77 -6.46
CA SER O 58 14.16 -7.09 -7.80
C SER O 58 15.36 -8.02 -7.76
N VAL O 59 16.31 -7.76 -6.86
CA VAL O 59 17.49 -8.63 -6.80
C VAL O 59 17.10 -10.04 -6.35
N LYS O 60 16.19 -10.13 -5.39
CA LYS O 60 15.76 -11.45 -4.91
C LYS O 60 15.01 -12.20 -6.01
N THR O 61 14.17 -11.52 -6.79
CA THR O 61 13.41 -12.21 -7.81
C THR O 61 14.29 -12.63 -8.99
N VAL O 62 15.27 -11.80 -9.35
CA VAL O 62 16.19 -12.21 -10.42
C VAL O 62 17.03 -13.41 -9.97
N LEU O 63 17.49 -13.40 -8.72
CA LEU O 63 18.28 -14.52 -8.23
C LEU O 63 17.45 -15.80 -8.18
N LEU O 64 16.21 -15.69 -7.71
CA LEU O 64 15.32 -16.85 -7.65
C LEU O 64 15.02 -17.39 -9.05
N GLY O 65 14.78 -16.50 -10.02
CA GLY O 65 14.53 -16.95 -11.37
C GLY O 65 15.71 -17.68 -11.98
N ILE O 66 16.92 -17.12 -11.79
CA ILE O 66 18.12 -17.80 -12.29
C ILE O 66 18.27 -19.17 -11.62
N PHE O 67 18.01 -19.24 -10.32
CA PHE O 67 18.11 -20.50 -9.60
C PHE O 67 17.14 -21.53 -10.17
N VAL O 68 15.89 -21.11 -10.38
CA VAL O 68 14.89 -22.06 -10.89
C VAL O 68 15.27 -22.53 -12.29
N PHE O 69 15.77 -21.62 -13.13
CA PHE O 69 16.14 -22.01 -14.49
C PHE O 69 17.27 -23.04 -14.48
N THR O 70 18.37 -22.73 -13.76
CA THR O 70 19.50 -23.65 -13.77
C THR O 70 19.12 -24.97 -13.09
N ALA O 71 18.34 -24.93 -12.02
CA ALA O 71 17.93 -26.15 -11.35
C ALA O 71 17.04 -27.00 -12.25
N SER O 72 16.14 -26.36 -13.01
CA SER O 72 15.28 -27.12 -13.91
C SER O 72 16.07 -27.77 -15.03
N VAL O 73 17.06 -27.05 -15.59
CA VAL O 73 17.87 -27.62 -16.65
C VAL O 73 18.66 -28.81 -16.14
N THR O 74 19.32 -28.64 -14.98
CA THR O 74 20.06 -29.75 -14.38
C THR O 74 19.12 -30.90 -14.05
N GLY O 75 17.93 -30.60 -13.57
CA GLY O 75 16.99 -31.66 -13.21
C GLY O 75 16.53 -32.46 -14.40
N ILE O 76 16.18 -31.80 -15.50
CA ILE O 76 15.73 -32.54 -16.68
C ILE O 76 16.87 -33.38 -17.25
N ILE O 77 18.07 -32.81 -17.35
CA ILE O 77 19.17 -33.56 -17.94
C ILE O 77 19.55 -34.75 -17.05
N ALA O 78 19.60 -34.55 -15.73
CA ALA O 78 19.94 -35.65 -14.83
C ALA O 78 18.83 -36.68 -14.75
N GLY O 79 17.56 -36.25 -14.87
CA GLY O 79 16.47 -37.20 -14.88
C GLY O 79 16.50 -38.10 -16.10
N VAL O 80 16.79 -37.53 -17.27
CA VAL O 80 16.92 -38.37 -18.46
C VAL O 80 18.13 -39.30 -18.33
N ALA O 81 19.24 -38.78 -17.78
CA ALA O 81 20.41 -39.62 -17.59
C ALA O 81 20.12 -40.79 -16.65
N ALA O 82 19.39 -40.53 -15.57
CA ALA O 82 19.06 -41.60 -14.62
C ALA O 82 18.02 -42.55 -15.19
N ILE O 83 17.08 -42.04 -15.99
CA ILE O 83 16.08 -42.90 -16.58
C ILE O 83 16.69 -43.76 -17.68
N ALA O 84 17.86 -43.38 -18.19
CA ALA O 84 18.61 -44.31 -19.04
C ALA O 84 18.98 -45.58 -18.27
N ASN O 85 19.15 -45.47 -16.96
CA ASN O 85 19.40 -46.63 -16.11
C ASN O 85 18.09 -47.39 -15.89
N ALA O 86 18.20 -48.53 -15.19
CA ALA O 86 17.10 -49.44 -14.91
C ALA O 86 16.63 -50.12 -16.19
N PHE O 87 17.21 -49.72 -17.32
CA PHE O 87 16.97 -50.35 -18.62
C PHE O 87 18.25 -50.78 -19.31
N GLY O 88 19.42 -50.36 -18.82
CA GLY O 88 20.68 -50.68 -19.44
C GLY O 88 21.15 -49.69 -20.49
N ALA O 89 20.31 -48.72 -20.86
CA ALA O 89 20.66 -47.77 -21.90
C ALA O 89 21.75 -46.81 -21.42
N SER O 90 22.60 -46.39 -22.36
CA SER O 90 23.68 -45.48 -22.07
C SER O 90 23.31 -44.08 -22.57
N PHE O 91 23.48 -43.08 -21.70
CA PHE O 91 23.18 -41.69 -22.02
C PHE O 91 24.41 -40.86 -21.67
N ALA O 92 25.35 -40.77 -22.60
CA ALA O 92 26.58 -40.01 -22.41
C ALA O 92 26.39 -38.65 -23.08
N VAL O 93 25.84 -37.70 -22.33
CA VAL O 93 25.53 -36.38 -22.86
C VAL O 93 26.30 -35.27 -22.14
N SER O 94 27.06 -35.60 -21.08
CA SER O 94 27.83 -34.64 -20.32
C SER O 94 26.93 -33.49 -19.85
N PRO O 95 26.09 -33.71 -18.84
CA PRO O 95 25.13 -32.67 -18.44
C PRO O 95 25.76 -31.35 -18.08
N ILE O 96 26.99 -31.36 -17.57
CA ILE O 96 27.64 -30.11 -17.18
C ILE O 96 27.85 -29.21 -18.39
N ASP O 97 28.22 -29.78 -19.54
CA ASP O 97 28.45 -28.97 -20.73
C ASP O 97 27.17 -28.27 -21.18
N VAL O 98 26.05 -29.00 -21.20
CA VAL O 98 24.80 -28.40 -21.67
C VAL O 98 24.28 -27.38 -20.67
N VAL O 99 24.38 -27.68 -19.36
CA VAL O 99 23.91 -26.71 -18.37
C VAL O 99 24.79 -25.47 -18.36
N ASN O 100 26.07 -25.60 -18.74
CA ASN O 100 26.90 -24.40 -18.88
C ASN O 100 26.53 -23.61 -20.11
N ALA O 101 26.41 -24.29 -21.26
CA ALA O 101 26.20 -23.60 -22.53
C ALA O 101 24.83 -22.93 -22.60
N LEU O 102 23.80 -23.57 -22.04
CA LEU O 102 22.45 -23.00 -22.09
C LEU O 102 22.26 -21.87 -21.09
N ILE O 103 23.03 -21.85 -20.01
CA ILE O 103 22.77 -20.92 -18.93
C ILE O 103 23.77 -19.78 -18.91
N PHE O 104 25.06 -20.11 -18.70
CA PHE O 104 26.05 -19.10 -18.36
C PHE O 104 26.90 -18.63 -19.53
N GLN O 105 27.02 -19.44 -20.59
CA GLN O 105 27.82 -19.02 -21.74
C GLN O 105 27.31 -17.75 -22.40
N PRO O 106 26.03 -17.59 -22.72
CA PRO O 106 25.58 -16.32 -23.30
C PRO O 106 25.74 -15.13 -22.38
N ILE O 107 25.63 -15.35 -21.06
CA ILE O 107 25.66 -14.23 -20.12
C ILE O 107 27.05 -13.64 -20.01
N VAL O 108 28.08 -14.49 -19.95
CA VAL O 108 29.41 -14.02 -19.58
C VAL O 108 29.97 -13.06 -20.62
N ASP O 109 29.78 -13.35 -21.90
CA ASP O 109 30.46 -12.59 -22.94
C ASP O 109 29.72 -11.30 -23.29
N MET O 110 29.41 -10.50 -22.28
CA MET O 110 28.72 -9.23 -22.46
C MET O 110 29.35 -8.18 -21.57
N VAL O 111 29.48 -6.96 -22.09
CA VAL O 111 30.06 -5.85 -21.37
C VAL O 111 29.08 -4.69 -21.38
N LYS O 112 28.73 -4.19 -20.20
CA LYS O 112 27.86 -3.03 -20.06
C LYS O 112 28.65 -1.83 -19.55
N THR P 1 8.10 -55.63 -17.20
CA THR P 1 8.79 -56.86 -17.54
C THR P 1 8.72 -57.87 -16.40
N SER P 2 8.95 -57.40 -15.18
CA SER P 2 8.95 -58.26 -14.00
C SER P 2 8.46 -57.46 -12.80
N VAL P 3 7.91 -58.18 -11.83
CA VAL P 3 7.15 -57.55 -10.75
C VAL P 3 8.07 -56.73 -9.84
N GLU P 4 9.18 -57.33 -9.39
CA GLU P 4 10.03 -56.65 -8.43
C GLU P 4 10.70 -55.43 -9.05
N PHE P 5 10.82 -55.38 -10.37
CA PHE P 5 11.28 -54.16 -11.03
C PHE P 5 10.36 -52.99 -10.73
N TRP P 6 9.05 -53.18 -10.97
CA TRP P 6 8.08 -52.13 -10.67
C TRP P 6 8.02 -51.85 -9.16
N GLN P 7 8.14 -52.90 -8.34
CA GLN P 7 8.17 -52.70 -6.90
C GLN P 7 9.31 -51.78 -6.49
N ASN P 8 10.51 -52.04 -7.01
CA ASN P 8 11.68 -51.24 -6.67
C ASN P 8 11.53 -49.80 -7.17
N ILE P 9 11.03 -49.62 -8.39
CA ILE P 9 10.90 -48.26 -8.91
C ILE P 9 9.88 -47.47 -8.09
N ALA P 10 8.76 -48.12 -7.72
CA ALA P 10 7.75 -47.44 -6.93
C ALA P 10 8.27 -47.09 -5.54
N SER P 11 9.00 -48.02 -4.90
CA SER P 11 9.55 -47.74 -3.59
C SER P 11 10.56 -46.58 -3.65
N GLY P 12 11.42 -46.59 -4.66
CA GLY P 12 12.40 -45.52 -4.78
C GLY P 12 11.76 -44.16 -4.98
N VAL P 13 10.79 -44.07 -5.90
CA VAL P 13 10.14 -42.79 -6.12
C VAL P 13 9.35 -42.36 -4.89
N GLY P 14 8.76 -43.31 -4.16
CA GLY P 14 8.05 -42.96 -2.94
C GLY P 14 8.97 -42.36 -1.88
N LYS P 15 10.11 -43.00 -1.66
CA LYS P 15 11.05 -42.46 -0.66
C LYS P 15 11.59 -41.10 -1.10
N TRP P 16 11.89 -40.95 -2.39
CA TRP P 16 12.36 -39.66 -2.89
C TRP P 16 11.31 -38.57 -2.67
N LEU P 17 10.05 -38.89 -2.97
CA LEU P 17 8.99 -37.90 -2.81
C LEU P 17 8.77 -37.52 -1.35
N ARG P 18 8.79 -38.49 -0.44
CA ARG P 18 8.58 -38.12 0.97
C ARG P 18 9.77 -37.32 1.50
N ALA P 19 11.00 -37.65 1.07
CA ALA P 19 12.15 -36.87 1.49
C ALA P 19 12.05 -35.43 1.00
N ILE P 20 11.69 -35.25 -0.28
CA ILE P 20 11.59 -33.88 -0.79
C ILE P 20 10.40 -33.16 -0.18
N PHE P 21 9.37 -33.89 0.25
CA PHE P 21 8.26 -33.26 0.97
C PHE P 21 8.71 -32.72 2.33
N ALA P 22 9.52 -33.50 3.05
CA ALA P 22 10.08 -32.99 4.31
C ALA P 22 10.96 -31.77 4.05
N ILE P 23 11.78 -31.82 2.98
CA ILE P 23 12.57 -30.67 2.60
C ILE P 23 11.66 -29.46 2.33
N ALA P 24 10.51 -29.70 1.70
CA ALA P 24 9.58 -28.62 1.40
C ALA P 24 9.02 -28.00 2.67
N PHE P 25 8.66 -28.83 3.65
CA PHE P 25 8.15 -28.31 4.92
C PHE P 25 9.20 -27.45 5.60
N TRP P 26 10.44 -27.92 5.64
CA TRP P 26 11.47 -27.12 6.30
C TRP P 26 11.85 -25.89 5.48
N SER P 27 11.63 -25.93 4.16
CA SER P 27 11.78 -24.72 3.35
C SER P 27 10.68 -23.71 3.65
N SER P 28 9.47 -24.18 3.94
CA SER P 28 8.43 -23.28 4.42
C SER P 28 8.86 -22.62 5.72
N LEU P 29 9.49 -23.41 6.60
CA LEU P 29 10.02 -22.83 7.84
C LEU P 29 11.09 -21.77 7.57
N ILE P 30 12.01 -22.04 6.63
CA ILE P 30 13.05 -21.05 6.36
C ILE P 30 12.46 -19.81 5.69
N LEU P 31 11.37 -19.96 4.93
CA LEU P 31 10.70 -18.81 4.37
C LEU P 31 10.04 -17.98 5.47
N LEU P 32 9.48 -18.65 6.48
CA LEU P 32 9.04 -17.97 7.69
C LEU P 32 10.17 -17.15 8.29
N THR P 33 11.36 -17.75 8.38
CA THR P 33 12.53 -17.05 8.91
C THR P 33 12.89 -15.84 8.05
N PHE P 34 12.79 -15.98 6.72
CA PHE P 34 13.11 -14.87 5.83
C PHE P 34 12.14 -13.71 6.04
N TYR P 35 10.85 -14.01 6.16
CA TYR P 35 9.91 -12.94 6.48
C TYR P 35 10.20 -12.34 7.86
N ALA P 36 10.69 -13.14 8.79
CA ALA P 36 11.06 -12.61 10.10
C ALA P 36 12.18 -11.59 9.97
N ILE P 37 13.24 -11.93 9.22
CA ILE P 37 14.32 -10.95 9.08
C ILE P 37 13.85 -9.75 8.27
N MET P 38 12.92 -9.95 7.33
CA MET P 38 12.38 -8.82 6.59
C MET P 38 11.67 -7.83 7.51
N THR P 39 10.75 -8.33 8.34
CA THR P 39 10.05 -7.45 9.28
C THR P 39 10.98 -6.92 10.36
N GLN P 40 12.12 -7.58 10.60
CA GLN P 40 13.10 -7.07 11.55
C GLN P 40 13.91 -5.92 10.96
N VAL P 41 14.17 -5.95 9.65
CA VAL P 41 15.09 -5.01 9.04
C VAL P 41 14.38 -3.94 8.21
N ALA P 42 13.16 -4.18 7.75
CA ALA P 42 12.49 -3.25 6.84
C ALA P 42 12.42 -1.87 7.47
N PRO P 43 12.89 -0.83 6.78
CA PRO P 43 13.02 0.49 7.43
C PRO P 43 11.68 1.10 7.81
N SER P 44 10.77 1.24 6.85
CA SER P 44 9.49 1.86 7.13
C SER P 44 8.59 0.92 7.92
N LYS P 45 7.68 1.52 8.68
CA LYS P 45 6.73 0.73 9.47
C LYS P 45 5.83 -0.09 8.56
N VAL P 46 5.39 0.49 7.44
CA VAL P 46 4.43 -0.18 6.57
C VAL P 46 5.01 -1.47 6.02
N PHE P 47 6.30 -1.48 5.69
CA PHE P 47 6.90 -2.69 5.14
C PHE P 47 7.02 -3.78 6.21
N ARG P 48 7.37 -3.41 7.44
CA ARG P 48 7.38 -4.38 8.53
C ARG P 48 5.99 -4.94 8.78
N LEU P 49 4.97 -4.07 8.73
CA LEU P 49 3.59 -4.52 8.89
C LEU P 49 3.19 -5.51 7.80
N GLY P 50 3.53 -5.20 6.55
CA GLY P 50 3.23 -6.13 5.46
C GLY P 50 3.98 -7.43 5.59
N ALA P 51 5.22 -7.38 6.08
CA ALA P 51 5.97 -8.61 6.32
C ALA P 51 5.32 -9.44 7.41
N LEU P 52 4.81 -8.81 8.46
CA LEU P 52 4.07 -9.56 9.48
C LEU P 52 2.83 -10.21 8.89
N VAL P 53 2.09 -9.47 8.05
CA VAL P 53 0.88 -10.01 7.46
C VAL P 53 1.19 -11.21 6.57
N ASP P 54 2.21 -11.10 5.71
CA ASP P 54 2.51 -12.23 4.84
C ASP P 54 3.19 -13.37 5.59
N LEU P 55 3.83 -13.09 6.72
CA LEU P 55 4.30 -14.15 7.62
C LEU P 55 3.12 -14.96 8.14
N ILE P 56 2.08 -14.27 8.60
CA ILE P 56 0.87 -14.96 9.06
C ILE P 56 0.22 -15.71 7.89
N GLU P 57 0.25 -15.11 6.70
CA GLU P 57 -0.27 -15.78 5.51
C GLU P 57 0.46 -17.09 5.26
N SER P 58 1.80 -17.07 5.35
CA SER P 58 2.59 -18.26 5.10
C SER P 58 2.32 -19.35 6.13
N VAL P 59 2.25 -18.97 7.41
CA VAL P 59 2.00 -19.99 8.44
C VAL P 59 0.60 -20.59 8.27
N LYS P 60 -0.39 -19.75 7.96
CA LYS P 60 -1.74 -20.26 7.78
C LYS P 60 -1.82 -21.18 6.56
N THR P 61 -1.12 -20.84 5.46
CA THR P 61 -1.22 -21.67 4.28
C THR P 61 -0.47 -22.99 4.44
N VAL P 62 0.67 -22.98 5.15
CA VAL P 62 1.36 -24.23 5.40
C VAL P 62 0.53 -25.13 6.32
N LEU P 63 -0.11 -24.55 7.34
CA LEU P 63 -0.93 -25.36 8.23
C LEU P 63 -2.14 -25.93 7.48
N LEU P 64 -2.77 -25.12 6.64
CA LEU P 64 -3.92 -25.59 5.86
C LEU P 64 -3.51 -26.70 4.89
N GLY P 65 -2.35 -26.56 4.24
CA GLY P 65 -1.88 -27.59 3.33
C GLY P 65 -1.61 -28.91 4.04
N ILE P 66 -0.94 -28.84 5.20
CA ILE P 66 -0.70 -30.05 5.98
C ILE P 66 -2.02 -30.69 6.39
N PHE P 67 -2.98 -29.87 6.82
CA PHE P 67 -4.28 -30.39 7.21
C PHE P 67 -4.97 -31.11 6.06
N VAL P 68 -4.97 -30.49 4.87
CA VAL P 68 -5.62 -31.09 3.72
C VAL P 68 -4.94 -32.40 3.34
N PHE P 69 -3.61 -32.43 3.38
CA PHE P 69 -2.89 -33.66 3.03
C PHE P 69 -3.24 -34.79 3.98
N THR P 70 -3.11 -34.56 5.30
CA THR P 70 -3.38 -35.63 6.25
C THR P 70 -4.85 -36.04 6.22
N ALA P 71 -5.76 -35.08 6.07
CA ALA P 71 -7.18 -35.41 5.99
C ALA P 71 -7.49 -36.22 4.76
N SER P 72 -6.87 -35.90 3.62
CA SER P 72 -7.11 -36.66 2.40
C SER P 72 -6.58 -38.08 2.52
N VAL P 73 -5.40 -38.25 3.12
CA VAL P 73 -4.85 -39.60 3.28
C VAL P 73 -5.75 -40.43 4.20
N THR P 74 -6.14 -39.86 5.33
CA THR P 74 -7.04 -40.57 6.23
C THR P 74 -8.37 -40.86 5.55
N GLY P 75 -8.87 -39.92 4.76
CA GLY P 75 -10.13 -40.12 4.08
C GLY P 75 -10.10 -41.24 3.07
N ILE P 76 -9.05 -41.29 2.24
CA ILE P 76 -8.97 -42.36 1.25
C ILE P 76 -8.83 -43.71 1.94
N ILE P 77 -7.95 -43.81 2.95
CA ILE P 77 -7.74 -45.10 3.59
C ILE P 77 -9.01 -45.56 4.32
N ALA P 78 -9.69 -44.64 5.02
CA ALA P 78 -10.91 -45.01 5.72
C ALA P 78 -12.04 -45.31 4.75
N GLY P 79 -12.09 -44.61 3.62
CA GLY P 79 -13.11 -44.91 2.63
C GLY P 79 -12.96 -46.28 2.03
N VAL P 80 -11.72 -46.68 1.72
CA VAL P 80 -11.51 -48.03 1.22
C VAL P 80 -11.83 -49.05 2.30
N ALA P 81 -11.45 -48.76 3.55
CA ALA P 81 -11.77 -49.68 4.65
C ALA P 81 -13.27 -49.85 4.81
N ALA P 82 -14.02 -48.76 4.72
CA ALA P 82 -15.48 -48.84 4.87
C ALA P 82 -16.13 -49.48 3.66
N ILE P 83 -15.58 -49.25 2.46
CA ILE P 83 -16.13 -49.85 1.27
C ILE P 83 -15.84 -51.34 1.23
N ALA P 84 -14.85 -51.81 2.00
CA ALA P 84 -14.72 -53.24 2.20
C ALA P 84 -15.96 -53.84 2.87
N ASN P 85 -16.66 -53.04 3.67
CA ASN P 85 -17.93 -53.46 4.26
C ASN P 85 -19.03 -53.39 3.21
N ALA P 86 -20.23 -53.83 3.61
CA ALA P 86 -21.42 -53.91 2.76
C ALA P 86 -21.24 -54.99 1.69
N PHE P 87 -20.04 -55.60 1.66
CA PHE P 87 -19.73 -56.72 0.80
C PHE P 87 -19.17 -57.91 1.55
N GLY P 88 -18.79 -57.74 2.82
CA GLY P 88 -18.20 -58.80 3.60
C GLY P 88 -16.69 -58.89 3.52
N ALA P 89 -16.06 -58.11 2.65
CA ALA P 89 -14.62 -58.18 2.47
C ALA P 89 -13.90 -57.60 3.68
N SER P 90 -12.73 -58.16 3.97
CA SER P 90 -11.90 -57.74 5.09
C SER P 90 -10.74 -56.89 4.56
N PHE P 91 -10.54 -55.72 5.18
CA PHE P 91 -9.47 -54.81 4.80
C PHE P 91 -8.71 -54.45 6.07
N ALA P 92 -7.74 -55.28 6.42
CA ALA P 92 -6.91 -55.07 7.61
C ALA P 92 -5.60 -54.43 7.16
N VAL P 93 -5.60 -53.10 7.08
CA VAL P 93 -4.46 -52.35 6.60
C VAL P 93 -3.88 -51.42 7.66
N SER P 94 -4.53 -51.29 8.82
CA SER P 94 -4.09 -50.43 9.90
C SER P 94 -3.87 -49.01 9.39
N PRO P 95 -4.96 -48.26 9.15
CA PRO P 95 -4.81 -46.92 8.54
C PRO P 95 -3.91 -45.99 9.32
N ILE P 96 -3.82 -46.15 10.64
CA ILE P 96 -2.98 -45.26 11.44
C ILE P 96 -1.52 -45.40 11.04
N ASP P 97 -1.06 -46.63 10.79
CA ASP P 97 0.33 -46.84 10.43
C ASP P 97 0.68 -46.14 9.12
N VAL P 98 -0.19 -46.27 8.11
CA VAL P 98 0.11 -45.66 6.81
C VAL P 98 0.00 -44.15 6.89
N VAL P 99 -0.99 -43.62 7.61
CA VAL P 99 -1.10 -42.17 7.71
C VAL P 99 0.05 -41.60 8.53
N ASN P 100 0.63 -42.37 9.45
CA ASN P 100 1.82 -41.90 10.15
C ASN P 100 3.04 -41.93 9.23
N ALA P 101 3.25 -43.06 8.55
CA ALA P 101 4.47 -43.24 7.75
C ALA P 101 4.52 -42.31 6.55
N LEU P 102 3.38 -42.06 5.91
CA LEU P 102 3.36 -41.19 4.73
C LEU P 102 3.44 -39.71 5.09
N ILE P 103 3.02 -39.34 6.30
CA ILE P 103 2.90 -37.92 6.63
C ILE P 103 4.01 -37.47 7.56
N PHE P 104 4.08 -38.05 8.76
CA PHE P 104 4.90 -37.48 9.83
C PHE P 104 6.25 -38.15 10.01
N GLN P 105 6.41 -39.41 9.56
CA GLN P 105 7.70 -40.08 9.71
C GLN P 105 8.83 -39.38 8.98
N PRO P 106 8.71 -38.99 7.71
CA PRO P 106 9.82 -38.26 7.07
C PRO P 106 10.11 -36.91 7.71
N ILE P 107 9.09 -36.25 8.26
CA ILE P 107 9.28 -34.90 8.78
C ILE P 107 10.09 -34.92 10.07
N VAL P 108 9.80 -35.86 10.96
CA VAL P 108 10.33 -35.80 12.32
C VAL P 108 11.85 -35.93 12.32
N ASP P 109 12.40 -36.83 11.52
CA ASP P 109 13.81 -37.15 11.62
C ASP P 109 14.68 -36.16 10.84
N MET P 110 14.50 -34.88 11.10
CA MET P 110 15.28 -33.82 10.44
C MET P 110 15.66 -32.77 11.48
N VAL P 111 16.88 -32.25 11.36
CA VAL P 111 17.38 -31.24 12.27
C VAL P 111 17.87 -30.05 11.44
N LYS P 112 17.34 -28.87 11.74
CA LYS P 112 17.79 -27.64 11.09
C LYS P 112 18.56 -26.76 12.06
N THR Q 1 -46.52 -37.68 -31.84
CA THR Q 1 -47.84 -38.26 -32.05
C THR Q 1 -48.64 -37.47 -33.08
N SER Q 2 -48.61 -36.15 -32.96
CA SER Q 2 -49.34 -35.27 -33.85
C SER Q 2 -48.57 -33.97 -34.03
N VAL Q 3 -48.81 -33.32 -35.17
CA VAL Q 3 -47.96 -32.22 -35.61
C VAL Q 3 -48.11 -31.00 -34.70
N GLU Q 4 -49.36 -30.59 -34.43
CA GLU Q 4 -49.57 -29.38 -33.65
C GLU Q 4 -49.10 -29.53 -32.22
N PHE Q 5 -48.99 -30.77 -31.73
CA PHE Q 5 -48.38 -30.99 -30.42
C PHE Q 5 -46.93 -30.50 -30.41
N TRP Q 6 -46.14 -30.95 -31.38
CA TRP Q 6 -44.75 -30.50 -31.48
C TRP Q 6 -44.68 -29.00 -31.78
N GLN Q 7 -45.60 -28.50 -32.60
CA GLN Q 7 -45.63 -27.07 -32.88
C GLN Q 7 -45.82 -26.27 -31.58
N ASN Q 8 -46.79 -26.67 -30.76
CA ASN Q 8 -47.06 -25.98 -29.51
C ASN Q 8 -45.87 -26.06 -28.55
N ILE Q 9 -45.27 -27.24 -28.43
CA ILE Q 9 -44.15 -27.37 -27.49
C ILE Q 9 -42.98 -26.51 -27.94
N ALA Q 10 -42.70 -26.50 -29.25
CA ALA Q 10 -41.60 -25.68 -29.77
C ALA Q 10 -41.87 -24.20 -29.57
N SER Q 11 -43.10 -23.75 -29.84
CA SER Q 11 -43.43 -22.35 -29.64
C SER Q 11 -43.30 -21.95 -28.18
N GLY Q 12 -43.79 -22.80 -27.27
CA GLY Q 12 -43.70 -22.49 -25.86
C GLY Q 12 -42.27 -22.38 -25.38
N VAL Q 13 -41.43 -23.35 -25.74
CA VAL Q 13 -40.04 -23.29 -25.31
C VAL Q 13 -39.32 -22.12 -25.95
N GLY Q 14 -39.68 -21.76 -27.19
CA GLY Q 14 -39.07 -20.59 -27.81
C GLY Q 14 -39.39 -19.30 -27.09
N LYS Q 15 -40.67 -19.10 -26.75
CA LYS Q 15 -41.04 -17.89 -26.04
C LYS Q 15 -40.40 -17.86 -24.65
N TRP Q 16 -40.36 -19.01 -23.97
CA TRP Q 16 -39.72 -19.05 -22.65
C TRP Q 16 -38.23 -18.68 -22.76
N LEU Q 17 -37.55 -19.21 -23.77
CA LEU Q 17 -36.13 -18.94 -23.93
C LEU Q 17 -35.87 -17.47 -24.26
N ARG Q 18 -36.67 -16.87 -25.13
CA ARG Q 18 -36.44 -15.46 -25.44
C ARG Q 18 -36.74 -14.57 -24.25
N ALA Q 19 -37.78 -14.91 -23.47
CA ALA Q 19 -38.06 -14.14 -22.27
C ALA Q 19 -36.92 -14.22 -21.27
N ILE Q 20 -36.39 -15.43 -21.04
CA ILE Q 20 -35.30 -15.54 -20.08
C ILE Q 20 -34.03 -14.92 -20.63
N PHE Q 21 -33.88 -14.86 -21.96
CA PHE Q 21 -32.75 -14.14 -22.54
C PHE Q 21 -32.83 -12.64 -22.27
N ALA Q 22 -34.02 -12.07 -22.40
CA ALA Q 22 -34.19 -10.66 -22.04
C ALA Q 22 -33.90 -10.44 -20.56
N ILE Q 23 -34.38 -11.36 -19.71
CA ILE Q 23 -34.07 -11.30 -18.29
C ILE Q 23 -32.56 -11.34 -18.07
N ALA Q 24 -31.85 -12.16 -18.86
CA ALA Q 24 -30.41 -12.27 -18.74
C ALA Q 24 -29.71 -10.96 -19.10
N PHE Q 25 -30.18 -10.31 -20.17
CA PHE Q 25 -29.59 -9.03 -20.56
C PHE Q 25 -29.77 -7.99 -19.47
N TRP Q 26 -30.99 -7.92 -18.91
CA TRP Q 26 -31.20 -6.93 -17.85
C TRP Q 26 -30.49 -7.32 -16.55
N SER Q 27 -30.22 -8.61 -16.36
CA SER Q 27 -29.38 -9.03 -15.24
C SER Q 27 -27.93 -8.61 -15.45
N SER Q 28 -27.45 -8.63 -16.69
CA SER Q 28 -26.15 -8.06 -16.97
C SER Q 28 -26.13 -6.57 -16.62
N LEU Q 29 -27.22 -5.88 -16.94
CA LEU Q 29 -27.31 -4.47 -16.55
C LEU Q 29 -27.27 -4.28 -15.04
N ILE Q 30 -28.00 -5.13 -14.29
CA ILE Q 30 -27.98 -4.97 -12.84
C ILE Q 30 -26.62 -5.33 -12.27
N LEU Q 31 -25.90 -6.25 -12.91
CA LEU Q 31 -24.53 -6.55 -12.47
C LEU Q 31 -23.60 -5.36 -12.73
N LEU Q 32 -23.81 -4.66 -13.85
CA LEU Q 32 -23.15 -3.39 -14.07
C LEU Q 32 -23.43 -2.43 -12.91
N THR Q 33 -24.69 -2.36 -12.48
CA THR Q 33 -25.06 -1.50 -11.36
C THR Q 33 -24.36 -1.93 -10.07
N PHE Q 34 -24.23 -3.24 -9.85
CA PHE Q 34 -23.57 -3.74 -8.65
C PHE Q 34 -22.10 -3.35 -8.65
N TYR Q 35 -21.42 -3.49 -9.79
CA TYR Q 35 -20.04 -3.01 -9.86
C TYR Q 35 -19.96 -1.50 -9.67
N ALA Q 36 -20.99 -0.77 -10.10
CA ALA Q 36 -21.02 0.67 -9.88
C ALA Q 36 -21.05 0.99 -8.39
N ILE Q 37 -21.94 0.32 -7.65
CA ILE Q 37 -21.98 0.60 -6.21
C ILE Q 37 -20.72 0.11 -5.53
N MET Q 38 -20.10 -0.97 -6.05
CA MET Q 38 -18.84 -1.43 -5.48
C MET Q 38 -17.75 -0.37 -5.62
N THR Q 39 -17.56 0.16 -6.84
CA THR Q 39 -16.56 1.20 -7.02
C THR Q 39 -16.95 2.50 -6.34
N GLN Q 40 -18.22 2.70 -6.04
CA GLN Q 40 -18.64 3.87 -5.29
C GLN Q 40 -18.32 3.74 -3.79
N VAL Q 41 -18.38 2.52 -3.25
CA VAL Q 41 -18.28 2.33 -1.82
C VAL Q 41 -16.93 1.74 -1.39
N ALA Q 42 -16.21 1.07 -2.28
CA ALA Q 42 -14.99 0.38 -1.90
C ALA Q 42 -14.02 1.36 -1.23
N PRO Q 43 -13.53 1.05 -0.03
CA PRO Q 43 -12.76 2.05 0.72
C PRO Q 43 -11.44 2.41 0.07
N SER Q 44 -10.60 1.41 -0.22
CA SER Q 44 -9.30 1.68 -0.79
C SER Q 44 -9.43 2.05 -2.27
N LYS Q 45 -8.46 2.82 -2.75
CA LYS Q 45 -8.45 3.22 -4.15
C LYS Q 45 -8.30 2.00 -5.06
N VAL Q 46 -7.47 1.05 -4.68
CA VAL Q 46 -7.18 -0.09 -5.54
C VAL Q 46 -8.44 -0.91 -5.80
N PHE Q 47 -9.31 -1.05 -4.80
CA PHE Q 47 -10.53 -1.82 -4.99
C PHE Q 47 -11.50 -1.10 -5.92
N ARG Q 48 -11.61 0.22 -5.79
CA ARG Q 48 -12.43 0.98 -6.72
C ARG Q 48 -11.89 0.88 -8.14
N LEU Q 49 -10.57 0.94 -8.28
CA LEU Q 49 -9.94 0.78 -9.60
C LEU Q 49 -10.24 -0.58 -10.21
N GLY Q 50 -10.12 -1.64 -9.40
CA GLY Q 50 -10.45 -2.97 -9.90
C GLY Q 50 -11.91 -3.12 -10.26
N ALA Q 51 -12.79 -2.47 -9.48
CA ALA Q 51 -14.21 -2.49 -9.81
C ALA Q 51 -14.48 -1.77 -11.13
N LEU Q 52 -13.79 -0.66 -11.38
CA LEU Q 52 -13.92 0.00 -12.67
C LEU Q 52 -13.46 -0.91 -13.80
N VAL Q 53 -12.33 -1.60 -13.61
CA VAL Q 53 -11.80 -2.47 -14.65
C VAL Q 53 -12.78 -3.61 -14.94
N ASP Q 54 -13.31 -4.26 -13.90
CA ASP Q 54 -14.22 -5.36 -14.16
C ASP Q 54 -15.59 -4.88 -14.63
N LEU Q 55 -15.96 -3.64 -14.33
CA LEU Q 55 -17.13 -3.02 -14.94
C LEU Q 55 -16.96 -2.91 -16.45
N ILE Q 56 -15.79 -2.41 -16.88
CA ILE Q 56 -15.49 -2.33 -18.31
C ILE Q 56 -15.45 -3.74 -18.91
N GLU Q 57 -14.92 -4.70 -18.16
CA GLU Q 57 -14.90 -6.09 -18.62
C GLU Q 57 -16.31 -6.60 -18.87
N SER Q 58 -17.23 -6.32 -17.94
CA SER Q 58 -18.60 -6.79 -18.07
C SER Q 58 -19.30 -6.15 -19.26
N VAL Q 59 -19.12 -4.83 -19.44
CA VAL Q 59 -19.79 -4.18 -20.57
C VAL Q 59 -19.24 -4.69 -21.89
N LYS Q 60 -17.91 -4.88 -21.96
CA LYS Q 60 -17.32 -5.38 -23.19
C LYS Q 60 -17.77 -6.80 -23.50
N THR Q 61 -17.90 -7.66 -22.47
CA THR Q 61 -18.29 -9.04 -22.73
C THR Q 61 -19.76 -9.14 -23.10
N VAL Q 62 -20.63 -8.32 -22.48
CA VAL Q 62 -22.03 -8.34 -22.88
C VAL Q 62 -22.19 -7.83 -24.31
N LEU Q 63 -21.45 -6.78 -24.68
CA LEU Q 63 -21.55 -6.27 -26.04
C LEU Q 63 -21.04 -7.30 -27.05
N LEU Q 64 -19.92 -7.96 -26.74
CA LEU Q 64 -19.39 -8.99 -27.62
C LEU Q 64 -20.35 -10.16 -27.76
N GLY Q 65 -20.98 -10.59 -26.67
CA GLY Q 65 -21.93 -11.67 -26.75
C GLY Q 65 -23.14 -11.33 -27.60
N ILE Q 66 -23.69 -10.12 -27.42
CA ILE Q 66 -24.81 -9.69 -28.25
C ILE Q 66 -24.39 -9.65 -29.73
N PHE Q 67 -23.18 -9.15 -29.99
CA PHE Q 67 -22.69 -9.09 -31.37
C PHE Q 67 -22.59 -10.48 -31.98
N VAL Q 68 -22.02 -11.43 -31.24
CA VAL Q 68 -21.87 -12.79 -31.76
C VAL Q 68 -23.25 -13.41 -32.02
N PHE Q 69 -24.19 -13.21 -31.10
CA PHE Q 69 -25.52 -13.79 -31.28
C PHE Q 69 -26.19 -13.25 -32.53
N THR Q 70 -26.25 -11.92 -32.67
CA THR Q 70 -26.94 -11.34 -33.83
C THR Q 70 -26.22 -11.68 -35.13
N ALA Q 71 -24.88 -11.68 -35.11
CA ALA Q 71 -24.13 -12.03 -36.30
C ALA Q 71 -24.35 -13.48 -36.69
N SER Q 72 -24.42 -14.39 -35.71
CA SER Q 72 -24.66 -15.79 -36.02
C SER Q 72 -26.05 -16.00 -36.61
N VAL Q 73 -27.06 -15.33 -36.05
CA VAL Q 73 -28.41 -15.47 -36.58
C VAL Q 73 -28.49 -14.95 -38.01
N THR Q 74 -27.93 -13.76 -38.25
CA THR Q 74 -27.92 -13.22 -39.60
C THR Q 74 -27.13 -14.13 -40.54
N GLY Q 75 -26.02 -14.70 -40.05
CA GLY Q 75 -25.20 -15.55 -40.88
C GLY Q 75 -25.91 -16.83 -41.28
N ILE Q 76 -26.58 -17.49 -40.34
CA ILE Q 76 -27.29 -18.73 -40.68
C ILE Q 76 -28.44 -18.43 -41.65
N ILE Q 77 -29.21 -17.38 -41.38
CA ILE Q 77 -30.35 -17.10 -42.26
C ILE Q 77 -29.88 -16.71 -43.66
N ALA Q 78 -28.84 -15.88 -43.75
CA ALA Q 78 -28.34 -15.47 -45.06
C ALA Q 78 -27.64 -16.63 -45.77
N GLY Q 79 -27.00 -17.52 -45.03
CA GLY Q 79 -26.38 -18.68 -45.66
C GLY Q 79 -27.40 -19.61 -46.25
N VAL Q 80 -28.51 -19.85 -45.55
CA VAL Q 80 -29.56 -20.67 -46.13
C VAL Q 80 -30.19 -19.98 -47.33
N ALA Q 81 -30.39 -18.65 -47.23
CA ALA Q 81 -30.94 -17.91 -48.37
C ALA Q 81 -30.03 -18.01 -49.58
N ALA Q 82 -28.72 -17.89 -49.39
CA ALA Q 82 -27.80 -17.96 -50.51
C ALA Q 82 -27.65 -19.38 -51.04
N ILE Q 83 -27.74 -20.38 -50.15
CA ILE Q 83 -27.65 -21.76 -50.59
C ILE Q 83 -28.91 -22.17 -51.33
N ALA Q 84 -30.02 -21.43 -51.16
CA ALA Q 84 -31.16 -21.62 -52.04
C ALA Q 84 -30.79 -21.33 -53.49
N ASN Q 85 -29.82 -20.44 -53.71
CA ASN Q 85 -29.31 -20.16 -55.04
C ASN Q 85 -28.38 -21.28 -55.49
N ALA Q 86 -27.90 -21.18 -56.73
CA ALA Q 86 -27.04 -22.18 -57.38
C ALA Q 86 -27.82 -23.47 -57.63
N PHE Q 87 -29.07 -23.51 -57.17
CA PHE Q 87 -29.99 -24.61 -57.43
C PHE Q 87 -31.32 -24.15 -58.02
N GLY Q 88 -31.59 -22.84 -58.01
CA GLY Q 88 -32.85 -22.31 -58.50
C GLY Q 88 -33.95 -22.21 -57.46
N ALA Q 89 -33.73 -22.75 -56.26
CA ALA Q 89 -34.76 -22.73 -55.24
C ALA Q 89 -34.99 -21.33 -54.70
N SER Q 90 -36.23 -21.05 -54.32
CA SER Q 90 -36.62 -19.76 -53.78
C SER Q 90 -36.77 -19.87 -52.26
N PHE Q 91 -36.15 -18.94 -51.54
CA PHE Q 91 -36.19 -18.90 -50.09
C PHE Q 91 -36.61 -17.49 -49.68
N ALA Q 92 -37.92 -17.25 -49.64
CA ALA Q 92 -38.48 -15.95 -49.26
C ALA Q 92 -38.88 -16.02 -47.80
N VAL Q 93 -37.92 -15.73 -46.91
CA VAL Q 93 -38.13 -15.82 -45.48
C VAL Q 93 -37.98 -14.48 -44.78
N SER Q 94 -37.58 -13.42 -45.49
CA SER Q 94 -37.39 -12.10 -44.93
C SER Q 94 -36.47 -12.16 -43.71
N PRO Q 95 -35.15 -12.32 -43.93
CA PRO Q 95 -34.24 -12.51 -42.79
C PRO Q 95 -34.29 -11.39 -41.77
N ILE Q 96 -34.62 -10.16 -42.19
CA ILE Q 96 -34.64 -9.05 -41.26
C ILE Q 96 -35.72 -9.26 -40.20
N ASP Q 97 -36.88 -9.79 -40.60
CA ASP Q 97 -37.96 -10.01 -39.64
C ASP Q 97 -37.55 -11.01 -38.57
N VAL Q 98 -36.93 -12.12 -38.97
CA VAL Q 98 -36.57 -13.14 -38.00
C VAL Q 98 -35.42 -12.67 -37.11
N VAL Q 99 -34.43 -11.96 -37.69
CA VAL Q 99 -33.34 -11.47 -36.86
C VAL Q 99 -33.82 -10.39 -35.91
N ASN Q 100 -34.87 -9.65 -36.27
CA ASN Q 100 -35.45 -8.70 -35.32
C ASN Q 100 -36.21 -9.41 -34.22
N ALA Q 101 -37.08 -10.35 -34.59
CA ALA Q 101 -37.97 -10.99 -33.62
C ALA Q 101 -37.20 -11.86 -32.64
N LEU Q 102 -36.16 -12.56 -33.10
CA LEU Q 102 -35.40 -13.44 -32.22
C LEU Q 102 -34.45 -12.67 -31.31
N ILE Q 103 -34.03 -11.47 -31.71
CA ILE Q 103 -32.98 -10.78 -30.98
C ILE Q 103 -33.53 -9.62 -30.17
N PHE Q 104 -34.12 -8.63 -30.84
CA PHE Q 104 -34.40 -7.35 -30.20
C PHE Q 104 -35.84 -7.19 -29.73
N GLN Q 105 -36.79 -7.94 -30.30
CA GLN Q 105 -38.18 -7.82 -29.87
C GLN Q 105 -38.38 -8.16 -28.40
N PRO Q 106 -37.88 -9.28 -27.86
CA PRO Q 106 -38.06 -9.53 -26.42
C PRO Q 106 -37.38 -8.51 -25.54
N ILE Q 107 -36.26 -7.95 -25.98
CA ILE Q 107 -35.48 -7.05 -25.13
C ILE Q 107 -36.21 -5.72 -24.94
N VAL Q 108 -36.78 -5.16 -26.02
CA VAL Q 108 -37.25 -3.78 -25.99
C VAL Q 108 -38.40 -3.62 -25.00
N ASP Q 109 -39.34 -4.56 -24.96
CA ASP Q 109 -40.56 -4.36 -24.20
C ASP Q 109 -40.37 -4.71 -22.72
N MET Q 110 -39.36 -4.13 -22.09
CA MET Q 110 -39.06 -4.35 -20.68
C MET Q 110 -38.70 -3.03 -20.03
N VAL Q 111 -39.17 -2.83 -18.80
CA VAL Q 111 -38.90 -1.62 -18.04
C VAL Q 111 -38.30 -2.01 -16.70
N LYS Q 112 -37.13 -1.46 -16.40
CA LYS Q 112 -36.48 -1.68 -15.10
C LYS Q 112 -36.51 -0.41 -14.27
N THR R 1 -23.74 -32.38 -60.50
CA THR R 1 -24.46 -32.43 -61.78
C THR R 1 -23.51 -32.18 -62.95
N SER R 2 -22.66 -31.17 -62.82
CA SER R 2 -21.73 -30.80 -63.87
C SER R 2 -20.45 -30.27 -63.24
N VAL R 3 -19.35 -30.39 -64.00
CA VAL R 3 -18.02 -30.17 -63.43
C VAL R 3 -17.80 -28.70 -63.07
N GLU R 4 -18.11 -27.80 -64.01
CA GLU R 4 -17.82 -26.39 -63.78
C GLU R 4 -18.69 -25.82 -62.67
N PHE R 5 -19.82 -26.44 -62.37
CA PHE R 5 -20.60 -26.05 -61.20
C PHE R 5 -19.78 -26.22 -59.92
N TRP R 6 -19.21 -27.41 -59.72
CA TRP R 6 -18.38 -27.65 -58.56
C TRP R 6 -17.12 -26.78 -58.59
N GLN R 7 -16.56 -26.57 -59.78
CA GLN R 7 -15.39 -25.70 -59.90
C GLN R 7 -15.71 -24.29 -59.40
N ASN R 8 -16.85 -23.74 -59.84
CA ASN R 8 -17.24 -22.40 -59.44
C ASN R 8 -17.52 -22.32 -57.94
N ILE R 9 -18.22 -23.31 -57.39
CA ILE R 9 -18.53 -23.26 -55.96
C ILE R 9 -17.25 -23.34 -55.13
N ALA R 10 -16.31 -24.21 -55.54
CA ALA R 10 -15.04 -24.33 -54.81
C ALA R 10 -14.23 -23.05 -54.91
N SER R 11 -14.16 -22.45 -56.09
CA SER R 11 -13.41 -21.20 -56.24
C SER R 11 -14.03 -20.09 -55.39
N GLY R 12 -15.37 -19.98 -55.39
CA GLY R 12 -16.01 -18.95 -54.61
C GLY R 12 -15.77 -19.10 -53.12
N VAL R 13 -15.93 -20.33 -52.61
CA VAL R 13 -15.69 -20.54 -51.18
C VAL R 13 -14.24 -20.33 -50.84
N GLY R 14 -13.32 -20.69 -51.74
CA GLY R 14 -11.90 -20.44 -51.48
C GLY R 14 -11.57 -18.97 -51.37
N LYS R 15 -12.07 -18.16 -52.30
CA LYS R 15 -11.81 -16.73 -52.23
C LYS R 15 -12.45 -16.11 -50.99
N TRP R 16 -13.67 -16.55 -50.66
CA TRP R 16 -14.31 -16.03 -49.45
C TRP R 16 -13.50 -16.37 -48.21
N LEU R 17 -13.00 -17.60 -48.12
CA LEU R 17 -12.23 -18.02 -46.95
C LEU R 17 -10.91 -17.26 -46.84
N ARG R 18 -10.21 -17.06 -47.96
CA ARG R 18 -8.95 -16.32 -47.86
C ARG R 18 -9.19 -14.85 -47.50
N ALA R 19 -10.27 -14.26 -48.02
CA ALA R 19 -10.59 -12.89 -47.66
C ALA R 19 -10.90 -12.77 -46.18
N ILE R 20 -11.72 -13.68 -45.65
CA ILE R 20 -12.04 -13.59 -44.22
C ILE R 20 -10.82 -13.95 -43.37
N PHE R 21 -9.89 -14.74 -43.90
CA PHE R 21 -8.64 -14.99 -43.17
C PHE R 21 -7.79 -13.72 -43.06
N ALA R 22 -7.70 -12.95 -44.15
CA ALA R 22 -7.02 -11.67 -44.06
C ALA R 22 -7.70 -10.73 -43.09
N ILE R 23 -9.05 -10.71 -43.11
CA ILE R 23 -9.80 -9.94 -42.14
C ILE R 23 -9.46 -10.39 -40.72
N ALA R 24 -9.30 -11.70 -40.52
CA ALA R 24 -8.97 -12.24 -39.21
C ALA R 24 -7.60 -11.77 -38.74
N PHE R 25 -6.61 -11.78 -39.65
CA PHE R 25 -5.27 -11.31 -39.28
C PHE R 25 -5.31 -9.83 -38.88
N TRP R 26 -6.02 -9.01 -39.65
CA TRP R 26 -6.08 -7.60 -39.28
C TRP R 26 -6.93 -7.36 -38.04
N SER R 27 -7.87 -8.27 -37.75
CA SER R 27 -8.59 -8.20 -36.48
C SER R 27 -7.69 -8.56 -35.31
N SER R 28 -6.75 -9.49 -35.51
CA SER R 28 -5.73 -9.73 -34.49
C SER R 28 -4.91 -8.46 -34.26
N LEU R 29 -4.59 -7.75 -35.34
CA LEU R 29 -3.89 -6.47 -35.19
C LEU R 29 -4.71 -5.46 -34.39
N ILE R 30 -6.01 -5.36 -34.68
CA ILE R 30 -6.83 -4.38 -33.94
C ILE R 30 -6.98 -4.80 -32.49
N LEU R 31 -6.96 -6.11 -32.21
CA LEU R 31 -6.99 -6.56 -30.82
C LEU R 31 -5.70 -6.20 -30.10
N LEU R 32 -4.57 -6.28 -30.81
CA LEU R 32 -3.32 -5.74 -30.31
C LEU R 32 -3.48 -4.27 -29.94
N THR R 33 -4.12 -3.50 -30.82
CA THR R 33 -4.36 -2.08 -30.56
C THR R 33 -5.25 -1.88 -29.33
N PHE R 34 -6.26 -2.74 -29.16
CA PHE R 34 -7.14 -2.62 -28.00
C PHE R 34 -6.38 -2.88 -26.71
N TYR R 35 -5.54 -3.90 -26.69
CA TYR R 35 -4.69 -4.10 -25.52
C TYR R 35 -3.74 -2.93 -25.31
N ALA R 36 -3.29 -2.30 -26.39
CA ALA R 36 -2.44 -1.12 -26.25
C ALA R 36 -3.17 0.01 -25.54
N ILE R 37 -4.40 0.30 -25.96
CA ILE R 37 -5.14 1.36 -25.29
C ILE R 37 -5.48 0.95 -23.86
N MET R 38 -5.70 -0.35 -23.62
CA MET R 38 -5.96 -0.81 -22.26
C MET R 38 -4.77 -0.53 -21.34
N THR R 39 -3.57 -0.94 -21.75
CA THR R 39 -2.39 -0.67 -20.95
C THR R 39 -2.05 0.81 -20.90
N GLN R 40 -2.53 1.60 -21.86
CA GLN R 40 -2.33 3.04 -21.81
C GLN R 40 -3.27 3.71 -20.81
N VAL R 41 -4.48 3.19 -20.63
CA VAL R 41 -5.49 3.86 -19.83
C VAL R 41 -5.72 3.20 -18.48
N ALA R 42 -5.37 1.93 -18.31
CA ALA R 42 -5.70 1.23 -17.08
C ALA R 42 -5.11 1.97 -15.89
N PRO R 43 -5.92 2.28 -14.87
CA PRO R 43 -5.45 3.16 -13.79
C PRO R 43 -4.34 2.55 -12.96
N SER R 44 -4.58 1.36 -12.41
CA SER R 44 -3.58 0.74 -11.56
C SER R 44 -2.44 0.17 -12.37
N LYS R 45 -1.27 0.08 -11.75
CA LYS R 45 -0.10 -0.47 -12.42
C LYS R 45 -0.32 -1.94 -12.78
N VAL R 46 -0.95 -2.70 -11.89
CA VAL R 46 -1.11 -4.13 -12.10
C VAL R 46 -1.92 -4.41 -13.35
N PHE R 47 -2.95 -3.60 -13.61
CA PHE R 47 -3.77 -3.83 -14.80
C PHE R 47 -3.01 -3.51 -16.08
N ARG R 48 -2.21 -2.44 -16.07
CA ARG R 48 -1.36 -2.14 -17.21
C ARG R 48 -0.35 -3.26 -17.45
N LEU R 49 0.23 -3.79 -16.37
CA LEU R 49 1.16 -4.91 -16.48
C LEU R 49 0.49 -6.13 -17.10
N GLY R 50 -0.71 -6.47 -16.62
CA GLY R 50 -1.44 -7.59 -17.19
C GLY R 50 -1.80 -7.38 -18.65
N ALA R 51 -2.12 -6.13 -19.01
CA ALA R 51 -2.41 -5.82 -20.41
C ALA R 51 -1.16 -5.99 -21.26
N LEU R 52 0.00 -5.60 -20.75
CA LEU R 52 1.24 -5.85 -21.48
C LEU R 52 1.47 -7.34 -21.67
N VAL R 53 1.25 -8.13 -20.61
CA VAL R 53 1.47 -9.56 -20.70
C VAL R 53 0.55 -10.21 -21.72
N ASP R 54 -0.74 -9.86 -21.70
CA ASP R 54 -1.65 -10.47 -22.66
C ASP R 54 -1.47 -9.90 -24.06
N LEU R 55 -0.93 -8.69 -24.19
CA LEU R 55 -0.50 -8.19 -25.49
C LEU R 55 0.60 -9.06 -26.09
N ILE R 56 1.60 -9.39 -25.26
CA ILE R 56 2.66 -10.30 -25.70
C ILE R 56 2.08 -11.68 -26.01
N GLU R 57 1.11 -12.12 -25.21
CA GLU R 57 0.44 -13.39 -25.47
C GLU R 57 -0.22 -13.39 -26.84
N SER R 58 -0.93 -12.30 -27.16
CA SER R 58 -1.63 -12.22 -28.43
C SER R 58 -0.66 -12.21 -29.61
N VAL R 59 0.43 -11.44 -29.50
CA VAL R 59 1.38 -11.40 -30.61
C VAL R 59 2.05 -12.76 -30.80
N LYS R 60 2.40 -13.42 -29.69
CA LYS R 60 3.03 -14.72 -29.80
C LYS R 60 2.08 -15.75 -30.40
N THR R 61 0.80 -15.72 -30.02
CA THR R 61 -0.13 -16.71 -30.53
C THR R 61 -0.46 -16.47 -32.00
N VAL R 62 -0.57 -15.20 -32.42
CA VAL R 62 -0.80 -14.94 -33.84
C VAL R 62 0.41 -15.37 -34.66
N LEU R 63 1.62 -15.11 -34.17
CA LEU R 63 2.81 -15.51 -34.91
C LEU R 63 2.90 -17.03 -35.00
N LEU R 64 2.61 -17.72 -33.90
CA LEU R 64 2.64 -19.18 -33.91
C LEU R 64 1.59 -19.76 -34.85
N GLY R 65 0.39 -19.19 -34.86
CA GLY R 65 -0.64 -19.67 -35.78
C GLY R 65 -0.26 -19.49 -37.23
N ILE R 66 0.29 -18.31 -37.57
CA ILE R 66 0.74 -18.09 -38.94
C ILE R 66 1.84 -19.09 -39.31
N PHE R 67 2.77 -19.34 -38.37
CA PHE R 67 3.84 -20.28 -38.63
C PHE R 67 3.29 -21.68 -38.89
N VAL R 68 2.36 -22.12 -38.06
CA VAL R 68 1.80 -23.46 -38.24
C VAL R 68 1.06 -23.57 -39.56
N PHE R 69 0.30 -22.52 -39.94
CA PHE R 69 -0.43 -22.57 -41.19
C PHE R 69 0.52 -22.68 -42.38
N THR R 70 1.52 -21.78 -42.46
CA THR R 70 2.41 -21.81 -43.61
C THR R 70 3.24 -23.09 -43.63
N ALA R 71 3.67 -23.57 -42.45
CA ALA R 71 4.45 -24.81 -42.40
C ALA R 71 3.61 -25.99 -42.83
N SER R 72 2.34 -26.03 -42.44
CA SER R 72 1.48 -27.14 -42.85
C SER R 72 1.23 -27.12 -44.35
N VAL R 73 1.01 -25.94 -44.94
CA VAL R 73 0.79 -25.86 -46.38
C VAL R 73 2.04 -26.32 -47.13
N THR R 74 3.20 -25.81 -46.73
CA THR R 74 4.44 -26.24 -47.36
C THR R 74 4.66 -27.73 -47.16
N GLY R 75 4.34 -28.25 -45.98
CA GLY R 75 4.54 -29.66 -45.71
C GLY R 75 3.67 -30.55 -46.58
N ILE R 76 2.39 -30.22 -46.71
CA ILE R 76 1.51 -31.05 -47.53
C ILE R 76 1.94 -31.00 -49.00
N ILE R 77 2.25 -29.80 -49.51
CA ILE R 77 2.61 -29.70 -50.92
C ILE R 77 3.93 -30.43 -51.19
N ALA R 78 4.92 -30.27 -50.30
CA ALA R 78 6.20 -30.94 -50.50
C ALA R 78 6.09 -32.44 -50.28
N GLY R 79 5.20 -32.88 -49.39
CA GLY R 79 4.99 -34.31 -49.19
C GLY R 79 4.39 -34.96 -50.40
N VAL R 80 3.40 -34.31 -51.03
CA VAL R 80 2.85 -34.85 -52.26
C VAL R 80 3.89 -34.84 -53.38
N ALA R 81 4.68 -33.77 -53.45
CA ALA R 81 5.73 -33.70 -54.48
C ALA R 81 6.74 -34.83 -54.29
N ALA R 82 7.14 -35.11 -53.05
CA ALA R 82 8.11 -36.16 -52.79
C ALA R 82 7.50 -37.54 -52.98
N ILE R 83 6.22 -37.70 -52.66
CA ILE R 83 5.56 -38.98 -52.84
C ILE R 83 5.32 -39.26 -54.31
N ALA R 84 5.36 -38.22 -55.16
CA ALA R 84 5.41 -38.47 -56.59
C ALA R 84 6.65 -39.25 -56.98
N ASN R 85 7.74 -39.10 -56.22
CA ASN R 85 8.95 -39.88 -56.42
C ASN R 85 8.76 -41.29 -55.87
N ALA R 86 9.78 -42.14 -56.06
CA ALA R 86 9.78 -43.54 -55.67
C ALA R 86 8.78 -44.34 -56.51
N PHE R 87 8.05 -43.63 -57.38
CA PHE R 87 7.13 -44.24 -58.33
C PHE R 87 7.39 -43.77 -59.76
N GLY R 88 8.20 -42.74 -59.96
CA GLY R 88 8.46 -42.19 -61.27
C GLY R 88 7.51 -41.10 -61.71
N ALA R 89 6.45 -40.85 -60.95
CA ALA R 89 5.46 -39.86 -61.34
C ALA R 89 6.02 -38.44 -61.23
N SER R 90 5.56 -37.57 -62.11
CA SER R 90 5.98 -36.18 -62.14
C SER R 90 4.90 -35.30 -61.53
N PHE R 91 5.29 -34.43 -60.60
CA PHE R 91 4.38 -33.52 -59.92
C PHE R 91 4.96 -32.12 -60.04
N ALA R 92 4.67 -31.44 -61.14
CA ALA R 92 5.15 -30.09 -61.40
C ALA R 92 4.04 -29.12 -61.02
N VAL R 93 4.00 -28.74 -59.75
CA VAL R 93 2.95 -27.87 -59.23
C VAL R 93 3.49 -26.55 -58.70
N SER R 94 4.82 -26.36 -58.67
CA SER R 94 5.45 -25.14 -58.19
C SER R 94 4.94 -24.80 -56.79
N PRO R 95 5.40 -25.52 -55.77
CA PRO R 95 4.86 -25.31 -54.41
C PRO R 95 4.98 -23.89 -53.91
N ILE R 96 5.98 -23.14 -54.36
CA ILE R 96 6.15 -21.77 -53.89
C ILE R 96 4.98 -20.91 -54.31
N ASP R 97 4.47 -21.10 -55.54
CA ASP R 97 3.35 -20.29 -56.01
C ASP R 97 2.11 -20.52 -55.16
N VAL R 98 1.80 -21.78 -54.86
CA VAL R 98 0.59 -22.08 -54.09
C VAL R 98 0.75 -21.62 -52.64
N VAL R 99 1.93 -21.82 -52.04
CA VAL R 99 2.11 -21.38 -50.66
C VAL R 99 2.11 -19.86 -50.58
N ASN R 100 2.49 -19.16 -51.65
CA ASN R 100 2.37 -17.70 -51.66
C ASN R 100 0.91 -17.27 -51.80
N ALA R 101 0.20 -17.86 -52.77
CA ALA R 101 -1.16 -17.41 -53.08
C ALA R 101 -2.14 -17.74 -51.95
N LEU R 102 -1.98 -18.89 -51.30
CA LEU R 102 -2.89 -19.27 -50.24
C LEU R 102 -2.62 -18.53 -48.93
N ILE R 103 -1.39 -18.06 -48.72
CA ILE R 103 -1.02 -17.51 -47.43
C ILE R 103 -0.91 -15.99 -47.48
N PHE R 104 0.00 -15.47 -48.29
CA PHE R 104 0.40 -14.08 -48.17
C PHE R 104 -0.26 -13.15 -49.19
N GLN R 105 -0.75 -13.68 -50.31
CA GLN R 105 -1.40 -12.83 -51.30
C GLN R 105 -2.64 -12.13 -50.77
N PRO R 106 -3.59 -12.80 -50.11
CA PRO R 106 -4.74 -12.06 -49.56
C PRO R 106 -4.37 -11.04 -48.49
N ILE R 107 -3.31 -11.32 -47.72
CA ILE R 107 -2.96 -10.45 -46.60
C ILE R 107 -2.40 -9.12 -47.09
N VAL R 108 -1.53 -9.15 -48.11
CA VAL R 108 -0.74 -7.97 -48.46
C VAL R 108 -1.63 -6.85 -48.96
N ASP R 109 -2.63 -7.16 -49.78
CA ASP R 109 -3.39 -6.12 -50.45
C ASP R 109 -4.51 -5.55 -49.58
N MET R 110 -4.16 -5.14 -48.37
CA MET R 110 -5.12 -4.56 -47.43
C MET R 110 -4.48 -3.36 -46.75
N VAL R 111 -5.28 -2.32 -46.53
CA VAL R 111 -4.83 -1.10 -45.89
C VAL R 111 -5.75 -0.80 -44.72
N LYS R 112 -5.17 -0.65 -43.54
CA LYS R 112 -5.93 -0.27 -42.35
C LYS R 112 -5.58 1.14 -41.91
N THR S 1 5.77 -53.91 -54.68
CA THR S 1 6.30 -54.44 -55.92
C THR S 1 7.53 -55.31 -55.68
N SER S 2 8.44 -54.82 -54.84
CA SER S 2 9.67 -55.52 -54.54
C SER S 2 10.07 -55.23 -53.09
N VAL S 3 10.84 -56.17 -52.52
CA VAL S 3 11.07 -56.16 -51.07
C VAL S 3 11.94 -54.97 -50.66
N GLU S 4 13.07 -54.77 -51.35
CA GLU S 4 14.00 -53.73 -50.95
C GLU S 4 13.39 -52.34 -51.13
N PHE S 5 12.39 -52.20 -52.00
CA PHE S 5 11.66 -50.93 -52.08
C PHE S 5 11.01 -50.59 -50.74
N TRP S 6 10.24 -51.54 -50.19
CA TRP S 6 9.61 -51.33 -48.89
C TRP S 6 10.65 -51.18 -47.79
N GLN S 7 11.75 -51.94 -47.88
CA GLN S 7 12.82 -51.80 -46.91
C GLN S 7 13.38 -50.38 -46.89
N ASN S 8 13.67 -49.84 -48.08
CA ASN S 8 14.21 -48.50 -48.18
C ASN S 8 13.23 -47.45 -47.67
N ILE S 9 11.95 -47.58 -48.05
CA ILE S 9 10.98 -46.58 -47.61
C ILE S 9 10.82 -46.61 -46.08
N ALA S 10 10.78 -47.81 -45.50
CA ALA S 10 10.67 -47.93 -44.05
C ALA S 10 11.89 -47.37 -43.34
N SER S 11 13.08 -47.66 -43.85
CA SER S 11 14.30 -47.13 -43.23
C SER S 11 14.33 -45.60 -43.31
N GLY S 12 13.95 -45.04 -44.47
CA GLY S 12 13.96 -43.60 -44.61
C GLY S 12 12.99 -42.92 -43.67
N VAL S 13 11.75 -43.43 -43.59
CA VAL S 13 10.78 -42.81 -42.70
C VAL S 13 11.20 -43.00 -41.25
N GLY S 14 11.83 -44.12 -40.91
CA GLY S 14 12.31 -44.30 -39.54
C GLY S 14 13.37 -43.30 -39.15
N LYS S 15 14.36 -43.09 -40.02
CA LYS S 15 15.40 -42.13 -39.71
C LYS S 15 14.83 -40.72 -39.63
N TRP S 16 13.90 -40.38 -40.54
CA TRP S 16 13.28 -39.06 -40.49
C TRP S 16 12.53 -38.86 -39.18
N LEU S 17 11.79 -39.88 -38.74
CA LEU S 17 11.01 -39.76 -37.51
C LEU S 17 11.91 -39.63 -36.29
N ARG S 18 13.00 -40.41 -36.22
CA ARG S 18 13.87 -40.28 -35.06
C ARG S 18 14.58 -38.93 -35.04
N ALA S 19 14.97 -38.42 -36.21
CA ALA S 19 15.59 -37.10 -36.28
C ALA S 19 14.62 -36.02 -35.80
N ILE S 20 13.37 -36.07 -36.28
CA ILE S 20 12.43 -35.04 -35.85
C ILE S 20 12.05 -35.23 -34.39
N PHE S 21 12.14 -36.45 -33.87
CA PHE S 21 11.93 -36.65 -32.43
C PHE S 21 13.02 -35.98 -31.60
N ALA S 22 14.28 -36.11 -32.04
CA ALA S 22 15.35 -35.39 -31.35
C ALA S 22 15.14 -33.88 -31.44
N ILE S 23 14.72 -33.40 -32.61
CA ILE S 23 14.39 -31.99 -32.77
C ILE S 23 13.29 -31.59 -31.79
N ALA S 24 12.31 -32.48 -31.59
CA ALA S 24 11.21 -32.20 -30.67
C ALA S 24 11.71 -32.09 -29.23
N PHE S 25 12.60 -32.99 -28.83
CA PHE S 25 13.15 -32.92 -27.47
C PHE S 25 13.90 -31.61 -27.25
N TRP S 26 14.72 -31.23 -28.22
CA TRP S 26 15.46 -29.97 -28.05
C TRP S 26 14.55 -28.76 -28.16
N SER S 27 13.41 -28.89 -28.86
CA SER S 27 12.42 -27.83 -28.86
C SER S 27 11.73 -27.72 -27.50
N SER S 28 11.52 -28.84 -26.83
CA SER S 28 11.05 -28.78 -25.45
C SER S 28 12.06 -28.03 -24.58
N LEU S 29 13.35 -28.28 -24.81
CA LEU S 29 14.38 -27.53 -24.08
C LEU S 29 14.30 -26.03 -24.37
N ILE S 30 14.13 -25.66 -25.64
CA ILE S 30 14.06 -24.22 -25.95
C ILE S 30 12.80 -23.60 -25.38
N LEU S 31 11.71 -24.37 -25.27
CA LEU S 31 10.51 -23.86 -24.63
C LEU S 31 10.73 -23.64 -23.14
N LEU S 32 11.51 -24.54 -22.51
CA LEU S 32 11.98 -24.31 -21.15
C LEU S 32 12.71 -22.98 -21.07
N THR S 33 13.60 -22.72 -22.04
CA THR S 33 14.34 -21.46 -22.07
C THR S 33 13.41 -20.26 -22.22
N PHE S 34 12.37 -20.41 -23.05
CA PHE S 34 11.42 -19.31 -23.24
C PHE S 34 10.67 -19.01 -21.95
N TYR S 35 10.23 -20.04 -21.23
CA TYR S 35 9.62 -19.79 -19.93
C TYR S 35 10.62 -19.17 -18.96
N ALA S 36 11.90 -19.52 -19.08
CA ALA S 36 12.91 -18.91 -18.24
C ALA S 36 13.01 -17.41 -18.49
N ILE S 37 13.06 -17.00 -19.75
CA ILE S 37 13.13 -15.57 -20.03
C ILE S 37 11.82 -14.89 -19.64
N MET S 38 10.69 -15.60 -19.76
CA MET S 38 9.42 -15.03 -19.32
C MET S 38 9.43 -14.71 -17.83
N THR S 39 9.82 -15.69 -17.00
CA THR S 39 9.88 -15.45 -15.57
C THR S 39 10.99 -14.49 -15.20
N GLN S 40 11.99 -14.31 -16.07
CA GLN S 40 13.03 -13.33 -15.82
C GLN S 40 12.56 -11.91 -16.11
N VAL S 41 11.67 -11.74 -17.09
CA VAL S 41 11.29 -10.41 -17.56
C VAL S 41 9.89 -9.99 -17.11
N ALA S 42 9.02 -10.93 -16.77
CA ALA S 42 7.64 -10.59 -16.47
C ALA S 42 7.59 -9.55 -15.35
N PRO S 43 6.90 -8.43 -15.54
CA PRO S 43 6.98 -7.33 -14.56
C PRO S 43 6.40 -7.68 -13.21
N SER S 44 5.15 -8.12 -13.18
CA SER S 44 4.50 -8.42 -11.92
C SER S 44 5.01 -9.74 -11.35
N LYS S 45 4.94 -9.85 -10.03
CA LYS S 45 5.37 -11.07 -9.36
C LYS S 45 4.51 -12.26 -9.78
N VAL S 46 3.20 -12.04 -9.91
CA VAL S 46 2.28 -13.14 -10.19
C VAL S 46 2.62 -13.79 -11.53
N PHE S 47 2.99 -12.99 -12.53
CA PHE S 47 3.32 -13.56 -13.83
C PHE S 47 4.60 -14.36 -13.79
N ARG S 48 5.61 -13.89 -13.06
CA ARG S 48 6.83 -14.66 -12.87
C ARG S 48 6.54 -15.98 -12.14
N LEU S 49 5.67 -15.92 -11.13
CA LEU S 49 5.28 -17.13 -10.41
C LEU S 49 4.58 -18.13 -11.33
N GLY S 50 3.66 -17.64 -12.16
CA GLY S 50 2.99 -18.53 -13.10
C GLY S 50 3.95 -19.10 -14.13
N ALA S 51 4.94 -18.31 -14.56
CA ALA S 51 5.94 -18.81 -15.48
C ALA S 51 6.78 -19.90 -14.83
N LEU S 52 7.12 -19.73 -13.55
CA LEU S 52 7.83 -20.80 -12.84
C LEU S 52 6.98 -22.07 -12.77
N VAL S 53 5.68 -21.92 -12.48
CA VAL S 53 4.81 -23.08 -12.37
C VAL S 53 4.71 -23.81 -13.71
N ASP S 54 4.50 -23.08 -14.80
CA ASP S 54 4.39 -23.75 -16.09
C ASP S 54 5.73 -24.25 -16.60
N LEU S 55 6.84 -23.66 -16.16
CA LEU S 55 8.16 -24.23 -16.41
C LEU S 55 8.29 -25.61 -15.77
N ILE S 56 7.87 -25.72 -14.51
CA ILE S 56 7.88 -27.02 -13.83
C ILE S 56 6.92 -27.99 -14.53
N GLU S 57 5.78 -27.47 -14.99
CA GLU S 57 4.83 -28.28 -15.75
C GLU S 57 5.48 -28.86 -17.00
N SER S 58 6.21 -28.02 -17.74
CA SER S 58 6.84 -28.46 -18.97
C SER S 58 7.91 -29.50 -18.71
N VAL S 59 8.75 -29.28 -17.69
CA VAL S 59 9.80 -30.26 -17.41
C VAL S 59 9.20 -31.59 -16.96
N LYS S 60 8.16 -31.53 -16.13
CA LYS S 60 7.52 -32.76 -15.68
C LYS S 60 6.87 -33.51 -16.83
N THR S 61 6.22 -32.79 -17.76
CA THR S 61 5.55 -33.47 -18.85
C THR S 61 6.54 -34.05 -19.86
N VAL S 62 7.65 -33.35 -20.12
CA VAL S 62 8.66 -33.92 -21.01
C VAL S 62 9.29 -35.16 -20.39
N LEU S 63 9.56 -35.12 -19.08
CA LEU S 63 10.14 -36.29 -18.42
C LEU S 63 9.17 -37.46 -18.44
N LEU S 64 7.89 -37.20 -18.17
CA LEU S 64 6.89 -38.26 -18.19
C LEU S 64 6.74 -38.85 -19.59
N GLY S 65 6.75 -38.01 -20.62
CA GLY S 65 6.64 -38.52 -21.98
C GLY S 65 7.82 -39.40 -22.36
N ILE S 66 9.04 -38.96 -22.02
CA ILE S 66 10.21 -39.78 -22.29
C ILE S 66 10.12 -41.11 -21.54
N PHE S 67 9.66 -41.07 -20.29
CA PHE S 67 9.53 -42.29 -19.50
C PHE S 67 8.54 -43.24 -20.17
N VAL S 68 7.38 -42.73 -20.58
CA VAL S 68 6.37 -43.59 -21.20
C VAL S 68 6.90 -44.19 -22.50
N PHE S 69 7.61 -43.39 -23.30
CA PHE S 69 8.14 -43.90 -24.56
C PHE S 69 9.13 -45.03 -24.33
N THR S 70 10.13 -44.79 -23.48
CA THR S 70 11.15 -45.82 -23.26
C THR S 70 10.54 -47.06 -22.59
N ALA S 71 9.61 -46.86 -21.65
CA ALA S 71 8.97 -47.99 -20.99
C ALA S 71 8.14 -48.80 -21.97
N SER S 72 7.43 -48.13 -22.88
CA SER S 72 6.64 -48.85 -23.88
C SER S 72 7.52 -49.64 -24.83
N VAL S 73 8.64 -49.06 -25.27
CA VAL S 73 9.53 -49.78 -26.18
C VAL S 73 10.11 -51.02 -25.47
N THR S 74 10.60 -50.84 -24.24
CA THR S 74 11.12 -51.97 -23.50
C THR S 74 10.03 -53.01 -23.25
N GLY S 75 8.81 -52.56 -22.97
CA GLY S 75 7.72 -53.47 -22.71
C GLY S 75 7.36 -54.31 -23.92
N ILE S 76 7.24 -53.69 -25.09
CA ILE S 76 6.90 -54.45 -26.28
C ILE S 76 8.01 -55.44 -26.63
N ILE S 77 9.27 -55.00 -26.58
CA ILE S 77 10.35 -55.90 -26.95
C ILE S 77 10.46 -57.06 -25.96
N ALA S 78 10.34 -56.78 -24.66
CA ALA S 78 10.43 -57.85 -23.67
C ALA S 78 9.20 -58.75 -23.71
N GLY S 79 8.03 -58.21 -24.05
CA GLY S 79 6.85 -59.04 -24.18
C GLY S 79 6.96 -60.01 -25.33
N VAL S 80 7.48 -59.55 -26.47
CA VAL S 80 7.69 -60.47 -27.59
C VAL S 80 8.75 -61.51 -27.22
N ALA S 81 9.83 -61.07 -26.54
CA ALA S 81 10.86 -62.02 -26.13
C ALA S 81 10.31 -63.09 -25.19
N ALA S 82 9.45 -62.69 -24.25
CA ALA S 82 8.88 -63.65 -23.31
C ALA S 82 7.83 -64.53 -23.98
N ILE S 83 7.08 -63.98 -24.94
CA ILE S 83 6.10 -64.77 -25.64
C ILE S 83 6.75 -65.75 -26.59
N ALA S 84 8.02 -65.54 -26.93
CA ALA S 84 8.78 -66.58 -27.62
C ALA S 84 8.90 -67.83 -26.74
N ASN S 85 8.89 -67.65 -25.42
CA ASN S 85 8.87 -68.78 -24.50
C ASN S 85 7.47 -69.38 -24.43
N ALA S 86 7.35 -70.48 -23.67
CA ALA S 86 6.12 -71.25 -23.52
C ALA S 86 5.77 -71.97 -24.82
N PHE S 87 6.56 -71.70 -25.87
CA PHE S 87 6.45 -72.38 -27.15
C PHE S 87 7.76 -72.99 -27.62
N GLY S 88 8.88 -72.66 -26.98
CA GLY S 88 10.18 -73.14 -27.39
C GLY S 88 10.89 -72.27 -28.39
N ALA S 89 10.23 -71.25 -28.93
CA ALA S 89 10.85 -70.41 -29.96
C ALA S 89 11.94 -69.53 -29.36
N SER S 90 12.96 -69.27 -30.18
CA SER S 90 14.09 -68.44 -29.78
C SER S 90 13.96 -67.05 -30.39
N PHE S 91 14.10 -66.02 -29.55
CA PHE S 91 14.00 -64.63 -29.98
C PHE S 91 15.25 -63.92 -29.48
N ALA S 92 16.31 -63.98 -30.27
CA ALA S 92 17.59 -63.34 -29.92
C ALA S 92 17.65 -62.01 -30.68
N VAL S 93 17.10 -60.96 -30.07
CA VAL S 93 17.02 -59.65 -30.70
C VAL S 93 17.79 -58.59 -29.93
N SER S 94 18.34 -58.92 -28.75
CA SER S 94 19.09 -57.99 -27.93
C SER S 94 18.27 -56.73 -27.66
N PRO S 95 17.27 -56.80 -26.78
CA PRO S 95 16.38 -55.65 -26.58
C PRO S 95 17.09 -54.37 -26.19
N ILE S 96 18.24 -54.48 -25.51
CA ILE S 96 18.94 -53.28 -25.08
C ILE S 96 19.42 -52.48 -26.29
N ASP S 97 19.90 -53.16 -27.33
CA ASP S 97 20.39 -52.46 -28.52
C ASP S 97 19.27 -51.66 -29.18
N VAL S 98 18.10 -52.27 -29.34
CA VAL S 98 17.00 -51.58 -30.03
C VAL S 98 16.45 -50.45 -29.16
N VAL S 99 16.33 -50.67 -27.85
CA VAL S 99 15.83 -49.60 -26.99
C VAL S 99 16.82 -48.46 -26.90
N ASN S 100 18.12 -48.74 -27.07
CA ASN S 100 19.09 -47.65 -27.13
C ASN S 100 18.99 -46.90 -28.45
N ALA S 101 18.97 -47.64 -29.57
CA ALA S 101 19.02 -47.01 -30.89
C ALA S 101 17.75 -46.21 -31.20
N LEU S 102 16.59 -46.71 -30.77
CA LEU S 102 15.34 -46.01 -31.06
C LEU S 102 15.13 -44.81 -30.15
N ILE S 103 15.73 -44.79 -28.97
CA ILE S 103 15.41 -43.77 -27.98
C ILE S 103 16.53 -42.75 -27.87
N PHE S 104 17.73 -43.19 -27.46
CA PHE S 104 18.75 -42.26 -27.01
C PHE S 104 19.82 -41.96 -28.05
N GLN S 105 20.00 -42.84 -29.05
CA GLN S 105 21.01 -42.58 -30.08
C GLN S 105 20.74 -41.31 -30.87
N PRO S 106 19.53 -41.04 -31.39
CA PRO S 106 19.33 -39.77 -32.10
C PRO S 106 19.48 -38.55 -31.21
N ILE S 107 19.15 -38.66 -29.93
CA ILE S 107 19.17 -37.50 -29.05
C ILE S 107 20.59 -37.05 -28.75
N VAL S 108 21.50 -37.99 -28.49
CA VAL S 108 22.81 -37.64 -27.94
C VAL S 108 23.61 -36.81 -28.94
N ASP S 109 23.58 -37.16 -30.21
CA ASP S 109 24.48 -36.54 -31.17
C ASP S 109 23.95 -35.21 -31.69
N MET S 110 23.58 -34.32 -30.78
CA MET S 110 23.07 -32.99 -31.13
C MET S 110 23.67 -31.96 -30.20
N VAL S 111 24.01 -30.80 -30.75
CA VAL S 111 24.60 -29.70 -30.01
C VAL S 111 23.75 -28.45 -30.22
N LYS S 112 23.30 -27.85 -29.13
CA LYS S 112 22.56 -26.60 -29.19
C LYS S 112 23.39 -25.46 -28.62
N THR T 1 -3.07 -76.64 -26.85
CA THR T 1 -2.48 -77.95 -27.02
C THR T 1 -2.82 -78.87 -25.86
N SER T 2 -2.71 -78.35 -24.64
CA SER T 2 -2.98 -79.13 -23.44
C SER T 2 -3.56 -78.21 -22.38
N VAL T 3 -4.32 -78.81 -21.45
CA VAL T 3 -5.15 -78.03 -20.54
C VAL T 3 -4.29 -77.26 -19.54
N GLU T 4 -3.34 -77.94 -18.90
CA GLU T 4 -2.55 -77.29 -17.86
C GLU T 4 -1.68 -76.19 -18.42
N PHE T 5 -1.37 -76.23 -19.71
CA PHE T 5 -0.67 -75.11 -20.35
C PHE T 5 -1.50 -73.83 -20.25
N TRP T 6 -2.77 -73.90 -20.67
CA TRP T 6 -3.66 -72.75 -20.57
C TRP T 6 -3.90 -72.36 -19.12
N GLN T 7 -4.02 -73.37 -18.23
CA GLN T 7 -4.19 -73.07 -16.81
C GLN T 7 -3.02 -72.25 -16.28
N ASN T 8 -1.79 -72.67 -16.59
CA ASN T 8 -0.60 -71.97 -16.13
C ASN T 8 -0.52 -70.56 -16.70
N ILE T 9 -0.81 -70.40 -18.00
CA ILE T 9 -0.71 -69.08 -18.59
C ILE T 9 -1.75 -68.14 -17.98
N ALA T 10 -2.97 -68.64 -17.76
CA ALA T 10 -4.02 -67.82 -17.16
C ALA T 10 -3.66 -67.44 -15.72
N SER T 11 -3.15 -68.38 -14.95
CA SER T 11 -2.76 -68.08 -13.57
C SER T 11 -1.64 -67.04 -13.54
N GLY T 12 -0.65 -67.19 -14.41
CA GLY T 12 0.45 -66.24 -14.43
C GLY T 12 0.01 -64.84 -14.79
N VAL T 13 -0.80 -64.72 -15.84
CA VAL T 13 -1.27 -63.39 -16.22
C VAL T 13 -2.18 -62.80 -15.15
N GLY T 14 -2.97 -63.64 -14.47
CA GLY T 14 -3.80 -63.13 -13.39
C GLY T 14 -3.00 -62.57 -12.24
N LYS T 15 -1.97 -63.30 -11.80
CA LYS T 15 -1.14 -62.81 -10.71
C LYS T 15 -0.40 -61.54 -11.12
N TRP T 16 0.10 -61.50 -12.36
CA TRP T 16 0.78 -60.30 -12.84
C TRP T 16 -0.16 -59.10 -12.84
N LEU T 17 -1.40 -59.29 -13.31
CA LEU T 17 -2.36 -58.20 -13.37
C LEU T 17 -2.74 -57.71 -11.98
N ARG T 18 -2.96 -58.62 -11.02
CA ARG T 18 -3.32 -58.15 -9.68
C ARG T 18 -2.15 -57.43 -9.02
N ALA T 19 -0.93 -57.91 -9.24
CA ALA T 19 0.24 -57.23 -8.69
C ALA T 19 0.37 -55.82 -9.26
N ILE T 20 0.22 -55.68 -10.58
CA ILE T 20 0.35 -54.35 -11.16
C ILE T 20 -0.84 -53.47 -10.78
N PHE T 21 -1.99 -54.07 -10.48
CA PHE T 21 -3.11 -53.28 -9.97
C PHE T 21 -2.81 -52.71 -8.58
N ALA T 22 -2.21 -53.51 -7.71
CA ALA T 22 -1.78 -52.99 -6.41
C ALA T 22 -0.74 -51.88 -6.58
N ILE T 23 0.20 -52.08 -7.51
CA ILE T 23 1.17 -51.04 -7.83
C ILE T 23 0.46 -49.77 -8.29
N ALA T 24 -0.61 -49.93 -9.08
CA ALA T 24 -1.37 -48.79 -9.57
C ALA T 24 -2.04 -48.03 -8.42
N PHE T 25 -2.63 -48.76 -7.47
CA PHE T 25 -3.26 -48.10 -6.33
C PHE T 25 -2.23 -47.31 -5.53
N TRP T 26 -1.07 -47.91 -5.28
CA TRP T 26 -0.06 -47.18 -4.51
C TRP T 26 0.55 -46.04 -5.32
N SER T 27 0.53 -46.14 -6.65
CA SER T 27 0.94 -45.02 -7.49
C SER T 27 -0.08 -43.88 -7.41
N SER T 28 -1.36 -44.20 -7.29
CA SER T 28 -2.35 -43.17 -7.02
C SER T 28 -2.04 -42.48 -5.69
N LEU T 29 -1.64 -43.26 -4.68
CA LEU T 29 -1.24 -42.67 -3.41
C LEU T 29 -0.03 -41.74 -3.58
N ILE T 30 0.97 -42.17 -4.34
CA ILE T 30 2.14 -41.30 -4.50
C ILE T 30 1.79 -40.06 -5.30
N LEU T 31 0.83 -40.15 -6.22
CA LEU T 31 0.37 -38.96 -6.93
C LEU T 31 -0.35 -38.01 -5.98
N LEU T 32 -1.12 -38.55 -5.04
CA LEU T 32 -1.65 -37.75 -3.95
C LEU T 32 -0.53 -37.02 -3.22
N THR T 33 0.56 -37.73 -2.93
CA THR T 33 1.70 -37.11 -2.26
C THR T 33 2.32 -36.01 -3.10
N PHE T 34 2.40 -36.22 -4.42
CA PHE T 34 2.96 -35.20 -5.31
C PHE T 34 2.11 -33.95 -5.31
N TYR T 35 0.79 -34.10 -5.37
CA TYR T 35 -0.08 -32.92 -5.25
C TYR T 35 0.07 -32.26 -3.88
N ALA T 36 0.34 -33.06 -2.84
CA ALA T 36 0.57 -32.49 -1.52
C ALA T 36 1.80 -31.59 -1.52
N ILE T 37 2.91 -32.08 -2.08
CA ILE T 37 4.11 -31.24 -2.11
C ILE T 37 3.89 -30.04 -3.03
N MET T 38 3.09 -30.21 -4.09
CA MET T 38 2.79 -29.08 -4.96
C MET T 38 2.07 -27.97 -4.21
N THR T 39 0.99 -28.32 -3.50
CA THR T 39 0.27 -27.31 -2.73
C THR T 39 1.07 -26.81 -1.54
N GLN T 40 2.09 -27.57 -1.10
CA GLN T 40 2.96 -27.09 -0.05
C GLN T 40 3.98 -26.08 -0.55
N VAL T 41 4.42 -26.22 -1.81
CA VAL T 41 5.52 -25.41 -2.32
C VAL T 41 5.06 -24.33 -3.30
N ALA T 42 3.90 -24.48 -3.92
CA ALA T 42 3.48 -23.55 -4.96
C ALA T 42 3.47 -22.13 -4.42
N PRO T 43 4.14 -21.18 -5.07
CA PRO T 43 4.32 -19.84 -4.49
C PRO T 43 3.02 -19.08 -4.34
N SER T 44 2.28 -18.92 -5.43
CA SER T 44 1.05 -18.15 -5.38
C SER T 44 -0.06 -18.94 -4.69
N LYS T 45 -1.00 -18.20 -4.11
CA LYS T 45 -2.13 -18.84 -3.44
C LYS T 45 -2.98 -19.62 -4.44
N VAL T 46 -3.18 -19.08 -5.63
CA VAL T 46 -4.07 -19.69 -6.61
C VAL T 46 -3.57 -21.08 -7.00
N PHE T 47 -2.24 -21.24 -7.13
CA PHE T 47 -1.70 -22.54 -7.52
C PHE T 47 -1.86 -23.56 -6.40
N ARG T 48 -1.67 -23.14 -5.15
CA ARG T 48 -1.92 -24.04 -4.02
C ARG T 48 -3.38 -24.44 -3.96
N LEU T 49 -4.28 -23.49 -4.21
CA LEU T 49 -5.72 -23.77 -4.24
C LEU T 49 -6.05 -24.79 -5.32
N GLY T 50 -5.51 -24.59 -6.52
CA GLY T 50 -5.74 -25.55 -7.60
C GLY T 50 -5.17 -26.91 -7.30
N ALA T 51 -4.02 -26.96 -6.62
CA ALA T 51 -3.45 -28.24 -6.22
C ALA T 51 -4.33 -28.93 -5.20
N LEU T 52 -4.92 -28.18 -4.27
CA LEU T 52 -5.87 -28.78 -3.35
C LEU T 52 -7.08 -29.34 -4.09
N VAL T 53 -7.60 -28.59 -5.06
CA VAL T 53 -8.78 -29.04 -5.80
C VAL T 53 -8.47 -30.32 -6.57
N ASP T 54 -7.33 -30.37 -7.27
CA ASP T 54 -7.03 -31.57 -8.03
C ASP T 54 -6.59 -32.73 -7.13
N LEU T 55 -6.10 -32.44 -5.93
CA LEU T 55 -5.88 -33.48 -4.93
C LEU T 55 -7.21 -34.14 -4.55
N ILE T 56 -8.23 -33.31 -4.29
CA ILE T 56 -9.56 -33.85 -3.99
C ILE T 56 -10.11 -34.61 -5.20
N GLU T 57 -9.84 -34.09 -6.40
CA GLU T 57 -10.25 -34.78 -7.62
C GLU T 57 -9.63 -36.17 -7.70
N SER T 58 -8.33 -36.27 -7.41
CA SER T 58 -7.64 -37.56 -7.48
C SER T 58 -8.19 -38.54 -6.44
N VAL T 59 -8.41 -38.08 -5.21
CA VAL T 59 -8.90 -39.00 -4.19
C VAL T 59 -10.31 -39.47 -4.53
N LYS T 60 -11.15 -38.54 -5.03
CA LYS T 60 -12.51 -38.93 -5.39
C LYS T 60 -12.51 -39.91 -6.56
N THR T 61 -11.64 -39.71 -7.56
CA THR T 61 -11.65 -40.61 -8.70
C THR T 61 -11.08 -41.98 -8.36
N VAL T 62 -10.06 -42.04 -7.50
CA VAL T 62 -9.55 -43.34 -7.08
C VAL T 62 -10.60 -44.09 -6.26
N LEU T 63 -11.32 -43.38 -5.38
CA LEU T 63 -12.35 -44.04 -4.58
C LEU T 63 -13.48 -44.54 -5.48
N LEU T 64 -13.90 -43.72 -6.45
CA LEU T 64 -14.95 -44.13 -7.36
C LEU T 64 -14.53 -45.33 -8.21
N GLY T 65 -13.28 -45.35 -8.68
CA GLY T 65 -12.81 -46.48 -9.46
C GLY T 65 -12.79 -47.77 -8.65
N ILE T 66 -12.29 -47.69 -7.41
CA ILE T 66 -12.30 -48.87 -6.55
C ILE T 66 -13.73 -49.35 -6.31
N PHE T 67 -14.66 -48.40 -6.08
CA PHE T 67 -16.05 -48.76 -5.85
C PHE T 67 -16.63 -49.48 -7.07
N VAL T 68 -16.39 -48.94 -8.26
CA VAL T 68 -16.93 -49.56 -9.47
C VAL T 68 -16.34 -50.95 -9.67
N PHE T 69 -15.04 -51.11 -9.43
CA PHE T 69 -14.42 -52.42 -9.61
C PHE T 69 -15.02 -53.46 -8.67
N THR T 70 -15.07 -53.14 -7.37
CA THR T 70 -15.59 -54.12 -6.41
C THR T 70 -17.06 -54.39 -6.65
N ALA T 71 -17.84 -53.35 -6.99
CA ALA T 71 -19.26 -53.54 -7.25
C ALA T 71 -19.48 -54.39 -8.48
N SER T 72 -18.67 -54.20 -9.53
CA SER T 72 -18.81 -55.01 -10.74
C SER T 72 -18.46 -56.47 -10.47
N VAL T 73 -17.40 -56.72 -9.69
CA VAL T 73 -17.03 -58.10 -9.38
C VAL T 73 -18.14 -58.78 -8.58
N THR T 74 -18.63 -58.10 -7.54
CA THR T 74 -19.72 -58.66 -6.75
C THR T 74 -20.96 -58.86 -7.61
N GLY T 75 -21.24 -57.92 -8.52
CA GLY T 75 -22.41 -58.02 -9.36
C GLY T 75 -22.35 -59.21 -10.31
N ILE T 76 -21.20 -59.42 -10.97
CA ILE T 76 -21.09 -60.56 -11.88
C ILE T 76 -21.20 -61.87 -11.12
N ILE T 77 -20.50 -61.99 -9.98
CA ILE T 77 -20.53 -63.25 -9.25
C ILE T 77 -21.93 -63.53 -8.71
N ALA T 78 -22.60 -62.51 -8.17
CA ALA T 78 -23.95 -62.71 -7.64
C ALA T 78 -24.96 -62.95 -8.75
N GLY T 79 -24.75 -62.33 -9.91
CA GLY T 79 -25.65 -62.57 -11.03
C GLY T 79 -25.55 -63.99 -11.54
N VAL T 80 -24.34 -64.53 -11.63
CA VAL T 80 -24.20 -65.93 -12.03
C VAL T 80 -24.79 -66.85 -10.96
N ALA T 81 -24.57 -66.51 -9.68
CA ALA T 81 -25.14 -67.33 -8.61
C ALA T 81 -26.66 -67.33 -8.66
N ALA T 82 -27.28 -66.18 -8.93
CA ALA T 82 -28.73 -66.10 -8.99
C ALA T 82 -29.27 -66.74 -10.26
N ILE T 83 -28.52 -66.65 -11.37
CA ILE T 83 -28.96 -67.28 -12.60
C ILE T 83 -28.82 -68.78 -12.52
N ALA T 84 -28.02 -69.29 -11.58
CA ALA T 84 -28.08 -70.72 -11.29
C ALA T 84 -29.45 -71.14 -10.80
N ASN T 85 -30.17 -70.23 -10.16
CA ASN T 85 -31.55 -70.47 -9.75
C ASN T 85 -32.48 -70.37 -10.95
N ALA T 86 -33.77 -70.65 -10.71
CA ALA T 86 -34.82 -70.67 -11.73
C ALA T 86 -34.60 -71.83 -12.71
N PHE T 87 -33.49 -72.55 -12.53
CA PHE T 87 -33.18 -73.75 -13.29
C PHE T 87 -32.87 -74.95 -12.40
N GLY T 88 -32.67 -74.74 -11.09
CA GLY T 88 -32.32 -75.80 -10.18
C GLY T 88 -30.83 -76.04 -10.03
N ALA T 89 -29.99 -75.38 -10.83
CA ALA T 89 -28.56 -75.61 -10.78
C ALA T 89 -27.96 -75.03 -9.51
N SER T 90 -26.92 -75.69 -9.01
CA SER T 90 -26.22 -75.27 -7.80
C SER T 90 -24.92 -74.59 -8.19
N PHE T 91 -24.68 -73.41 -7.61
CA PHE T 91 -23.47 -72.63 -7.86
C PHE T 91 -22.87 -72.28 -6.51
N ALA T 92 -22.05 -73.18 -5.97
CA ALA T 92 -21.40 -72.98 -4.68
C ALA T 92 -19.97 -72.50 -4.95
N VAL T 93 -19.82 -71.19 -5.10
CA VAL T 93 -18.53 -70.60 -5.43
C VAL T 93 -18.02 -69.65 -4.35
N SER T 94 -18.82 -69.39 -3.30
CA SER T 94 -18.43 -68.51 -2.21
C SER T 94 -18.01 -67.15 -2.75
N PRO T 95 -18.95 -66.31 -3.19
CA PRO T 95 -18.57 -65.04 -3.83
C PRO T 95 -17.70 -64.15 -2.98
N ILE T 96 -17.81 -64.24 -1.64
CA ILE T 96 -17.01 -63.39 -0.77
C ILE T 96 -15.53 -63.71 -0.93
N ASP T 97 -15.18 -64.99 -1.05
CA ASP T 97 -13.78 -65.36 -1.19
C ASP T 97 -13.17 -64.79 -2.46
N VAL T 98 -13.89 -64.89 -3.58
CA VAL T 98 -13.34 -64.41 -4.85
C VAL T 98 -13.29 -62.88 -4.86
N VAL T 99 -14.32 -62.21 -4.33
CA VAL T 99 -14.29 -60.75 -4.31
C VAL T 99 -13.21 -60.25 -3.36
N ASN T 100 -12.87 -61.02 -2.33
CA ASN T 100 -11.74 -60.62 -1.48
C ASN T 100 -10.40 -60.84 -2.19
N ALA T 101 -10.22 -62.03 -2.78
CA ALA T 101 -8.93 -62.38 -3.37
C ALA T 101 -8.60 -61.53 -4.60
N LEU T 102 -9.61 -61.21 -5.42
CA LEU T 102 -9.36 -60.42 -6.62
C LEU T 102 -9.16 -58.94 -6.32
N ILE T 103 -9.70 -58.45 -5.21
CA ILE T 103 -9.73 -57.01 -4.97
C ILE T 103 -8.71 -56.62 -3.90
N PHE T 104 -8.89 -57.12 -2.68
CA PHE T 104 -8.18 -56.57 -1.54
C PHE T 104 -6.95 -57.37 -1.11
N GLN T 105 -6.86 -58.65 -1.47
CA GLN T 105 -5.70 -59.44 -1.10
C GLN T 105 -4.40 -58.90 -1.68
N PRO T 106 -4.28 -58.58 -2.98
CA PRO T 106 -3.01 -58.02 -3.47
C PRO T 106 -2.68 -56.67 -2.86
N ILE T 107 -3.69 -55.87 -2.51
CA ILE T 107 -3.43 -54.51 -2.03
C ILE T 107 -2.83 -54.54 -0.63
N VAL T 108 -3.35 -55.39 0.25
CA VAL T 108 -3.02 -55.28 1.67
C VAL T 108 -1.54 -55.57 1.92
N ASP T 109 -0.98 -56.58 1.25
CA ASP T 109 0.36 -57.03 1.57
C ASP T 109 1.44 -56.19 0.90
N MET T 110 1.36 -54.88 1.06
CA MET T 110 2.34 -53.95 0.48
C MET T 110 2.67 -52.88 1.50
N VAL T 111 3.95 -52.49 1.56
CA VAL T 111 4.43 -51.48 2.48
C VAL T 111 5.15 -50.41 1.68
N LYS T 112 4.73 -49.16 1.85
CA LYS T 112 5.39 -48.03 1.21
C LYS T 112 6.10 -47.17 2.25
C01 TT0 U . -7.68 -19.95 3.07
C02 TT0 U . -7.97 -18.77 3.97
C03 TT0 U . -9.21 -19.07 4.90
C04 TT0 U . -8.94 -20.28 5.87
C05 TT0 U . -9.36 -19.91 7.35
C06 TT0 U . -9.78 -21.17 8.19
C07 TT0 U . -10.57 -22.20 7.35
C08 TT0 U . -11.65 -22.95 8.22
C09 TT0 U . -11.37 -24.49 8.33
C10 TT0 U . -12.69 -25.31 8.16
C11 TT0 U . -12.64 -26.67 8.94
C12 TT0 U . -13.85 -27.61 8.54
C13 TT0 U . -13.80 -28.01 7.03
C14 TT0 U . -14.62 -29.31 6.77
C15 TT0 U . -14.87 -29.58 5.25
C16 TT0 U . -14.70 -31.11 4.92
C17 TT0 U . -13.17 -31.49 4.85
C18 TT0 U . -12.94 -33.02 5.10
C19 TT0 U . -12.45 -33.72 3.80
C20 TT0 U . -12.97 -35.18 3.72
C21 TT0 U . -13.17 -35.61 2.25
C22 TT0 U . -13.65 -37.09 2.16
C23 TT0 U . -12.74 -38.05 3.03
C24 TT0 U . -12.93 -39.56 2.61
C25 TT0 U . -14.43 -39.83 2.28
C26 TT0 U . -14.78 -41.34 2.28
C27 TT0 U . -16.20 -41.58 1.70
C28 TT0 U . -17.32 -40.97 2.58
C29 TT0 U . -18.29 -42.08 3.07
C30 TT0 U . -19.50 -41.47 3.83
C31 TT0 U . -20.76 -42.39 3.76
C33 TT0 U . -21.11 -44.47 4.90
C34 TT0 U . -22.21 -45.29 4.18
C35 TT0 U . -23.15 -45.96 5.15
C38 TT0 U . -20.84 -45.83 2.29
C39 TT0 U . -20.44 -47.02 1.36
C40 TT0 U . -20.49 -46.58 -0.14
C41 TT0 U . -20.09 -47.69 -1.07
C42 TT0 U . -19.62 -45.31 -0.40
C43 TT0 U . -18.89 -45.41 -1.77
C44 TT0 U . -19.25 -44.25 -2.76
C45 TT0 U . -18.30 -43.02 -2.59
C46 TT0 U . -18.10 -42.73 -1.12
C47 TT0 U . -18.85 -41.77 -3.31
C48 TT0 U . -17.81 -40.62 -3.42
C49 TT0 U . -17.75 -39.67 -2.16
C50 TT0 U . -17.04 -38.33 -2.57
C51 TT0 U . -16.09 -38.56 -3.73
C52 TT0 U . -16.21 -37.67 -1.40
C53 TT0 U . -15.28 -36.57 -1.97
C54 TT0 U . -15.09 -35.37 -0.98
C55 TT0 U . -16.08 -34.20 -1.20
C56 TT0 U . -16.94 -33.98 0.06
C57 TT0 U . -15.32 -32.85 -1.50
C58 TT0 U . -15.32 -31.91 -0.28
C59 TT0 U . -15.04 -30.42 -0.70
C60 TT0 U . -14.82 -30.32 -2.20
C61 TT0 U . -13.82 -29.80 0.05
C62 TT0 U . -12.60 -29.63 -0.93
C63 TT0 U . -11.47 -28.80 -0.26
C64 TT0 U . -12.05 -28.02 0.94
C65 TT0 U . -11.61 -28.65 2.22
C66 TT0 U . -11.53 -26.55 0.90
C67 TT0 U . -10.30 -26.39 1.86
C68 TT0 U . -10.75 -26.17 3.33
C69 TT0 U . -11.43 -24.78 3.49
C70 TT0 U . -12.75 -24.74 2.74
C71 TT0 U . -10.53 -23.66 2.98
C72 TT0 U . -11.26 -22.31 3.01
C73 TT0 U . -10.28 -21.12 3.22
C74 TT0 U . -10.85 -19.76 2.67
C75 TT0 U . -12.28 -19.98 2.19
C76 TT0 U . -9.95 -19.16 1.54
C77 TT0 U . -10.34 -17.68 1.17
C79 TT0 U . -8.84 -17.07 -0.57
C80 TT0 U . -18.75 -42.94 1.90
C81 TT0 U . -15.26 -39.14 3.32
C82 TT0 U . -11.88 -35.41 1.49
C83 TT0 U . -12.57 -31.11 3.51
C84 TT0 U . -15.98 -29.19 7.46
C85 TT0 U . -13.86 -24.48 8.62
C86 TT0 U . -8.58 -21.80 8.87
C87 TT0 U . -8.25 -17.49 3.09
C88 TT0 U . -7.55 -17.58 1.72
C90 TT0 U . -8.50 -15.86 0.37
C91 TT0 U . -8.05 -14.62 -0.43
O32 TT0 U . -20.35 -43.74 3.92
O36 TT0 U . -22.48 -46.18 6.35
O37 TT0 U . -21.56 -46.32 3.40
O78 TT0 U . -10.15 -17.48 -0.23
O89 TT0 U . -7.43 -16.26 1.20
O92 TT0 U . -8.56 -14.72 -1.72
C01 TT0 V . 22.44 37.01 42.41
C02 TT0 V . 22.27 37.94 43.60
C03 TT0 V . 21.73 37.15 44.85
C04 TT0 V . 22.72 36.02 45.33
C05 TT0 V . 22.93 36.09 46.90
C06 TT0 V . 23.28 34.70 47.52
C07 TT0 V . 22.51 33.54 46.86
C08 TT0 V . 22.18 32.40 47.89
C09 TT0 V . 22.87 31.05 47.51
C10 TT0 V . 21.89 29.83 47.72
C11 TT0 V . 22.64 28.51 48.08
C12 TT0 V . 21.68 27.26 47.99
C13 TT0 V . 21.14 27.04 46.53
C14 TT0 V . 20.67 25.56 46.34
C15 TT0 V . 19.84 25.37 45.03
C16 TT0 V . 20.23 24.02 44.31
C17 TT0 V . 21.61 24.18 43.55
C18 TT0 V . 22.32 22.80 43.33
C19 TT0 V . 22.34 22.43 41.82
C20 TT0 V . 22.24 20.89 41.62
C21 TT0 V . 21.51 20.56 40.30
C22 TT0 V . 21.46 19.01 40.07
C23 TT0 V . 22.88 18.35 40.25
C24 TT0 V . 22.93 16.91 39.61
C25 TT0 V . 21.57 16.17 39.87
C26 TT0 V . 21.67 14.64 39.66
C27 TT0 V . 20.26 13.98 39.66
C28 TT0 V . 19.55 14.10 41.03
C29 TT0 V . 19.23 12.69 41.59
C30 TT0 V . 18.39 12.78 42.89
C31 TT0 V . 17.53 11.51 43.12
C33 TT0 V . 18.30 9.34 43.80
C34 TT0 V . 17.25 8.26 43.40
C35 TT0 V . 17.06 7.23 44.50
C38 TT0 V . 17.70 8.38 41.06
C39 TT0 V . 17.94 7.49 39.80
C40 TT0 V . 17.09 8.01 38.60
C41 TT0 V . 17.32 7.20 37.35
C42 TT0 V . 17.39 9.52 38.31
C43 TT0 V . 17.41 9.80 36.77
C44 TT0 V . 16.35 10.86 36.31
C45 TT0 V . 16.92 12.31 36.36
C46 TT0 V . 17.67 12.52 37.66
C47 TT0 V . 15.78 13.36 36.23
C48 TT0 V . 16.32 14.80 35.97
C49 TT0 V . 16.70 15.60 37.29
C50 TT0 V . 16.76 17.13 36.95
C51 TT0 V . 17.11 17.34 35.48
C52 TT0 V . 17.82 17.92 37.81
C53 TT0 V . 18.06 19.33 37.18
C54 TT0 V . 18.36 20.42 38.26
C55 TT0 V . 17.10 21.20 38.73
C56 TT0 V . 16.89 21.00 40.23
C57 TT0 V . 17.26 22.75 38.46
C58 TT0 V . 17.56 23.53 39.78
C59 TT0 V . 17.22 25.05 39.62
C60 TT0 V . 16.71 25.35 38.23
C61 TT0 V . 18.44 25.97 39.94
C62 TT0 V . 18.98 26.63 38.62
C63 TT0 V . 20.02 27.74 38.95
C64 TT0 V . 19.88 28.17 40.43
C65 TT0 V . 21.01 27.60 41.24
C66 TT0 V . 19.91 29.71 40.52
C67 TT0 V . 21.36 30.20 40.92
C68 TT0 V . 21.58 30.12 42.45
C69 TT0 V . 20.70 31.17 43.18
C70 TT0 V . 19.23 30.84 43.05
C71 TT0 V . 20.95 32.58 42.63
C72 TT0 V . 19.97 33.59 43.26
C73 TT0 V . 20.60 35.02 43.32
C74 TT0 V . 19.50 36.14 43.38
C75 TT0 V . 18.12 35.51 43.48
C76 TT0 V . 19.60 37.12 42.15
C77 TT0 V . 18.70 38.41 42.32
C79 TT0 V . 19.03 39.65 40.33
C80 TT0 V . 18.55 11.84 40.54
C81 TT0 V . 21.15 16.45 41.27
C82 TT0 V . 22.23 21.24 39.15
C83 TT0 V . 21.41 24.87 42.21
C84 TT0 V . 19.79 25.15 47.52
C85 TT0 V . 20.88 30.18 48.78
C86 TT0 V . 24.79 34.45 47.50
C87 TT0 V . 21.30 39.12 43.24
C88 TT0 V . 21.30 39.39 41.71
C90 TT0 V . 19.42 40.80 41.28
C91 TT0 V . 19.13 42.19 40.68
O32 TT0 V . 18.31 10.36 42.79
O36 TT0 V . 18.24 7.14 45.24
O37 TT0 V . 17.72 7.58 42.23
O78 TT0 V . 18.18 38.78 41.04
O89 TT0 V . 20.82 40.72 41.51
O92 TT0 V . 18.12 42.04 39.71
C01 TT0 W . 4.20 40.18 38.51
C02 TT0 W . 4.04 41.62 38.98
C03 TT0 W . 2.52 41.99 39.10
C04 TT0 W . 1.76 41.11 40.15
C05 TT0 W . 0.89 42.00 41.12
C06 TT0 W . -0.37 41.26 41.69
C07 TT0 W . -1.01 40.31 40.64
C08 TT0 W . -2.57 40.22 40.83
C09 TT0 W . -3.04 38.78 41.21
C10 TT0 W . -4.34 38.39 40.41
C11 TT0 W . -5.24 37.38 41.20
C12 TT0 W . -6.38 36.78 40.28
C13 TT0 W . -5.79 35.96 39.08
C14 TT0 W . -6.85 34.95 38.54
C15 TT0 W . -6.43 34.34 37.16
C16 TT0 W . -6.78 32.79 37.11
C17 TT0 W . -5.73 31.96 37.93
C18 TT0 W . -6.32 30.58 38.40
C19 TT0 W . -5.61 29.42 37.65
C20 TT0 W . -6.59 28.23 37.42
C21 TT0 W . -6.22 27.47 36.13
C22 TT0 W . -7.17 26.24 35.92
C23 TT0 W . -7.28 25.37 37.22
C24 TT0 W . -7.86 23.93 36.90
C25 TT0 W . -8.98 24.05 35.82
C26 TT0 W . -9.88 22.78 35.76
C27 TT0 W . -10.82 22.83 34.51
C28 TT0 W . -11.84 23.99 34.56
C29 TT0 W . -13.29 23.43 34.53
C30 TT0 W . -14.33 24.57 34.44
C31 TT0 W . -15.65 24.12 33.75
C33 TT0 W . -17.33 22.68 34.69
C34 TT0 W . -18.19 22.06 33.56
C35 TT0 W . -19.66 22.03 33.90
C38 TT0 W . -16.46 20.58 32.80
C39 TT0 W . -16.21 19.11 32.35
C40 TT0 W . -15.35 19.08 31.04
C41 TT0 W . -15.07 17.67 30.59
C42 TT0 W . -14.03 19.88 31.19
C43 TT0 W . -12.85 19.16 30.47
C44 TT0 W . -12.17 20.03 29.35
C45 TT0 W . -11.00 20.89 29.92
C46 TT0 W . -11.43 21.54 31.22
C47 TT0 W . -10.57 21.98 28.91
C48 TT0 W . -9.23 22.67 29.29
C49 TT0 W . -9.37 23.88 30.29
C50 TT0 W . -8.08 24.76 30.23
C51 TT0 W . -6.88 23.90 29.81
C52 TT0 W . -7.71 25.45 31.60
C53 TT0 W . -6.26 25.99 31.55
C54 TT0 W . -6.08 27.31 32.38
C55 TT0 W . -6.26 28.61 31.54
C56 TT0 W . -7.41 29.43 32.08
C57 TT0 W . -4.96 29.50 31.59
C58 TT0 W . -5.14 30.73 32.53
C59 TT0 W . -4.10 31.85 32.20
C60 TT0 W . -3.18 31.42 31.09
C61 TT0 W . -3.25 32.26 33.44
C62 TT0 W . -1.78 31.74 33.30
C63 TT0 W . -0.87 32.35 34.40
C64 TT0 W . -1.55 33.60 35.01
C65 TT0 W . -2.08 33.27 36.38
C66 TT0 W . -0.52 34.74 35.14
C67 TT0 W . 0.05 34.81 36.60
C68 TT0 W . -0.90 35.58 37.56
C69 TT0 W . -0.93 37.09 37.19
C70 TT0 W . -1.57 37.30 35.83
C71 TT0 W . 0.48 37.67 37.17
C72 TT0 W . 0.46 39.14 36.67
C73 TT0 W . 1.63 39.96 37.29
C74 TT0 W . 2.01 41.20 36.41
C75 TT0 W . 1.05 41.31 35.23
C76 TT0 W . 3.49 41.14 35.91
C77 TT0 W . 3.98 42.49 35.26
C79 TT0 W . 6.23 42.07 34.61
C80 TT0 W . -13.45 22.44 33.38
C81 TT0 W . -9.84 25.24 36.16
C82 TT0 W . -4.78 27.02 36.20
C83 TT0 W . -4.47 31.73 37.12
C84 TT0 W . -8.18 35.68 38.34
C85 TT0 W . -5.11 39.63 40.08
C86 TT0 W . -0.02 40.52 42.97
C87 TT0 W . 4.77 42.59 38.00
C88 TT0 W . 5.93 41.89 37.25
C90 TT0 W . 6.56 43.32 35.45
C91 TT0 W . 7.81 44.06 34.95
O32 TT0 W . -15.99 22.81 34.24
O36 TT0 W . -19.81 21.98 35.28
O37 TT0 W . -17.76 20.70 33.35
O78 TT0 W . 4.89 42.18 34.19
O89 TT0 W . 6.82 42.89 36.78
O92 TT0 W . 7.98 43.76 33.59
C01 TT0 X . 2.80 46.77 20.84
C02 TT0 X . 3.44 48.15 20.97
C03 TT0 X . 3.12 49.04 19.72
C04 TT0 X . 1.58 49.31 19.55
C05 TT0 X . 1.30 50.85 19.30
C06 TT0 X . 0.00 51.10 18.47
C07 TT0 X . -0.21 50.04 17.36
C08 TT0 X . -0.91 50.65 16.10
C09 TT0 X . -2.31 50.02 15.83
C10 TT0 X . -2.51 49.74 14.29
C11 TT0 X . -4.02 49.81 13.86
C12 TT0 X . -4.24 49.25 12.40
C13 TT0 X . -3.85 47.74 12.29
C14 TT0 X . -4.56 47.07 11.07
C15 TT0 X . -3.97 45.67 10.73
C16 TT0 X . -5.13 44.65 10.36
C17 TT0 X . -5.88 44.16 11.65
C18 TT0 X . -7.33 43.66 11.33
C19 TT0 X . -7.43 42.12 11.54
C20 TT0 X . -8.45 41.50 10.53
C21 TT0 X . -8.03 40.04 10.19
C22 TT0 X . -9.07 39.39 9.21
C23 TT0 X . -10.54 39.57 9.73
C24 TT0 X . -11.53 38.56 9.03
C25 TT0 X . -11.14 38.42 7.52
C26 TT0 X . -12.28 37.81 6.67
C27 TT0 X . -11.77 37.43 5.24
C28 TT0 X . -11.34 38.67 4.42
C29 TT0 X . -12.19 38.77 3.13
C30 TT0 X . -11.69 39.92 2.21
C31 TT0 X . -12.02 39.67 0.71
C33 TT0 X . -14.16 39.82 -0.34
C34 TT0 X . -14.17 39.00 -1.66
C35 TT0 X . -14.89 39.73 -2.78
C38 TT0 X . -14.13 36.86 -0.58
C39 TT0 X . -14.79 35.45 -0.63
C40 TT0 X . -13.70 34.34 -0.54
C41 TT0 X . -14.29 32.96 -0.55
C42 TT0 X . -12.79 34.52 0.72
C43 TT0 X . -12.44 33.14 1.36
C44 TT0 X . -10.91 32.85 1.43
C45 TT0 X . -10.26 33.38 2.76
C46 TT0 X . -10.79 34.77 3.05
C47 TT0 X . -8.72 33.40 2.66
C48 TT0 X . -8.04 33.63 4.05
C49 TT0 X . -7.87 35.16 4.45
C50 TT0 X . -6.80 35.27 5.58
C51 TT0 X . -6.72 33.97 6.38
C52 TT0 X . -7.07 36.45 6.60
C53 TT0 X . -6.16 36.28 7.85
C54 TT0 X . -5.71 37.65 8.46
C55 TT0 X . -4.34 38.15 7.93
C56 TT0 X . -4.49 39.49 7.21
C57 TT0 X . -3.31 38.35 9.11
C58 TT0 X . -3.12 39.85 9.46
C59 TT0 X . -1.78 40.08 10.24
C60 TT0 X . -1.06 38.77 10.48
C61 TT0 X . -2.00 40.80 11.60
C62 TT0 X . -1.77 39.81 12.79
C63 TT0 X . -1.74 40.57 14.15
C64 TT0 X . -1.49 42.08 13.89
C65 TT0 X . -2.77 42.85 14.10
C66 TT0 X . -0.42 42.60 14.89
C67 TT0 X . -1.13 43.31 16.11
C68 TT0 X . -1.51 44.77 15.77
C69 TT0 X . -0.24 45.65 15.62
C70 TT0 X . 0.56 45.23 14.40
C71 TT0 X . 0.65 45.54 16.86
C72 TT0 X . 1.98 46.30 16.64
C73 TT0 X . 2.56 46.83 18.00
C74 TT0 X . 4.11 47.06 17.92
C75 TT0 X . 4.61 46.79 16.51
C76 TT0 X . 4.88 46.17 18.97
C77 TT0 X . 6.40 46.58 19.12
C79 TT0 X . 7.26 45.07 20.74
C80 TT0 X . -12.21 37.45 2.38
C81 TT0 X . -10.81 39.78 6.99
C82 TT0 X . -7.91 39.25 11.46
C83 TT0 X . -5.10 43.05 12.33
C84 TT0 X . -4.37 47.96 9.85
C85 TT0 X . -1.69 50.71 13.50
C86 TT0 X . -1.22 51.21 19.37
C87 TT0 X . 4.99 47.99 21.16
C88 TT0 X . 5.35 46.63 21.78
C90 TT0 X . 7.71 46.35 21.48
C91 TT0 X . 8.97 46.14 22.33
O32 TT0 X . -13.34 39.15 0.62
O36 TT0 X . -15.85 40.56 -2.21
O37 TT0 X . -14.85 37.75 -1.43
O78 TT0 X . 7.17 45.40 19.36
O89 TT0 X . 6.66 46.73 22.34
O92 TT0 X . 9.67 45.03 21.82
C01 TT0 Y . 18.14 41.51 11.11
C02 TT0 Y . 19.22 42.34 11.78
C03 TT0 Y . 20.52 42.35 10.92
C04 TT0 Y . 20.30 43.00 9.51
C05 TT0 Y . 21.45 44.06 9.18
C06 TT0 Y . 21.72 44.22 7.65
C07 TT0 Y . 21.62 42.87 6.89
C08 TT0 Y . 22.61 42.82 5.68
C09 TT0 Y . 21.87 42.71 4.30
C10 TT0 Y . 22.59 41.68 3.36
C11 TT0 Y . 22.40 42.02 1.84
C12 TT0 Y . 22.86 40.83 0.92
C13 TT0 Y . 22.01 39.54 1.15
C14 TT0 Y . 22.09 38.59 -0.09
C15 TT0 Y . 21.52 37.17 0.21
C16 TT0 Y . 20.67 36.64 -1.02
C17 TT0 Y . 19.26 37.33 -1.05
C18 TT0 Y . 18.63 37.31 -2.49
C19 TT0 Y . 17.39 36.37 -2.53
C20 TT0 Y . 17.25 35.69 -3.92
C21 TT0 Y . 16.60 34.30 -3.78
C22 TT0 Y . 16.41 33.63 -5.17
C23 TT0 Y . 15.71 34.61 -6.20
C24 TT0 Y . 15.12 33.82 -7.44
C25 TT0 Y . 16.11 32.68 -7.85
C26 TT0 Y . 15.85 32.15 -9.28
C27 TT0 Y . 16.66 30.85 -9.55
C28 TT0 Y . 18.20 31.09 -9.55
C29 TT0 Y . 18.80 30.70 -10.91
C30 TT0 Y . 20.35 30.80 -10.90
C31 TT0 Y . 21.02 29.84 -11.92
C33 TT0 Y . 21.06 30.11 -14.30
C34 TT0 Y . 21.34 28.74 -14.99
C35 TT0 Y . 22.30 28.87 -16.15
C38 TT0 Y . 19.17 27.83 -14.50
C39 TT0 Y . 18.00 27.04 -15.14
C40 TT0 Y . 17.53 25.89 -14.18
C41 TT0 Y . 16.38 25.11 -14.75
C42 TT0 Y . 17.16 26.45 -12.77
C43 TT0 Y . 15.91 25.71 -12.19
C44 TT0 Y . 16.19 24.98 -10.84
C45 TT0 Y . 15.93 25.92 -9.61
C46 TT0 Y . 16.53 27.28 -9.86
C47 TT0 Y . 16.52 25.32 -8.31
C48 TT0 Y . 16.02 26.05 -7.02
C49 TT0 Y . 16.89 27.32 -6.63
C50 TT0 Y . 16.61 27.69 -5.14
C51 TT0 Y . 15.22 27.21 -4.72
C52 TT0 Y . 16.69 29.23 -4.83
C53 TT0 Y . 16.08 29.53 -3.43
C54 TT0 Y . 16.80 30.71 -2.70
C55 TT0 Y . 17.94 30.25 -1.74
C56 TT0 Y . 19.28 30.85 -2.19
C57 TT0 Y . 17.67 30.73 -0.26
C58 TT0 Y . 18.56 31.93 0.13
C59 TT0 Y . 18.68 32.08 1.68
C60 TT0 Y . 17.86 31.02 2.38
C61 TT0 Y . 18.23 33.48 2.19
C62 TT0 Y . 16.87 33.39 2.95
C63 TT0 Y . 16.54 34.74 3.66
C64 TT0 Y . 17.84 35.58 3.80
C65 TT0 Y . 17.82 36.71 2.81
C66 TT0 Y . 17.93 36.15 5.24
C67 TT0 Y . 17.41 37.64 5.25
C68 TT0 Y . 18.52 38.63 4.80
C69 TT0 Y . 19.65 38.70 5.86
C70 TT0 Y . 20.41 37.38 5.94
C71 TT0 Y . 19.09 39.04 7.25
C72 TT0 Y . 20.20 38.97 8.31
C73 TT0 Y . 19.90 39.94 9.50
C74 TT0 Y . 20.62 39.50 10.83
C75 TT0 Y . 21.50 38.29 10.55
C76 TT0 Y . 19.60 39.21 11.97
C77 TT0 Y . 20.29 39.03 13.38
C79 TT0 Y . 18.51 38.59 14.89
C80 TT0 Y . 18.34 29.31 -11.33
C81 TT0 Y . 17.51 33.23 -7.78
C82 TT0 Y . 15.27 34.44 -3.07
C83 TT0 Y . 18.30 36.66 -0.07
C84 TT0 Y . 23.56 38.44 -0.51
C85 TT0 Y . 24.05 41.60 3.71
C86 TT0 Y . 20.83 45.28 7.04
C87 TT0 Y . 19.52 41.77 13.21
C88 TT0 Y . 18.29 41.02 13.80
C90 TT0 Y . 19.08 39.79 15.69
C91 TT0 Y . 18.80 39.69 17.19
O32 TT0 Y . 20.27 29.90 -13.14
O36 TT0 Y . 22.21 30.15 -16.68
O37 TT0 Y . 20.09 28.23 -15.50
O78 TT0 Y . 19.57 38.05 14.14
O89 TT0 Y . 18.45 40.97 15.21
O92 TT0 Y . 18.61 38.34 17.51
C01 TT0 Z . 25.77 26.36 19.47
C02 TT0 Z . 26.29 26.95 20.78
C03 TT0 Z . 27.28 25.97 21.48
C04 TT0 Z . 28.56 25.68 20.62
C05 TT0 Z . 29.88 25.83 21.49
C06 TT0 Z . 31.05 24.93 20.97
C07 TT0 Z . 30.57 23.56 20.46
C08 TT0 Z . 31.63 22.44 20.72
C09 TT0 Z . 32.18 21.81 19.40
C10 TT0 Z . 32.30 20.25 19.52
C11 TT0 Z . 33.44 19.66 18.63
C12 TT0 Z . 33.35 18.08 18.53
C13 TT0 Z . 32.01 17.61 17.85
C14 TT0 Z . 32.17 16.16 17.29
C15 TT0 Z . 30.81 15.53 16.89
C16 TT0 Z . 30.93 14.73 15.53
C17 TT0 Z . 30.96 15.73 14.30
C18 TT0 Z . 31.65 15.09 13.05
C19 TT0 Z . 30.60 14.84 11.92
C20 TT0 Z . 30.97 13.58 11.09
C21 TT0 Z . 29.69 12.90 10.55
C22 TT0 Z . 30.04 11.66 9.68
C23 TT0 Z . 31.14 12.01 8.60
C24 TT0 Z . 31.19 10.92 7.44
C25 TT0 Z . 30.98 9.50 8.06
C26 TT0 Z . 31.44 8.36 7.11
C27 TT0 Z . 30.97 6.97 7.65
C28 TT0 Z . 31.64 6.59 8.99
C29 TT0 Z . 32.45 5.27 8.83
C30 TT0 Z . 33.02 4.80 10.19
C31 TT0 Z . 33.24 3.26 10.22
C33 TT0 Z . 34.95 2.01 9.10
C34 TT0 Z . 34.52 0.53 8.95
C35 TT0 Z . 35.66 -0.43 9.23
C38 TT0 Z . 32.85 0.96 7.29
C39 TT0 Z . 32.31 0.43 5.93
C40 TT0 Z . 30.75 0.35 5.96
C41 TT0 Z . 30.18 -0.13 4.65
C42 TT0 Z . 30.12 1.72 6.34
C43 TT0 Z . 28.82 2.00 5.52
C44 TT0 Z . 27.53 2.18 6.41
C45 TT0 Z . 27.32 3.68 6.81
C46 TT0 Z . 28.64 4.28 7.26
C47 TT0 Z . 26.27 3.80 7.95
C48 TT0 Z . 25.81 5.27 8.18
C49 TT0 Z . 26.73 6.10 9.16
C50 TT0 Z . 25.95 7.35 9.67
C51 TT0 Z . 24.89 7.76 8.66
C52 TT0 Z . 26.86 8.61 9.95
C53 TT0 Z . 25.97 9.88 10.12
C54 TT0 Z . 26.56 10.90 11.15
C55 TT0 Z . 26.02 10.72 12.59
C56 TT0 Z . 27.16 10.40 13.55
C57 TT0 Z . 25.32 12.04 13.10
C58 TT0 Z . 26.21 12.81 14.10
C59 TT0 Z . 25.37 13.79 14.98
C60 TT0 Z . 23.91 13.75 14.58
C61 TT0 Z . 25.88 15.27 14.89
C62 TT0 Z . 24.88 16.15 14.07
C63 TT0 Z . 25.25 17.66 14.19
C64 TT0 Z . 26.19 17.87 15.41
C65 TT0 Z . 27.59 18.10 14.95
C66 TT0 Z . 25.71 19.10 16.22
C67 TT0 Z . 26.55 20.37 15.82
C68 TT0 Z . 27.90 20.41 16.59
C69 TT0 Z . 27.65 20.68 18.10
C70 TT0 Z . 26.94 19.50 18.75
C71 TT0 Z . 26.82 21.94 18.31
C72 TT0 Z . 26.47 22.12 19.80
C73 TT0 Z . 26.30 23.63 20.17
C74 TT0 Z . 25.38 23.84 21.42
C75 TT0 Z . 25.01 22.49 22.02
C76 TT0 Z . 24.11 24.69 21.09
C77 TT0 Z . 23.33 25.15 22.38
C79 TT0 Z . 21.47 26.38 21.56
C80 TT0 Z . 31.59 4.20 8.18
C81 TT0 Z . 31.78 9.42 9.33
C82 TT0 Z . 28.89 13.90 9.75
C83 TT0 Z . 29.55 16.18 13.94
C84 TT0 Z . 32.81 15.28 18.35
C85 TT0 Z . 32.50 19.87 20.96
C86 TT0 Z . 31.88 25.66 19.92
C87 TT0 Z . 25.08 27.30 21.71
C88 TT0 Z . 23.79 27.55 20.91
C90 TT0 Z . 21.99 27.51 22.49
C91 TT0 Z . 20.87 28.43 22.99
O32 TT0 Z . 33.79 2.84 8.98
O36 TT0 Z . 36.86 0.20 8.93
O37 TT0 Z . 34.07 0.30 7.60
O78 TT0 Z . 21.92 25.16 22.10
O89 TT0 Z . 22.90 28.29 21.75
O92 TT0 Z . 19.66 27.72 22.94
C01 TT0 AA . 12.46 17.68 29.74
C02 TT0 AA . 12.22 18.71 30.84
C03 TT0 AA . 11.42 18.05 32.03
C04 TT0 AA . 12.20 16.87 32.70
C05 TT0 AA . 12.19 17.01 34.29
C06 TT0 AA . 12.28 15.64 35.03
C07 TT0 AA . 11.49 14.52 34.30
C08 TT0 AA . 10.90 13.48 35.32
C09 TT0 AA . 11.49 12.05 35.13
C10 TT0 AA . 10.36 10.96 35.23
C11 TT0 AA . 10.90 9.59 35.77
C12 TT0 AA . 9.82 8.44 35.59
C13 TT0 AA . 9.48 8.19 34.08
C14 TT0 AA . 8.89 6.75 33.89
C15 TT0 AA . 8.25 6.55 32.48
C16 TT0 AA . 8.59 5.13 31.90
C17 TT0 AA . 10.08 5.11 31.35
C18 TT0 AA . 10.66 3.65 31.30
C19 TT0 AA . 10.85 3.19 29.83
C20 TT0 AA . 10.61 1.66 29.70
C21 TT0 AA . 10.05 1.32 28.30
C22 TT0 AA . 9.86 -0.23 28.14
C23 TT0 AA . 11.16 -1.02 28.57
C24 TT0 AA . 11.15 -2.49 28.00
C25 TT0 AA . 9.70 -3.07 28.09
C26 TT0 AA . 9.67 -4.62 27.98
C27 TT0 AA . 8.19 -5.13 27.79
C28 TT0 AA . 7.31 -4.85 29.02
C29 TT0 AA . 6.76 -6.18 29.61
C30 TT0 AA . 5.75 -5.92 30.75
C31 TT0 AA . 4.73 -7.09 30.91
C33 TT0 AA . 5.15 -9.28 31.80
C34 TT0 AA . 4.07 -10.27 31.31
C35 TT0 AA . 3.60 -11.20 32.41
C38 TT0 AA . 4.87 -10.34 29.05
C39 TT0 AA . 5.18 -11.33 27.89
C40 TT0 AA . 4.58 -10.80 26.55
C41 TT0 AA . 4.90 -11.71 25.39
C42 TT0 AA . 5.08 -9.36 26.24
C43 TT0 AA . 5.36 -9.17 24.70
C44 TT0 AA . 4.50 -8.05 24.04
C45 TT0 AA . 5.22 -6.66 24.10
C46 TT0 AA . 5.79 -6.44 25.49
C47 TT0 AA . 4.23 -5.51 23.76
C48 TT0 AA . 4.95 -4.15 23.51
C49 TT0 AA . 5.22 -3.31 24.83
C50 TT0 AA . 5.50 -1.82 24.43
C51 TT0 AA . 6.07 -1.74 23.03
C52 TT0 AA . 6.51 -1.09 25.40
C53 TT0 AA . 6.99 0.24 24.76
C54 TT0 AA . 7.24 1.37 25.81
C55 TT0 AA . 6.02 2.30 26.05
C56 TT0 AA . 5.57 2.22 27.51
C57 TT0 AA . 6.38 3.80 25.74
C58 TT0 AA . 6.58 4.62 27.03
C59 TT0 AA . 6.42 6.16 26.76
C60 TT0 AA . 6.17 6.42 25.29
C61 TT0 AA . 7.68 6.98 27.21
C62 TT0 AA . 8.48 7.49 25.97
C63 TT0 AA . 9.58 8.50 26.40
C64 TT0 AA . 9.26 9.04 27.82
C65 TT0 AA . 10.19 8.42 28.82
C66 TT0 AA . 9.45 10.59 27.83
C67 TT0 AA . 10.87 10.94 28.42
C68 TT0 AA . 10.85 10.94 29.98
C69 TT0 AA . 10.00 12.12 30.52
C70 TT0 AA . 8.53 11.92 30.18
C71 TT0 AA . 10.48 13.45 29.93
C72 TT0 AA . 9.54 14.60 30.37
C73 TT0 AA . 10.30 15.96 30.45
C74 TT0 AA . 9.34 17.19 30.28
C75 TT0 AA . 7.90 16.71 30.21
C76 TT0 AA . 9.72 18.07 29.04
C77 TT0 AA . 8.95 19.44 29.02
C79 TT0 AA . 9.71 20.52 27.04
C80 TT0 AA . 6.15 -7.03 28.50
C81 TT0 AA . 9.11 -2.67 29.41
C82 TT0 AA . 11.00 1.85 27.25
C83 TT0 AA . 10.15 5.73 29.96
C84 TT0 AA . 7.81 6.51 34.95
C85 TT0 AA . 9.25 11.47 36.12
C86 TT0 AA . 13.73 15.23 35.25
C87 TT0 AA . 11.46 19.95 30.27
C88 TT0 AA . 11.71 20.13 28.76
C90 TT0 AA . 10.08 21.69 27.97
C91 TT0 AA . 10.03 23.06 27.28
O32 TT0 AA . 5.42 -8.33 30.76
O36 TT0 AA . 4.64 -11.36 33.32
O37 TT0 AA . 4.62 -11.07 30.25
O78 TT0 AA . 8.67 19.79 27.65
O89 TT0 AA . 11.41 21.47 28.43
O92 TT0 AA . 9.17 22.95 26.18
C01 TT0 BA . -4.55 22.43 22.95
C02 TT0 BA . -4.61 23.91 23.33
C03 TT0 BA . -6.09 24.44 23.19
C04 TT0 BA . -7.09 23.71 24.16
C05 TT0 BA . -7.98 24.75 24.94
C06 TT0 BA . -9.39 24.17 25.34
C07 TT0 BA . -9.97 23.23 24.25
C08 TT0 BA . -11.54 23.31 24.21
C09 TT0 BA . -12.22 21.95 24.58
C10 TT0 BA . -13.42 21.65 23.61
C11 TT0 BA . -14.54 20.78 24.30
C12 TT0 BA . -15.58 20.24 23.25
C13 TT0 BA . -14.93 19.29 22.20
C14 TT0 BA . -16.00 18.36 21.55
C15 TT0 BA . -15.45 17.62 20.28
C16 TT0 BA . -15.96 16.13 20.25
C17 TT0 BA . -15.13 15.25 21.26
C18 TT0 BA . -15.92 13.96 21.70
C19 TT0 BA . -15.25 12.68 21.13
C20 TT0 BA . -16.31 11.59 20.80
C21 TT0 BA . -15.83 10.72 19.62
C22 TT0 BA . -16.88 9.59 19.32
C23 TT0 BA . -17.27 8.80 20.64
C24 TT0 BA . -17.94 7.42 20.30
C25 TT0 BA . -18.89 7.58 19.06
C26 TT0 BA . -19.90 6.42 18.92
C27 TT0 BA . -20.63 6.48 17.54
C28 TT0 BA . -21.52 7.73 17.39
C29 TT0 BA . -22.99 7.32 17.16
C30 TT0 BA . -23.89 8.56 16.86
C31 TT0 BA . -25.13 8.19 16.01
C33 TT0 BA . -27.08 7.00 16.74
C34 TT0 BA . -27.82 6.39 15.52
C35 TT0 BA . -29.32 6.54 15.64
C38 TT0 BA . -26.17 4.71 15.09
C39 TT0 BA . -26.02 3.19 14.77
C40 TT0 BA . -24.99 2.99 13.61
C41 TT0 BA . -24.80 1.53 13.27
C42 TT0 BA . -23.63 3.66 13.93
C43 TT0 BA . -22.44 2.78 13.42
C44 TT0 BA . -21.51 3.50 12.38
C45 TT0 BA . -20.35 4.27 13.07
C46 TT0 BA . -20.89 5.04 14.27
C47 TT0 BA . -19.66 5.25 12.09
C48 TT0 BA . -18.32 5.82 12.64
C49 TT0 BA . -18.47 7.10 13.55
C50 TT0 BA . -17.10 7.84 13.65
C51 TT0 BA . -15.95 6.84 13.46
C52 TT0 BA . -16.87 8.57 15.03
C53 TT0 BA . -15.36 8.96 15.17
C54 TT0 BA . -15.16 10.30 15.95
C55 TT0 BA . -15.08 11.56 15.03
C56 TT0 BA . -16.21 12.54 15.35
C57 TT0 BA . -13.71 12.32 15.25
C58 TT0 BA . -13.90 13.60 16.08
C59 TT0 BA . -12.70 14.60 15.86
C60 TT0 BA . -11.67 14.01 14.92
C61 TT0 BA . -12.00 14.99 17.20
C62 TT0 BA . -10.58 14.33 17.30
C63 TT0 BA . -9.78 14.91 18.50
C64 TT0 BA . -10.42 16.26 18.94
C65 TT0 BA . -11.17 16.07 20.22
C66 TT0 BA . -9.29 17.30 19.17
C67 TT0 BA . -8.94 17.39 20.70
C68 TT0 BA . -9.93 18.33 21.45
C69 TT0 BA . -9.74 19.80 21.01
C70 TT0 BA . -10.15 19.99 19.56
C71 TT0 BA . -8.29 20.24 21.19
C72 TT0 BA . -8.07 21.66 20.62
C73 TT0 BA . -6.92 22.40 21.37
C74 TT0 BA . -6.28 23.54 20.49
C75 TT0 BA . -7.05 23.66 19.18
C76 TT0 BA . -4.75 23.29 20.23
C77 TT0 BA . -4.03 24.54 19.60
C79 TT0 BA . -1.77 23.85 19.33
C80 TT0 BA . -23.09 6.29 16.04
C81 TT0 BA . -19.64 8.87 19.21
C82 TT0 BA . -14.49 10.13 19.94
C83 TT0 BA . -13.80 14.84 20.66
C84 TT0 BA . -17.19 19.21 21.12
C85 TT0 BA . -13.99 22.94 23.10
C86 TT0 BA . -9.33 23.48 26.70
C87 TT0 BA . -3.65 24.73 22.42
C88 TT0 BA . -2.47 23.87 21.90
C90 TT0 BA . -1.44 25.12 20.15
C91 TT0 BA . -0.05 25.70 19.80
O32 TT0 BA . -25.67 6.96 16.49
O36 TT0 BA . -29.67 6.59 16.98
O37 TT0 BA . -27.51 4.98 15.45
O78 TT0 BA . -3.02 24.08 18.70
O89 TT0 BA . -1.42 24.75 21.52
O92 TT0 BA . 0.28 25.29 18.50
C01 TT0 CA . -2.62 27.99 4.98
C02 TT0 CA . -1.85 29.30 5.14
C03 TT0 CA . -1.89 30.14 3.82
C04 TT0 CA . -3.34 30.55 3.41
C05 TT0 CA . -3.42 32.09 3.04
C06 TT0 CA . -4.54 32.42 2.00
C07 TT0 CA . -4.70 31.32 0.93
C08 TT0 CA . -5.14 31.92 -0.45
C09 TT0 CA . -6.55 31.41 -0.90
C10 TT0 CA . -6.55 31.06 -2.43
C11 TT0 CA . -7.96 31.25 -3.09
C12 TT0 CA . -8.02 30.63 -4.54
C13 TT0 CA . -7.80 29.08 -4.51
C14 TT0 CA . -8.38 28.41 -5.80
C15 TT0 CA . -7.91 26.93 -5.97
C16 TT0 CA . -9.10 26.02 -6.48
C17 TT0 CA . -10.09 25.69 -5.29
C18 TT0 CA . -11.52 25.32 -5.80
C19 TT0 CA . -11.82 23.82 -5.54
C20 TT0 CA . -12.74 23.23 -6.65
C21 TT0 CA . -12.44 21.73 -6.87
C22 TT0 CA . -13.38 21.13 -7.95
C23 TT0 CA . -14.89 21.49 -7.67
C24 TT0 CA . -15.87 20.54 -8.47
C25 TT0 CA . -15.28 20.26 -9.89
C26 TT0 CA . -16.35 19.72 -10.88
C27 TT0 CA . -15.67 19.20 -12.19
C28 TT0 CA . -15.00 20.34 -13.00
C29 TT0 CA . -15.63 20.44 -14.41
C30 TT0 CA . -14.88 21.47 -15.29
C31 TT0 CA . -15.00 21.16 -16.80
C33 TT0 CA . -16.95 21.46 -18.17
C34 TT0 CA . -16.85 20.56 -19.44
C35 TT0 CA . -17.32 21.28 -20.69
C38 TT0 CA . -17.21 18.50 -18.27
C39 TT0 CA . -18.00 17.16 -18.35
C40 TT0 CA . -17.06 15.95 -18.04
C41 TT0 CA . -17.80 14.64 -18.08
C42 TT0 CA . -16.34 16.12 -16.67
C43 TT0 CA . -16.24 14.76 -15.92
C44 TT0 CA . -14.77 14.33 -15.61
C45 TT0 CA . -14.28 14.86 -14.22
C46 TT0 CA . -14.68 16.32 -14.08
C47 TT0 CA . -12.75 14.73 -14.08
C48 TT0 CA . -12.24 14.97 -12.62
C49 TT0 CA . -11.98 16.50 -12.27
C50 TT0 CA . -11.07 16.58 -11.00
C51 TT0 CA . -11.26 15.33 -10.13
C52 TT0 CA . -11.36 17.84 -10.09
C53 TT0 CA . -10.68 17.65 -8.71
C54 TT0 CA . -10.16 19.01 -8.11
C55 TT0 CA . -8.69 19.33 -8.44
C56 TT0 CA . -8.59 20.63 -9.23
C57 TT0 CA . -7.83 19.50 -7.12
C58 TT0 CA . -7.52 20.99 -6.83
C59 TT0 CA . -6.29 21.14 -5.86
C60 TT0 CA . -5.76 19.78 -5.46
C61 TT0 CA . -6.63 21.96 -4.58
C62 TT0 CA . -6.69 21.03 -3.32
C63 TT0 CA . -6.78 21.87 -2.02
C64 TT0 CA . -6.33 23.32 -2.31
C65 TT0 CA . -7.53 24.23 -2.34
C66 TT0 CA . -5.37 23.80 -1.18
C67 TT0 CA . -6.17 24.65 -0.12
C68 TT0 CA . -6.33 26.12 -0.58
C69 TT0 CA . -4.95 26.85 -0.58
C70 TT0 CA . -4.04 26.28 -1.65
C71 TT0 CA . -4.28 26.73 0.79
C72 TT0 CA . -2.85 27.34 0.74
C73 TT0 CA . -2.43 27.90 2.13
C74 TT0 CA . -0.87 27.96 2.29
C75 TT0 CA . -0.20 27.55 0.98
C76 TT0 CA . -0.36 27.07 3.49
C77 TT0 CA . 1.15 27.32 3.84
C79 TT0 CA . 1.60 25.85 5.64
C80 TT0 CA . -15.68 19.08 -15.08
C81 TT0 CA . -14.74 21.55 -10.43
C82 TT0 CA . -12.59 21.01 -5.56
C83 TT0 CA . -9.55 24.56 -4.44
C84 TT0 CA . -7.92 29.20 -7.02
C85 TT0 CA . -5.52 31.89 -3.14
C86 TT0 CA . -5.86 32.71 2.71
C87 TT0 CA . -0.37 29.00 5.58
C88 TT0 CA . -0.25 27.64 6.31
C90 TT0 CA . 2.08 27.12 6.38
C91 TT0 CA . 3.17 26.83 7.43
O32 TT0 CA . -16.35 20.76 -17.07
O36 TT0 CA . -18.25 22.25 -20.33
O37 TT0 CA . -17.68 19.40 -19.26
O78 TT0 CA . 1.74 26.09 4.26
O89 TT0 CA . 0.96 27.66 7.06
O92 TT0 CA . 3.81 25.64 7.07
C01 TT0 DA . 13.32 20.59 -2.03
C02 TT0 DA . 14.38 21.35 -1.24
C03 TT0 DA . 15.78 21.17 -1.90
C04 TT0 DA . 15.85 21.75 -3.36
C05 TT0 DA . 17.13 22.67 -3.55
C06 TT0 DA . 17.65 22.70 -5.03
C07 TT0 DA . 17.50 21.33 -5.73
C08 TT0 DA . 18.66 21.10 -6.78
C09 TT0 DA . 18.12 20.97 -8.24
C10 TT0 DA . 18.84 19.82 -9.01
C11 TT0 DA . 18.92 20.08 -10.56
C12 TT0 DA . 19.39 18.78 -11.34
C13 TT0 DA . 18.36 17.61 -11.18
C14 TT0 DA . 18.52 16.58 -12.35
C15 TT0 DA . 17.76 15.24 -12.08
C16 TT0 DA . 17.05 14.73 -13.39
C17 TT0 DA . 15.74 15.56 -13.67
C18 TT0 DA . 15.32 15.51 -15.18
C19 TT0 DA . 14.01 14.70 -15.36
C20 TT0 DA . 14.00 13.95 -16.72
C21 TT0 DA . 13.19 12.64 -16.62
C22 TT0 DA . 13.14 11.90 -17.99
C23 TT0 DA . 12.71 12.88 -19.15
C24 TT0 DA . 12.23 12.08 -20.43
C25 TT0 DA . 13.13 10.82 -20.63
C26 TT0 DA . 13.03 10.24 -22.06
C27 TT0 DA . 13.72 8.84 -22.14
C28 TT0 DA . 15.25 8.93 -21.91
C29 TT0 DA . 16.02 8.39 -23.16
C30 TT0 DA . 17.53 8.33 -22.90
C31 TT0 DA . 18.24 7.26 -23.78
C33 TT0 DA . 18.66 7.35 -26.13
C34 TT0 DA . 18.89 5.93 -26.70
C35 TT0 DA . 20.02 5.88 -27.70
C38 TT0 DA . 16.58 5.28 -26.50
C39 TT0 DA . 15.43 4.56 -27.27
C40 TT0 DA . 14.72 3.54 -26.34
C41 TT0 DA . 13.58 2.84 -27.04
C42 TT0 DA . 14.20 4.22 -25.04
C43 TT0 DA . 12.81 3.65 -24.61
C44 TT0 DA . 12.79 2.98 -23.19
C45 TT0 DA . 12.46 4.02 -22.08
C46 TT0 DA . 13.25 5.29 -22.30
C47 TT0 DA . 12.79 3.44 -20.67
C48 TT0 DA . 12.20 4.31 -19.51
C49 TT0 DA . 13.12 5.51 -19.06
C50 TT0 DA . 12.68 5.99 -17.64
C51 TT0 DA . 11.19 5.69 -17.42
C52 TT0 DA . 12.89 7.54 -17.40
C53 TT0 DA . 12.11 7.98 -16.13
C54 TT0 DA . 12.83 9.12 -15.35
C55 TT0 DA . 13.77 8.62 -14.21
C56 TT0 DA . 15.21 9.04 -14.47
C57 TT0 DA . 13.34 9.21 -12.81
C58 TT0 DA . 14.29 10.34 -12.36
C59 TT0 DA . 14.19 10.57 -10.80
C60 TT0 DA . 13.17 9.65 -10.19
C61 TT0 DA . 13.84 12.04 -10.44
C62 TT0 DA . 12.37 12.14 -9.89
C63 TT0 DA . 12.09 13.56 -9.30
C64 TT0 DA . 13.44 14.27 -9.01
C65 TT0 DA . 13.69 15.34 -10.04
C66 TT0 DA . 13.38 14.93 -7.61
C67 TT0 DA . 13.04 16.45 -7.74
C68 TT0 DA . 14.30 17.29 -8.06
C69 TT0 DA . 15.27 17.32 -6.85
C70 TT0 DA . 15.85 15.94 -6.59
C71 TT0 DA . 14.55 17.80 -5.58
C72 TT0 DA . 15.47 17.68 -4.35
C73 TT0 DA . 15.11 18.76 -3.27
C74 TT0 DA . 15.58 18.33 -1.84
C75 TT0 DA . 16.35 17.01 -1.92
C76 TT0 DA . 14.38 18.22 -0.85
C77 TT0 DA . 14.83 18.06 0.66
C79 TT0 DA . 12.81 17.90 1.90
C80 TT0 DA . 15.47 7.04 -23.58
C81 TT0 DA . 14.55 11.23 -20.38
C82 TT0 DA . 11.80 12.95 -16.13
C83 TT0 DA . 14.59 15.05 -12.81
C84 TT0 DA . 20.00 16.25 -12.52
C85 TT0 DA . 20.21 19.61 -8.44
C86 TT0 DA . 16.96 23.81 -5.82
C87 TT0 DA . 14.38 20.85 0.24
C88 TT0 DA . 13.02 20.27 0.66
C90 TT0 DA . 13.38 19.08 2.71
C91 TT0 DA . 12.88 19.11 4.16
O32 TT0 DA . 17.69 7.30 -25.09
O36 TT0 DA . 20.15 7.12 -28.30
O37 TT0 DA . 17.68 5.51 -27.38
O78 TT0 DA . 13.90 17.21 1.33
O89 TT0 DA . 12.95 20.29 2.09
O92 TT0 DA . 12.49 17.80 4.51
C01 TT0 EA . 17.93 5.31 8.12
C02 TT0 EA . 18.31 5.94 9.45
C03 TT0 EA . 19.08 4.91 10.34
C04 TT0 EA . 20.43 4.43 9.70
C05 TT0 EA . 21.61 4.50 10.75
C06 TT0 EA . 22.75 3.46 10.46
C07 TT0 EA . 22.19 2.11 9.95
C08 TT0 EA . 23.08 0.91 10.43
C09 TT0 EA . 23.75 0.14 9.23
C10 TT0 EA . 23.67 -1.41 9.44
C11 TT0 EA . 24.86 -2.17 8.76
C12 TT0 EA . 24.61 -3.73 8.73
C13 TT0 EA . 23.35 -4.11 7.89
C14 TT0 EA . 23.43 -5.60 7.42
C15 TT0 EA . 22.07 -6.12 6.84
C16 TT0 EA . 22.31 -7.00 5.56
C17 TT0 EA . 22.62 -6.10 4.31
C18 TT0 EA . 23.41 -6.88 3.21
C19 TT0 EA . 22.53 -7.09 1.95
C20 TT0 EA . 22.86 -8.44 1.24
C21 TT0 EA . 21.61 -9.01 0.55
C22 TT0 EA . 21.95 -10.34 -0.20
C23 TT0 EA . 23.23 -10.17 -1.12
C24 TT0 EA . 23.33 -11.33 -2.19
C25 TT0 EA . 22.87 -12.68 -1.54
C26 TT0 EA . 23.33 -13.92 -2.36
C27 TT0 EA . 22.65 -15.22 -1.83
C28 TT0 EA . 23.08 -15.58 -0.40
C29 TT0 EA . 23.75 -16.98 -0.36
C30 TT0 EA . 24.05 -17.42 1.09
C31 TT0 EA . 24.09 -18.97 1.23
C33 TT0 EA . 25.81 -20.45 0.44
C34 TT0 EA . 25.24 -21.89 0.30
C35 TT0 EA . 26.21 -22.94 0.80
C38 TT0 EA . 23.89 -21.40 -1.62
C39 TT0 EA . 23.50 -21.96 -3.02
C40 TT0 EA . 21.95 -21.88 -3.22
C41 TT0 EA . 21.53 -22.38 -4.58
C42 TT0 EA . 21.42 -20.43 -3.00
C43 TT0 EA . 20.30 -20.07 -4.03
C44 TT0 EA . 18.93 -19.71 -3.36
C45 TT0 EA . 18.82 -18.17 -3.06
C46 TT0 EA . 20.12 -17.68 -2.44
C47 TT0 EA . 17.65 -17.87 -2.10
C48 TT0 EA . 17.31 -16.35 -2.02
C49 TT0 EA . 18.17 -15.55 -0.95
C50 TT0 EA . 17.45 -14.20 -0.62
C51 TT0 EA . 16.61 -13.75 -1.81
C52 TT0 EA . 18.45 -13.03 -0.27
C53 TT0 EA . 17.69 -11.67 -0.30
C54 TT0 EA . 18.23 -10.65 0.75
C55 TT0 EA . 17.47 -10.68 2.10
C56 TT0 EA . 18.42 -11.05 3.24
C57 TT0 EA . 16.85 -9.26 2.44
C58 TT0 EA . 17.67 -8.53 3.54
C59 TT0 EA . 16.81 -7.40 4.22
C60 TT0 EA . 15.44 -7.33 3.60
C61 TT0 EA . 17.50 -6.01 4.14
C62 TT0 EA . 16.73 -5.08 3.14
C63 TT0 EA . 17.24 -3.61 3.23
C64 TT0 EA . 18.00 -3.42 4.58
C65 TT0 EA . 19.48 -3.35 4.32
C66 TT0 EA . 17.55 -2.09 5.23
C67 TT0 EA . 18.58 -0.95 4.92
C68 TT0 EA . 19.79 -1.00 5.89
C69 TT0 EA . 19.37 -0.61 7.32
C70 TT0 EA . 18.44 -1.66 7.91
C71 TT0 EA . 18.65 0.75 7.33
C72 TT0 EA . 18.10 1.06 8.75
C73 TT0 EA . 18.05 2.60 9.00
C74 TT0 EA . 16.99 2.98 10.10
C75 TT0 EA . 16.38 1.71 10.68
C76 TT0 EA . 15.88 3.93 9.54
C77 TT0 EA . 14.97 4.55 10.67
C79 TT0 EA . 13.40 5.91 9.52
C80 TT0 EA . 22.88 -17.99 -1.09
C81 TT0 EA . 23.46 -12.76 -0.17
C82 TT0 EA . 21.06 -7.99 -0.41
C83 TT0 EA . 21.35 -5.54 3.72
C84 TT0 EA . 23.80 -6.48 8.61
C85 TT0 EA . 23.63 -1.72 10.92
C86 TT0 EA . 23.79 4.03 9.52
C87 TT0 EA . 17.03 6.45 10.18
C88 TT0 EA . 15.90 6.79 9.18
C90 TT0 EA . 13.90 7.03 10.46
C91 TT0 EA . 12.82 8.09 10.74
O32 TT0 EA . 24.77 -19.51 0.10
O36 TT0 EA . 27.50 -22.45 0.65
O37 TT0 EA . 24.97 -22.15 -1.09
O78 TT0 EA . 13.63 4.68 10.18
O89 TT0 EA . 14.99 7.67 9.82
O92 TT0 EA . 11.57 7.50 10.53
C01 TT0 FA . 2.39 -1.29 16.63
C02 TT0 FA . 2.10 -0.19 17.65
C03 TT0 FA . 1.08 -0.68 18.72
C04 TT0 FA . 1.60 -1.89 19.56
C05 TT0 FA . 1.38 -1.64 21.11
C06 TT0 FA . 1.22 -2.97 21.92
C07 TT0 FA . 0.42 -4.04 21.14
C08 TT0 FA . -0.42 -4.95 22.10
C09 TT0 FA . 0.02 -6.45 22.08
C10 TT0 FA . -1.22 -7.41 22.06
C11 TT0 FA . -0.92 -8.79 22.74
C12 TT0 FA . -2.06 -9.84 22.45
C13 TT0 FA . -2.21 -10.15 20.92
C14 TT0 FA . -2.93 -11.53 20.71
C15 TT0 FA . -3.37 -11.73 19.23
C16 TT0 FA . -3.10 -13.23 18.78
C17 TT0 FA . -1.57 -13.44 18.46
C18 TT0 FA . -1.15 -14.94 18.58
C19 TT0 FA . -0.80 -15.52 17.18
C20 TT0 FA . -1.18 -17.03 17.08
C21 TT0 FA . -1.55 -17.40 15.63
C22 TT0 FA . -1.89 -18.92 15.51
C23 TT0 FA . -0.77 -19.81 16.18
C24 TT0 FA . -0.86 -21.31 15.69
C25 TT0 FA . -2.36 -21.73 15.57
C26 TT0 FA . -2.55 -23.27 15.54
C27 TT0 FA . -4.02 -23.64 15.15
C28 TT0 FA . -5.04 -23.19 16.22
C29 TT0 FA . -5.81 -24.42 16.78
C30 TT0 FA . -6.94 -23.99 17.75
C31 TT0 FA . -8.09 -25.03 17.80
C33 TT0 FA . -8.06 -27.19 18.84
C34 TT0 FA . -9.16 -28.09 18.24
C35 TT0 FA . -9.88 -28.91 19.30
C38 TT0 FA . -8.06 -28.39 16.14
C39 TT0 FA . -7.68 -29.48 15.09
C40 TT0 FA . -8.01 -28.98 13.65
C41 TT0 FA . -7.64 -29.99 12.60
C42 TT0 FA . -7.32 -27.62 13.34
C43 TT0 FA . -6.80 -27.56 11.87
C44 TT0 FA . -7.42 -26.40 11.02
C45 TT0 FA . -6.58 -25.09 11.13
C46 TT0 FA . -6.19 -24.85 12.58
C47 TT0 FA . -7.37 -23.87 10.58
C48 TT0 FA . -6.47 -22.61 10.38
C49 TT0 FA . -6.31 -21.72 11.69
C50 TT0 FA . -5.82 -20.29 11.27
C51 TT0 FA . -5.04 -20.37 9.96
C52 TT0 FA . -4.89 -19.61 12.35
C53 TT0 FA . -4.18 -18.38 11.71
C54 TT0 FA . -3.95 -17.22 12.74
C55 TT0 FA . -5.09 -16.16 12.75
C56 TT0 FA . -5.75 -16.09 14.12
C57 TT0 FA . -4.52 -14.72 12.42
C58 TT0 FA . -4.43 -13.83 13.70
C59 TT0 FA . -4.37 -12.31 13.32
C60 TT0 FA . -4.38 -12.12 11.82
C61 TT0 FA . -3.12 -11.60 13.92
C62 TT0 FA . -2.09 -11.25 12.79
C63 TT0 FA . -0.96 -10.33 13.33
C64 TT0 FA . -1.42 -9.67 14.66
C65 TT0 FA . -0.73 -10.32 15.82
C66 TT0 FA . -1.06 -8.17 14.64
C67 TT0 FA . 0.27 -7.91 15.42
C68 TT0 FA . 0.03 -7.81 16.95
C69 TT0 FA . -0.76 -6.52 17.29
C70 TT0 FA . -2.18 -6.59 16.74
C71 TT0 FA . -0.06 -5.28 16.72
C72 TT0 FA . -0.92 -4.02 16.95
C73 TT0 FA . -0.02 -2.74 17.08
C74 TT0 FA . -0.81 -1.44 16.72
C75 TT0 FA . -2.27 -1.78 16.43
C76 TT0 FA . -0.16 -0.69 15.51
C77 TT0 FA . -0.76 0.76 15.30
C79 TT0 FA . 0.39 1.62 13.40
C80 TT0 FA . -6.35 -25.27 15.64
C81 TT0 FA . -3.09 -21.18 16.77
C82 TT0 FA . -0.42 -17.03 14.71
C83 TT0 FA . -1.24 -12.92 17.07
C84 TT0 FA . -4.17 -11.59 21.59
C85 TT0 FA . -2.38 -6.74 22.74
C86 TT0 FA . 2.57 -3.51 22.38
C87 TT0 FA . 1.57 1.08 16.90
C88 TT0 FA . 2.07 1.14 15.44
C90 TT0 FA . 0.75 2.81 14.34
C91 TT0 FA . 0.95 4.13 13.57
O32 TT0 FA . -7.53 -26.34 17.82
O36 TT0 FA . -9.01 -29.12 20.37
O37 TT0 FA . -8.54 -29.02 17.32
O78 TT0 FA . -0.80 1.05 13.90
O89 TT0 FA . 1.97 2.49 15.00
O92 TT0 FA . 0.26 4.04 12.36
C01 TT0 GA . -12.81 4.70 7.11
C02 TT0 GA . -12.78 6.20 7.40
C03 TT0 GA . -14.14 6.87 7.02
C04 TT0 GA . -15.34 6.31 7.85
C05 TT0 GA . -16.23 7.48 8.44
C06 TT0 GA . -17.73 7.07 8.65
C07 TT0 GA . -18.25 6.13 7.54
C08 TT0 GA . -19.78 6.37 7.25
C09 TT0 GA . -20.65 5.11 7.58
C10 TT0 GA . -21.72 4.87 6.45
C11 TT0 GA . -23.01 4.16 7.01
C12 TT0 GA . -23.95 3.67 5.83
C13 TT0 GA . -23.25 2.59 4.94
C14 TT0 GA . -24.31 1.73 4.17
C15 TT0 GA . -23.67 0.87 3.04
C16 TT0 GA . -24.32 -0.57 3.00
C17 TT0 GA . -23.76 -1.47 4.18
C18 TT0 GA . -24.74 -2.63 4.55
C19 TT0 GA . -24.13 -4.01 4.14
C20 TT0 GA . -25.26 -5.00 3.72
C21 TT0 GA . -24.71 -5.99 2.66
C22 TT0 GA . -25.82 -7.03 2.26
C23 TT0 GA . -26.48 -7.68 3.54
C24 TT0 GA . -27.25 -9.02 3.17
C25 TT0 GA . -27.97 -8.83 1.79
C26 TT0 GA . -29.08 -9.89 1.56
C27 TT0 GA . -29.58 -9.85 0.08
C28 TT0 GA . -30.30 -8.52 -0.26
C29 TT0 GA . -31.76 -8.79 -0.70
C30 TT0 GA . -32.45 -7.50 -1.18
C31 TT0 GA . -33.59 -7.79 -2.20
C33 TT0 GA . -35.74 -8.73 -1.72
C34 TT0 GA . -36.37 -9.33 -3.01
C35 TT0 GA . -37.84 -9.03 -3.13
C38 TT0 GA . -34.86 -11.21 -3.09
C39 TT0 GA . -34.83 -12.75 -3.32
C40 TT0 GA . -33.69 -13.12 -4.30
C41 TT0 GA . -33.60 -14.61 -4.53
C42 TT0 GA . -32.31 -12.58 -3.80
C43 TT0 GA . -31.16 -13.60 -4.09
C44 TT0 GA . -30.03 -13.05 -5.00
C45 TT0 GA . -28.89 -12.35 -4.18
C46 TT0 GA . -29.51 -11.46 -3.12
C47 TT0 GA . -27.97 -11.52 -5.09
C48 TT0 GA . -26.66 -11.06 -4.37
C49 TT0 GA . -26.82 -9.70 -3.56
C50 TT0 GA . -25.39 -9.11 -3.29
C51 TT0 GA . -24.35 -10.22 -3.25
C52 TT0 GA . -25.28 -8.31 -1.93
C53 TT0 GA . -23.79 -8.07 -1.58
C54 TT0 GA . -23.56 -6.71 -0.84
C55 TT0 GA . -23.20 -5.53 -1.79
C56 TT0 GA . -24.25 -4.43 -1.69
C57 TT0 GA . -21.80 -4.90 -1.41
C58 TT0 GA . -21.96 -3.55 -0.68
C59 TT0 GA . -20.65 -2.69 -0.76
C60 TT0 GA . -19.57 -3.44 -1.50
C61 TT0 GA . -20.12 -2.29 0.65
C62 TT0 GA . -18.81 -3.09 1.00
C63 TT0 GA . -18.14 -2.51 2.28
C64 TT0 GA . -18.67 -1.09 2.55
C65 TT0 GA . -19.63 -1.11 3.71
C66 TT0 GA . -17.49 -0.15 2.90
C67 TT0 GA . -17.35 0.01 4.46
C68 TT0 GA . -18.34 1.08 5.01
C69 TT0 GA . -17.93 2.50 4.54
C70 TT0 GA . -18.09 2.64 3.03
C71 TT0 GA . -16.47 2.79 4.91
C72 TT0 GA . -16.03 4.15 4.31
C73 TT0 GA . -14.92 4.82 5.19
C74 TT0 GA . -14.04 5.82 4.37
C75 TT0 GA . -14.59 5.94 2.95
C76 TT0 GA . -12.53 5.40 4.36
C77 TT0 GA . -11.59 6.53 3.79
C79 TT0 GA . -9.41 5.60 3.88
C80 TT0 GA . -31.81 -9.89 -1.75
C81 TT0 GA . -28.59 -7.47 1.77
C82 TT0 GA . -23.50 -6.69 3.21
C83 TT0 GA . -22.40 -2.04 3.80
C84 TT0 GA . -25.33 2.67 3.53
C85 TT0 GA . -22.07 6.17 5.80
C86 TT0 GA . -17.94 6.47 10.03
C87 TT0 GA . -11.60 6.87 6.62
C88 TT0 GA . -10.46 5.86 6.32
C90 TT0 GA . -9.04 6.89 4.69
C91 TT0 GA . -7.58 7.30 4.53
O32 TT0 GA . -34.33 -8.93 -1.74
O36 TT0 GA . -38.37 -8.86 -1.86
O37 TT0 GA . -36.21 -10.77 -2.96
O78 TT0 GA . -10.51 5.92 3.07
O89 TT0 GA . -9.28 6.60 6.06
O92 TT0 GA . -7.10 6.77 3.33
C01 TT0 HA . -7.67 8.88 -10.60
C02 TT0 HA . -6.80 10.12 -10.38
C03 TT0 HA . -6.56 10.87 -11.74
C04 TT0 HA . -7.88 11.40 -12.39
C05 TT0 HA . -7.72 12.91 -12.84
C06 TT0 HA . -8.64 13.29 -14.04
C07 TT0 HA . -8.77 12.14 -15.07
C08 TT0 HA . -8.93 12.70 -16.53
C09 TT0 HA . -10.30 12.30 -17.17
C10 TT0 HA . -10.12 11.86 -18.67
C11 TT0 HA . -11.39 12.15 -19.54
C12 TT0 HA . -11.30 11.44 -20.95
C13 TT0 HA . -11.25 9.88 -20.82
C14 TT0 HA . -11.72 9.20 -22.14
C15 TT0 HA . -11.39 7.67 -22.18
C16 TT0 HA . -12.59 6.85 -22.80
C17 TT0 HA . -13.76 6.70 -21.77
C18 TT0 HA . -15.14 6.45 -22.48
C19 TT0 HA . -15.63 5.00 -22.20
C20 TT0 HA . -16.44 4.44 -23.41
C21 TT0 HA . -16.28 2.91 -23.49
C22 TT0 HA . -17.11 2.33 -24.67
C23 TT0 HA . -18.60 2.87 -24.65
C24 TT0 HA . -19.55 1.97 -25.54
C25 TT0 HA . -18.79 1.54 -26.84
C26 TT0 HA . -19.75 1.05 -27.96
C27 TT0 HA . -18.96 0.38 -29.12
C28 TT0 HA . -18.05 1.39 -29.87
C29 TT0 HA . -18.46 1.47 -31.37
C30 TT0 HA . -17.47 2.36 -32.17
C31 TT0 HA . -17.41 1.96 -33.67
C33 TT0 HA . -19.09 2.37 -35.33
C34 TT0 HA . -18.91 1.39 -36.53
C35 TT0 HA . -19.11 2.08 -37.86
C38 TT0 HA . -19.65 -0.55 -35.32
C39 TT0 HA . -20.57 -1.80 -35.45
C40 TT0 HA . -19.82 -3.07 -34.96
C41 TT0 HA . -20.68 -4.30 -35.04
C42 TT0 HA . -19.30 -2.89 -33.49
C43 TT0 HA . -19.46 -4.21 -32.67
C44 TT0 HA . -18.10 -4.77 -32.12
C45 TT0 HA . -17.76 -4.19 -30.71
C46 TT0 HA . -18.02 -2.70 -30.69
C47 TT0 HA . -16.29 -4.47 -30.33
C48 TT0 HA . -15.99 -4.19 -28.82
C49 TT0 HA . -15.61 -2.68 -28.51
C50 TT0 HA . -14.90 -2.61 -27.11
C51 TT0 HA . -15.35 -3.77 -26.23
C52 TT0 HA . -15.18 -1.27 -26.32
C53 TT0 HA . -14.72 -1.44 -24.85
C54 TT0 HA . -14.16 -0.11 -24.24
C55 TT0 HA . -12.62 0.04 -24.36
C56 TT0 HA . -12.27 1.27 -25.19
C57 TT0 HA . -11.96 0.21 -22.93
C58 TT0 HA . -11.54 1.67 -22.67
C59 TT0 HA . -10.45 1.76 -21.54
C60 TT0 HA . -10.13 0.38 -20.99
C61 TT0 HA . -10.89 2.70 -20.37
C62 TT0 HA . -11.22 1.85 -19.09
C63 TT0 HA . -11.42 2.78 -17.85
C64 TT0 HA . -10.77 4.16 -18.14
C65 TT0 HA . -11.85 5.18 -18.39
C66 TT0 HA . -9.94 4.60 -16.90
C67 TT0 HA . -10.78 5.60 -16.01
C68 TT0 HA . -10.71 7.05 -16.57
C69 TT0 HA . -9.28 7.63 -16.39
C70 TT0 HA . -8.29 6.90 -17.28
C71 TT0 HA . -8.83 7.54 -14.93
C72 TT0 HA . -7.35 7.98 -14.79
C73 TT0 HA . -7.07 8.59 -13.38
C74 TT0 HA . -5.56 8.50 -12.98
C75 TT0 HA . -4.76 7.94 -14.16
C76 TT0 HA . -5.34 7.64 -11.69
C77 TT0 HA . -3.88 7.76 -11.12
C79 TT0 HA . -3.86 6.37 -9.20
C80 TT0 HA . -18.55 0.08 -31.97
C81 TT0 HA . -18.03 2.73 -27.35
C82 TT0 HA . -16.70 2.28 -22.18
C83 TT0 HA . -13.48 5.58 -20.80
C84 TT0 HA . -11.00 9.85 -23.32
C85 TT0 HA . -8.91 12.53 -19.25
C86 TT0 HA . -10.01 13.76 -13.57
C87 TT0 HA . -5.44 9.69 -9.72
C88 TT0 HA . -5.58 8.39 -8.92
C90 TT0 HA . -3.36 7.63 -8.46
C91 TT0 HA . -2.48 7.30 -7.24
O32 TT0 HA . -18.74 1.69 -34.12
O36 TT0 HA . -19.97 3.15 -37.69
O37 TT0 HA . -19.88 0.33 -36.41
O78 TT0 HA . -3.49 6.51 -10.55
O89 TT0 HA . -4.51 8.33 -7.99
O92 TT0 HA . -1.92 6.03 -7.44
C01 TT0 IA . 8.21 -0.53 -14.74
C02 TT0 IA . 9.21 0.17 -13.83
C03 TT0 IA . 10.68 -0.19 -14.26
C04 TT0 IA . 11.02 0.29 -15.71
C05 TT0 IA . 12.41 1.05 -15.75
C06 TT0 IA . 13.13 0.94 -17.14
C07 TT0 IA . 12.95 -0.45 -17.79
C08 TT0 IA . 14.20 -0.86 -18.64
C09 TT0 IA . 13.88 -1.02 -20.16
C10 TT0 IA . 14.57 -2.30 -20.75
C11 TT0 IA . 14.91 -2.15 -22.27
C12 TT0 IA . 15.33 -3.52 -22.92
C13 TT0 IA . 14.17 -4.58 -22.85
C14 TT0 IA . 14.40 -5.69 -23.94
C15 TT0 IA . 13.45 -6.92 -23.72
C16 TT0 IA . 12.89 -7.44 -25.10
C17 TT0 IA . 11.74 -6.51 -25.61
C18 TT0 IA . 11.55 -6.61 -27.17
C19 TT0 IA . 10.20 -7.30 -27.51
C20 TT0 IA . 10.31 -8.13 -28.82
C21 TT0 IA . 9.35 -9.34 -28.78
C22 TT0 IA . 9.41 -10.15 -30.11
C23 TT0 IA . 9.27 -9.20 -31.37
C24 TT0 IA . 8.89 -10.03 -32.66
C25 TT0 IA . 9.67 -11.39 -32.66
C26 TT0 IA . 9.72 -12.06 -34.06
C27 TT0 IA . 10.27 -13.52 -33.97
C28 TT0 IA . 11.74 -13.57 -33.52
C29 TT0 IA . 12.62 -14.26 -34.59
C30 TT0 IA . 14.07 -14.46 -34.11
C31 TT0 IA . 14.77 -15.65 -34.81
C33 TT0 IA . 15.54 -15.74 -37.08
C34 TT0 IA . 15.68 -17.22 -37.54
C35 TT0 IA . 16.94 -17.45 -38.35
C38 TT0 IA . 13.32 -17.62 -37.66
C39 TT0 IA . 12.23 -18.26 -38.56
C40 TT0 IA . 11.27 -19.15 -37.70
C41 TT0 IA . 10.18 -19.77 -38.53
C42 TT0 IA . 10.65 -18.34 -36.53
C43 TT0 IA . 9.16 -18.74 -36.30
C44 TT0 IA . 8.86 -19.30 -34.87
C45 TT0 IA . 8.48 -18.17 -33.86
C46 TT0 IA . 9.43 -17.00 -34.03
C47 TT0 IA . 8.54 -18.69 -32.39
C48 TT0 IA . 7.88 -17.69 -31.39
C49 TT0 IA . 8.85 -16.57 -30.85
C50 TT0 IA . 8.26 -15.95 -29.54
C51 TT0 IA . 6.73 -16.09 -29.53
C52 TT0 IA . 8.59 -14.42 -29.35
C53 TT0 IA . 7.69 -13.82 -28.23
C54 TT0 IA . 8.43 -12.71 -27.40
C55 TT0 IA . 9.12 -13.24 -26.12
C56 TT0 IA . 10.63 -12.98 -26.18
C57 TT0 IA . 8.55 -12.51 -24.83
C58 TT0 IA . 9.54 -11.46 -24.29
C59 TT0 IA . 9.25 -11.12 -22.78
C60 TT0 IA . 8.05 -11.90 -22.29
C61 TT0 IA . 9.01 -9.60 -22.55
C62 TT0 IA . 7.50 -9.32 -22.24
C63 TT0 IA . 7.30 -7.85 -21.77
C64 TT0 IA . 8.65 -7.26 -21.30
C65 TT0 IA . 9.17 -6.29 -22.33
C66 TT0 IA . 8.47 -6.51 -19.96
C67 TT0 IA . 8.31 -4.97 -20.22
C68 TT0 IA . 9.69 -4.28 -20.38
C69 TT0 IA . 10.47 -4.28 -19.04
C70 TT0 IA . 10.86 -5.69 -18.63
C71 TT0 IA . 9.63 -3.65 -17.92
C72 TT0 IA . 10.35 -3.78 -16.56
C73 TT0 IA . 9.96 -2.61 -15.60
C74 TT0 IA . 10.15 -2.99 -14.10
C75 TT0 IA . 10.77 -4.38 -14.00
C76 TT0 IA . 8.81 -2.91 -13.30
C77 TT0 IA . 9.02 -3.02 -11.74
C79 TT0 IA . 6.84 -2.89 -10.81
C80 TT0 IA . 11.99 -15.58 -35.02
C81 TT0 IA . 11.08 -11.12 -32.21
C82 TT0 IA . 7.94 -8.85 -28.52
C83 TT0 IA . 10.43 -6.84 -24.92
C84 TT0 IA . 15.84 -6.18 -23.87
C85 TT0 IA . 15.82 -2.61 -19.96
C86 TT0 IA . 12.70 2.05 -18.07
C87 TT0 IA . 8.96 -0.23 -12.35
C88 TT0 IA . 7.48 -0.64 -12.11
C90 TT0 IA . 7.41 -1.72 -9.98
C91 TT0 IA . 6.70 -1.56 -8.62
O32 TT0 IA . 14.43 -15.63 -36.20
O36 TT0 IA . 17.29 -16.26 -38.98
O37 TT0 IA . 14.55 -17.56 -38.36
O78 TT0 IA . 7.91 -3.73 -11.16
O89 TT0 IA . 7.22 -0.53 -10.72
O92 TT0 IA . 6.13 -2.79 -8.27
C01 TT0 JA . 9.58 -15.52 -3.29
C02 TT0 JA . 9.82 -14.85 -1.94
C03 TT0 JA . 10.34 -15.89 -0.89
C04 TT0 JA . 11.71 -16.54 -1.30
C05 TT0 JA . 12.72 -16.52 -0.08
C06 TT0 JA . 13.77 -17.69 -0.14
C07 TT0 JA . 13.15 -19.01 -0.67
C08 TT0 JA . 13.82 -20.26 0.00
C09 TT0 JA . 14.57 -21.17 -1.04
C10 TT0 JA . 14.28 -22.68 -0.77
C11 TT0 JA . 15.47 -23.60 -1.23
C12 TT0 JA . 15.07 -25.13 -1.22
C13 TT0 JA . 13.90 -25.43 -2.23
C14 TT0 JA . 13.89 -26.94 -2.62
C15 TT0 JA . 12.58 -27.36 -3.36
C16 TT0 JA . 12.90 -28.35 -4.55
C17 TT0 JA . 13.50 -27.56 -5.78
C18 TT0 JA . 14.35 -28.48 -6.72
C19 TT0 JA . 13.63 -28.69 -8.08
C20 TT0 JA . 13.92 -30.10 -8.66
C21 TT0 JA . 12.73 -30.59 -9.51
C22 TT0 JA . 13.04 -31.99 -10.13
C23 TT0 JA . 14.45 -32.02 -10.85
C24 TT0 JA . 14.56 -33.24 -11.84
C25 TT0 JA . 13.88 -34.50 -11.20
C26 TT0 JA . 14.32 -35.82 -11.88
C27 TT0 JA . 13.42 -37.01 -11.40
C28 TT0 JA . 13.60 -37.32 -9.89
C29 TT0 JA . 14.09 -38.77 -9.70
C30 TT0 JA . 14.13 -39.15 -8.20
C31 TT0 JA . 13.98 -40.69 -7.98
C33 TT0 JA . 15.62 -42.38 -8.43
C34 TT0 JA . 14.93 -43.76 -8.58
C35 TT0 JA . 15.70 -44.87 -7.90
C38 TT0 JA . 13.93 -43.26 -10.71
C39 TT0 JA . 13.69 -43.86 -12.13
C40 TT0 JA . 12.21 -43.64 -12.56
C41 TT0 JA . 11.94 -44.18 -13.94
C42 TT0 JA . 11.82 -42.13 -12.49
C43 TT0 JA . 10.89 -41.73 -13.69
C44 TT0 JA . 9.50 -41.18 -13.26
C45 TT0 JA . 9.51 -39.63 -13.05
C46 TT0 JA . 10.75 -39.24 -12.28
C47 TT0 JA . 8.25 -39.15 -12.30
C48 TT0 JA . 8.08 -37.61 -12.34
C49 TT0 JA . 8.85 -36.83 -11.19
C50 TT0 JA . 8.25 -35.40 -11.04
C51 TT0 JA . 7.64 -34.94 -12.37
C52 TT0 JA . 9.31 -34.31 -10.61
C53 TT0 JA . 8.71 -32.89 -10.82
C54 TT0 JA . 9.20 -31.86 -9.74
C55 TT0 JA . 8.25 -31.73 -8.52
C56 TT0 JA . 8.97 -32.12 -7.24
C57 TT0 JA . 7.76 -30.24 -8.36
C58 TT0 JA . 8.48 -29.52 -7.19
C59 TT0 JA . 7.66 -28.28 -6.70
C60 TT0 JA . 6.40 -28.10 -7.51
C61 TT0 JA . 8.49 -26.96 -6.74
C62 TT0 JA . 7.98 -26.02 -7.89
C63 TT0 JA . 8.64 -24.61 -7.78
C64 TT0 JA . 9.20 -24.41 -6.35
C65 TT0 JA . 10.71 -24.52 -6.38
C66 TT0 JA . 8.81 -23.01 -5.83
C67 TT0 JA . 10.00 -22.00 -6.04
C68 TT0 JA . 11.05 -22.10 -4.90
C69 TT0 JA . 10.45 -21.58 -3.57
C70 TT0 JA . 9.34 -22.50 -3.07
C71 TT0 JA . 9.90 -20.17 -3.73
C72 TT0 JA . 9.18 -19.71 -2.44
C73 TT0 JA . 9.27 -18.16 -2.26
C74 TT0 JA . 8.11 -17.61 -1.36
C75 TT0 JA . 7.29 -18.78 -0.81
C76 TT0 JA . 7.20 -16.59 -2.12
C77 TT0 JA . 6.21 -15.81 -1.18
C79 TT0 JA . 4.98 -14.38 -2.62
C80 TT0 JA . 13.24 -39.74 -10.50
C81 TT0 JA . 14.25 -34.55 -9.75
C82 TT0 JA . 12.44 -29.58 -10.58
C83 TT0 JA . 12.39 -26.91 -6.59
C84 TT0 JA . 13.99 -27.78 -1.34
C85 TT0 JA . 13.99 -22.88 0.68
C86 TT0 JA . 15.00 -17.29 -0.95
C87 TT0 JA . 8.51 -14.16 -1.44
C88 TT0 JA . 7.58 -13.77 -2.62
C90 TT0 JA . 5.46 -13.24 -1.66
C91 TT0 JA . 4.48 -12.07 -1.61
O32 TT0 JA . 14.76 -41.37 -8.97
O36 TT0 JA . 17.04 -44.52 -7.86
O37 TT0 JA . 14.83 -44.08 -9.98
O78 TT0 JA . 4.98 -15.58 -1.87
O89 TT0 JA . 6.69 -12.76 -2.16
O92 TT0 JA . 3.21 -12.54 -1.97
C01 TT0 KA . -20.57 -13.07 -8.93
C02 TT0 KA . -20.41 -11.56 -8.71
C03 TT0 KA . -21.63 -10.79 -9.34
C04 TT0 KA . -22.99 -11.17 -8.67
C05 TT0 KA . -23.82 -9.88 -8.28
C06 TT0 KA . -25.36 -10.12 -8.28
C07 TT0 KA . -25.81 -11.07 -9.41
C08 TT0 KA . -27.25 -10.70 -9.94
C09 TT0 KA . -28.30 -11.84 -9.70
C10 TT0 KA . -29.21 -12.04 -10.96
C11 TT0 KA . -30.64 -12.57 -10.57
C12 TT0 KA . -31.44 -13.05 -11.85
C13 TT0 KA . -30.73 -14.25 -12.57
C14 TT0 KA . -31.77 -15.04 -13.45
C15 TT0 KA . -31.07 -16.04 -14.43
C16 TT0 KA . -31.86 -17.40 -14.50
C17 TT0 KA . -31.58 -18.27 -13.21
C18 TT0 KA . -32.72 -19.30 -12.94
C19 TT0 KA . -32.22 -20.76 -13.17
C20 TT0 KA . -33.36 -21.66 -13.72
C21 TT0 KA . -32.79 -22.77 -14.63
C22 TT0 KA . -33.92 -23.71 -15.14
C23 TT0 KA . -34.84 -24.21 -13.95
C24 TT0 KA . -35.68 -25.48 -14.37
C25 TT0 KA . -36.17 -25.31 -15.85
C26 TT0 KA . -37.34 -26.27 -16.20
C27 TT0 KA . -37.62 -26.27 -17.74
C28 TT0 KA . -38.13 -24.90 -18.24
C29 TT0 KA . -39.53 -25.05 -18.88
C30 TT0 KA . -40.00 -23.73 -19.54
C31 TT0 KA . -41.00 -23.96 -20.70
C33 TT0 KA . -43.29 -24.65 -20.51
C34 TT0 KA . -43.78 -25.27 -21.84
C35 TT0 KA . -45.18 -24.82 -22.20
C38 TT0 KA . -42.50 -27.28 -21.60
C39 TT0 KA . -42.60 -28.83 -21.76
C40 TT0 KA . -41.36 -29.38 -22.53
C41 TT0 KA . -41.41 -30.88 -22.67
C42 TT0 KA . -40.03 -28.95 -21.85
C43 TT0 KA . -38.98 -30.10 -21.90
C44 TT0 KA . -37.66 -29.72 -22.67
C45 TT0 KA . -36.59 -29.09 -21.71
C46 TT0 KA . -37.26 -28.08 -20.81
C47 TT0 KA . -35.46 -28.42 -22.51
C48 TT0 KA . -34.22 -28.04 -21.63
C49 TT0 KA . -34.35 -26.63 -20.92
C50 TT0 KA . -32.92 -26.17 -20.46
C51 TT0 KA . -32.02 -27.38 -20.21
C52 TT0 KA . -32.93 -25.31 -19.13
C53 TT0 KA . -31.48 -25.19 -18.58
C54 TT0 KA . -31.21 -23.82 -17.87
C55 TT0 KA . -30.59 -22.74 -18.81
C56 TT0 KA . -31.52 -21.53 -18.93
C57 TT0 KA . -29.21 -22.24 -18.25
C58 TT0 KA . -29.33 -20.84 -17.62
C59 TT0 KA . -27.92 -20.12 -17.54
C60 TT0 KA . -26.84 -21.02 -18.08
C61 TT0 KA . -27.57 -19.68 -16.09
C62 TT0 KA . -26.42 -20.58 -15.51
C63 TT0 KA . -25.88 -20.00 -14.17
C64 TT0 KA . -26.29 -18.51 -14.05
C65 TT0 KA . -27.40 -18.37 -13.05
C66 TT0 KA . -25.08 -17.68 -13.57
C67 TT0 KA . -25.16 -17.44 -12.02
C68 TT0 KA . -26.09 -16.24 -11.68
C69 TT0 KA . -25.46 -14.91 -12.15
C70 TT0 KA . -25.39 -14.84 -13.67
C71 TT0 KA . -24.05 -14.73 -11.58
C72 TT0 KA . -23.37 -13.48 -12.16
C73 TT0 KA . -22.34 -12.87 -11.16
C74 TT0 KA . -21.24 -12.01 -11.89
C75 TT0 KA . -21.56 -11.93 -13.38
C76 TT0 KA . -19.80 -12.58 -11.64
C77 TT0 KA . -18.67 -11.59 -12.12
C79 TT0 KA . -16.64 -12.72 -11.65
C80 TT0 KA . -39.54 -26.20 -19.89
C81 TT0 KA . -36.63 -23.90 -16.03
C82 TT0 KA . -31.75 -23.55 -13.88
C83 TT0 KA . -30.25 -19.01 -13.34
C84 TT0 KA . -32.56 -14.04 -14.29
C85 TT0 KA . -29.32 -10.75 -11.71
C86 TT0 KA . -25.85 -10.61 -6.92
C87 TT0 KA . -19.06 -11.07 -9.34
C88 TT0 KA . -18.02 -12.21 -9.41
C90 TT0 KA . -16.27 -11.44 -10.86
C91 TT0 KA . -14.76 -11.19 -10.81
O32 TT0 KA . -41.91 -24.99 -20.30
O36 TT0 KA . -45.87 -24.52 -21.04
O37 TT0 KA . -43.79 -26.70 -21.70
O78 TT0 KA . -17.58 -12.35 -12.63
O89 TT0 KA . -16.72 -11.61 -9.53
O92 TT0 KA . -14.17 -11.84 -11.91
C01 TT0 LA . -12.46 -10.57 -25.84
C02 TT0 LA . -11.50 -9.41 -25.55
C03 TT0 LA . -10.97 -8.79 -26.88
C04 TT0 LA . -12.12 -8.16 -27.76
C05 TT0 LA . -11.74 -6.71 -28.24
C06 TT0 LA . -12.42 -6.32 -29.59
C07 TT0 LA . -12.52 -7.51 -30.58
C08 TT0 LA . -12.40 -7.04 -32.06
C09 TT0 LA . -13.70 -7.33 -32.89
C10 TT0 LA . -13.36 -7.89 -34.31
C11 TT0 LA . -14.44 -7.52 -35.39
C12 TT0 LA . -14.23 -8.33 -36.73
C13 TT0 LA . -14.37 -9.87 -36.52
C14 TT0 LA . -14.71 -10.58 -37.87
C15 TT0 LA . -14.55 -12.14 -37.77
C16 TT0 LA . -15.72 -12.86 -38.54
C17 TT0 LA . -17.04 -12.83 -37.69
C18 TT0 LA . -18.33 -12.99 -38.58
C19 TT0 LA . -19.02 -14.35 -38.31
C20 TT0 LA . -19.69 -14.91 -39.60
C21 TT0 LA . -19.69 -16.45 -39.59
C22 TT0 LA . -20.39 -17.02 -40.86
C23 TT0 LA . -21.81 -16.33 -41.08
C24 TT0 LA . -22.71 -17.18 -42.07
C25 TT0 LA . -21.81 -17.77 -43.21
C26 TT0 LA . -22.65 -18.23 -44.43
C27 TT0 LA . -21.77 -19.05 -45.43
C28 TT0 LA . -20.66 -18.19 -46.08
C29 TT0 LA . -20.83 -18.16 -47.62
C30 TT0 LA . -19.64 -17.43 -48.30
C31 TT0 LA . -19.42 -17.92 -49.76
C33 TT0 LA . -20.77 -17.47 -51.68
C34 TT0 LA . -20.52 -18.53 -52.78
C35 TT0 LA . -20.45 -17.91 -54.16
C38 TT0 LA . -21.65 -20.30 -51.62
C39 TT0 LA . -22.67 -21.46 -51.83
C40 TT0 LA . -22.14 -22.76 -51.16
C41 TT0 LA . -23.11 -23.90 -51.32
C42 TT0 LA . -21.82 -22.54 -49.65
C43 TT0 LA . -22.25 -23.78 -48.80
C44 TT0 LA . -21.06 -24.44 -48.02
C45 TT0 LA . -20.87 -23.81 -46.59
C46 TT0 LA . -20.96 -22.30 -46.69
C47 TT0 LA . -19.50 -24.22 -45.98
C48 TT0 LA . -19.40 -23.87 -44.46
C49 TT0 LA . -18.91 -22.39 -44.17
C50 TT0 LA . -18.40 -22.30 -42.69
C51 TT0 LA . -19.11 -23.36 -41.83
C52 TT0 LA . -18.64 -20.90 -42.02
C53 TT0 LA . -18.43 -21.01 -40.48
C54 TT0 LA . -17.83 -19.71 -39.85
C55 TT0 LA . -16.27 -19.73 -39.75
C56 TT0 LA . -15.67 -18.59 -40.57
C57 TT0 LA . -15.81 -19.54 -38.25
C58 TT0 LA . -15.28 -18.10 -37.99
C59 TT0 LA . -14.37 -18.06 -36.72
C60 TT0 LA . -14.29 -19.42 -36.06
C61 TT0 LA . -14.86 -17.01 -35.67
C62 TT0 LA . -15.48 -17.73 -34.41
C63 TT0 LA . -15.74 -16.71 -33.27
C64 TT0 LA . -14.92 -15.42 -33.52
C65 TT0 LA . -15.82 -14.32 -33.99
C66 TT0 LA . -14.23 -14.99 -32.20
C67 TT0 LA . -15.07 -13.86 -31.50
C68 TT0 LA . -14.77 -12.46 -32.10
C69 TT0 LA . -13.33 -12.02 -31.74
C70 TT0 LA . -12.31 -12.90 -32.43
C71 TT0 LA . -13.11 -12.07 -30.22
C72 TT0 LA . -11.63 -11.76 -29.89
C73 TT0 LA . -11.49 -11.10 -28.48
C74 TT0 LA . -10.07 -11.32 -27.85
C75 TT0 LA . -9.18 -12.02 -28.87
C76 TT0 LA . -10.15 -12.10 -26.50
C77 TT0 LA . -8.77 -12.09 -25.72
C79 TT0 LA . -9.19 -13.36 -23.75
C80 TT0 LA . -20.99 -19.58 -48.16
C81 TT0 LA . -20.87 -16.70 -43.66
C82 TT0 LA . -20.36 -16.94 -38.34
C83 TT0 LA . -17.04 -13.92 -36.62
C84 TT0 LA . -13.76 -10.08 -38.94
C85 TT0 LA . -12.01 -7.37 -34.74
C86 TT0 LA . -13.78 -5.69 -29.36
C87 TT0 LA . -10.31 -9.93 -24.67
C88 TT0 LA . -10.70 -11.17 -23.83
C90 TT0 LA . -8.67 -12.11 -23.01
C91 TT0 LA . -8.02 -12.45 -21.65
O32 TT0 LA . -20.68 -18.09 -50.39
O36 TT0 LA . -21.21 -16.75 -54.18
O37 TT0 LA . -21.62 -19.47 -52.77
O78 TT0 LA . -8.62 -13.35 -25.04
O89 TT0 LA . -9.78 -11.28 -22.75
O92 TT0 LA . -7.58 -13.78 -21.71
C01 TT0 MA . 2.72 -21.78 -27.05
C02 TT0 MA . 3.66 -21.13 -26.04
C03 TT0 MA . 5.12 -21.67 -26.22
C04 TT0 MA . 5.72 -21.32 -27.62
C05 TT0 MA . 7.18 -20.71 -27.49
C06 TT0 MA . 8.08 -20.98 -28.74
C07 TT0 MA . 7.84 -22.39 -29.34
C08 TT0 MA . 9.15 -22.97 -29.97
C09 TT0 MA . 9.04 -23.20 -31.51
C10 TT0 MA . 9.68 -24.57 -31.93
C11 TT0 MA . 10.25 -24.55 -33.39
C12 TT0 MA . 10.60 -26.00 -33.90
C13 TT0 MA . 9.34 -26.93 -33.96
C14 TT0 MA . 9.59 -28.12 -34.94
C15 TT0 MA . 8.50 -29.23 -34.81
C16 TT0 MA . 8.10 -29.79 -36.23
C17 TT0 MA . 7.13 -28.77 -36.96
C18 TT0 MA . 7.17 -28.96 -38.51
C19 TT0 MA . 5.81 -29.53 -39.02
C20 TT0 MA . 6.02 -30.44 -40.27
C21 TT0 MA . 4.93 -31.54 -40.30
C22 TT0 MA . 5.11 -32.45 -41.57
C23 TT0 MA . 5.26 -31.57 -42.89
C24 TT0 MA . 4.99 -32.44 -44.18
C25 TT0 MA . 5.61 -33.86 -44.00
C26 TT0 MA . 5.78 -34.61 -45.34
C27 TT0 MA . 6.14 -36.12 -45.09
C28 TT0 MA . 7.53 -36.29 -44.42
C29 TT0 MA . 8.46 -37.13 -45.32
C30 TT0 MA . 9.80 -37.44 -44.61
C31 TT0 MA . 10.46 -38.74 -45.14
C33 TT0 MA . 11.54 -39.06 -47.26
C34 TT0 MA . 11.59 -40.57 -47.61
C35 TT0 MA . 12.92 -40.97 -48.22
C38 TT0 MA . 9.24 -40.73 -48.08
C39 TT0 MA . 8.23 -41.32 -49.10
C40 TT0 MA . 7.06 -42.05 -48.36
C41 TT0 MA . 6.05 -42.61 -49.31
C42 TT0 MA . 6.36 -41.11 -47.33
C43 TT0 MA . 4.82 -41.34 -47.31
C44 TT0 MA . 4.27 -41.78 -45.92
C45 TT0 MA . 3.87 -40.55 -45.04
C46 TT0 MA . 4.95 -39.49 -45.12
C47 TT0 MA . 3.65 -40.97 -43.56
C48 TT0 MA . 2.96 -39.86 -42.71
C49 TT0 MA . 3.97 -38.81 -42.09
C50 TT0 MA . 3.26 -38.05 -40.92
C51 TT0 MA . 1.74 -38.03 -41.13
C52 TT0 MA . 3.73 -36.55 -40.75
C53 TT0 MA . 2.75 -35.80 -39.81
C54 TT0 MA . 3.46 -34.71 -38.93
C55 TT0 MA . 3.90 -35.22 -37.53
C56 TT0 MA . 5.41 -35.12 -37.38
C57 TT0 MA . 3.24 -34.37 -36.38
C58 TT0 MA . 4.25 -33.38 -35.74
C59 TT0 MA . 3.77 -32.92 -34.32
C60 TT0 MA . 2.43 -33.53 -33.98
C61 TT0 MA . 3.67 -31.37 -34.20
C62 TT0 MA . 2.18 -30.92 -34.15
C63 TT0 MA . 2.06 -29.41 -33.78
C64 TT0 MA . 3.39 -28.93 -33.14
C65 TT0 MA . 4.16 -28.10 -34.12
C66 TT0 MA . 3.08 -28.08 -31.88
C67 TT0 MA . 3.14 -26.55 -32.23
C68 TT0 MA . 4.60 -26.02 -32.21
C69 TT0 MA . 5.17 -26.01 -30.77
C70 TT0 MA . 5.33 -27.43 -30.24
C71 TT0 MA . 4.25 -25.23 -29.83
C72 TT0 MA . 4.74 -25.34 -28.37
C73 TT0 MA . 4.35 -24.08 -27.54
C74 TT0 MA . 4.27 -24.38 -26.00
C75 TT0 MA . 4.72 -25.82 -25.74
C76 TT0 MA . 2.85 -24.12 -25.42
C77 TT0 MA . 2.82 -24.15 -23.84
C79 TT0 MA . 0.55 -23.74 -23.27
C80 TT0 MA . 7.77 -38.40 -45.78
C81 TT0 MA . 6.95 -33.70 -43.35
C82 TT0 MA . 3.57 -30.90 -40.29
C83 TT0 MA . 5.71 -28.93 -36.46
C84 TT0 MA . 10.96 -28.75 -34.63
C85 TT0 MA . 10.75 -24.96 -30.94
C86 TT0 MA . 7.91 -19.89 -29.78
C87 TT0 MA . 3.14 -21.42 -24.58
C88 TT0 MA . 1.62 -21.66 -24.55
C90 TT0 MA . 1.12 -22.59 -22.41
C91 TT0 MA . 0.24 -22.27 -21.19
O32 TT0 MA . 10.33 -38.78 -46.56
O36 TT0 MA . 13.48 -39.88 -48.84
O37 TT0 MA . 10.56 -40.84 -48.59
O78 TT0 MA . 1.57 -24.71 -23.40
O89 TT0 MA . 1.17 -21.43 -23.22
O92 TT0 MA . -0.51 -23.41 -20.87
C01 TT0 NA . 0.75 -36.07 -14.82
C02 TT0 NA . 0.87 -35.35 -13.48
C03 TT0 NA . 1.11 -36.37 -12.32
C04 TT0 NA . 2.44 -37.18 -12.48
C05 TT0 NA . 3.27 -37.19 -11.13
C06 TT0 NA . 4.17 -38.46 -10.97
C07 TT0 NA . 3.50 -39.73 -11.52
C08 TT0 NA . 3.92 -41.00 -10.70
C09 TT0 NA . 4.71 -42.04 -11.58
C10 TT0 NA . 4.23 -43.51 -11.28
C11 TT0 NA . 5.36 -44.56 -11.50
C12 TT0 NA . 4.79 -46.04 -11.48
C13 TT0 NA . 3.76 -46.28 -12.64
C14 TT0 NA . 3.64 -47.81 -12.95
C15 TT0 NA . 2.42 -48.13 -13.86
C16 TT0 NA . 2.80 -49.23 -14.94
C17 TT0 NA . 3.65 -48.59 -16.10
C18 TT0 NA . 4.52 -49.65 -16.85
C19 TT0 NA . 4.00 -49.87 -18.29
C20 TT0 NA . 4.22 -51.34 -18.76
C21 TT0 NA . 3.11 -51.76 -19.76
C22 TT0 NA . 3.35 -53.22 -20.26
C23 TT0 NA . 4.84 -53.43 -20.75
C24 TT0 NA . 4.96 -54.72 -21.65
C25 TT0 NA . 4.06 -55.86 -21.06
C26 TT0 NA . 4.45 -57.26 -21.60
C27 TT0 NA . 3.36 -58.32 -21.22
C28 TT0 NA . 3.28 -58.55 -19.69
C29 TT0 NA . 3.58 -60.03 -19.35
C30 TT0 NA . 3.36 -60.32 -17.84
C31 TT0 NA . 3.01 -61.81 -17.57
C33 TT0 NA . 4.49 -63.69 -17.69
C34 TT0 NA . 3.68 -65.00 -17.87
C35 TT0 NA . 4.23 -66.13 -17.03
C38 TT0 NA . 3.08 -64.53 -20.15
C39 TT0 NA . 2.99 -65.19 -21.56
C40 TT0 NA . 1.61 -64.85 -22.23
C41 TT0 NA . 1.50 -65.45 -23.60
C42 TT0 NA . 1.38 -63.31 -22.29
C43 TT0 NA . 0.70 -62.90 -23.64
C44 TT0 NA . -0.68 -62.19 -23.44
C45 TT0 NA . -0.52 -60.63 -23.31
C46 TT0 NA . 0.63 -60.32 -22.37
C47 TT0 NA . -1.83 -59.98 -22.79
C48 TT0 NA . -1.81 -58.43 -22.93
C49 TT0 NA . -1.14 -57.67 -21.72
C50 TT0 NA . -1.59 -56.17 -21.73
C51 TT0 NA . -1.96 -55.74 -23.15
C52 TT0 NA . -0.50 -55.17 -21.19
C53 TT0 NA . -0.90 -53.71 -21.56
C54 TT0 NA . -0.46 -52.67 -20.46
C55 TT0 NA . -1.56 -52.37 -19.41
C56 TT0 NA . -1.08 -52.75 -18.01
C57 TT0 NA . -1.92 -50.83 -19.39
C58 TT0 NA . -1.29 -50.11 -18.17
C59 TT0 NA . -2.04 -48.76 -17.86
C60 TT0 NA . -3.13 -48.51 -18.87
C61 TT0 NA . -1.07 -47.54 -17.84
C62 TT0 NA . -1.29 -46.64 -19.10
C63 TT0 NA . -0.51 -45.30 -18.96
C64 TT0 NA . -0.14 -45.06 -17.48
C65 TT0 NA . 1.32 -45.32 -17.27
C66 TT0 NA . -0.45 -43.60 -17.09
C67 TT0 NA . 0.86 -42.73 -17.16
C68 TT0 NA . 1.70 -42.87 -15.87
C69 TT0 NA . 0.99 -42.21 -14.67
C70 TT0 NA . -0.28 -42.97 -14.31
C71 TT0 NA . 0.63 -40.75 -14.98
C72 TT0 NA . -0.22 -40.14 -13.83
C73 TT0 NA . 0.00 -38.60 -13.72
C74 TT0 NA . -1.21 -37.88 -13.04
C75 TT0 NA . -2.22 -38.91 -12.56
C76 TT0 NA . -1.87 -36.82 -13.99
C77 TT0 NA . -2.90 -35.89 -13.23
C79 TT0 NA . -3.73 -34.44 -14.91
C80 TT0 NA . 2.75 -60.96 -20.22
C81 TT0 NA . 4.21 -55.85 -19.57
C82 TT0 NA . 3.10 -50.79 -20.92
C83 TT0 NA . 2.75 -47.88 -17.10
C84 TT0 NA . 3.46 -48.57 -11.63
C85 TT0 NA . 3.70 -43.58 -9.87
C86 TT0 NA . 5.54 -38.24 -11.59
C87 TT0 NA . -0.42 -34.50 -13.23
C88 TT0 NA . -1.11 -34.10 -14.55
C90 TT0 NA . -3.29 -33.30 -13.95
C91 TT0 NA . -4.13 -32.03 -14.10
O32 TT0 NA . 3.84 -62.63 -18.39
O36 TT0 NA . 5.58 -65.92 -16.81
O37 TT0 NA . 3.77 -65.39 -19.26
O78 TT0 NA . -3.98 -35.58 -14.12
O89 TT0 NA . -1.94 -32.98 -14.28
O92 TT0 NA . -5.38 -32.39 -14.64
#